data_9EH8
#
_entry.id   9EH8
#
_cell.length_a   1.00
_cell.length_b   1.00
_cell.length_c   1.00
_cell.angle_alpha   90.00
_cell.angle_beta   90.00
_cell.angle_gamma   90.00
#
_symmetry.space_group_name_H-M   'P 1'
#
loop_
_entity.id
_entity.type
_entity.pdbx_description
1 polymer 'Spike glycoprotein'
2 branched alpha-D-mannopyranose-(1-2)-alpha-D-mannopyranose-(1-3)-alpha-D-mannopyranose-(1-6)-[2-acetamido-2-deoxy-beta-D-glucopyranose-(1-2)-alpha-D-mannopyranose-(1-3)]beta-D-mannopyranose-(1-4)-2-acetamido-2-deoxy-beta-D-glucopyranose-(1-4)-2-acetamido-2-deoxy-beta-D-glucopyranose
3 branched 2-acetamido-2-deoxy-beta-D-glucopyranose-(1-4)-2-acetamido-2-deoxy-beta-D-glucopyranose
4 branched alpha-D-mannopyranose-(1-3)-[alpha-D-mannopyranose-(1-6)]beta-D-mannopyranose-(1-4)-2-acetamido-2-deoxy-beta-D-glucopyranose-(1-4)-2-acetamido-2-deoxy-beta-D-glucopyranose
5 branched alpha-D-mannopyranose-(1-6)-beta-D-mannopyranose-(1-4)-2-acetamido-2-deoxy-beta-D-glucopyranose-(1-4)-2-acetamido-2-deoxy-beta-D-glucopyranose
6 branched beta-D-mannopyranose-(1-4)-2-acetamido-2-deoxy-beta-D-glucopyranose-(1-4)-2-acetamido-2-deoxy-beta-D-glucopyranose
7 non-polymer 2-acetamido-2-deoxy-beta-D-glucopyranose
8 non-polymer 'FOLIC ACID'
9 non-polymer 'LINOLEIC ACID'
10 water water
#
_entity_poly.entity_id   1
_entity_poly.type   'polypeptide(L)'
_entity_poly.pdbx_seq_one_letter_code
;MGILPSPGMPALLSLVSLLSVLLMGCVAETGTQSVDMGTTGSGNCIESQVQPDFFETARNTWPLSIDTSKAEGVIYPNGK
SYSNITLTYTGLYPKANDLGKQYVFSDGHSSPGTLSRLFVSNYSRQVEPFDSGFVVRIGAAANKTGTTIISQSTNRPIKK
IYPAFMLGHSVGNYTPTNITGRYLNHTLVILPDGCGTLVHAFYCILQPRTQAYCAGASTFTSVTVWDTPASDCANSQSYN
RLANLNAFKLYFDLINCTFRYNYTITEDENAEWFGITQDTQGVHLYSSRKENVFRNNMFHFATLPVYQKILYYTVIPRSI
RSPFNDRKAWAAFYIYKLHPLTYLLNFDVEGYITKAVDCGYDDLAQLQCSYQSFDVETGVYSVSSFEASPRGEFIEQATT
QECDFTPMLTGTPPPIYNFKRLVFTNCNYNLTKLLSLFQVSEFSCHQVSPSSLATGCYSSLTVDYFAYSTDMSSYLQPGS
AGEIVQFNYKQDFSNPTCRVLATVPQNLTTITKPSNYAYLTECYKTSAYGKNYLYNAPGGYTPCLSLASRGFSTKYQSHS
DGELTTTGYIYPVTGNLQMAFIISVQYGTDTNSVCPMQALRNDTSIEDKLDVCVEYSLHGITGRGVFHNCTSVGLRNQRF
VYDTFDNLVGYHSYNGNYYCVRPCVSVPVSVIYDKVSNSHATLFGSVACSHVTTMMSQFSRMTKTNLLARTTPGPLQTVV
GCAMGFINTSMVVDECQLPLGQSLCAIPPNPSARLARASSGVTDVFQIATLNFTSPLTLAPINSTGFVVAVPTNFTFGVT
QEYIETTIQKITVDCKQYVCNGFKKCEELLTEYGQFCSKINQALHGANLRQDESIANLFSSIKTQNTQPLQAGLNGDFNL
TMLQIPQVTTGERKYRSAIEDLLFNKVTIADPGYMQGYDECMQQGPQSARDLICAQYVAGYKVLPPLYDPYMEAAYTSSL
LGSIAGASWTAGLSSFAAIPFAQSIFYRLNGVGITQQVLSENQKIIANKFNQALGAMQTGFTTTNLAFNKVQDAVNANAM
ALSKLAAELSNTFGAISSSISDILARLDPPEQEAQIDRLINGRLTSLNAFVAQQLVRTEAAARSAQLAQDKVNECVKSQS
KRNGFCGTGTHIVSFAINAPNGLYFFHVGYQPTSHVNATAAYGLCNTENPPKCIAPIGGYFVLNQTTSTVANSEQQWYYT
GSSFFHPEPITEVNSKYVSMDVKFENLTNKLPPPLLSNTTDLDFKEELEEFFKNVSSQGPNFQEISKINTTLLNLNTELM
VLSEVVKQLNESYIDLKELGNYTFYQKGSGYIPEAPRDGQAYVRKDGEWVLLSTFLGGSGLNDIFEAQKIEWHEGGSHHH
HHHHH
;
_entity_poly.pdbx_strand_id   A,B,C
#
# COMPACT_ATOMS: atom_id res chain seq x y z
N SER A 34 -62.46 11.51 -2.51
CA SER A 34 -61.94 10.23 -1.94
C SER A 34 -62.48 9.05 -2.74
N VAL A 35 -62.00 7.84 -2.45
CA VAL A 35 -62.50 6.62 -3.14
C VAL A 35 -63.85 6.24 -2.52
N ASP A 36 -64.70 5.52 -3.26
CA ASP A 36 -65.96 5.05 -2.63
C ASP A 36 -65.65 3.86 -1.73
N MET A 37 -66.16 3.85 -0.49
CA MET A 37 -65.96 2.68 0.40
C MET A 37 -67.24 1.83 0.42
N GLY A 38 -68.21 2.15 -0.45
CA GLY A 38 -69.45 1.36 -0.55
C GLY A 38 -70.60 1.99 0.20
N THR A 39 -71.64 1.20 0.52
CA THR A 39 -72.84 1.70 1.18
C THR A 39 -72.62 1.89 2.67
N THR A 40 -73.01 3.06 3.18
CA THR A 40 -72.86 3.39 4.59
C THR A 40 -73.71 2.47 5.46
N GLY A 41 -73.17 2.11 6.62
CA GLY A 41 -73.87 1.19 7.50
C GLY A 41 -75.02 1.85 8.25
N SER A 42 -76.01 1.02 8.60
CA SER A 42 -77.15 1.46 9.40
C SER A 42 -77.63 0.30 10.26
N GLY A 43 -78.22 0.64 11.40
CA GLY A 43 -78.68 -0.37 12.32
C GLY A 43 -77.86 -0.41 13.59
N ASN A 44 -77.69 -1.58 14.18
CA ASN A 44 -77.00 -1.74 15.44
C ASN A 44 -75.85 -2.72 15.29
N CYS A 45 -74.86 -2.60 16.19
CA CYS A 45 -73.78 -3.56 16.29
C CYS A 45 -74.20 -4.74 17.18
N ILE A 46 -73.55 -5.87 16.97
CA ILE A 46 -73.80 -7.08 17.75
C ILE A 46 -72.95 -7.03 19.02
N GLU A 47 -73.54 -7.45 20.13
CA GLU A 47 -72.85 -7.47 21.41
C GLU A 47 -71.72 -8.49 21.43
N SER A 48 -70.63 -8.16 22.13
CA SER A 48 -69.51 -9.05 22.35
C SER A 48 -69.28 -9.26 23.83
N GLN A 49 -69.01 -10.51 24.22
CA GLN A 49 -68.63 -10.83 25.59
C GLN A 49 -67.11 -10.94 25.66
N VAL A 50 -66.50 -10.06 26.44
CA VAL A 50 -65.04 -10.00 26.55
C VAL A 50 -64.61 -10.80 27.77
N GLN A 51 -63.85 -11.86 27.53
CA GLN A 51 -63.54 -12.86 28.55
C GLN A 51 -62.13 -13.40 28.33
N PRO A 52 -61.12 -12.60 28.66
CA PRO A 52 -59.74 -13.04 28.39
C PRO A 52 -59.32 -14.29 29.16
N ASP A 53 -59.93 -14.56 30.31
CA ASP A 53 -59.52 -15.70 31.11
C ASP A 53 -59.77 -17.03 30.40
N PHE A 54 -60.67 -17.06 29.42
CA PHE A 54 -60.89 -18.25 28.62
C PHE A 54 -59.95 -18.37 27.43
N PHE A 55 -59.18 -17.34 27.11
CA PHE A 55 -58.29 -17.36 25.95
C PHE A 55 -56.83 -17.49 26.34
N GLU A 56 -56.33 -16.59 27.19
CA GLU A 56 -54.97 -16.67 27.70
C GLU A 56 -54.99 -17.51 28.98
N THR A 57 -54.95 -18.82 28.80
CA THR A 57 -55.02 -19.79 29.88
C THR A 57 -53.93 -20.84 29.71
N ALA A 58 -53.56 -21.48 30.82
CA ALA A 58 -52.50 -22.49 30.77
C ALA A 58 -52.87 -23.67 29.89
N ARG A 59 -54.15 -23.99 29.78
CA ARG A 59 -54.61 -25.08 28.93
C ARG A 59 -54.61 -24.72 27.45
N ASN A 60 -54.51 -23.44 27.09
CA ASN A 60 -54.51 -23.02 25.70
C ASN A 60 -53.17 -22.48 25.24
N THR A 61 -52.09 -22.86 25.90
CA THR A 61 -50.75 -22.42 25.52
C THR A 61 -50.09 -23.46 24.63
N TRP A 62 -49.78 -23.07 23.40
CA TRP A 62 -49.19 -23.97 22.40
C TRP A 62 -47.97 -23.28 21.78
N PRO A 63 -46.85 -23.25 22.51
CA PRO A 63 -45.71 -22.44 22.05
C PRO A 63 -45.06 -22.96 20.78
N LEU A 64 -44.69 -22.02 19.92
CA LEU A 64 -43.89 -22.30 18.73
C LEU A 64 -42.83 -21.21 18.61
N SER A 65 -41.57 -21.61 18.55
CA SER A 65 -40.46 -20.67 18.50
C SER A 65 -39.92 -20.56 17.08
N ILE A 66 -39.13 -19.52 16.85
CA ILE A 66 -38.52 -19.31 15.53
C ILE A 66 -37.41 -20.34 15.35
N ASP A 67 -37.49 -21.11 14.27
CA ASP A 67 -36.51 -22.14 13.95
C ASP A 67 -35.70 -21.69 12.74
N THR A 68 -34.50 -21.15 12.99
CA THR A 68 -33.65 -20.68 11.90
C THR A 68 -33.14 -21.81 11.03
N SER A 69 -33.09 -23.05 11.54
CA SER A 69 -32.65 -24.16 10.71
C SER A 69 -33.60 -24.45 9.57
N LYS A 70 -34.85 -24.00 9.67
CA LYS A 70 -35.79 -24.03 8.56
C LYS A 70 -36.00 -22.65 7.92
N ALA A 71 -35.26 -21.63 8.37
CA ALA A 71 -35.39 -20.25 7.88
C ALA A 71 -36.82 -19.73 8.06
N GLU A 72 -37.37 -19.95 9.24
CA GLU A 72 -38.74 -19.51 9.51
C GLU A 72 -38.79 -17.99 9.68
N GLY A 73 -39.76 -17.37 9.03
CA GLY A 73 -39.93 -15.93 9.15
C GLY A 73 -38.93 -15.08 8.40
N VAL A 74 -38.33 -15.59 7.33
CA VAL A 74 -37.30 -14.86 6.59
C VAL A 74 -37.90 -14.27 5.31
N ILE A 75 -37.72 -12.99 5.13
CA ILE A 75 -38.14 -12.31 3.90
C ILE A 75 -37.07 -12.48 2.84
N TYR A 76 -37.48 -12.83 1.61
CA TYR A 76 -36.61 -13.00 0.45
C TYR A 76 -36.20 -11.63 -0.13
N PRO A 77 -34.93 -11.47 -0.54
CA PRO A 77 -34.48 -10.18 -1.09
C PRO A 77 -35.21 -9.78 -2.37
N ASN A 78 -35.33 -8.47 -2.58
CA ASN A 78 -36.10 -7.92 -3.68
C ASN A 78 -35.27 -7.82 -4.96
N GLY A 79 -35.90 -8.15 -6.10
CA GLY A 79 -35.35 -7.89 -7.41
C GLY A 79 -34.26 -8.84 -7.90
N LYS A 80 -34.03 -9.97 -7.23
CA LYS A 80 -32.95 -10.86 -7.61
C LYS A 80 -33.15 -12.23 -6.97
N SER A 81 -32.34 -13.19 -7.39
CA SER A 81 -32.25 -14.47 -6.72
C SER A 81 -30.81 -14.98 -6.81
N TYR A 82 -30.50 -15.96 -5.97
CA TYR A 82 -29.19 -16.59 -5.94
C TYR A 82 -29.39 -18.10 -6.02
N SER A 83 -28.41 -18.80 -6.60
CA SER A 83 -28.54 -20.24 -6.81
C SER A 83 -27.35 -20.98 -6.20
N ASN A 84 -27.65 -21.89 -5.27
CA ASN A 84 -26.67 -22.87 -4.76
C ASN A 84 -25.45 -22.19 -4.13
N ILE A 85 -25.69 -21.21 -3.27
CA ILE A 85 -24.60 -20.51 -2.56
C ILE A 85 -25.06 -20.15 -1.15
N THR A 86 -24.09 -19.73 -0.35
CA THR A 86 -24.29 -19.26 1.01
C THR A 86 -23.73 -17.84 1.12
N LEU A 87 -24.46 -16.95 1.79
CA LEU A 87 -23.96 -15.59 1.96
C LEU A 87 -24.64 -14.90 3.12
N THR A 88 -24.00 -13.85 3.61
CA THR A 88 -24.55 -13.00 4.66
C THR A 88 -25.31 -11.83 4.07
N TYR A 89 -26.35 -11.40 4.78
CA TYR A 89 -27.28 -10.39 4.29
C TYR A 89 -27.77 -9.57 5.46
N THR A 90 -27.74 -8.25 5.32
CA THR A 90 -28.21 -7.35 6.37
C THR A 90 -29.63 -6.91 6.02
N GLY A 91 -30.56 -7.12 6.95
CA GLY A 91 -31.95 -6.75 6.72
C GLY A 91 -32.80 -6.72 7.97
N LEU A 92 -34.07 -7.07 7.84
CA LEU A 92 -34.99 -7.17 8.96
C LEU A 92 -35.39 -8.63 9.17
N TYR A 93 -35.05 -9.19 10.33
CA TYR A 93 -35.23 -10.59 10.61
C TYR A 93 -35.72 -10.78 12.04
N PRO A 94 -36.44 -11.86 12.31
CA PRO A 94 -36.77 -12.22 13.69
C PRO A 94 -35.54 -12.73 14.43
N LYS A 95 -35.60 -12.72 15.75
CA LYS A 95 -34.53 -13.31 16.55
C LYS A 95 -34.71 -14.81 16.68
N ALA A 96 -33.59 -15.52 16.69
CA ALA A 96 -33.61 -16.97 16.79
C ALA A 96 -34.25 -17.41 18.10
N ASN A 97 -35.07 -18.46 18.03
CA ASN A 97 -35.76 -19.07 19.15
C ASN A 97 -36.79 -18.15 19.81
N ASP A 98 -37.22 -17.09 19.11
CA ASP A 98 -38.22 -16.17 19.65
C ASP A 98 -39.58 -16.85 19.76
N LEU A 99 -40.24 -16.70 20.91
CA LEU A 99 -41.57 -17.29 21.09
C LEU A 99 -42.67 -16.40 20.51
N GLY A 100 -42.46 -15.10 20.42
CA GLY A 100 -43.50 -14.25 19.87
C GLY A 100 -44.71 -14.15 20.78
N LYS A 101 -45.89 -14.05 20.16
CA LYS A 101 -47.13 -13.84 20.89
C LYS A 101 -48.27 -14.57 20.22
N GLN A 102 -49.02 -15.36 21.00
CA GLN A 102 -50.09 -16.19 20.49
C GLN A 102 -51.43 -15.46 20.54
N TYR A 103 -52.29 -15.73 19.55
CA TYR A 103 -53.65 -15.20 19.47
C TYR A 103 -54.60 -16.30 19.01
N VAL A 104 -55.80 -16.35 19.57
CA VAL A 104 -56.77 -17.36 19.18
C VAL A 104 -58.17 -16.75 19.08
N PHE A 105 -58.91 -17.14 18.04
CA PHE A 105 -60.28 -16.70 17.84
C PHE A 105 -61.25 -17.83 18.14
N SER A 106 -62.51 -17.47 18.43
CA SER A 106 -63.52 -18.42 18.88
C SER A 106 -64.84 -18.22 18.16
N ASP A 107 -65.65 -19.28 18.16
CA ASP A 107 -67.04 -19.17 17.76
C ASP A 107 -67.82 -18.32 18.77
N GLY A 108 -68.91 -17.73 18.30
CA GLY A 108 -69.81 -17.04 19.19
C GLY A 108 -70.78 -18.00 19.89
N HIS A 109 -71.53 -17.45 20.84
CA HIS A 109 -72.50 -18.25 21.59
C HIS A 109 -73.60 -18.74 20.68
N SER A 110 -74.05 -19.98 20.90
CA SER A 110 -75.07 -20.56 20.05
C SER A 110 -75.85 -21.63 20.82
N SER A 111 -77.11 -21.79 20.44
CA SER A 111 -78.01 -22.82 20.93
C SER A 111 -78.81 -23.30 19.72
N PRO A 112 -79.39 -24.51 19.80
CA PRO A 112 -80.09 -25.05 18.62
C PRO A 112 -81.15 -24.11 18.06
N GLY A 113 -80.89 -23.59 16.87
CA GLY A 113 -81.78 -22.66 16.20
C GLY A 113 -81.57 -21.18 16.48
N THR A 114 -80.68 -20.82 17.39
CA THR A 114 -80.52 -19.42 17.78
C THR A 114 -79.05 -19.03 17.80
N LEU A 115 -78.79 -17.77 17.42
CA LEU A 115 -77.46 -17.18 17.45
C LEU A 115 -77.43 -16.06 18.48
N SER A 116 -76.41 -16.05 19.33
CA SER A 116 -76.35 -15.11 20.43
C SER A 116 -75.05 -14.31 20.41
N ARG A 117 -74.70 -13.70 21.53
CA ARG A 117 -73.55 -12.82 21.64
C ARG A 117 -72.26 -13.41 21.07
N LEU A 118 -71.35 -12.54 20.66
CA LEU A 118 -70.02 -12.93 20.21
C LEU A 118 -69.11 -13.14 21.42
N PHE A 119 -68.08 -13.97 21.23
CA PHE A 119 -67.17 -14.36 22.30
C PHE A 119 -65.75 -14.05 21.87
N VAL A 120 -65.06 -13.17 22.63
CA VAL A 120 -63.73 -12.71 22.26
C VAL A 120 -62.86 -12.47 23.50
N SER A 121 -61.56 -12.41 23.25
CA SER A 121 -60.56 -11.95 24.21
C SER A 121 -60.57 -10.41 24.23
N ASN A 122 -59.59 -9.79 24.88
CA ASN A 122 -59.51 -8.32 24.93
C ASN A 122 -58.43 -7.76 24.02
N TYR A 123 -58.24 -8.35 22.84
CA TYR A 123 -57.22 -7.86 21.91
C TYR A 123 -57.54 -6.46 21.39
N SER A 124 -58.83 -6.11 21.25
CA SER A 124 -59.24 -4.84 20.68
C SER A 124 -58.79 -3.63 21.50
N ARG A 125 -58.46 -3.81 22.77
CA ARG A 125 -58.03 -2.69 23.60
C ARG A 125 -56.52 -2.68 23.86
N GLN A 126 -55.77 -3.60 23.25
CA GLN A 126 -54.31 -3.62 23.38
C GLN A 126 -53.65 -2.89 22.21
N VAL A 127 -52.67 -2.06 22.51
CA VAL A 127 -51.94 -1.29 21.51
C VAL A 127 -50.46 -1.67 21.59
N GLU A 128 -49.90 -2.15 20.47
CA GLU A 128 -48.51 -2.61 20.38
C GLU A 128 -47.65 -1.63 19.58
N PRO A 129 -46.37 -1.46 19.95
CA PRO A 129 -45.46 -0.63 19.15
C PRO A 129 -45.07 -1.34 17.85
N PHE A 130 -45.13 -0.60 16.75
CA PHE A 130 -44.81 -1.16 15.45
C PHE A 130 -43.30 -1.39 15.30
N ASP A 131 -42.48 -0.45 15.75
CA ASP A 131 -41.00 -0.53 15.71
C ASP A 131 -40.58 -0.76 14.26
N SER A 132 -39.97 -1.89 13.90
CA SER A 132 -39.55 -2.17 12.54
C SER A 132 -40.49 -3.08 11.76
N GLY A 133 -41.66 -3.41 12.29
CA GLY A 133 -42.58 -4.30 11.60
C GLY A 133 -42.62 -5.68 12.24
N PHE A 134 -43.33 -6.60 11.59
CA PHE A 134 -43.53 -7.93 12.19
C PHE A 134 -43.86 -8.95 11.10
N VAL A 135 -43.79 -10.23 11.49
CA VAL A 135 -44.22 -11.36 10.66
C VAL A 135 -45.20 -12.22 11.45
N VAL A 136 -46.06 -12.94 10.73
CA VAL A 136 -47.18 -13.66 11.32
C VAL A 136 -47.21 -15.09 10.78
N ARG A 137 -47.25 -16.07 11.67
CA ARG A 137 -47.42 -17.48 11.33
C ARG A 137 -48.90 -17.84 11.42
N ILE A 138 -49.45 -18.35 10.33
CA ILE A 138 -50.90 -18.53 10.18
C ILE A 138 -51.23 -19.99 9.92
N GLY A 139 -52.19 -20.52 10.67
CA GLY A 139 -52.75 -21.84 10.44
C GLY A 139 -51.81 -23.02 10.66
N ALA A 140 -50.96 -22.95 11.68
CA ALA A 140 -49.96 -23.99 11.86
C ALA A 140 -50.54 -25.29 12.39
N ALA A 141 -51.68 -25.25 13.09
CA ALA A 141 -52.26 -26.42 13.72
C ALA A 141 -53.42 -27.01 12.94
N ALA A 142 -53.67 -26.54 11.72
CA ALA A 142 -54.76 -27.08 10.93
C ALA A 142 -54.55 -28.57 10.68
N ASN A 143 -55.67 -29.32 10.73
CA ASN A 143 -55.70 -30.80 10.53
C ASN A 143 -55.53 -31.54 11.87
N LYS A 144 -55.34 -30.83 12.98
CA LYS A 144 -55.26 -31.46 14.29
C LYS A 144 -56.59 -31.26 15.01
N THR A 145 -56.92 -32.18 15.90
CA THR A 145 -58.12 -32.00 16.72
C THR A 145 -57.82 -31.00 17.83
N GLY A 146 -58.80 -30.14 18.13
CA GLY A 146 -58.56 -29.06 19.07
C GLY A 146 -59.82 -28.60 19.77
N THR A 147 -59.61 -27.74 20.77
CA THR A 147 -60.70 -27.24 21.59
C THR A 147 -61.52 -26.17 20.86
N THR A 148 -62.81 -26.14 21.15
CA THR A 148 -63.68 -25.03 20.80
C THR A 148 -63.78 -24.18 22.05
N ILE A 149 -62.98 -23.11 22.11
CA ILE A 149 -62.79 -22.25 23.27
C ILE A 149 -64.10 -21.97 24.02
N ILE A 150 -65.19 -21.75 23.28
CA ILE A 150 -66.49 -21.50 23.88
C ILE A 150 -66.94 -22.64 24.78
N SER A 151 -66.50 -23.87 24.50
CA SER A 151 -66.89 -25.05 25.29
C SER A 151 -65.64 -25.85 25.61
N GLN A 152 -65.25 -25.85 26.89
CA GLN A 152 -63.98 -26.45 27.29
C GLN A 152 -63.94 -27.97 27.09
N SER A 153 -65.08 -28.61 26.88
CA SER A 153 -65.10 -30.06 26.67
C SER A 153 -65.15 -30.45 25.20
N THR A 154 -65.79 -29.64 24.35
CA THR A 154 -65.98 -30.02 22.97
C THR A 154 -64.68 -29.95 22.18
N ASN A 155 -64.49 -30.90 21.27
CA ASN A 155 -63.28 -31.00 20.46
C ASN A 155 -63.66 -31.14 18.99
N ARG A 156 -62.88 -30.49 18.14
CA ARG A 156 -63.14 -30.41 16.70
C ARG A 156 -61.81 -30.43 15.97
N PRO A 157 -61.80 -30.84 14.70
CA PRO A 157 -60.60 -30.64 13.88
C PRO A 157 -60.40 -29.17 13.54
N ILE A 158 -59.15 -28.73 13.58
CA ILE A 158 -58.81 -27.31 13.55
C ILE A 158 -58.84 -26.80 12.11
N LYS A 159 -59.35 -25.58 11.93
CA LYS A 159 -59.40 -24.92 10.63
C LYS A 159 -58.58 -23.63 10.67
N LYS A 160 -57.99 -23.28 9.52
CA LYS A 160 -57.20 -22.06 9.41
C LYS A 160 -58.09 -20.83 9.41
N ILE A 161 -57.64 -19.77 10.07
CA ILE A 161 -58.33 -18.48 10.07
C ILE A 161 -57.30 -17.36 9.96
N TYR A 162 -57.64 -16.29 9.17
CA TYR A 162 -56.74 -15.18 8.94
C TYR A 162 -56.94 -14.07 9.98
N PRO A 163 -55.88 -13.36 10.34
CA PRO A 163 -56.02 -12.22 11.25
C PRO A 163 -56.46 -10.95 10.52
N ALA A 164 -56.75 -9.92 11.32
CA ALA A 164 -57.10 -8.59 10.82
C ALA A 164 -56.40 -7.54 11.69
N PHE A 165 -56.00 -6.43 11.08
CA PHE A 165 -55.18 -5.44 11.77
C PHE A 165 -55.68 -4.02 11.56
N MET A 166 -55.41 -3.17 12.55
CA MET A 166 -55.47 -1.71 12.44
C MET A 166 -54.10 -1.14 12.79
N LEU A 167 -53.62 -0.21 11.97
CA LEU A 167 -52.31 0.39 12.15
C LEU A 167 -52.39 1.90 11.96
N GLY A 168 -51.71 2.66 12.80
CA GLY A 168 -51.88 4.10 12.76
C GLY A 168 -50.78 4.89 13.42
N HIS A 169 -50.99 6.21 13.50
CA HIS A 169 -49.93 7.13 13.98
C HIS A 169 -50.22 7.71 15.36
N SER A 170 -51.47 7.68 15.83
CA SER A 170 -51.76 8.18 17.17
C SER A 170 -53.03 7.53 17.70
N VAL A 171 -53.08 7.29 19.00
CA VAL A 171 -54.16 6.52 19.61
C VAL A 171 -54.71 7.27 20.82
N GLY A 172 -55.97 6.96 21.16
CA GLY A 172 -56.66 7.54 22.29
C GLY A 172 -57.70 6.58 22.83
N ASN A 173 -58.57 7.12 23.69
CA ASN A 173 -59.68 6.36 24.24
C ASN A 173 -60.92 6.46 23.38
N TYR A 174 -61.68 5.37 23.32
CA TYR A 174 -63.03 5.46 22.82
C TYR A 174 -63.85 6.33 23.77
N THR A 175 -64.52 7.35 23.22
CA THR A 175 -64.89 8.51 24.03
C THR A 175 -65.89 8.20 25.13
N PRO A 176 -66.99 7.47 24.90
CA PRO A 176 -67.94 7.28 26.02
C PRO A 176 -67.39 6.41 27.14
N THR A 177 -66.78 5.27 26.83
CA THR A 177 -66.46 4.25 27.83
C THR A 177 -65.06 4.39 28.42
N ASN A 178 -64.23 5.29 27.90
CA ASN A 178 -62.82 5.40 28.29
C ASN A 178 -62.09 4.06 28.18
N ILE A 179 -62.41 3.31 27.13
CA ILE A 179 -61.70 2.06 26.81
C ILE A 179 -60.62 2.38 25.79
N THR A 180 -59.40 1.89 26.03
CA THR A 180 -58.27 2.20 25.16
C THR A 180 -58.39 1.48 23.81
N GLY A 181 -57.56 1.91 22.86
CA GLY A 181 -57.47 1.29 21.55
C GLY A 181 -58.05 2.06 20.38
N ARG A 182 -58.42 3.33 20.55
CA ARG A 182 -58.97 4.11 19.45
C ARG A 182 -57.87 4.72 18.58
N TYR A 183 -58.06 4.65 17.26
CA TYR A 183 -57.07 5.15 16.31
C TYR A 183 -57.55 6.46 15.68
N LEU A 184 -56.73 7.50 15.81
CA LEU A 184 -57.13 8.86 15.37
C LEU A 184 -56.50 9.25 14.04
N ASN A 185 -57.16 10.14 13.28
CA ASN A 185 -56.61 10.62 11.97
C ASN A 185 -56.71 9.46 10.97
N HIS A 186 -55.93 9.49 9.88
CA HIS A 186 -55.95 8.38 8.90
C HIS A 186 -55.43 7.09 9.55
N THR A 187 -56.13 5.99 9.30
CA THR A 187 -55.77 4.69 9.89
C THR A 187 -55.66 3.65 8.79
N LEU A 188 -54.59 2.84 8.79
CA LEU A 188 -54.49 1.73 7.80
C LEU A 188 -55.25 0.50 8.34
N VAL A 189 -56.17 -0.04 7.56
CA VAL A 189 -56.94 -1.22 7.95
C VAL A 189 -56.63 -2.35 6.96
N ILE A 190 -56.32 -3.52 7.48
CA ILE A 190 -56.14 -4.73 6.68
C ILE A 190 -57.14 -5.77 7.18
N LEU A 191 -58.01 -6.24 6.29
CA LEU A 191 -59.20 -6.98 6.68
C LEU A 191 -59.51 -8.14 5.73
N PRO A 192 -59.39 -9.38 6.18
CA PRO A 192 -59.73 -10.53 5.32
C PRO A 192 -61.23 -10.64 5.09
N ASP A 193 -61.62 -11.30 4.01
CA ASP A 193 -63.03 -11.41 3.67
C ASP A 193 -63.26 -12.56 2.69
N GLY A 194 -64.53 -12.76 2.34
CA GLY A 194 -64.91 -13.76 1.36
C GLY A 194 -64.59 -15.18 1.76
N CYS A 195 -64.72 -15.49 3.05
CA CYS A 195 -64.48 -16.83 3.58
C CYS A 195 -63.06 -17.28 3.26
N GLY A 196 -62.11 -16.34 3.35
CA GLY A 196 -60.72 -16.62 3.07
C GLY A 196 -60.30 -16.54 1.62
N THR A 197 -61.01 -15.79 0.79
CA THR A 197 -60.66 -15.68 -0.62
C THR A 197 -60.28 -14.25 -1.03
N LEU A 198 -60.18 -13.34 -0.08
CA LEU A 198 -59.95 -11.94 -0.40
C LEU A 198 -59.43 -11.24 0.86
N VAL A 199 -58.64 -10.19 0.66
CA VAL A 199 -58.25 -9.31 1.76
C VAL A 199 -58.32 -7.87 1.28
N HIS A 200 -58.91 -7.00 2.08
CA HIS A 200 -58.99 -5.57 1.83
C HIS A 200 -57.81 -4.83 2.47
N ALA A 201 -57.46 -3.68 1.89
CA ALA A 201 -56.42 -2.80 2.48
C ALA A 201 -56.78 -1.34 2.14
N PHE A 202 -57.21 -0.55 3.13
CA PHE A 202 -57.69 0.83 2.87
C PHE A 202 -57.13 1.80 3.93
N TYR A 203 -57.03 3.09 3.59
CA TYR A 203 -56.46 4.11 4.52
C TYR A 203 -57.46 5.25 4.68
N CYS A 204 -58.26 5.25 5.75
CA CYS A 204 -59.34 6.25 5.92
C CYS A 204 -59.47 6.69 7.39
N ILE A 205 -60.13 7.83 7.65
CA ILE A 205 -60.43 8.26 9.05
C ILE A 205 -61.60 7.41 9.58
N LEU A 206 -61.55 6.99 10.84
CA LEU A 206 -62.59 6.09 11.41
C LEU A 206 -63.52 6.92 12.31
N GLN A 207 -64.78 7.11 11.90
CA GLN A 207 -65.67 7.96 12.67
C GLN A 207 -66.67 7.10 13.43
N PRO A 208 -66.61 7.07 14.75
CA PRO A 208 -67.48 6.15 15.51
C PRO A 208 -68.96 6.46 15.33
N ARG A 209 -69.75 5.39 15.31
CA ARG A 209 -71.21 5.47 15.30
C ARG A 209 -71.74 5.34 16.72
N THR A 210 -72.91 5.92 16.97
CA THR A 210 -73.49 6.02 18.30
C THR A 210 -74.55 4.98 18.60
N GLN A 211 -74.88 4.10 17.65
CA GLN A 211 -75.90 3.09 17.86
C GLN A 211 -75.42 2.02 18.84
N ALA A 212 -76.35 1.17 19.26
CA ALA A 212 -76.07 0.23 20.35
C ALA A 212 -74.91 -0.70 20.03
N TYR A 213 -73.98 -0.82 20.99
CA TYR A 213 -72.79 -1.65 20.96
C TYR A 213 -71.75 -1.16 19.96
N CYS A 214 -71.95 0.00 19.36
CA CYS A 214 -71.01 0.51 18.38
C CYS A 214 -69.99 1.41 19.08
N ALA A 215 -68.97 1.84 18.32
CA ALA A 215 -67.77 2.41 18.94
C ALA A 215 -68.05 3.69 19.72
N GLY A 216 -69.07 4.45 19.33
CA GLY A 216 -69.44 5.65 20.04
C GLY A 216 -70.54 5.50 21.09
N ALA A 217 -70.94 4.28 21.42
CA ALA A 217 -72.03 4.03 22.35
C ALA A 217 -71.50 3.74 23.75
N SER A 218 -72.42 3.73 24.72
CA SER A 218 -72.06 3.44 26.10
C SER A 218 -71.98 1.95 26.40
N THR A 219 -72.47 1.10 25.50
CA THR A 219 -72.42 -0.34 25.66
C THR A 219 -71.29 -0.99 24.87
N PHE A 220 -70.39 -0.20 24.27
CA PHE A 220 -69.33 -0.76 23.45
C PHE A 220 -68.32 -1.50 24.33
N THR A 221 -67.92 -2.68 23.90
CA THR A 221 -66.84 -3.41 24.59
C THR A 221 -65.64 -3.68 23.71
N SER A 222 -65.82 -3.98 22.43
CA SER A 222 -64.68 -4.27 21.57
C SER A 222 -65.09 -4.18 20.11
N VAL A 223 -64.11 -3.90 19.25
CA VAL A 223 -64.32 -3.91 17.81
C VAL A 223 -64.15 -5.35 17.34
N THR A 224 -65.26 -6.03 17.08
CA THR A 224 -65.28 -7.44 16.76
C THR A 224 -65.99 -7.62 15.43
N VAL A 225 -65.30 -8.16 14.43
CA VAL A 225 -65.91 -8.41 13.13
C VAL A 225 -66.37 -9.87 13.08
N TRP A 226 -67.48 -10.11 12.40
CA TRP A 226 -68.13 -11.41 12.37
C TRP A 226 -68.61 -11.72 10.97
N ASP A 227 -68.75 -13.01 10.68
CA ASP A 227 -69.42 -13.48 9.48
C ASP A 227 -70.33 -14.63 9.87
N THR A 228 -71.34 -14.87 9.05
CA THR A 228 -72.34 -15.91 9.32
C THR A 228 -72.21 -16.99 8.26
N PRO A 229 -71.53 -18.10 8.54
CA PRO A 229 -71.21 -19.07 7.48
C PRO A 229 -72.44 -19.71 6.85
N ALA A 230 -73.59 -19.70 7.51
CA ALA A 230 -74.79 -20.26 6.92
C ALA A 230 -75.22 -19.47 5.68
N SER A 231 -75.09 -18.15 5.72
CA SER A 231 -75.47 -17.31 4.60
C SER A 231 -74.29 -16.73 3.83
N ASP A 232 -73.10 -16.67 4.42
CA ASP A 232 -71.92 -16.12 3.75
C ASP A 232 -71.08 -17.20 3.06
N CYS A 233 -70.77 -18.29 3.76
CA CYS A 233 -69.90 -19.34 3.24
C CYS A 233 -70.68 -20.60 2.85
N ALA A 234 -71.92 -20.45 2.41
CA ALA A 234 -72.73 -21.61 2.09
C ALA A 234 -72.22 -22.33 0.84
N ASN A 235 -71.85 -21.56 -0.18
CA ASN A 235 -71.50 -22.12 -1.48
C ASN A 235 -70.23 -21.46 -2.00
N SER A 236 -69.31 -22.28 -2.50
CA SER A 236 -68.04 -21.78 -3.02
C SER A 236 -68.21 -20.86 -4.21
N GLN A 237 -69.39 -20.87 -4.85
CA GLN A 237 -69.67 -19.99 -5.97
C GLN A 237 -70.36 -18.71 -5.57
N SER A 238 -70.75 -18.57 -4.29
CA SER A 238 -71.48 -17.41 -3.82
C SER A 238 -70.92 -16.95 -2.47
N TYR A 239 -69.61 -16.97 -2.34
CA TYR A 239 -68.98 -16.44 -1.12
C TYR A 239 -69.25 -14.95 -1.02
N ASN A 240 -69.66 -14.49 0.15
CA ASN A 240 -69.91 -13.06 0.36
C ASN A 240 -68.57 -12.37 0.56
N ARG A 241 -68.19 -11.52 -0.39
CA ARG A 241 -66.89 -10.85 -0.37
C ARG A 241 -66.87 -9.60 0.49
N LEU A 242 -68.00 -9.18 1.05
CA LEU A 242 -68.10 -7.91 1.77
C LEU A 242 -68.59 -8.06 3.21
N ALA A 243 -68.74 -9.29 3.72
CA ALA A 243 -69.35 -9.49 5.03
C ALA A 243 -68.53 -8.84 6.15
N ASN A 244 -67.22 -9.10 6.17
CA ASN A 244 -66.38 -8.51 7.21
C ASN A 244 -66.35 -6.98 7.09
N LEU A 245 -66.29 -6.47 5.86
CA LEU A 245 -66.32 -5.02 5.65
C LEU A 245 -67.65 -4.42 6.11
N ASN A 246 -68.76 -5.11 5.83
CA ASN A 246 -70.05 -4.66 6.32
C ASN A 246 -70.08 -4.61 7.83
N ALA A 247 -69.50 -5.61 8.50
CA ALA A 247 -69.46 -5.60 9.96
C ALA A 247 -68.60 -4.46 10.49
N PHE A 248 -67.46 -4.19 9.85
CA PHE A 248 -66.61 -3.08 10.29
C PHE A 248 -67.32 -1.74 10.17
N LYS A 249 -68.12 -1.56 9.12
CA LYS A 249 -68.84 -0.30 8.89
C LYS A 249 -69.92 -0.03 9.92
N LEU A 250 -70.35 -1.03 10.68
CA LEU A 250 -71.30 -0.78 11.77
C LEU A 250 -70.61 -0.09 12.95
N TYR A 251 -69.34 -0.38 13.20
CA TYR A 251 -68.63 0.31 14.27
C TYR A 251 -68.28 1.74 13.86
N PHE A 252 -67.91 1.97 12.60
CA PHE A 252 -67.42 3.28 12.17
C PHE A 252 -67.99 3.69 10.81
N ASP A 253 -68.08 5.01 10.61
CA ASP A 253 -68.25 5.58 9.28
C ASP A 253 -66.88 5.90 8.68
N LEU A 254 -66.64 5.43 7.46
CA LEU A 254 -65.31 5.60 6.82
C LEU A 254 -65.28 6.95 6.07
N ILE A 255 -64.34 7.83 6.41
CA ILE A 255 -64.37 9.21 5.83
C ILE A 255 -63.07 9.56 5.09
N ASN A 256 -63.17 10.25 3.95
CA ASN A 256 -61.97 10.79 3.25
C ASN A 256 -60.91 9.68 3.03
N CYS A 257 -61.32 8.53 2.52
CA CYS A 257 -60.37 7.42 2.27
C CYS A 257 -59.41 7.81 1.12
N THR A 258 -58.12 7.48 1.25
CA THR A 258 -57.14 7.87 0.23
C THR A 258 -57.02 6.78 -0.82
N PHE A 259 -57.19 5.51 -0.43
CA PHE A 259 -57.08 4.40 -1.41
C PHE A 259 -57.84 3.15 -0.94
N ARG A 260 -58.16 2.26 -1.88
CA ARG A 260 -58.89 1.01 -1.55
C ARG A 260 -58.40 -0.11 -2.48
N TYR A 261 -57.70 -1.11 -1.95
CA TYR A 261 -57.19 -2.23 -2.72
C TYR A 261 -57.77 -3.52 -2.18
N ASN A 262 -57.64 -4.57 -2.98
CA ASN A 262 -58.08 -5.93 -2.58
C ASN A 262 -57.17 -6.93 -3.31
N TYR A 263 -56.94 -8.11 -2.72
CA TYR A 263 -56.10 -9.14 -3.32
C TYR A 263 -56.82 -10.47 -3.19
N THR A 264 -56.79 -11.27 -4.26
CA THR A 264 -57.48 -12.56 -4.30
C THR A 264 -56.59 -13.67 -3.75
N ILE A 265 -57.21 -14.57 -3.00
CA ILE A 265 -56.51 -15.64 -2.30
C ILE A 265 -57.13 -16.98 -2.72
N THR A 266 -56.26 -17.97 -2.96
CA THR A 266 -56.71 -19.34 -3.20
C THR A 266 -57.00 -20.05 -1.88
N GLU A 267 -58.20 -20.59 -1.76
CA GLU A 267 -58.63 -21.23 -0.52
C GLU A 267 -58.02 -22.61 -0.38
N ASP A 268 -57.39 -22.87 0.77
CA ASP A 268 -56.86 -24.19 1.12
C ASP A 268 -56.60 -24.22 2.63
N GLU A 269 -55.89 -25.25 3.09
CA GLU A 269 -55.58 -25.41 4.51
C GLU A 269 -54.08 -25.51 4.76
N ASN A 270 -53.27 -24.89 3.93
CA ASN A 270 -51.82 -24.91 4.11
C ASN A 270 -51.39 -23.82 5.09
N ALA A 271 -50.37 -24.12 5.88
CA ALA A 271 -49.76 -23.12 6.73
C ALA A 271 -49.14 -22.01 5.86
N GLU A 272 -49.13 -20.78 6.39
CA GLU A 272 -48.77 -19.59 5.63
C GLU A 272 -47.96 -18.62 6.51
N TRP A 273 -47.28 -17.68 5.85
CA TRP A 273 -46.59 -16.57 6.51
C TRP A 273 -46.98 -15.24 5.87
N PHE A 274 -47.10 -14.20 6.69
CA PHE A 274 -47.42 -12.85 6.25
C PHE A 274 -46.51 -11.86 6.96
N GLY A 275 -46.16 -10.77 6.28
CA GLY A 275 -45.27 -9.79 6.87
C GLY A 275 -45.53 -8.38 6.39
N ILE A 276 -45.09 -7.40 7.19
CA ILE A 276 -45.31 -5.98 6.91
C ILE A 276 -44.14 -5.17 7.46
N THR A 277 -43.66 -4.22 6.65
CA THR A 277 -42.61 -3.26 7.03
C THR A 277 -42.98 -1.89 6.45
N GLN A 278 -42.18 -0.87 6.78
CA GLN A 278 -42.36 0.47 6.24
C GLN A 278 -41.01 1.16 6.07
N ASP A 279 -40.84 1.91 4.99
CA ASP A 279 -39.65 2.74 4.81
C ASP A 279 -40.05 3.99 4.02
N THR A 280 -39.07 4.70 3.45
CA THR A 280 -39.34 5.94 2.74
C THR A 280 -40.33 5.76 1.60
N GLN A 281 -40.31 4.60 0.94
CA GLN A 281 -41.16 4.37 -0.22
C GLN A 281 -42.55 3.85 0.14
N GLY A 282 -42.89 3.74 1.41
CA GLY A 282 -44.22 3.33 1.83
C GLY A 282 -44.27 2.08 2.70
N VAL A 283 -45.44 1.46 2.80
CA VAL A 283 -45.65 0.23 3.57
C VAL A 283 -45.57 -0.95 2.61
N HIS A 284 -44.76 -1.94 2.93
CA HIS A 284 -44.57 -3.14 2.10
C HIS A 284 -45.23 -4.36 2.76
N LEU A 285 -45.91 -5.18 1.94
CA LEU A 285 -46.56 -6.41 2.39
C LEU A 285 -45.93 -7.64 1.73
N TYR A 286 -45.73 -8.71 2.51
CA TYR A 286 -45.07 -9.92 2.02
C TYR A 286 -45.90 -11.15 2.33
N SER A 287 -45.70 -12.21 1.56
CA SER A 287 -46.48 -13.42 1.74
C SER A 287 -45.76 -14.63 1.13
N SER A 288 -45.86 -15.77 1.80
CA SER A 288 -45.34 -17.02 1.26
C SER A 288 -46.22 -17.62 0.16
N ARG A 289 -47.43 -17.10 -0.03
CA ARG A 289 -48.30 -17.55 -1.11
C ARG A 289 -47.90 -17.01 -2.48
N LYS A 290 -47.00 -16.02 -2.53
CA LYS A 290 -46.71 -15.32 -3.77
C LYS A 290 -46.10 -16.25 -4.82
N GLU A 291 -45.14 -17.08 -4.43
CA GLU A 291 -44.45 -17.96 -5.38
C GLU A 291 -44.76 -19.43 -5.18
N ASN A 292 -44.62 -19.95 -3.97
CA ASN A 292 -44.76 -21.39 -3.71
C ASN A 292 -45.22 -21.57 -2.27
N VAL A 293 -46.52 -21.81 -2.08
CA VAL A 293 -47.04 -21.92 -0.73
C VAL A 293 -46.50 -23.15 0.02
N PHE A 294 -45.91 -24.12 -0.66
CA PHE A 294 -45.31 -25.25 0.04
C PHE A 294 -43.91 -24.97 0.56
N ARG A 295 -43.35 -23.79 0.28
CA ARG A 295 -42.16 -23.28 0.93
C ARG A 295 -42.54 -22.08 1.79
N ASN A 296 -41.72 -21.76 2.79
CA ASN A 296 -42.11 -20.73 3.74
C ASN A 296 -41.41 -19.38 3.51
N ASN A 297 -40.69 -19.20 2.41
CA ASN A 297 -40.09 -17.90 2.11
C ASN A 297 -41.18 -16.88 1.77
N MET A 298 -41.09 -15.68 2.34
CA MET A 298 -42.04 -14.61 2.03
C MET A 298 -41.53 -13.72 0.91
N PHE A 299 -42.42 -13.35 0.00
CA PHE A 299 -42.08 -12.51 -1.15
C PHE A 299 -42.95 -11.26 -1.17
N HIS A 300 -42.37 -10.14 -1.59
CA HIS A 300 -43.09 -8.87 -1.69
C HIS A 300 -44.23 -8.98 -2.70
N PHE A 301 -45.42 -8.50 -2.33
CA PHE A 301 -46.55 -8.49 -3.26
C PHE A 301 -47.32 -7.17 -3.35
N ALA A 302 -47.05 -6.17 -2.52
CA ALA A 302 -47.71 -4.88 -2.63
C ALA A 302 -46.94 -3.81 -1.87
N THR A 303 -47.10 -2.57 -2.33
CA THR A 303 -46.59 -1.37 -1.65
C THR A 303 -47.75 -0.37 -1.50
N LEU A 304 -47.93 0.15 -0.31
CA LEU A 304 -49.04 1.04 -0.04
C LEU A 304 -48.55 2.45 0.23
N PRO A 305 -49.18 3.48 -0.36
CA PRO A 305 -48.72 4.88 -0.19
C PRO A 305 -49.13 5.47 1.15
N VAL A 306 -48.48 4.99 2.21
CA VAL A 306 -48.63 5.48 3.58
C VAL A 306 -47.25 5.93 4.01
N TYR A 307 -47.04 7.24 4.09
CA TYR A 307 -45.71 7.82 4.26
C TYR A 307 -45.43 8.39 5.65
N GLN A 308 -46.45 8.78 6.40
CA GLN A 308 -46.25 9.11 7.81
C GLN A 308 -45.91 7.85 8.60
N LYS A 309 -44.99 7.97 9.54
CA LYS A 309 -44.46 6.81 10.24
C LYS A 309 -45.54 6.10 11.06
N ILE A 310 -45.61 4.78 10.91
CA ILE A 310 -46.52 3.95 11.69
C ILE A 310 -45.90 3.66 13.04
N LEU A 311 -46.63 3.93 14.11
CA LEU A 311 -46.13 3.74 15.47
C LEU A 311 -46.85 2.66 16.25
N TYR A 312 -48.11 2.38 15.94
CA TYR A 312 -48.96 1.51 16.72
C TYR A 312 -49.74 0.55 15.83
N TYR A 313 -50.02 -0.64 16.35
CA TYR A 313 -50.94 -1.57 15.72
C TYR A 313 -51.71 -2.35 16.78
N THR A 314 -52.87 -2.86 16.38
CA THR A 314 -53.80 -3.59 17.22
C THR A 314 -54.43 -4.71 16.40
N VAL A 315 -54.57 -5.89 17.01
CA VAL A 315 -55.28 -7.00 16.36
C VAL A 315 -56.77 -6.77 16.51
N ILE A 316 -57.51 -6.91 15.41
CA ILE A 316 -58.97 -6.81 15.41
C ILE A 316 -59.52 -8.23 15.63
N PRO A 317 -60.12 -8.53 16.77
CA PRO A 317 -60.63 -9.89 17.01
C PRO A 317 -61.77 -10.26 16.06
N ARG A 318 -61.82 -11.54 15.71
CA ARG A 318 -62.89 -12.10 14.90
C ARG A 318 -63.66 -13.11 15.74
N SER A 319 -64.95 -13.24 15.46
CA SER A 319 -65.79 -14.22 16.14
C SER A 319 -66.80 -14.75 15.13
N ILE A 320 -66.72 -16.04 14.86
CA ILE A 320 -67.53 -16.67 13.81
C ILE A 320 -68.86 -17.09 14.39
N ARG A 321 -69.96 -16.65 13.75
CA ARG A 321 -71.31 -17.01 14.19
C ARG A 321 -71.74 -18.32 13.53
N SER A 322 -71.06 -19.38 13.94
CA SER A 322 -71.41 -20.68 13.39
C SER A 322 -72.63 -21.27 14.11
N PRO A 323 -73.47 -22.00 13.40
CA PRO A 323 -74.64 -22.62 14.03
C PRO A 323 -74.26 -23.74 14.99
N PHE A 324 -75.15 -23.99 15.95
CA PHE A 324 -74.87 -24.97 17.02
C PHE A 324 -74.58 -26.36 16.47
N ASN A 325 -75.20 -26.72 15.34
CA ASN A 325 -74.94 -28.04 14.77
C ASN A 325 -73.59 -28.11 14.07
N ASP A 326 -73.09 -26.98 13.56
CA ASP A 326 -71.81 -26.93 12.85
C ASP A 326 -70.85 -26.03 13.62
N ARG A 327 -70.20 -26.58 14.62
CA ARG A 327 -69.26 -25.84 15.46
C ARG A 327 -67.84 -26.25 15.12
N LYS A 328 -66.92 -25.30 15.19
CA LYS A 328 -65.58 -25.49 14.68
C LYS A 328 -64.55 -24.96 15.67
N ALA A 329 -63.31 -25.42 15.49
CA ALA A 329 -62.15 -24.91 16.22
C ALA A 329 -61.23 -24.20 15.23
N TRP A 330 -60.63 -23.09 15.66
CA TRP A 330 -59.84 -22.24 14.79
C TRP A 330 -58.39 -22.18 15.21
N ALA A 331 -57.49 -22.30 14.23
CA ALA A 331 -56.06 -22.31 14.50
C ALA A 331 -55.60 -20.97 15.05
N ALA A 332 -54.77 -21.03 16.08
CA ALA A 332 -54.12 -19.84 16.61
C ALA A 332 -53.10 -19.30 15.61
N PHE A 333 -52.79 -18.02 15.72
CA PHE A 333 -51.70 -17.44 14.94
C PHE A 333 -50.72 -16.74 15.86
N TYR A 334 -49.51 -16.50 15.33
CA TYR A 334 -48.38 -16.04 16.12
C TYR A 334 -47.67 -14.87 15.44
N ILE A 335 -47.35 -13.85 16.23
CA ILE A 335 -46.71 -12.62 15.74
C ILE A 335 -45.30 -12.52 16.31
N TYR A 336 -44.32 -12.30 15.43
CA TYR A 336 -42.92 -12.14 15.83
C TYR A 336 -42.38 -10.81 15.32
N LYS A 337 -41.70 -10.07 16.18
CA LYS A 337 -41.17 -8.77 15.79
C LYS A 337 -39.91 -8.91 14.93
N LEU A 338 -39.71 -7.93 14.05
CA LEU A 338 -38.54 -7.85 13.19
C LEU A 338 -37.48 -6.96 13.81
N HIS A 339 -36.22 -7.28 13.55
CA HIS A 339 -35.11 -6.45 14.00
C HIS A 339 -34.09 -6.27 12.89
N PRO A 340 -33.38 -5.16 12.88
CA PRO A 340 -32.28 -4.99 11.92
C PRO A 340 -31.07 -5.83 12.32
N LEU A 341 -30.78 -6.88 11.57
CA LEU A 341 -29.79 -7.88 11.94
C LEU A 341 -29.03 -8.36 10.70
N THR A 342 -27.94 -9.07 10.94
CA THR A 342 -27.20 -9.76 9.90
C THR A 342 -27.49 -11.25 9.98
N TYR A 343 -27.82 -11.84 8.84
CA TYR A 343 -28.16 -13.26 8.75
C TYR A 343 -27.25 -13.96 7.75
N LEU A 344 -26.98 -15.24 8.00
CA LEU A 344 -26.33 -16.11 7.02
C LEU A 344 -27.43 -16.92 6.32
N LEU A 345 -27.46 -16.85 4.99
CA LEU A 345 -28.51 -17.46 4.18
C LEU A 345 -27.91 -18.52 3.25
N ASN A 346 -28.57 -19.68 3.19
CA ASN A 346 -28.21 -20.75 2.27
C ASN A 346 -29.29 -20.90 1.19
N PHE A 347 -28.89 -20.82 -0.07
CA PHE A 347 -29.80 -20.92 -1.20
C PHE A 347 -29.60 -22.26 -1.89
N ASP A 348 -30.70 -22.93 -2.25
CA ASP A 348 -30.54 -24.18 -2.98
C ASP A 348 -30.46 -23.88 -4.48
N VAL A 349 -30.42 -24.92 -5.30
CA VAL A 349 -30.26 -24.74 -6.74
C VAL A 349 -31.45 -24.02 -7.35
N GLU A 350 -32.67 -24.35 -6.89
CA GLU A 350 -33.87 -23.72 -7.40
C GLU A 350 -34.01 -22.26 -6.95
N GLY A 351 -33.23 -21.82 -5.97
CA GLY A 351 -33.24 -20.45 -5.52
C GLY A 351 -33.90 -20.18 -4.18
N TYR A 352 -34.55 -21.16 -3.56
CA TYR A 352 -35.18 -20.95 -2.26
C TYR A 352 -34.17 -20.91 -1.12
N ILE A 353 -34.53 -20.21 -0.06
CA ILE A 353 -33.74 -20.20 1.17
C ILE A 353 -34.19 -21.38 2.03
N THR A 354 -33.26 -22.30 2.30
CA THR A 354 -33.56 -23.51 3.05
C THR A 354 -33.14 -23.45 4.51
N LYS A 355 -32.13 -22.67 4.86
CA LYS A 355 -31.70 -22.58 6.25
C LYS A 355 -30.96 -21.27 6.45
N ALA A 356 -30.82 -20.89 7.72
CA ALA A 356 -30.24 -19.59 8.05
C ALA A 356 -29.57 -19.65 9.43
N VAL A 357 -28.69 -18.69 9.68
CA VAL A 357 -28.06 -18.52 10.98
C VAL A 357 -28.19 -17.06 11.41
N ASP A 358 -28.65 -16.85 12.65
CA ASP A 358 -28.71 -15.54 13.28
C ASP A 358 -27.34 -15.22 13.87
N CYS A 359 -26.63 -14.28 13.24
CA CYS A 359 -25.20 -14.09 13.52
C CYS A 359 -24.94 -13.67 14.96
N GLY A 360 -25.80 -12.84 15.52
CA GLY A 360 -25.64 -12.33 16.87
C GLY A 360 -26.23 -13.17 17.98
N TYR A 361 -26.61 -14.42 17.71
CA TYR A 361 -27.23 -15.26 18.73
C TYR A 361 -26.21 -15.77 19.75
N ASP A 362 -25.09 -16.35 19.28
CA ASP A 362 -24.02 -16.81 20.18
C ASP A 362 -22.70 -16.81 19.43
N ASP A 363 -21.64 -17.24 20.12
CA ASP A 363 -20.29 -17.15 19.54
C ASP A 363 -20.12 -18.08 18.35
N LEU A 364 -20.71 -19.27 18.39
CA LEU A 364 -20.62 -20.19 17.26
C LEU A 364 -21.28 -19.59 16.01
N ALA A 365 -22.44 -18.96 16.18
CA ALA A 365 -23.12 -18.32 15.05
C ALA A 365 -22.25 -17.22 14.43
N GLN A 366 -21.55 -16.45 15.28
CA GLN A 366 -20.61 -15.46 14.78
C GLN A 366 -19.46 -16.09 14.00
N LEU A 367 -18.92 -17.21 14.50
CA LEU A 367 -17.86 -17.89 13.75
C LEU A 367 -18.34 -18.33 12.37
N GLN A 368 -19.54 -18.91 12.33
CA GLN A 368 -20.10 -19.36 11.06
C GLN A 368 -20.31 -18.20 10.09
N CYS A 369 -20.78 -17.06 10.60
CA CYS A 369 -20.99 -15.90 9.73
C CYS A 369 -19.67 -15.33 9.24
N SER A 370 -18.63 -15.35 10.10
CA SER A 370 -17.32 -14.89 9.66
C SER A 370 -16.78 -15.73 8.52
N TYR A 371 -16.98 -17.05 8.59
CA TYR A 371 -16.49 -17.89 7.50
C TYR A 371 -17.46 -18.00 6.34
N GLN A 372 -18.63 -17.36 6.43
CA GLN A 372 -19.69 -17.47 5.42
C GLN A 372 -19.98 -18.93 5.09
N SER A 373 -20.05 -19.77 6.12
CA SER A 373 -20.21 -21.20 5.91
C SER A 373 -20.99 -21.81 7.05
N PHE A 374 -21.80 -22.80 6.73
CA PHE A 374 -22.44 -23.61 7.76
C PHE A 374 -21.54 -24.72 8.28
N ASP A 375 -20.44 -25.04 7.58
CA ASP A 375 -19.53 -26.11 7.96
C ASP A 375 -18.16 -25.52 8.27
N VAL A 376 -17.77 -25.57 9.54
CA VAL A 376 -16.49 -25.05 10.01
C VAL A 376 -15.64 -26.22 10.49
N GLU A 377 -14.32 -26.10 10.31
CA GLU A 377 -13.40 -27.14 10.77
C GLU A 377 -13.18 -27.05 12.28
N THR A 378 -12.80 -28.17 12.88
CA THR A 378 -12.43 -28.21 14.29
C THR A 378 -11.25 -27.27 14.52
N GLY A 379 -11.33 -26.45 15.56
CA GLY A 379 -10.26 -25.52 15.84
C GLY A 379 -10.58 -24.59 16.99
N VAL A 380 -9.65 -23.66 17.22
CA VAL A 380 -9.75 -22.61 18.22
C VAL A 380 -9.63 -21.28 17.49
N TYR A 381 -10.68 -20.47 17.53
CA TYR A 381 -10.79 -19.28 16.70
C TYR A 381 -11.02 -18.04 17.56
N SER A 382 -10.51 -16.90 17.10
CA SER A 382 -10.77 -15.60 17.71
C SER A 382 -11.95 -14.95 17.01
N VAL A 383 -12.91 -14.46 17.80
CA VAL A 383 -14.11 -13.87 17.22
C VAL A 383 -14.28 -12.45 17.73
N SER A 384 -15.34 -11.79 17.26
CA SER A 384 -15.58 -10.40 17.61
C SER A 384 -15.71 -10.22 19.13
N SER A 385 -15.03 -9.19 19.63
CA SER A 385 -14.99 -8.91 21.05
C SER A 385 -16.37 -8.50 21.57
N PHE A 386 -16.54 -8.58 22.88
CA PHE A 386 -17.79 -8.17 23.50
C PHE A 386 -18.01 -6.67 23.31
N GLU A 387 -19.21 -6.29 22.89
CA GLU A 387 -19.46 -4.90 22.50
C GLU A 387 -19.41 -3.98 23.72
N ALA A 388 -18.68 -2.88 23.59
CA ALA A 388 -18.62 -1.85 24.61
C ALA A 388 -19.25 -0.58 24.06
N SER A 389 -20.42 -0.22 24.59
CA SER A 389 -21.10 0.99 24.21
C SER A 389 -21.28 1.89 25.43
N PRO A 390 -21.36 3.20 25.24
CA PRO A 390 -21.43 4.10 26.40
C PRO A 390 -22.61 3.79 27.29
N ARG A 391 -22.39 3.86 28.60
CA ARG A 391 -23.40 3.51 29.59
C ARG A 391 -23.66 4.64 30.58
N GLY A 392 -23.34 5.87 30.21
CA GLY A 392 -23.55 6.99 31.11
C GLY A 392 -22.93 8.24 30.51
N GLU A 393 -23.05 9.33 31.27
CA GLU A 393 -22.55 10.63 30.85
C GLU A 393 -21.83 11.31 32.01
N PHE A 394 -20.72 11.96 31.71
CA PHE A 394 -19.91 12.69 32.67
C PHE A 394 -19.79 14.12 32.16
N ILE A 395 -20.43 15.06 32.86
CA ILE A 395 -20.55 16.45 32.40
C ILE A 395 -20.08 17.39 33.51
N GLU A 396 -19.10 18.24 33.19
CA GLU A 396 -18.64 19.26 34.16
C GLU A 396 -18.50 20.56 33.36
N GLN A 397 -19.10 21.65 33.84
CA GLN A 397 -18.90 22.96 33.15
C GLN A 397 -18.79 24.08 34.19
N ALA A 398 -18.05 25.12 33.84
CA ALA A 398 -17.91 26.29 34.75
C ALA A 398 -18.97 27.32 34.42
N THR A 399 -19.38 28.11 35.41
CA THR A 399 -20.36 29.17 35.20
C THR A 399 -19.65 30.38 34.59
N THR A 400 -20.09 30.77 33.40
CA THR A 400 -19.42 31.79 32.62
C THR A 400 -20.38 32.93 32.31
N GLN A 401 -19.80 34.06 31.93
CA GLN A 401 -20.57 35.20 31.49
C GLN A 401 -21.03 34.98 30.04
N GLU A 402 -21.82 35.93 29.55
CA GLU A 402 -22.33 35.89 28.19
C GLU A 402 -21.43 36.70 27.28
N CYS A 403 -21.16 36.17 26.08
CA CYS A 403 -20.35 36.89 25.11
C CYS A 403 -21.02 38.20 24.70
N ASP A 404 -20.21 39.23 24.46
CA ASP A 404 -20.70 40.58 24.18
C ASP A 404 -20.74 40.82 22.66
N PHE A 405 -21.94 40.73 22.09
CA PHE A 405 -22.15 41.02 20.68
C PHE A 405 -22.73 42.41 20.44
N THR A 406 -22.90 43.23 21.49
CA THR A 406 -23.50 44.55 21.31
C THR A 406 -22.75 45.44 20.30
N PRO A 407 -21.41 45.46 20.23
CA PRO A 407 -20.77 46.29 19.19
C PRO A 407 -21.20 45.95 17.78
N MET A 408 -21.53 44.69 17.52
CA MET A 408 -21.95 44.29 16.18
C MET A 408 -23.41 44.65 15.90
N LEU A 409 -24.26 44.71 16.94
CA LEU A 409 -25.70 44.92 16.77
C LEU A 409 -26.13 46.37 16.90
N THR A 410 -25.21 47.30 17.16
CA THR A 410 -25.52 48.72 17.29
C THR A 410 -24.55 49.54 16.44
N GLY A 411 -25.04 50.63 15.87
CA GLY A 411 -24.20 51.51 15.08
C GLY A 411 -24.11 51.11 13.62
N THR A 412 -23.11 51.69 12.94
CA THR A 412 -22.92 51.51 11.51
C THR A 412 -21.77 50.55 11.23
N PRO A 413 -21.98 49.45 10.51
CA PRO A 413 -20.85 48.56 10.18
C PRO A 413 -19.87 49.25 9.25
N PRO A 414 -18.58 48.97 9.38
CA PRO A 414 -17.54 49.71 8.65
C PRO A 414 -17.42 49.25 7.20
N PRO A 415 -16.72 50.02 6.35
CA PRO A 415 -16.34 49.51 5.03
C PRO A 415 -15.36 48.34 5.13
N ILE A 416 -15.28 47.58 4.04
CA ILE A 416 -14.57 46.29 4.05
C ILE A 416 -13.09 46.47 4.39
N TYR A 417 -12.44 47.51 3.84
CA TYR A 417 -11.01 47.71 4.10
C TYR A 417 -10.73 48.11 5.55
N ASN A 418 -11.74 48.57 6.28
CA ASN A 418 -11.60 48.92 7.69
C ASN A 418 -12.42 47.96 8.57
N PHE A 419 -12.40 46.67 8.26
CA PHE A 419 -13.30 45.71 8.91
C PHE A 419 -13.07 45.62 10.41
N LYS A 420 -14.13 45.32 11.15
CA LYS A 420 -14.05 45.14 12.60
C LYS A 420 -13.92 43.68 13.00
N ARG A 421 -13.07 43.40 13.99
CA ARG A 421 -12.83 42.04 14.46
C ARG A 421 -13.23 41.90 15.93
N LEU A 422 -13.94 40.80 16.25
CA LEU A 422 -14.30 40.44 17.61
C LEU A 422 -13.76 39.05 17.93
N VAL A 423 -13.25 38.87 19.16
CA VAL A 423 -12.69 37.59 19.62
C VAL A 423 -13.37 37.21 20.92
N PHE A 424 -13.81 35.95 21.04
CA PHE A 424 -14.49 35.49 22.26
C PHE A 424 -13.81 34.26 22.85
N THR A 425 -13.70 34.23 24.18
CA THR A 425 -13.21 33.11 24.95
C THR A 425 -13.96 33.05 26.28
N ASN A 426 -14.11 31.84 26.81
CA ASN A 426 -14.66 31.59 28.15
C ASN A 426 -15.99 32.32 28.37
N CYS A 427 -16.96 32.03 27.50
CA CYS A 427 -18.29 32.66 27.57
C CYS A 427 -19.30 31.81 26.81
N ASN A 428 -20.58 32.05 27.08
CA ASN A 428 -21.68 31.44 26.35
C ASN A 428 -22.42 32.51 25.55
N TYR A 429 -23.07 32.10 24.46
CA TYR A 429 -23.84 33.03 23.64
C TYR A 429 -25.09 32.36 23.09
N ASN A 430 -26.13 33.18 22.88
CA ASN A 430 -27.44 32.69 22.36
C ASN A 430 -27.44 32.75 20.84
N LEU A 431 -27.10 31.64 20.20
CA LEU A 431 -27.03 31.57 18.75
C LEU A 431 -28.40 31.73 18.10
N THR A 432 -29.43 31.12 18.68
CA THR A 432 -30.76 31.17 18.09
C THR A 432 -31.25 32.60 17.95
N LYS A 433 -31.00 33.43 18.97
CA LYS A 433 -31.39 34.82 18.88
C LYS A 433 -30.63 35.56 17.77
N LEU A 434 -29.31 35.34 17.69
CA LEU A 434 -28.51 36.05 16.70
C LEU A 434 -28.94 35.73 15.28
N LEU A 435 -29.20 34.46 14.98
CA LEU A 435 -29.60 34.07 13.63
C LEU A 435 -30.93 34.70 13.21
N SER A 436 -31.85 34.86 14.15
CA SER A 436 -33.15 35.44 13.85
C SER A 436 -33.10 36.93 13.55
N LEU A 437 -31.97 37.60 13.77
CA LEU A 437 -31.83 39.01 13.43
C LEU A 437 -31.45 39.25 11.97
N PHE A 438 -31.09 38.22 11.22
CA PHE A 438 -30.55 38.38 9.87
C PHE A 438 -31.22 37.41 8.89
N GLN A 439 -31.28 37.81 7.63
CA GLN A 439 -31.79 36.95 6.55
C GLN A 439 -30.60 36.51 5.69
N VAL A 440 -30.12 35.29 5.94
CA VAL A 440 -28.92 34.77 5.29
C VAL A 440 -29.21 34.53 3.81
N SER A 441 -28.29 34.97 2.95
CA SER A 441 -28.42 34.69 1.52
C SER A 441 -27.45 33.62 1.03
N GLU A 442 -26.30 33.42 1.66
CA GLU A 442 -25.41 32.33 1.29
C GLU A 442 -24.44 32.03 2.43
N PHE A 443 -23.95 30.79 2.45
CA PHE A 443 -22.83 30.44 3.31
C PHE A 443 -21.95 29.39 2.65
N SER A 444 -20.65 29.46 2.95
CA SER A 444 -19.66 28.50 2.51
C SER A 444 -18.71 28.22 3.66
N CYS A 445 -18.54 26.96 4.04
CA CYS A 445 -17.72 26.62 5.19
C CYS A 445 -16.58 25.69 4.78
N HIS A 446 -15.57 25.61 5.64
CA HIS A 446 -14.34 24.85 5.39
C HIS A 446 -13.95 24.10 6.66
N GLN A 447 -14.04 22.77 6.60
CA GLN A 447 -13.68 21.86 7.68
C GLN A 447 -14.60 21.98 8.91
N VAL A 448 -15.77 22.57 8.76
CA VAL A 448 -16.76 22.66 9.82
C VAL A 448 -18.10 22.94 9.18
N SER A 449 -19.18 22.71 9.93
CA SER A 449 -20.50 23.05 9.42
C SER A 449 -21.26 23.93 10.41
N PRO A 450 -22.16 24.78 9.92
CA PRO A 450 -22.92 25.64 10.84
C PRO A 450 -23.71 24.88 11.91
N SER A 451 -24.29 23.72 11.58
CA SER A 451 -25.01 22.97 12.60
C SER A 451 -24.06 22.44 13.69
N SER A 452 -22.81 22.13 13.36
CA SER A 452 -21.88 21.72 14.40
C SER A 452 -21.48 22.89 15.30
N LEU A 453 -21.31 24.08 14.72
CA LEU A 453 -21.11 25.27 15.53
C LEU A 453 -22.29 25.52 16.48
N ALA A 454 -23.51 25.14 16.07
CA ALA A 454 -24.66 25.32 16.94
C ALA A 454 -24.75 24.31 18.07
N THR A 455 -24.12 23.13 17.93
CA THR A 455 -24.30 22.05 18.90
C THR A 455 -23.02 21.63 19.63
N GLY A 456 -21.90 22.31 19.41
CA GLY A 456 -20.66 21.96 20.09
C GLY A 456 -19.90 23.18 20.52
N CYS A 457 -18.83 22.96 21.29
CA CYS A 457 -18.00 24.01 21.86
C CYS A 457 -16.62 24.06 21.20
N TYR A 458 -15.92 25.17 21.41
CA TYR A 458 -14.62 25.41 20.78
C TYR A 458 -13.78 26.29 21.70
N SER A 459 -12.46 26.28 21.49
CA SER A 459 -11.54 27.05 22.32
C SER A 459 -11.72 28.55 22.14
N SER A 460 -12.00 29.01 20.91
CA SER A 460 -12.20 30.44 20.66
C SER A 460 -12.99 30.63 19.36
N LEU A 461 -13.54 31.83 19.23
CA LEU A 461 -14.43 32.21 18.13
C LEU A 461 -14.07 33.62 17.67
N THR A 462 -13.71 33.76 16.39
CA THR A 462 -13.32 35.05 15.81
C THR A 462 -14.28 35.42 14.69
N VAL A 463 -14.75 36.67 14.70
CA VAL A 463 -15.70 37.15 13.69
C VAL A 463 -15.19 38.47 13.13
N ASP A 464 -14.93 38.51 11.83
CA ASP A 464 -14.70 39.76 11.11
C ASP A 464 -15.96 40.14 10.33
N TYR A 465 -16.36 41.42 10.38
CA TYR A 465 -17.59 41.82 9.70
C TYR A 465 -17.53 43.23 9.13
N PHE A 466 -18.31 43.46 8.07
CA PHE A 466 -18.29 44.72 7.33
C PHE A 466 -19.54 44.82 6.45
N ALA A 467 -19.86 46.04 6.03
CA ALA A 467 -20.94 46.26 5.07
C ALA A 467 -20.50 45.80 3.67
N TYR A 468 -21.36 45.09 2.96
CA TYR A 468 -20.95 44.53 1.68
C TYR A 468 -22.17 44.20 0.83
N SER A 469 -22.13 44.60 -0.43
CA SER A 469 -23.26 44.35 -1.34
C SER A 469 -23.27 42.89 -1.76
N THR A 470 -24.42 42.24 -1.62
CA THR A 470 -24.50 40.80 -1.90
C THR A 470 -24.24 40.49 -3.39
N ASP A 471 -24.52 41.43 -4.29
CA ASP A 471 -24.25 41.18 -5.70
C ASP A 471 -22.75 41.15 -6.05
N MET A 472 -21.86 41.50 -5.12
CA MET A 472 -20.42 41.35 -5.31
C MET A 472 -19.88 40.05 -4.69
N SER A 473 -20.75 39.09 -4.42
CA SER A 473 -20.39 37.88 -3.68
C SER A 473 -19.20 37.15 -4.31
N SER A 474 -19.18 37.01 -5.64
CA SER A 474 -18.13 36.21 -6.27
C SER A 474 -16.73 36.78 -6.02
N TYR A 475 -16.61 38.09 -5.83
CA TYR A 475 -15.32 38.71 -5.57
C TYR A 475 -14.70 38.32 -4.22
N LEU A 476 -15.47 37.71 -3.31
CA LEU A 476 -14.95 37.18 -2.06
C LEU A 476 -14.57 35.71 -2.12
N GLN A 477 -14.74 35.04 -3.26
CA GLN A 477 -14.43 33.62 -3.34
C GLN A 477 -12.92 33.38 -3.35
N PRO A 478 -12.47 32.24 -2.84
CA PRO A 478 -11.04 31.92 -2.91
C PRO A 478 -10.59 31.82 -4.37
N GLY A 479 -9.39 32.33 -4.63
CA GLY A 479 -8.84 32.36 -5.96
C GLY A 479 -9.39 33.44 -6.86
N SER A 480 -10.24 34.34 -6.36
CA SER A 480 -10.71 35.47 -7.17
C SER A 480 -9.54 36.35 -7.58
N ALA A 481 -9.64 36.92 -8.77
CA ALA A 481 -8.55 37.75 -9.30
C ALA A 481 -8.78 39.26 -9.13
N GLY A 482 -9.89 39.68 -8.54
CA GLY A 482 -10.27 41.08 -8.54
C GLY A 482 -9.60 41.92 -7.45
N GLU A 483 -10.05 43.17 -7.38
CA GLU A 483 -9.51 44.14 -6.42
C GLU A 483 -9.89 43.85 -4.97
N ILE A 484 -10.99 43.15 -4.71
CA ILE A 484 -11.43 42.89 -3.34
C ILE A 484 -10.39 42.08 -2.59
N VAL A 485 -9.97 40.96 -3.17
CA VAL A 485 -8.97 40.12 -2.53
C VAL A 485 -7.60 40.79 -2.49
N GLN A 486 -7.26 41.57 -3.53
CA GLN A 486 -5.92 42.17 -3.58
C GLN A 486 -5.73 43.29 -2.56
N PHE A 487 -6.74 44.15 -2.38
CA PHE A 487 -6.53 45.37 -1.62
C PHE A 487 -7.48 45.57 -0.42
N ASN A 488 -8.42 44.67 -0.16
CA ASN A 488 -9.42 44.90 0.88
C ASN A 488 -9.49 43.80 1.94
N TYR A 489 -9.74 42.54 1.56
CA TYR A 489 -9.85 41.44 2.53
C TYR A 489 -9.55 40.13 1.83
N LYS A 490 -8.68 39.33 2.42
CA LYS A 490 -8.34 38.00 1.91
C LYS A 490 -8.57 36.98 3.02
N GLN A 491 -9.45 36.02 2.77
CA GLN A 491 -9.84 35.04 3.77
C GLN A 491 -8.70 34.05 4.04
N ASP A 492 -8.38 33.83 5.33
CA ASP A 492 -7.39 32.84 5.75
C ASP A 492 -8.04 31.47 5.95
N PHE A 493 -7.36 30.42 5.48
CA PHE A 493 -7.88 29.06 5.58
C PHE A 493 -7.07 28.17 6.51
N SER A 494 -6.29 28.76 7.42
CA SER A 494 -5.44 27.97 8.31
C SER A 494 -6.24 27.29 9.43
N ASN A 495 -7.39 27.84 9.82
CA ASN A 495 -8.30 27.29 10.81
C ASN A 495 -9.66 27.01 10.16
N PRO A 496 -10.49 26.15 10.76
CA PRO A 496 -11.85 25.96 10.23
C PRO A 496 -12.60 27.29 10.19
N THR A 497 -13.30 27.54 9.08
CA THR A 497 -13.79 28.88 8.81
C THR A 497 -15.05 28.81 7.94
N CYS A 498 -15.91 29.84 8.08
CA CYS A 498 -17.12 29.93 7.27
C CYS A 498 -17.40 31.38 6.89
N ARG A 499 -17.86 31.58 5.65
CA ARG A 499 -18.14 32.90 5.07
C ARG A 499 -19.65 33.03 4.86
N VAL A 500 -20.25 34.06 5.46
CA VAL A 500 -21.70 34.23 5.48
C VAL A 500 -22.06 35.62 4.95
N LEU A 501 -23.02 35.69 4.03
CA LEU A 501 -23.59 36.95 3.57
C LEU A 501 -25.05 37.05 4.00
N ALA A 502 -25.48 38.25 4.40
CA ALA A 502 -26.83 38.40 4.95
C ALA A 502 -27.35 39.80 4.77
N THR A 503 -28.67 39.94 4.90
CA THR A 503 -29.39 41.20 4.81
C THR A 503 -29.98 41.55 6.18
N VAL A 504 -29.95 42.83 6.52
CA VAL A 504 -30.48 43.32 7.79
C VAL A 504 -31.92 43.78 7.56
N PRO A 505 -32.91 43.13 8.16
CA PRO A 505 -34.30 43.55 7.96
C PRO A 505 -34.55 44.96 8.49
N GLN A 506 -35.46 45.66 7.81
CA GLN A 506 -35.61 47.10 8.02
C GLN A 506 -36.01 47.44 9.46
N ASN A 507 -36.94 46.69 10.03
CA ASN A 507 -37.48 47.03 11.35
C ASN A 507 -36.82 46.31 12.50
N LEU A 508 -36.07 45.25 12.24
CA LEU A 508 -35.73 44.27 13.27
C LEU A 508 -34.68 44.79 14.24
N THR A 509 -33.64 45.44 13.75
CA THR A 509 -32.43 45.65 14.54
C THR A 509 -32.20 47.13 14.83
N THR A 510 -31.11 47.42 15.55
CA THR A 510 -30.64 48.77 15.82
C THR A 510 -29.39 49.14 15.02
N ILE A 511 -29.06 48.40 13.97
CA ILE A 511 -27.95 48.74 13.09
C ILE A 511 -28.38 49.88 12.17
N THR A 512 -27.50 50.86 11.97
CA THR A 512 -27.78 52.00 11.12
C THR A 512 -27.01 51.90 9.81
N LYS A 513 -27.60 52.42 8.74
CA LYS A 513 -27.08 52.38 7.39
C LYS A 513 -25.98 53.44 7.19
N PRO A 514 -24.89 53.09 6.52
CA PRO A 514 -24.00 54.11 5.97
C PRO A 514 -24.60 54.71 4.71
N SER A 515 -24.04 55.85 4.31
CA SER A 515 -24.47 56.49 3.08
C SER A 515 -24.12 55.66 1.85
N ASN A 516 -22.89 55.15 1.78
CA ASN A 516 -22.38 54.45 0.61
C ASN A 516 -21.73 53.13 1.00
N TYR A 517 -21.74 52.18 0.06
CA TYR A 517 -20.77 51.10 0.07
C TYR A 517 -19.45 51.61 -0.51
N ALA A 518 -18.34 51.02 -0.09
CA ALA A 518 -17.03 51.51 -0.54
C ALA A 518 -15.99 50.40 -0.52
N TYR A 519 -15.02 50.49 -1.43
CA TYR A 519 -13.85 49.61 -1.46
C TYR A 519 -12.70 50.27 -2.23
N LEU A 520 -11.50 49.77 -1.98
CA LEU A 520 -10.27 50.29 -2.59
C LEU A 520 -9.98 49.58 -3.91
N THR A 521 -9.59 50.35 -4.91
CA THR A 521 -9.25 49.78 -6.21
C THR A 521 -7.75 49.58 -6.42
N GLU A 522 -6.90 50.24 -5.63
CA GLU A 522 -5.46 50.03 -5.73
C GLU A 522 -4.77 50.55 -4.48
N CYS A 523 -3.56 50.04 -4.25
CA CYS A 523 -2.71 50.52 -3.17
C CYS A 523 -1.27 50.26 -3.60
N TYR A 524 -0.48 51.33 -3.78
CA TYR A 524 0.86 51.16 -4.31
C TYR A 524 1.83 52.18 -3.74
N LYS A 525 3.10 51.80 -3.72
CA LYS A 525 4.21 52.70 -3.44
C LYS A 525 4.79 53.19 -4.75
N THR A 526 5.02 54.50 -4.84
CA THR A 526 5.59 55.08 -6.05
C THR A 526 7.08 54.80 -6.10
N LYS A 531 4.82 51.79 -10.61
CA LYS A 531 3.97 51.42 -9.49
C LYS A 531 4.45 50.12 -8.86
N ASN A 532 4.48 50.09 -7.53
CA ASN A 532 4.83 48.90 -6.76
C ASN A 532 3.64 48.54 -5.88
N TYR A 533 2.82 47.60 -6.35
CA TYR A 533 1.56 47.27 -5.67
C TYR A 533 1.81 46.53 -4.37
N LEU A 534 1.00 46.82 -3.36
CA LEU A 534 1.08 46.19 -2.05
C LEU A 534 -0.21 45.42 -1.80
N TYR A 535 -0.11 44.10 -1.66
CA TYR A 535 -1.26 43.23 -1.55
C TYR A 535 -1.50 42.80 -0.10
N ASN A 536 -2.78 42.60 0.23
CA ASN A 536 -3.15 42.16 1.57
C ASN A 536 -2.58 40.76 1.89
N ALA A 537 -2.10 40.59 3.11
CA ALA A 537 -1.85 39.26 3.64
C ALA A 537 -3.17 38.58 4.02
N PRO A 538 -3.20 37.24 4.06
CA PRO A 538 -4.44 36.54 4.47
C PRO A 538 -4.80 36.88 5.90
N GLY A 539 -6.00 37.43 6.08
CA GLY A 539 -6.48 37.84 7.38
C GLY A 539 -6.00 39.20 7.86
N GLY A 540 -5.19 39.91 7.08
CA GLY A 540 -4.59 41.15 7.51
C GLY A 540 -5.31 42.38 6.95
N TYR A 541 -4.79 43.54 7.34
CA TYR A 541 -5.28 44.82 6.88
C TYR A 541 -4.41 45.34 5.73
N THR A 542 -5.02 46.15 4.86
CA THR A 542 -4.24 46.79 3.79
C THR A 542 -3.19 47.73 4.39
N PRO A 543 -1.99 47.78 3.82
CA PRO A 543 -1.00 48.78 4.27
C PRO A 543 -1.47 50.22 4.07
N CYS A 544 -2.44 50.46 3.19
CA CYS A 544 -2.96 51.79 2.94
C CYS A 544 -4.05 52.22 3.94
N LEU A 545 -4.20 51.55 5.09
CA LEU A 545 -5.36 51.78 5.93
C LEU A 545 -5.42 53.22 6.43
N SER A 546 -4.29 53.76 6.89
CA SER A 546 -4.28 55.14 7.40
C SER A 546 -4.66 56.14 6.33
N LEU A 547 -4.08 56.01 5.13
CA LEU A 547 -4.41 56.92 4.04
C LEU A 547 -5.89 56.89 3.71
N ALA A 548 -6.49 55.70 3.68
CA ALA A 548 -7.88 55.55 3.29
C ALA A 548 -8.84 56.19 4.29
N SER A 549 -8.42 56.38 5.54
CA SER A 549 -9.26 57.02 6.55
C SER A 549 -9.53 58.50 6.28
N ARG A 550 -8.86 59.13 5.32
CA ARG A 550 -9.23 60.50 4.96
C ARG A 550 -10.60 60.59 4.32
N GLY A 551 -11.21 59.47 3.96
CA GLY A 551 -12.55 59.44 3.39
C GLY A 551 -12.55 59.59 1.89
N PHE A 552 -13.60 59.07 1.26
CA PHE A 552 -13.78 59.15 -0.18
C PHE A 552 -15.10 59.85 -0.48
N SER A 553 -15.04 60.93 -1.24
CA SER A 553 -16.22 61.71 -1.57
C SER A 553 -16.76 61.45 -2.96
N THR A 554 -15.93 60.95 -3.88
CA THR A 554 -16.35 60.66 -5.24
C THR A 554 -15.71 59.37 -5.70
N LYS A 555 -16.28 58.78 -6.76
CA LYS A 555 -15.69 57.58 -7.35
C LYS A 555 -14.29 57.89 -7.91
N TYR A 556 -13.36 56.96 -7.66
CA TYR A 556 -11.97 57.04 -8.12
C TYR A 556 -11.26 58.29 -7.61
N GLN A 557 -11.53 58.66 -6.36
CA GLN A 557 -10.76 59.69 -5.68
C GLN A 557 -9.52 59.06 -5.05
N SER A 558 -8.38 59.73 -5.19
CA SER A 558 -7.10 59.25 -4.71
C SER A 558 -6.59 60.09 -3.54
N HIS A 559 -5.81 59.46 -2.68
CA HIS A 559 -5.07 60.12 -1.62
C HIS A 559 -3.62 59.62 -1.63
N SER A 560 -2.70 60.50 -1.29
CA SER A 560 -1.29 60.16 -1.23
C SER A 560 -0.64 60.83 -0.03
N ASP A 561 0.45 60.24 0.45
CA ASP A 561 1.26 60.86 1.50
C ASP A 561 2.71 61.05 1.06
N GLY A 562 2.99 60.90 -0.23
CA GLY A 562 4.35 61.02 -0.73
C GLY A 562 4.97 59.68 -1.08
N GLU A 563 4.68 58.66 -0.27
CA GLU A 563 5.18 57.32 -0.52
C GLU A 563 4.08 56.34 -0.91
N LEU A 564 2.98 56.31 -0.16
CA LEU A 564 1.83 55.47 -0.48
C LEU A 564 0.77 56.26 -1.23
N THR A 565 0.08 55.58 -2.13
CA THR A 565 -1.08 56.11 -2.85
C THR A 565 -2.17 55.05 -2.89
N THR A 566 -3.42 55.46 -2.66
CA THR A 566 -4.56 54.56 -2.75
C THR A 566 -5.73 55.27 -3.43
N THR A 567 -6.62 54.48 -4.03
CA THR A 567 -7.79 54.98 -4.75
C THR A 567 -9.04 54.24 -4.27
N GLY A 568 -10.15 54.95 -4.20
CA GLY A 568 -11.39 54.40 -3.68
C GLY A 568 -12.57 54.51 -4.65
N TYR A 569 -13.56 53.65 -4.45
CA TYR A 569 -14.78 53.62 -5.24
C TYR A 569 -15.96 53.56 -4.27
N ILE A 570 -16.99 54.37 -4.53
CA ILE A 570 -18.16 54.46 -3.66
C ILE A 570 -19.42 54.39 -4.51
N TYR A 571 -20.49 53.82 -3.95
CA TYR A 571 -21.80 53.80 -4.59
C TYR A 571 -22.88 53.71 -3.53
N PRO A 572 -24.08 54.25 -3.79
CA PRO A 572 -25.07 54.40 -2.73
C PRO A 572 -25.68 53.09 -2.26
N VAL A 573 -26.10 53.09 -1.00
CA VAL A 573 -26.86 51.96 -0.43
C VAL A 573 -28.31 52.07 -0.86
N THR A 574 -28.85 51.00 -1.44
CA THR A 574 -30.24 50.97 -1.88
C THR A 574 -30.96 49.79 -1.26
N GLY A 575 -32.10 50.05 -0.63
CA GLY A 575 -32.82 49.00 0.08
C GLY A 575 -32.21 48.70 1.45
N ASN A 576 -32.50 47.49 1.92
CA ASN A 576 -31.98 47.05 3.21
C ASN A 576 -30.46 46.92 3.14
N LEU A 577 -29.80 47.19 4.27
CA LEU A 577 -28.35 47.03 4.34
C LEU A 577 -27.95 45.56 4.25
N GLN A 578 -26.83 45.30 3.59
CA GLN A 578 -26.30 43.95 3.43
C GLN A 578 -24.88 43.87 3.98
N MET A 579 -24.54 42.75 4.62
CA MET A 579 -23.26 42.59 5.32
C MET A 579 -22.61 41.24 4.99
N ALA A 580 -21.33 41.14 5.36
CA ALA A 580 -20.56 39.91 5.28
C ALA A 580 -19.95 39.60 6.64
N PHE A 581 -19.86 38.31 6.98
CA PHE A 581 -19.26 37.84 8.22
C PHE A 581 -18.27 36.71 7.90
N ILE A 582 -17.05 36.81 8.40
CA ILE A 582 -16.03 35.77 8.25
C ILE A 582 -15.76 35.19 9.63
N ILE A 583 -16.12 33.94 9.83
CA ILE A 583 -16.11 33.30 11.14
C ILE A 583 -15.05 32.21 11.16
N SER A 584 -14.26 32.13 12.24
CA SER A 584 -13.29 31.05 12.40
C SER A 584 -13.24 30.59 13.87
N VAL A 585 -12.95 29.29 14.06
CA VAL A 585 -12.88 28.71 15.40
C VAL A 585 -11.56 27.96 15.59
N GLN A 586 -11.26 27.69 16.85
CA GLN A 586 -10.10 26.90 17.24
C GLN A 586 -10.53 25.83 18.23
N TYR A 587 -9.84 24.68 18.20
CA TYR A 587 -10.15 23.56 19.08
C TYR A 587 -8.93 23.23 19.94
N GLY A 588 -9.18 23.04 21.23
CA GLY A 588 -8.14 22.60 22.17
C GLY A 588 -6.95 23.52 22.37
N THR A 589 -7.18 24.82 22.49
CA THR A 589 -6.10 25.76 22.78
C THR A 589 -6.35 26.55 24.05
N ASP A 590 -7.30 26.13 24.88
CA ASP A 590 -7.64 26.83 26.10
C ASP A 590 -8.20 25.84 27.11
N THR A 591 -8.09 26.18 28.39
CA THR A 591 -8.65 25.31 29.43
C THR A 591 -10.15 25.48 29.60
N ASN A 592 -10.72 26.57 29.08
CA ASN A 592 -12.14 26.82 29.03
C ASN A 592 -12.58 26.90 27.57
N SER A 593 -13.89 27.02 27.35
CA SER A 593 -14.46 26.96 26.02
C SER A 593 -15.47 28.09 25.79
N VAL A 594 -15.88 28.24 24.54
CA VAL A 594 -17.02 29.06 24.12
C VAL A 594 -18.14 28.10 23.72
N CYS A 595 -19.34 28.31 24.24
CA CYS A 595 -20.43 27.37 23.96
C CYS A 595 -21.71 28.08 23.56
N PRO A 596 -22.40 27.64 22.53
CA PRO A 596 -23.78 28.11 22.31
C PRO A 596 -24.69 27.65 23.44
N MET A 597 -25.65 28.50 23.80
CA MET A 597 -26.51 28.21 24.95
C MET A 597 -27.30 26.93 24.76
N GLN A 598 -27.69 26.61 23.53
CA GLN A 598 -28.48 25.40 23.27
C GLN A 598 -27.72 24.12 23.56
N ALA A 599 -26.40 24.15 23.65
CA ALA A 599 -25.60 22.95 23.88
C ALA A 599 -25.32 22.68 25.35
N LEU A 600 -25.75 23.55 26.26
CA LEU A 600 -25.46 23.38 27.68
C LEU A 600 -26.35 22.31 28.30
N ARG A 601 -25.79 21.55 29.24
CA ARG A 601 -26.49 20.50 29.96
C ARG A 601 -26.11 20.53 31.43
N ASN A 602 -26.93 19.88 32.25
CA ASN A 602 -26.68 19.80 33.68
C ASN A 602 -25.46 18.94 33.99
N ASP A 603 -24.70 19.34 35.01
CA ASP A 603 -23.55 18.57 35.45
C ASP A 603 -23.97 17.21 36.02
N THR A 604 -23.08 16.22 35.87
CA THR A 604 -23.25 14.89 36.46
C THR A 604 -21.92 14.46 37.07
N SER A 605 -21.99 13.50 37.98
CA SER A 605 -20.79 13.01 38.65
C SER A 605 -20.30 11.71 38.02
N ILE A 606 -19.02 11.43 38.24
CA ILE A 606 -18.36 10.21 37.77
C ILE A 606 -18.16 9.19 38.88
N GLU A 607 -18.53 9.52 40.11
CA GLU A 607 -18.21 8.68 41.26
C GLU A 607 -18.83 7.29 41.15
N ASP A 608 -20.06 7.21 40.66
CA ASP A 608 -20.74 5.93 40.50
C ASP A 608 -20.63 5.37 39.09
N LYS A 609 -19.71 5.87 38.28
CA LYS A 609 -19.58 5.43 36.89
C LYS A 609 -18.13 5.11 36.53
N LEU A 610 -17.33 4.73 37.52
CA LEU A 610 -15.93 4.43 37.29
C LEU A 610 -15.75 3.08 36.61
N ASP A 611 -14.70 2.96 35.80
CA ASP A 611 -14.29 1.75 35.11
C ASP A 611 -15.29 1.27 34.06
N VAL A 612 -16.21 2.12 33.60
CA VAL A 612 -17.12 1.76 32.51
C VAL A 612 -17.08 2.86 31.46
N CYS A 613 -17.43 2.48 30.23
CA CYS A 613 -17.39 3.40 29.10
C CYS A 613 -18.56 4.38 29.19
N VAL A 614 -18.25 5.68 29.15
CA VAL A 614 -19.25 6.75 29.19
C VAL A 614 -18.91 7.80 28.13
N GLU A 615 -19.92 8.57 27.75
CA GLU A 615 -19.71 9.79 26.98
C GLU A 615 -19.44 10.92 27.95
N TYR A 616 -18.48 11.78 27.62
CA TYR A 616 -18.10 12.87 28.52
C TYR A 616 -18.07 14.20 27.80
N SER A 617 -18.29 15.26 28.57
CA SER A 617 -18.21 16.65 28.12
C SER A 617 -17.62 17.43 29.29
N LEU A 618 -16.34 17.76 29.20
CA LEU A 618 -15.61 18.38 30.31
C LEU A 618 -15.13 19.76 29.84
N HIS A 619 -15.81 20.81 30.32
CA HIS A 619 -15.51 22.20 29.97
C HIS A 619 -15.43 22.39 28.45
N GLY A 620 -16.31 21.70 27.72
CA GLY A 620 -16.35 21.77 26.28
C GLY A 620 -15.57 20.71 25.53
N ILE A 621 -14.72 19.93 26.19
CA ILE A 621 -13.97 18.85 25.54
C ILE A 621 -14.78 17.56 25.65
N THR A 622 -15.16 16.98 24.51
CA THR A 622 -16.05 15.83 24.50
C THR A 622 -15.34 14.58 23.96
N GLY A 623 -15.91 13.42 24.28
CA GLY A 623 -15.36 12.15 23.83
C GLY A 623 -16.04 10.98 24.52
N ARG A 624 -15.50 9.79 24.27
CA ARG A 624 -15.85 8.56 24.97
C ARG A 624 -14.63 8.04 25.71
N GLY A 625 -14.84 7.44 26.88
CA GLY A 625 -13.71 6.92 27.62
C GLY A 625 -14.11 6.26 28.92
N VAL A 626 -13.10 5.68 29.58
CA VAL A 626 -13.24 4.99 30.85
C VAL A 626 -12.35 5.68 31.88
N PHE A 627 -12.92 5.97 33.04
CA PHE A 627 -12.27 6.81 34.05
C PHE A 627 -11.91 5.99 35.28
N HIS A 628 -10.76 6.28 35.89
CA HIS A 628 -10.28 5.59 37.07
C HIS A 628 -9.55 6.57 37.98
N ASN A 629 -9.77 6.45 39.29
CA ASN A 629 -9.14 7.35 40.27
C ASN A 629 -7.65 7.03 40.40
N CYS A 630 -6.82 8.07 40.38
CA CYS A 630 -5.37 7.91 40.24
C CYS A 630 -4.64 8.96 41.07
N THR A 631 -3.35 8.71 41.32
CA THR A 631 -2.49 9.73 41.90
C THR A 631 -2.27 10.88 40.92
N SER A 632 -2.31 12.11 41.45
CA SER A 632 -2.26 13.30 40.62
C SER A 632 -0.90 13.47 39.94
N VAL A 633 -0.92 13.71 38.63
CA VAL A 633 0.26 14.06 37.85
C VAL A 633 -0.10 15.23 36.92
N GLY A 634 0.94 15.94 36.47
CA GLY A 634 0.74 17.11 35.62
C GLY A 634 0.28 18.33 36.38
N LEU A 635 0.12 19.43 35.65
CA LEU A 635 -0.28 20.71 36.25
C LEU A 635 -1.80 20.78 36.38
N ARG A 636 -2.28 20.90 37.62
CA ARG A 636 -3.72 20.91 37.87
C ARG A 636 -4.40 22.11 37.22
N ASN A 637 -3.75 23.26 37.22
CA ASN A 637 -4.34 24.46 36.63
C ASN A 637 -4.44 24.40 35.11
N GLN A 638 -3.74 23.48 34.45
CA GLN A 638 -3.92 23.26 33.01
C GLN A 638 -5.08 22.30 32.71
N ARG A 639 -5.52 21.54 33.70
CA ARG A 639 -6.77 20.76 33.75
C ARG A 639 -6.82 19.51 32.86
N PHE A 640 -6.00 19.43 31.83
CA PHE A 640 -6.03 18.30 30.90
C PHE A 640 -4.63 17.76 30.76
N VAL A 641 -4.47 16.44 30.82
CA VAL A 641 -3.19 15.78 30.62
C VAL A 641 -3.27 14.98 29.32
N TYR A 642 -2.27 15.12 28.46
CA TYR A 642 -2.21 14.46 27.16
C TYR A 642 -0.94 13.61 27.03
N ASP A 643 -0.95 12.68 26.07
CA ASP A 643 0.21 11.85 25.77
C ASP A 643 0.90 12.35 24.50
N THR A 644 1.87 11.57 23.98
CA THR A 644 2.68 12.01 22.85
C THR A 644 1.91 12.04 21.54
N PHE A 645 0.80 11.32 21.45
CA PHE A 645 -0.04 11.34 20.26
C PHE A 645 -1.18 12.35 20.36
N ASP A 646 -1.14 13.22 21.37
CA ASP A 646 -2.18 14.23 21.60
C ASP A 646 -3.55 13.57 21.85
N ASN A 647 -3.54 12.46 22.55
CA ASN A 647 -4.76 11.85 23.08
C ASN A 647 -4.89 12.18 24.57
N LEU A 648 -6.11 12.49 25.00
CA LEU A 648 -6.36 12.78 26.41
C LEU A 648 -6.13 11.55 27.28
N VAL A 649 -5.34 11.70 28.34
CA VAL A 649 -5.05 10.59 29.25
C VAL A 649 -5.31 10.93 30.72
N GLY A 650 -5.68 12.16 31.04
CA GLY A 650 -5.94 12.51 32.43
C GLY A 650 -6.75 13.79 32.54
N TYR A 651 -7.42 13.93 33.68
CA TYR A 651 -8.29 15.08 33.90
C TYR A 651 -8.32 15.44 35.38
N HIS A 652 -8.11 16.73 35.68
CA HIS A 652 -8.21 17.26 37.04
C HIS A 652 -9.63 17.81 37.23
N SER A 653 -10.39 17.20 38.13
CA SER A 653 -11.78 17.58 38.35
C SER A 653 -11.88 18.71 39.39
N TYR A 654 -12.98 19.46 39.32
CA TYR A 654 -13.19 20.48 40.33
C TYR A 654 -13.60 19.92 41.69
N ASN A 655 -13.80 18.61 41.80
CA ASN A 655 -13.97 17.98 43.11
C ASN A 655 -12.64 17.78 43.83
N GLY A 656 -11.52 18.01 43.16
CA GLY A 656 -10.20 17.86 43.75
C GLY A 656 -9.46 16.59 43.40
N ASN A 657 -10.10 15.63 42.74
CA ASN A 657 -9.47 14.37 42.39
C ASN A 657 -8.93 14.40 40.97
N TYR A 658 -8.00 13.48 40.70
CA TYR A 658 -7.43 13.28 39.38
C TYR A 658 -7.89 11.93 38.85
N TYR A 659 -8.28 11.89 37.58
CA TYR A 659 -8.77 10.68 36.95
C TYR A 659 -7.91 10.32 35.76
N CYS A 660 -7.47 9.07 35.71
CA CYS A 660 -6.89 8.53 34.49
C CYS A 660 -8.00 8.27 33.48
N VAL A 661 -7.71 8.54 32.21
CA VAL A 661 -8.68 8.38 31.14
C VAL A 661 -8.12 7.41 30.12
N ARG A 662 -8.96 6.48 29.67
CA ARG A 662 -8.62 5.47 28.68
C ARG A 662 -9.76 5.35 27.68
N PRO A 663 -9.46 5.03 26.42
CA PRO A 663 -10.55 4.75 25.47
C PRO A 663 -11.31 3.49 25.85
N CYS A 664 -12.51 3.37 25.31
CA CYS A 664 -13.36 2.23 25.65
C CYS A 664 -12.75 0.93 25.12
N VAL A 665 -12.74 -0.09 25.97
CA VAL A 665 -12.02 -1.33 25.69
C VAL A 665 -13.01 -2.46 25.48
N SER A 666 -12.53 -3.53 24.86
CA SER A 666 -13.34 -4.71 24.59
C SER A 666 -12.55 -5.97 24.95
N VAL A 667 -13.20 -6.93 25.59
CA VAL A 667 -12.53 -8.15 26.03
C VAL A 667 -12.37 -9.11 24.86
N PRO A 668 -11.26 -9.84 24.80
CA PRO A 668 -11.08 -10.84 23.75
C PRO A 668 -12.02 -12.03 23.96
N VAL A 669 -12.40 -12.67 22.86
CA VAL A 669 -13.23 -13.87 22.91
C VAL A 669 -12.64 -14.91 21.96
N SER A 670 -12.55 -16.16 22.42
CA SER A 670 -12.11 -17.25 21.57
C SER A 670 -13.11 -18.41 21.68
N VAL A 671 -13.30 -19.11 20.57
CA VAL A 671 -14.32 -20.16 20.47
C VAL A 671 -13.62 -21.48 20.14
N ILE A 672 -13.90 -22.50 20.95
CA ILE A 672 -13.38 -23.84 20.77
C ILE A 672 -14.49 -24.70 20.18
N TYR A 673 -14.29 -25.22 18.98
CA TYR A 673 -15.33 -25.92 18.25
C TYR A 673 -14.85 -27.31 17.84
N ASP A 674 -15.68 -28.31 18.12
CA ASP A 674 -15.44 -29.68 17.69
C ASP A 674 -16.48 -30.05 16.64
N LYS A 675 -16.03 -30.36 15.43
CA LYS A 675 -16.97 -30.64 14.35
C LYS A 675 -17.67 -31.99 14.55
N VAL A 676 -16.95 -32.99 15.09
CA VAL A 676 -17.50 -34.34 15.17
C VAL A 676 -18.73 -34.37 16.05
N SER A 677 -18.66 -33.76 17.23
CA SER A 677 -19.79 -33.68 18.13
C SER A 677 -20.66 -32.45 17.93
N ASN A 678 -20.22 -31.49 17.11
CA ASN A 678 -20.96 -30.25 16.86
C ASN A 678 -21.25 -29.49 18.16
N SER A 679 -20.25 -29.38 19.03
CA SER A 679 -20.39 -28.65 20.28
C SER A 679 -19.29 -27.61 20.39
N HIS A 680 -19.49 -26.64 21.30
CA HIS A 680 -18.53 -25.56 21.41
C HIS A 680 -18.43 -25.06 22.84
N ALA A 681 -17.34 -24.34 23.12
CA ALA A 681 -17.09 -23.69 24.39
C ALA A 681 -16.36 -22.39 24.13
N THR A 682 -16.18 -21.57 25.16
CA THR A 682 -15.62 -20.23 25.02
C THR A 682 -14.52 -20.00 26.05
N LEU A 683 -13.53 -19.19 25.67
CA LEU A 683 -12.47 -18.77 26.57
C LEU A 683 -12.28 -17.27 26.45
N PHE A 684 -12.42 -16.55 27.56
CA PHE A 684 -12.08 -15.13 27.62
C PHE A 684 -10.64 -15.00 28.08
N GLY A 685 -9.73 -14.81 27.13
CA GLY A 685 -8.32 -14.75 27.46
C GLY A 685 -7.98 -13.48 28.22
N SER A 686 -7.12 -13.63 29.23
CA SER A 686 -6.60 -12.55 30.07
C SER A 686 -7.65 -11.92 30.98
N VAL A 687 -8.81 -12.54 31.14
CA VAL A 687 -9.89 -11.99 31.97
C VAL A 687 -10.10 -12.89 33.18
N ALA A 688 -10.17 -12.29 34.35
CA ALA A 688 -10.60 -13.01 35.54
C ALA A 688 -12.10 -13.26 35.48
N CYS A 689 -12.52 -14.38 36.06
CA CYS A 689 -13.90 -14.84 35.89
C CYS A 689 -14.93 -13.86 36.43
N SER A 690 -14.56 -13.01 37.39
CA SER A 690 -15.52 -12.08 37.98
C SER A 690 -15.98 -11.02 36.98
N HIS A 691 -15.03 -10.40 36.27
CA HIS A 691 -15.40 -9.35 35.32
C HIS A 691 -16.31 -9.89 34.22
N VAL A 692 -15.99 -11.06 33.69
CA VAL A 692 -16.86 -11.65 32.66
C VAL A 692 -18.22 -11.99 33.25
N THR A 693 -18.25 -12.45 34.52
CA THR A 693 -19.53 -12.71 35.16
C THR A 693 -20.37 -11.44 35.22
N THR A 694 -19.74 -10.31 35.52
CA THR A 694 -20.47 -9.04 35.56
C THR A 694 -20.85 -8.54 34.16
N MET A 695 -19.90 -8.60 33.22
CA MET A 695 -20.15 -8.01 31.90
C MET A 695 -21.30 -8.68 31.18
N MET A 696 -21.57 -9.95 31.48
CA MET A 696 -22.68 -10.63 30.83
C MET A 696 -24.02 -9.99 31.19
N SER A 697 -24.15 -9.51 32.43
CA SER A 697 -25.37 -8.82 32.83
C SER A 697 -25.56 -7.50 32.09
N GLN A 698 -24.48 -6.89 31.59
CA GLN A 698 -24.58 -5.64 30.87
C GLN A 698 -25.10 -5.84 29.45
N ARG A 701 -26.03 -13.05 23.14
CA ARG A 701 -27.35 -13.17 23.73
C ARG A 701 -27.42 -14.39 24.65
N MET A 702 -26.86 -15.50 24.19
CA MET A 702 -26.80 -16.70 25.02
C MET A 702 -25.76 -16.59 26.12
N THR A 703 -24.61 -15.99 25.84
CA THR A 703 -23.59 -15.81 26.86
C THR A 703 -24.07 -14.89 27.97
N LYS A 704 -24.79 -13.82 27.61
CA LYS A 704 -25.28 -12.88 28.61
C LYS A 704 -26.28 -13.54 29.56
N THR A 712 -23.66 -25.41 31.94
CA THR A 712 -24.13 -25.88 33.24
C THR A 712 -23.05 -25.77 34.33
N PRO A 713 -21.80 -26.14 34.04
CA PRO A 713 -20.72 -25.78 34.96
C PRO A 713 -20.48 -24.28 34.97
N GLY A 714 -20.00 -23.79 36.11
CA GLY A 714 -19.72 -22.39 36.25
C GLY A 714 -18.47 -21.99 35.49
N PRO A 715 -18.16 -20.70 35.45
CA PRO A 715 -16.90 -20.26 34.86
C PRO A 715 -15.72 -20.79 35.66
N LEU A 716 -14.65 -21.10 34.94
CA LEU A 716 -13.45 -21.72 35.50
C LEU A 716 -12.24 -20.88 35.17
N GLN A 717 -11.37 -20.66 36.16
CA GLN A 717 -10.16 -19.87 35.96
C GLN A 717 -9.01 -20.79 35.55
N THR A 718 -8.37 -20.47 34.44
CA THR A 718 -7.16 -21.16 33.98
C THR A 718 -6.02 -20.16 33.89
N VAL A 719 -4.83 -20.67 33.56
CA VAL A 719 -3.66 -19.79 33.40
C VAL A 719 -3.71 -18.98 32.12
N VAL A 720 -4.73 -19.16 31.28
CA VAL A 720 -4.90 -18.39 30.05
C VAL A 720 -6.21 -17.61 30.02
N GLY A 721 -6.94 -17.56 31.14
CA GLY A 721 -8.15 -16.77 31.24
C GLY A 721 -9.31 -17.57 31.79
N CYS A 722 -10.50 -16.99 31.69
CA CYS A 722 -11.71 -17.59 32.24
C CYS A 722 -12.41 -18.42 31.17
N ALA A 723 -12.75 -19.66 31.52
CA ALA A 723 -13.30 -20.63 30.58
C ALA A 723 -14.75 -20.94 30.91
N MET A 724 -15.59 -21.02 29.87
CA MET A 724 -16.99 -21.40 30.03
C MET A 724 -17.28 -22.67 29.25
N GLY A 725 -18.08 -23.55 29.85
CA GLY A 725 -18.41 -24.82 29.25
C GLY A 725 -17.38 -25.90 29.45
N PHE A 726 -16.58 -25.76 30.50
CA PHE A 726 -15.47 -26.72 30.71
C PHE A 726 -15.51 -27.28 32.11
N ILE A 727 -15.14 -28.55 32.27
CA ILE A 727 -15.02 -29.14 33.64
C ILE A 727 -13.52 -29.35 33.90
N ASN A 728 -13.04 -28.94 35.08
CA ASN A 728 -11.60 -29.22 35.38
C ASN A 728 -11.39 -30.72 35.48
N THR A 729 -10.50 -31.24 34.64
CA THR A 729 -10.17 -32.66 34.72
C THR A 729 -8.72 -32.73 35.14
N SER A 730 -8.40 -33.45 36.22
CA SER A 730 -6.97 -33.65 36.56
C SER A 730 -6.32 -34.46 35.43
N MET A 731 -7.01 -34.61 34.30
CA MET A 731 -6.54 -35.44 33.18
C MET A 731 -5.16 -35.00 32.65
N VAL A 732 -4.46 -35.91 32.00
CA VAL A 732 -3.12 -35.73 31.45
C VAL A 732 -3.05 -36.42 30.09
N VAL A 733 -2.49 -35.72 29.09
CA VAL A 733 -2.34 -36.25 27.74
C VAL A 733 -0.96 -35.94 27.21
N ASP A 734 -0.57 -36.66 26.17
CA ASP A 734 0.67 -36.40 25.45
C ASP A 734 0.42 -35.92 24.03
N GLU A 735 -0.83 -35.77 23.63
CA GLU A 735 -1.20 -35.21 22.32
C GLU A 735 -2.65 -34.75 22.39
N CYS A 736 -2.98 -33.74 21.60
CA CYS A 736 -4.36 -33.26 21.58
C CYS A 736 -4.62 -32.38 20.35
N GLN A 737 -5.90 -32.23 20.04
CA GLN A 737 -6.37 -31.53 18.84
C GLN A 737 -6.57 -30.04 19.06
N LEU A 738 -6.92 -29.62 20.27
CA LEU A 738 -7.38 -28.25 20.54
C LEU A 738 -6.52 -27.64 21.64
N PRO A 739 -5.31 -27.20 21.31
CA PRO A 739 -4.47 -26.53 22.32
C PRO A 739 -5.02 -25.16 22.69
N LEU A 740 -4.82 -24.78 23.94
CA LEU A 740 -5.22 -23.48 24.43
C LEU A 740 -4.05 -22.61 24.86
N GLY A 741 -2.82 -23.09 24.74
CA GLY A 741 -1.65 -22.33 25.19
C GLY A 741 -1.25 -22.66 26.61
N GLN A 742 0.03 -22.45 26.90
CA GLN A 742 0.63 -22.68 28.22
C GLN A 742 0.41 -24.13 28.69
N SER A 743 0.58 -25.08 27.76
CA SER A 743 0.48 -26.54 28.02
C SER A 743 -0.91 -26.98 28.45
N LEU A 744 -1.96 -26.31 27.99
CA LEU A 744 -3.34 -26.72 28.23
C LEU A 744 -3.97 -27.14 26.90
N CYS A 745 -4.88 -28.11 26.94
CA CYS A 745 -5.74 -28.32 25.80
C CYS A 745 -7.11 -28.83 26.21
N ALA A 746 -8.04 -28.76 25.27
CA ALA A 746 -9.44 -29.07 25.50
C ALA A 746 -9.75 -30.45 24.93
N ILE A 747 -10.44 -31.26 25.72
CA ILE A 747 -10.89 -32.60 25.30
C ILE A 747 -12.35 -32.49 24.89
N PRO A 748 -12.70 -32.73 23.63
CA PRO A 748 -14.10 -32.62 23.22
C PRO A 748 -14.93 -33.75 23.82
N PRO A 749 -16.23 -33.53 23.99
CA PRO A 749 -17.09 -34.62 24.48
C PRO A 749 -17.22 -35.71 23.44
N ASN A 750 -17.10 -36.94 23.89
CA ASN A 750 -17.38 -38.08 23.02
C ASN A 750 -18.88 -38.14 22.79
N PRO A 751 -19.36 -38.14 21.54
CA PRO A 751 -20.79 -38.07 21.23
C PRO A 751 -21.49 -39.42 21.35
N VAL A 765 -20.22 -31.04 27.41
CA VAL A 765 -19.22 -30.24 28.11
C VAL A 765 -17.81 -30.66 27.68
N PHE A 766 -16.87 -29.72 27.74
CA PHE A 766 -15.49 -29.97 27.39
C PHE A 766 -14.68 -30.26 28.64
N GLN A 767 -13.55 -30.91 28.46
CA GLN A 767 -12.63 -31.19 29.55
C GLN A 767 -11.32 -30.45 29.31
N ILE A 768 -10.73 -29.95 30.38
CA ILE A 768 -9.43 -29.29 30.34
C ILE A 768 -8.37 -30.26 30.86
N ALA A 769 -7.31 -30.46 30.08
CA ALA A 769 -6.21 -31.34 30.44
C ALA A 769 -4.89 -30.63 30.20
N THR A 770 -3.81 -31.20 30.73
CA THR A 770 -2.47 -30.68 30.54
C THR A 770 -1.65 -31.59 29.63
N LEU A 771 -0.61 -31.03 29.04
CA LEU A 771 0.31 -31.76 28.19
C LEU A 771 1.59 -32.07 28.96
N ASN A 772 1.91 -33.35 29.09
CA ASN A 772 3.16 -33.78 29.78
C ASN A 772 3.85 -34.89 28.97
N PHE A 773 5.10 -34.68 28.53
CA PHE A 773 5.86 -35.65 27.76
C PHE A 773 6.87 -36.37 28.65
N THR A 774 7.07 -37.66 28.41
CA THR A 774 7.94 -38.49 29.22
C THR A 774 9.06 -39.10 28.37
N SER A 775 10.24 -39.22 28.98
CA SER A 775 11.35 -39.89 28.33
C SER A 775 11.06 -41.39 28.18
N PRO A 776 11.49 -42.00 27.07
CA PRO A 776 11.17 -43.43 26.88
C PRO A 776 12.00 -44.37 27.75
N LEU A 777 13.29 -44.10 27.93
CA LEU A 777 14.15 -45.02 28.68
C LEU A 777 15.18 -44.24 29.49
N THR A 778 15.23 -44.49 30.79
CA THR A 778 16.21 -43.90 31.68
C THR A 778 17.07 -45.01 32.25
N LEU A 779 18.38 -44.90 32.09
CA LEU A 779 19.33 -45.95 32.42
C LEU A 779 20.39 -45.40 33.37
N ALA A 780 20.46 -45.96 34.57
CA ALA A 780 21.45 -45.53 35.55
C ALA A 780 22.76 -46.29 35.36
N PRO A 781 23.90 -45.61 35.44
CA PRO A 781 25.18 -46.32 35.37
C PRO A 781 25.46 -47.16 36.62
N ILE A 782 26.30 -48.18 36.44
CA ILE A 782 26.64 -49.14 37.49
C ILE A 782 27.93 -48.70 38.18
N ASN A 783 28.02 -49.00 39.48
CA ASN A 783 29.20 -48.62 40.25
C ASN A 783 30.40 -49.53 39.99
N SER A 784 30.17 -50.73 39.47
CA SER A 784 31.26 -51.69 39.25
C SER A 784 32.17 -51.24 38.10
N THR A 785 33.16 -52.07 37.80
CA THR A 785 33.95 -51.87 36.59
C THR A 785 33.10 -52.14 35.36
N GLY A 786 33.47 -51.52 34.25
CA GLY A 786 32.68 -51.61 33.05
C GLY A 786 31.50 -50.66 33.07
N PHE A 787 30.49 -51.00 32.28
CA PHE A 787 29.31 -50.17 32.12
C PHE A 787 28.17 -51.05 31.66
N VAL A 788 26.95 -50.52 31.77
CA VAL A 788 25.75 -51.21 31.28
C VAL A 788 25.32 -50.55 29.98
N VAL A 789 24.87 -51.36 29.02
CA VAL A 789 24.37 -50.84 27.75
C VAL A 789 23.12 -51.60 27.35
N ALA A 790 22.10 -50.86 26.92
CA ALA A 790 20.87 -51.44 26.39
C ALA A 790 21.07 -51.77 24.92
N VAL A 791 21.00 -53.05 24.57
CA VAL A 791 21.23 -53.54 23.22
C VAL A 791 19.95 -54.16 22.71
N PRO A 792 19.50 -53.85 21.48
CA PRO A 792 18.20 -54.36 21.01
C PRO A 792 18.17 -55.88 20.88
N THR A 793 16.99 -56.44 21.18
CA THR A 793 16.70 -57.85 20.95
C THR A 793 15.61 -58.09 19.90
N ASN A 794 14.89 -57.05 19.51
CA ASN A 794 13.88 -57.19 18.43
C ASN A 794 13.77 -55.85 17.74
N PHE A 795 13.24 -55.81 16.53
CA PHE A 795 13.23 -54.57 15.77
C PHE A 795 12.11 -54.58 14.73
N THR A 796 11.82 -53.39 14.24
CA THR A 796 10.90 -53.18 13.15
C THR A 796 11.49 -52.12 12.23
N PHE A 797 10.93 -51.98 11.03
CA PHE A 797 11.31 -50.90 10.14
C PHE A 797 10.29 -49.77 10.28
N GLY A 798 10.77 -48.58 10.62
CA GLY A 798 9.93 -47.41 10.71
C GLY A 798 10.04 -46.55 9.47
N VAL A 799 8.96 -45.85 9.14
CA VAL A 799 8.91 -44.96 7.98
C VAL A 799 8.59 -43.55 8.46
N THR A 800 9.45 -42.60 8.13
CA THR A 800 9.20 -41.19 8.34
C THR A 800 8.91 -40.54 6.99
N GLN A 801 7.85 -39.74 6.92
CA GLN A 801 7.43 -39.09 5.68
C GLN A 801 7.71 -37.59 5.76
N GLU A 802 8.12 -37.01 4.64
CA GLU A 802 8.55 -35.63 4.57
C GLU A 802 8.26 -35.06 3.18
N TYR A 803 7.68 -33.86 3.15
CA TYR A 803 7.34 -33.18 1.91
C TYR A 803 8.21 -31.94 1.77
N ILE A 804 8.75 -31.73 0.57
CA ILE A 804 9.61 -30.58 0.28
C ILE A 804 9.10 -29.92 -1.00
N GLU A 805 8.74 -28.65 -0.90
CA GLU A 805 8.26 -27.89 -2.05
C GLU A 805 9.40 -27.55 -3.01
N THR A 806 9.09 -27.53 -4.30
CA THR A 806 10.07 -27.14 -5.32
C THR A 806 9.59 -26.02 -6.26
N THR A 807 8.30 -25.73 -6.35
CA THR A 807 7.82 -24.66 -7.21
C THR A 807 6.59 -24.00 -6.59
N ILE A 808 6.23 -22.85 -7.17
CA ILE A 808 4.91 -22.27 -7.02
C ILE A 808 4.26 -22.22 -8.39
N GLN A 809 2.97 -21.88 -8.41
CA GLN A 809 2.23 -21.69 -9.65
C GLN A 809 2.62 -20.36 -10.30
N LYS A 810 2.93 -20.39 -11.59
CA LYS A 810 3.41 -19.20 -12.29
C LYS A 810 2.24 -18.39 -12.84
N ILE A 811 2.25 -17.09 -12.57
CA ILE A 811 1.16 -16.18 -12.94
C ILE A 811 1.71 -14.99 -13.71
N THR A 812 1.06 -14.66 -14.83
CA THR A 812 1.32 -13.43 -15.55
C THR A 812 0.05 -12.59 -15.56
N VAL A 813 0.22 -11.26 -15.56
CA VAL A 813 -0.89 -10.32 -15.45
C VAL A 813 -0.82 -9.34 -16.62
N ASP A 814 -1.94 -9.16 -17.30
CA ASP A 814 -2.09 -8.10 -18.29
C ASP A 814 -2.60 -6.85 -17.54
N CYS A 815 -1.68 -5.94 -17.21
CA CYS A 815 -2.00 -4.84 -16.31
C CYS A 815 -3.15 -3.98 -16.83
N LYS A 816 -3.12 -3.63 -18.12
CA LYS A 816 -4.15 -2.74 -18.67
C LYS A 816 -5.53 -3.37 -18.61
N GLN A 817 -5.64 -4.65 -18.95
CA GLN A 817 -6.92 -5.34 -18.85
C GLN A 817 -7.39 -5.46 -17.41
N TYR A 818 -6.48 -5.71 -16.48
CA TYR A 818 -6.86 -5.82 -15.08
C TYR A 818 -7.39 -4.49 -14.55
N VAL A 819 -6.73 -3.38 -14.88
CA VAL A 819 -7.10 -2.08 -14.34
C VAL A 819 -8.34 -1.51 -15.02
N CYS A 820 -8.39 -1.53 -16.35
CA CYS A 820 -9.45 -0.82 -17.07
C CYS A 820 -10.54 -1.71 -17.66
N ASN A 821 -10.42 -3.03 -17.57
CA ASN A 821 -11.45 -3.99 -17.97
C ASN A 821 -11.99 -3.74 -19.39
N GLY A 822 -11.17 -3.15 -20.26
CA GLY A 822 -11.55 -2.96 -21.65
C GLY A 822 -12.42 -1.76 -21.99
N PHE A 823 -12.45 -0.73 -21.16
CA PHE A 823 -13.24 0.47 -21.41
C PHE A 823 -12.31 1.58 -21.91
N LYS A 824 -12.64 2.17 -23.07
CA LYS A 824 -11.74 3.12 -23.70
C LYS A 824 -11.48 4.35 -22.84
N LYS A 825 -12.52 4.85 -22.17
CA LYS A 825 -12.37 6.04 -21.33
C LYS A 825 -11.36 5.81 -20.21
N CYS A 826 -11.43 4.65 -19.53
CA CYS A 826 -10.45 4.34 -18.50
C CYS A 826 -9.05 4.23 -19.09
N GLU A 827 -8.91 3.58 -20.25
CA GLU A 827 -7.61 3.40 -20.86
C GLU A 827 -6.96 4.72 -21.22
N GLU A 828 -7.76 5.70 -21.66
CA GLU A 828 -7.23 7.02 -21.94
C GLU A 828 -6.65 7.67 -20.69
N LEU A 829 -7.29 7.47 -19.54
CA LEU A 829 -6.75 8.02 -18.30
C LEU A 829 -5.50 7.27 -17.85
N LEU A 830 -5.44 5.96 -18.11
CA LEU A 830 -4.32 5.14 -17.68
C LEU A 830 -3.01 5.50 -18.39
N THR A 831 -3.06 6.11 -19.57
CA THR A 831 -1.84 6.38 -20.31
C THR A 831 -0.89 7.29 -19.56
N GLU A 832 -1.40 8.11 -18.63
CA GLU A 832 -0.55 8.88 -17.74
C GLU A 832 0.12 8.04 -16.67
N TYR A 833 -0.23 6.76 -16.56
CA TYR A 833 0.43 5.80 -15.67
C TYR A 833 1.13 4.70 -16.47
N GLY A 834 1.56 5.00 -17.69
CA GLY A 834 2.06 3.98 -18.60
C GLY A 834 3.29 3.25 -18.10
N GLN A 835 4.18 3.95 -17.40
CA GLN A 835 5.42 3.32 -16.96
C GLN A 835 5.16 2.22 -15.93
N PHE A 836 4.18 2.41 -15.06
CA PHE A 836 4.01 1.49 -13.92
C PHE A 836 3.49 0.11 -14.35
N CYS A 837 2.57 0.06 -15.32
CA CYS A 837 2.09 -1.23 -15.81
C CYS A 837 3.21 -2.07 -16.43
N SER A 838 4.07 -1.45 -17.23
CA SER A 838 5.18 -2.17 -17.85
C SER A 838 6.11 -2.74 -16.79
N LYS A 839 6.39 -1.95 -15.75
CA LYS A 839 7.25 -2.45 -14.67
C LYS A 839 6.64 -3.67 -14.00
N ILE A 840 5.31 -3.65 -13.78
CA ILE A 840 4.64 -4.81 -13.18
C ILE A 840 4.83 -6.05 -14.05
N ASN A 841 4.56 -5.90 -15.36
CA ASN A 841 4.69 -7.03 -16.27
C ASN A 841 6.13 -7.57 -16.28
N GLN A 842 7.12 -6.68 -16.33
CA GLN A 842 8.51 -7.12 -16.40
C GLN A 842 8.97 -7.81 -15.11
N ALA A 843 8.52 -7.33 -13.95
CA ALA A 843 8.85 -8.01 -12.70
C ALA A 843 8.32 -9.44 -12.70
N LEU A 844 7.05 -9.62 -13.09
CA LEU A 844 6.51 -10.98 -13.11
C LEU A 844 7.28 -11.87 -14.08
N HIS A 845 7.65 -11.33 -15.24
CA HIS A 845 8.41 -12.09 -16.23
C HIS A 845 9.75 -12.55 -15.67
N GLY A 846 10.44 -11.65 -14.96
CA GLY A 846 11.71 -12.03 -14.35
C GLY A 846 11.56 -13.16 -13.34
N ALA A 847 10.55 -13.06 -12.47
CA ALA A 847 10.35 -14.09 -11.46
C ALA A 847 10.08 -15.47 -12.09
N ASN A 848 9.22 -15.51 -13.10
CA ASN A 848 8.94 -16.78 -13.76
C ASN A 848 10.19 -17.35 -14.43
N LEU A 849 11.00 -16.48 -15.04
CA LEU A 849 12.26 -16.93 -15.63
C LEU A 849 13.19 -17.57 -14.58
N ARG A 850 13.29 -16.95 -13.41
CA ARG A 850 14.18 -17.48 -12.37
C ARG A 850 13.70 -18.86 -11.90
N GLN A 851 12.38 -19.03 -11.73
CA GLN A 851 11.88 -20.35 -11.36
C GLN A 851 12.18 -21.40 -12.43
N ASP A 852 12.05 -21.04 -13.70
CA ASP A 852 12.36 -22.01 -14.76
C ASP A 852 13.82 -22.46 -14.68
N GLU A 853 14.74 -21.53 -14.43
CA GLU A 853 16.14 -21.91 -14.26
C GLU A 853 16.34 -22.83 -13.06
N SER A 854 15.71 -22.52 -11.93
CA SER A 854 15.86 -23.36 -10.75
C SER A 854 15.35 -24.78 -10.98
N ILE A 855 14.18 -24.92 -11.62
CA ILE A 855 13.65 -26.27 -11.85
C ILE A 855 14.49 -27.02 -12.87
N ALA A 856 15.04 -26.33 -13.88
CA ALA A 856 15.95 -27.00 -14.81
C ALA A 856 17.17 -27.54 -14.10
N ASN A 857 17.71 -26.77 -13.13
CA ASN A 857 18.91 -27.21 -12.43
C ASN A 857 18.65 -28.51 -11.65
N LEU A 858 17.49 -28.63 -11.02
CA LEU A 858 17.17 -29.83 -10.25
C LEU A 858 17.05 -31.08 -11.12
N PHE A 859 16.42 -30.97 -12.29
CA PHE A 859 16.17 -32.12 -13.15
C PHE A 859 17.39 -32.56 -13.94
N SER A 860 18.45 -31.75 -13.97
CA SER A 860 19.53 -32.00 -14.92
C SER A 860 20.33 -33.26 -14.58
N SER A 861 20.27 -33.75 -13.34
CA SER A 861 21.06 -34.91 -12.95
C SER A 861 20.63 -36.20 -13.66
N ILE A 862 19.46 -36.22 -14.31
CA ILE A 862 19.06 -37.38 -15.10
C ILE A 862 20.14 -37.70 -16.14
N LYS A 863 20.77 -36.67 -16.69
CA LYS A 863 21.74 -36.89 -17.76
C LYS A 863 23.09 -37.40 -17.24
N THR A 864 23.34 -37.37 -15.93
CA THR A 864 24.63 -37.80 -15.41
C THR A 864 24.56 -38.92 -14.37
N GLN A 865 23.41 -39.57 -14.21
CA GLN A 865 23.22 -40.56 -13.16
C GLN A 865 23.19 -41.95 -13.76
N ASN A 866 24.18 -42.78 -13.42
CA ASN A 866 24.15 -44.19 -13.81
C ASN A 866 23.03 -44.91 -13.09
N THR A 867 22.36 -45.81 -13.80
CA THR A 867 21.26 -46.57 -13.22
C THR A 867 21.41 -48.06 -13.54
N GLN A 868 20.79 -48.86 -12.70
CA GLN A 868 20.68 -50.30 -12.85
C GLN A 868 19.21 -50.68 -12.95
N PRO A 869 18.80 -51.47 -13.94
CA PRO A 869 17.38 -51.85 -14.04
C PRO A 869 16.96 -52.73 -12.87
N LEU A 870 15.76 -52.49 -12.37
CA LEU A 870 15.19 -53.34 -11.34
C LEU A 870 14.30 -54.41 -11.97
N GLN A 871 13.85 -55.35 -11.14
CA GLN A 871 12.92 -56.36 -11.57
C GLN A 871 11.50 -55.95 -11.17
N ALA A 872 10.54 -56.40 -11.97
CA ALA A 872 9.14 -56.09 -11.69
C ALA A 872 8.66 -56.92 -10.51
N GLY A 873 8.18 -56.25 -9.48
CA GLY A 873 7.63 -56.94 -8.30
C GLY A 873 8.71 -57.24 -7.26
N LEU A 874 9.09 -58.50 -7.16
CA LEU A 874 10.00 -58.96 -6.11
C LEU A 874 11.46 -58.86 -6.56
N ASN A 875 12.27 -58.24 -5.72
CA ASN A 875 13.72 -58.17 -5.90
C ASN A 875 14.34 -58.94 -4.73
N GLY A 876 14.78 -60.16 -4.99
CA GLY A 876 14.98 -61.08 -3.89
C GLY A 876 13.63 -61.36 -3.27
N ASP A 877 13.54 -61.22 -1.95
CA ASP A 877 12.25 -61.32 -1.28
C ASP A 877 11.60 -59.96 -1.01
N PHE A 878 12.20 -58.87 -1.51
CA PHE A 878 11.69 -57.53 -1.26
C PHE A 878 10.70 -57.14 -2.36
N ASN A 879 9.53 -56.68 -1.95
CA ASN A 879 8.43 -56.35 -2.85
C ASN A 879 8.40 -54.85 -3.09
N LEU A 880 8.83 -54.43 -4.28
CA LEU A 880 8.90 -53.02 -4.63
C LEU A 880 7.76 -52.57 -5.55
N THR A 881 6.66 -53.32 -5.58
CA THR A 881 5.61 -53.07 -6.58
C THR A 881 5.01 -51.68 -6.45
N MET A 882 4.76 -51.22 -5.22
CA MET A 882 4.06 -49.94 -5.03
C MET A 882 4.83 -48.77 -5.61
N LEU A 883 6.16 -48.84 -5.63
CA LEU A 883 7.00 -47.74 -6.08
C LEU A 883 7.32 -47.76 -7.57
N GLN A 884 6.87 -48.76 -8.31
CA GLN A 884 7.24 -48.88 -9.71
C GLN A 884 6.07 -48.51 -10.61
N ILE A 885 6.40 -48.03 -11.80
CA ILE A 885 5.40 -47.69 -12.81
C ILE A 885 4.91 -48.96 -13.47
N PRO A 886 3.61 -49.25 -13.41
CA PRO A 886 3.10 -50.48 -14.01
C PRO A 886 3.32 -50.50 -15.51
N GLN A 887 3.51 -51.71 -16.05
CA GLN A 887 3.74 -51.89 -17.47
C GLN A 887 2.46 -52.39 -18.14
N GLY A 891 -1.32 -50.00 -25.36
CA GLY A 891 -1.89 -48.71 -24.94
C GLY A 891 -0.82 -47.71 -24.56
N GLU A 892 -1.22 -46.49 -24.19
CA GLU A 892 -0.24 -45.44 -23.80
C GLU A 892 0.39 -45.80 -22.44
N ARG A 893 1.68 -45.57 -22.29
CA ARG A 893 2.38 -45.89 -21.05
C ARG A 893 1.92 -44.98 -19.91
N LYS A 894 1.91 -45.54 -18.70
CA LYS A 894 1.54 -44.78 -17.52
C LYS A 894 2.71 -43.93 -17.05
N TYR A 895 2.40 -42.93 -16.23
CA TYR A 895 3.43 -42.02 -15.74
C TYR A 895 3.37 -41.85 -14.22
N ARG A 896 2.68 -42.74 -13.51
CA ARG A 896 2.59 -42.64 -12.06
C ARG A 896 2.62 -44.04 -11.46
N SER A 897 3.37 -44.19 -10.38
CA SER A 897 3.34 -45.42 -9.62
C SER A 897 2.05 -45.50 -8.80
N ALA A 898 1.82 -46.67 -8.20
CA ALA A 898 0.60 -46.87 -7.44
C ALA A 898 0.51 -45.92 -6.25
N ILE A 899 1.62 -45.75 -5.52
CA ILE A 899 1.61 -44.88 -4.35
C ILE A 899 1.43 -43.42 -4.76
N GLU A 900 2.04 -43.02 -5.88
CA GLU A 900 1.81 -41.67 -6.41
C GLU A 900 0.36 -41.46 -6.77
N ASP A 901 -0.28 -42.49 -7.35
CA ASP A 901 -1.70 -42.40 -7.65
C ASP A 901 -2.51 -42.21 -6.37
N LEU A 902 -2.18 -42.96 -5.31
CA LEU A 902 -2.94 -42.84 -4.08
C LEU A 902 -2.79 -41.44 -3.48
N LEU A 903 -1.58 -40.87 -3.54
CA LEU A 903 -1.37 -39.54 -2.99
C LEU A 903 -2.13 -38.47 -3.78
N PHE A 904 -2.04 -38.51 -5.11
CA PHE A 904 -2.70 -37.50 -5.92
C PHE A 904 -4.21 -37.56 -5.81
N ASN A 905 -4.77 -38.74 -5.56
CA ASN A 905 -6.22 -38.90 -5.47
C ASN A 905 -6.80 -38.29 -4.21
N LYS A 906 -5.99 -38.02 -3.19
CA LYS A 906 -6.46 -37.45 -1.95
C LYS A 906 -6.35 -35.93 -1.89
N VAL A 907 -5.90 -35.29 -2.98
CA VAL A 907 -5.69 -33.85 -3.03
C VAL A 907 -6.61 -33.27 -4.10
N THR A 908 -7.35 -32.22 -3.75
CA THR A 908 -8.23 -31.55 -4.70
C THR A 908 -7.50 -30.40 -5.34
N ILE A 909 -7.22 -30.51 -6.65
CA ILE A 909 -6.50 -29.51 -7.41
C ILE A 909 -7.31 -29.16 -8.65
N ALA A 910 -7.53 -27.87 -8.86
CA ALA A 910 -8.24 -27.41 -10.05
C ALA A 910 -7.41 -27.60 -11.32
N ASP A 911 -8.10 -27.89 -12.41
CA ASP A 911 -7.45 -28.08 -13.70
C ASP A 911 -7.22 -26.75 -14.39
N PRO A 912 -5.98 -26.36 -14.67
CA PRO A 912 -5.75 -25.04 -15.31
C PRO A 912 -6.10 -25.02 -16.78
N GLY A 913 -6.25 -26.17 -17.44
CA GLY A 913 -6.61 -26.24 -18.83
C GLY A 913 -5.62 -25.64 -19.81
N TYR A 914 -4.38 -26.17 -19.85
CA TYR A 914 -3.34 -25.56 -20.68
C TYR A 914 -3.65 -25.67 -22.17
N MET A 915 -4.26 -26.77 -22.59
CA MET A 915 -4.46 -27.02 -24.01
C MET A 915 -5.59 -26.19 -24.60
N GLN A 916 -6.79 -26.31 -24.03
CA GLN A 916 -7.97 -25.69 -24.61
C GLN A 916 -8.94 -25.17 -23.55
N GLY A 917 -8.44 -24.72 -22.40
CA GLY A 917 -9.31 -24.28 -21.32
C GLY A 917 -10.20 -23.09 -21.64
N TYR A 918 -9.79 -22.25 -22.60
CA TYR A 918 -10.60 -21.09 -22.97
C TYR A 918 -11.95 -21.51 -23.53
N ASP A 919 -11.95 -22.48 -24.45
CA ASP A 919 -13.21 -22.96 -25.02
C ASP A 919 -14.05 -23.71 -23.98
N GLU A 920 -13.39 -24.48 -23.11
CA GLU A 920 -14.13 -25.17 -22.05
C GLU A 920 -14.84 -24.17 -21.15
N CYS A 921 -14.18 -23.06 -20.80
CA CYS A 921 -14.85 -22.04 -20.01
C CYS A 921 -15.93 -21.32 -20.82
N MET A 922 -15.75 -21.20 -22.14
CA MET A 922 -16.82 -20.67 -22.99
C MET A 922 -18.08 -21.51 -22.85
N GLN A 923 -17.92 -22.81 -22.69
CA GLN A 923 -19.09 -23.65 -22.44
C GLN A 923 -19.59 -23.44 -21.02
N GLN A 924 -20.12 -22.25 -20.73
CA GLN A 924 -20.41 -21.87 -19.36
C GLN A 924 -21.43 -22.81 -18.73
N GLY A 925 -21.35 -22.93 -17.41
CA GLY A 925 -22.35 -23.62 -16.65
C GLY A 925 -22.29 -23.18 -15.20
N ASP A 931 -13.99 -21.92 -11.32
CA ASP A 931 -14.24 -20.51 -11.01
C ASP A 931 -12.95 -19.70 -11.10
N LEU A 932 -12.00 -19.98 -10.21
CA LEU A 932 -10.72 -19.29 -10.26
C LEU A 932 -9.99 -19.56 -11.58
N ILE A 933 -10.18 -20.76 -12.14
CA ILE A 933 -9.60 -21.09 -13.44
C ILE A 933 -10.29 -20.29 -14.54
N CYS A 934 -11.63 -20.25 -14.53
CA CYS A 934 -12.33 -19.50 -15.57
C CYS A 934 -12.22 -18.00 -15.37
N ALA A 935 -11.89 -17.54 -14.17
CA ALA A 935 -11.69 -16.11 -13.92
C ALA A 935 -10.42 -15.57 -14.57
N GLN A 936 -9.54 -16.42 -15.08
CA GLN A 936 -8.36 -15.94 -15.81
C GLN A 936 -8.76 -14.96 -16.91
N TYR A 937 -9.73 -15.34 -17.73
CA TYR A 937 -10.08 -14.60 -18.94
C TYR A 937 -10.97 -13.40 -18.67
N VAL A 938 -11.56 -13.30 -17.49
CA VAL A 938 -12.31 -12.11 -17.11
C VAL A 938 -11.39 -11.06 -16.50
N ALA A 939 -10.63 -11.45 -15.49
CA ALA A 939 -9.83 -10.49 -14.73
C ALA A 939 -8.57 -10.07 -15.47
N GLY A 940 -8.05 -10.91 -16.36
CA GLY A 940 -6.86 -10.55 -17.11
C GLY A 940 -5.54 -11.04 -16.52
N TYR A 941 -5.54 -12.24 -15.94
CA TYR A 941 -4.32 -12.90 -15.55
C TYR A 941 -4.33 -14.31 -16.14
N LYS A 942 -3.15 -14.93 -16.23
CA LYS A 942 -2.99 -16.20 -16.91
C LYS A 942 -2.08 -17.12 -16.12
N VAL A 943 -2.51 -18.37 -15.92
CA VAL A 943 -1.66 -19.39 -15.32
C VAL A 943 -0.83 -20.02 -16.43
N LEU A 944 0.44 -19.94 -16.30
CA LEU A 944 1.36 -20.50 -17.29
C LEU A 944 1.70 -21.95 -16.96
N PRO A 945 1.89 -22.79 -17.98
CA PRO A 945 2.18 -24.20 -17.72
C PRO A 945 3.59 -24.39 -17.19
N PRO A 946 3.83 -25.45 -16.41
CA PRO A 946 5.20 -25.74 -15.94
C PRO A 946 6.12 -26.22 -17.04
N LEU A 947 7.42 -26.10 -16.76
CA LEU A 947 8.46 -26.32 -17.75
C LEU A 947 8.45 -27.76 -18.29
N TYR A 948 8.21 -28.75 -17.43
CA TYR A 948 8.25 -30.15 -17.83
C TYR A 948 6.88 -30.80 -17.62
N ASP A 949 6.55 -31.75 -18.50
CA ASP A 949 5.28 -32.47 -18.42
C ASP A 949 5.42 -33.65 -17.44
N PRO A 950 4.32 -34.31 -17.08
CA PRO A 950 4.40 -35.41 -16.09
C PRO A 950 5.29 -36.59 -16.50
N TYR A 951 5.48 -36.81 -17.81
CA TYR A 951 6.34 -37.91 -18.24
C TYR A 951 7.80 -37.65 -17.93
N MET A 952 8.22 -36.39 -17.95
CA MET A 952 9.57 -36.05 -17.49
C MET A 952 9.73 -36.22 -15.99
N GLU A 953 8.69 -35.88 -15.22
CA GLU A 953 8.74 -36.09 -13.77
C GLU A 953 8.85 -37.58 -13.44
N ALA A 954 8.11 -38.42 -14.17
CA ALA A 954 8.22 -39.87 -14.00
C ALA A 954 9.61 -40.36 -14.39
N ALA A 955 10.19 -39.78 -15.45
CA ALA A 955 11.58 -40.11 -15.79
C ALA A 955 12.52 -39.79 -14.63
N TYR A 956 12.33 -38.64 -13.99
CA TYR A 956 13.19 -38.26 -12.87
C TYR A 956 13.06 -39.23 -11.70
N THR A 957 11.82 -39.53 -11.29
CA THR A 957 11.65 -40.43 -10.15
C THR A 957 12.03 -41.88 -10.47
N SER A 958 12.01 -42.26 -11.75
CA SER A 958 12.57 -43.57 -12.12
C SER A 958 14.09 -43.56 -12.12
N SER A 959 14.70 -42.43 -12.47
CA SER A 959 16.15 -42.30 -12.31
C SER A 959 16.56 -42.44 -10.86
N LEU A 960 15.78 -41.85 -9.95
CA LEU A 960 16.09 -42.00 -8.52
C LEU A 960 16.00 -43.45 -8.06
N LEU A 961 14.95 -44.17 -8.48
CA LEU A 961 14.76 -45.56 -8.05
C LEU A 961 15.86 -46.47 -8.59
N GLY A 962 16.46 -46.13 -9.73
CA GLY A 962 17.52 -46.91 -10.31
C GLY A 962 18.91 -46.57 -9.80
N SER A 963 19.05 -45.61 -8.89
CA SER A 963 20.35 -45.23 -8.34
C SER A 963 20.52 -45.66 -6.89
N ILE A 964 19.60 -46.47 -6.35
CA ILE A 964 19.71 -46.87 -4.95
C ILE A 964 20.72 -48.00 -4.77
N ALA A 965 20.58 -49.09 -5.52
CA ALA A 965 21.45 -50.24 -5.32
C ALA A 965 22.88 -49.94 -5.76
N GLY A 966 23.84 -50.54 -5.07
CA GLY A 966 25.24 -50.28 -5.32
C GLY A 966 26.11 -50.70 -4.15
N ALA A 967 27.39 -50.35 -4.26
CA ALA A 967 28.42 -50.73 -3.30
C ALA A 967 28.37 -49.85 -2.04
N SER A 968 29.14 -50.26 -1.03
CA SER A 968 29.12 -49.54 0.24
C SER A 968 30.52 -49.26 0.80
N TRP A 969 31.48 -50.12 0.48
CA TRP A 969 32.80 -50.07 1.11
C TRP A 969 33.81 -49.21 0.35
N THR A 970 33.42 -48.57 -0.76
CA THR A 970 34.39 -47.91 -1.61
C THR A 970 34.48 -46.42 -1.29
N ALA A 971 35.66 -45.84 -1.57
CA ALA A 971 35.93 -44.48 -1.17
C ALA A 971 35.26 -43.47 -2.10
N GLY A 972 35.67 -43.44 -3.36
CA GLY A 972 35.25 -42.38 -4.26
C GLY A 972 33.80 -42.45 -4.71
N LEU A 973 33.52 -41.84 -5.86
CA LEU A 973 32.18 -41.88 -6.44
C LEU A 973 32.25 -42.17 -7.94
N SER A 974 33.38 -42.66 -8.42
CA SER A 974 33.67 -42.78 -9.85
C SER A 974 33.22 -44.11 -10.47
N SER A 975 33.07 -45.17 -9.67
CA SER A 975 32.70 -46.48 -10.19
C SER A 975 31.22 -46.77 -9.95
N PHE A 976 30.70 -47.74 -10.69
CA PHE A 976 29.29 -48.11 -10.59
C PHE A 976 29.19 -49.63 -10.60
N ALA A 977 28.80 -50.19 -9.46
CA ALA A 977 28.68 -51.63 -9.29
C ALA A 977 27.22 -52.03 -9.40
N ALA A 978 26.94 -53.09 -10.16
CA ALA A 978 25.57 -53.54 -10.40
C ALA A 978 25.21 -54.65 -9.39
N ILE A 979 25.12 -54.26 -8.14
CA ILE A 979 24.77 -55.16 -7.05
C ILE A 979 23.25 -55.12 -6.88
N PRO A 980 22.58 -56.28 -6.88
CA PRO A 980 21.12 -56.30 -6.77
C PRO A 980 20.62 -55.67 -5.47
N PHE A 981 19.34 -55.28 -5.50
CA PHE A 981 18.76 -54.49 -4.42
C PHE A 981 18.86 -55.20 -3.06
N ALA A 982 18.52 -56.50 -3.02
CA ALA A 982 18.53 -57.22 -1.75
C ALA A 982 19.92 -57.27 -1.11
N GLN A 983 20.95 -57.56 -1.91
CA GLN A 983 22.33 -57.57 -1.42
C GLN A 983 22.75 -56.20 -0.89
N SER A 984 22.34 -55.13 -1.58
CA SER A 984 22.64 -53.79 -1.12
C SER A 984 22.01 -53.52 0.24
N ILE A 985 20.75 -53.93 0.42
CA ILE A 985 20.09 -53.75 1.72
C ILE A 985 20.86 -54.50 2.81
N PHE A 986 21.28 -55.74 2.52
CA PHE A 986 21.98 -56.48 3.55
C PHE A 986 23.36 -55.88 3.86
N TYR A 987 23.99 -55.23 2.87
CA TYR A 987 25.24 -54.51 3.17
C TYR A 987 24.97 -53.30 4.05
N ARG A 988 23.87 -52.60 3.80
CA ARG A 988 23.53 -51.44 4.63
C ARG A 988 23.24 -51.85 6.07
N LEU A 989 22.54 -52.97 6.27
CA LEU A 989 22.26 -53.44 7.62
C LEU A 989 23.54 -53.84 8.36
N ASN A 990 24.46 -54.51 7.68
CA ASN A 990 25.71 -54.93 8.31
C ASN A 990 26.54 -53.74 8.78
N GLY A 991 26.44 -52.61 8.08
CA GLY A 991 27.20 -51.43 8.42
C GLY A 991 26.71 -50.64 9.61
N VAL A 992 25.49 -50.86 10.08
CA VAL A 992 24.99 -50.16 11.26
C VAL A 992 25.02 -51.05 12.50
N GLY A 993 25.68 -52.19 12.43
CA GLY A 993 25.97 -52.98 13.61
C GLY A 993 25.24 -54.29 13.77
N ILE A 994 24.74 -54.89 12.69
CA ILE A 994 24.12 -56.20 12.75
C ILE A 994 25.06 -57.18 12.04
N THR A 995 25.57 -58.15 12.79
CA THR A 995 26.63 -59.02 12.29
C THR A 995 26.11 -60.01 11.25
N GLN A 996 27.05 -60.57 10.50
CA GLN A 996 26.73 -61.42 9.36
C GLN A 996 25.95 -62.67 9.78
N GLN A 997 26.28 -63.25 10.93
CA GLN A 997 25.57 -64.45 11.39
C GLN A 997 24.10 -64.16 11.64
N VAL A 998 23.80 -63.02 12.28
CA VAL A 998 22.41 -62.62 12.53
C VAL A 998 21.66 -62.43 11.22
N LEU A 999 22.30 -61.76 10.26
CA LEU A 999 21.65 -61.51 8.96
C LEU A 999 21.36 -62.81 8.23
N SER A 1000 22.30 -63.76 8.24
CA SER A 1000 22.05 -65.03 7.57
C SER A 1000 20.93 -65.82 8.26
N GLU A 1001 20.82 -65.72 9.58
CA GLU A 1001 19.76 -66.45 10.28
C GLU A 1001 18.38 -65.81 10.12
N ASN A 1002 18.27 -64.55 9.69
CA ASN A 1002 17.00 -63.83 9.74
C ASN A 1002 16.63 -63.22 8.41
N GLN A 1003 17.03 -63.83 7.30
CA GLN A 1003 16.82 -63.25 5.98
C GLN A 1003 15.34 -63.03 5.68
N LYS A 1004 14.55 -64.09 5.80
CA LYS A 1004 13.13 -64.01 5.43
C LYS A 1004 12.36 -63.10 6.40
N ILE A 1005 12.70 -63.17 7.68
CA ILE A 1005 12.06 -62.30 8.67
C ILE A 1005 12.31 -60.83 8.32
N ILE A 1006 13.55 -60.49 7.95
CA ILE A 1006 13.87 -59.11 7.62
C ILE A 1006 13.09 -58.66 6.39
N ALA A 1007 13.04 -59.51 5.36
CA ALA A 1007 12.28 -59.16 4.17
C ALA A 1007 10.79 -58.97 4.47
N ASN A 1008 10.22 -59.83 5.32
CA ASN A 1008 8.81 -59.68 5.66
C ASN A 1008 8.53 -58.40 6.44
N LYS A 1009 9.40 -58.05 7.38
CA LYS A 1009 9.24 -56.79 8.10
C LYS A 1009 9.33 -55.60 7.16
N PHE A 1010 10.28 -55.64 6.22
CA PHE A 1010 10.40 -54.57 5.23
C PHE A 1010 9.13 -54.45 4.38
N ASN A 1011 8.61 -55.59 3.90
CA ASN A 1011 7.41 -55.58 3.09
C ASN A 1011 6.22 -55.05 3.87
N GLN A 1012 6.12 -55.41 5.16
CA GLN A 1012 5.05 -54.87 5.98
C GLN A 1012 5.15 -53.36 6.12
N ALA A 1013 6.37 -52.84 6.28
CA ALA A 1013 6.52 -51.38 6.41
C ALA A 1013 6.17 -50.67 5.11
N LEU A 1014 6.53 -51.25 3.96
CA LEU A 1014 6.20 -50.61 2.69
C LEU A 1014 4.70 -50.60 2.44
N GLY A 1015 4.01 -51.69 2.80
CA GLY A 1015 2.61 -51.83 2.49
C GLY A 1015 1.69 -50.89 3.24
N ALA A 1016 2.18 -50.34 4.35
CA ALA A 1016 1.33 -49.47 5.22
C ALA A 1016 1.39 -48.00 4.79
N MET A 1017 2.33 -47.62 3.93
CA MET A 1017 2.34 -46.22 3.40
C MET A 1017 1.03 -45.98 2.64
N GLN A 1018 0.54 -47.00 1.93
CA GLN A 1018 -0.70 -46.86 1.12
C GLN A 1018 -1.79 -46.20 1.95
N THR A 1019 -2.18 -46.84 3.05
CA THR A 1019 -3.21 -46.26 3.94
C THR A 1019 -2.97 -45.10 4.89
N GLY A 1020 -1.75 -44.54 4.90
CA GLY A 1020 -1.48 -43.35 5.74
C GLY A 1020 -1.78 -41.88 5.50
N PHE A 1021 -1.97 -41.46 4.24
CA PHE A 1021 -2.21 -40.02 3.90
C PHE A 1021 -3.48 -39.54 4.61
N THR A 1022 -3.35 -38.67 5.63
CA THR A 1022 -4.54 -38.32 6.41
C THR A 1022 -4.32 -36.95 7.04
N THR A 1023 -5.32 -36.52 7.82
CA THR A 1023 -5.24 -35.23 8.50
C THR A 1023 -4.16 -35.22 9.58
N THR A 1024 -3.93 -36.36 10.22
CA THR A 1024 -2.98 -36.40 11.34
C THR A 1024 -1.55 -36.11 10.88
N ASN A 1025 -1.14 -36.64 9.73
CA ASN A 1025 0.26 -36.60 9.34
C ASN A 1025 0.68 -35.20 8.88
N LEU A 1026 1.83 -34.76 9.37
CA LEU A 1026 2.31 -33.41 9.10
C LEU A 1026 2.70 -33.21 7.64
N ALA A 1027 3.29 -34.23 7.00
CA ALA A 1027 3.75 -34.07 5.62
C ALA A 1027 2.59 -33.87 4.65
N PHE A 1028 1.54 -34.69 4.78
CA PHE A 1028 0.35 -34.55 3.95
C PHE A 1028 -0.32 -33.19 4.17
N ASN A 1029 -0.36 -32.74 5.43
CA ASN A 1029 -0.86 -31.41 5.73
C ASN A 1029 -0.05 -30.34 4.99
N LYS A 1030 1.26 -30.52 4.93
CA LYS A 1030 2.10 -29.57 4.19
C LYS A 1030 1.76 -29.57 2.70
N VAL A 1031 1.50 -30.75 2.13
CA VAL A 1031 1.07 -30.82 0.73
C VAL A 1031 -0.18 -29.97 0.51
N GLN A 1032 -1.19 -30.17 1.35
CA GLN A 1032 -2.44 -29.44 1.19
C GLN A 1032 -2.23 -27.93 1.38
N ASP A 1033 -1.34 -27.55 2.31
CA ASP A 1033 -1.03 -26.14 2.51
C ASP A 1033 -0.39 -25.51 1.26
N ALA A 1034 0.52 -26.22 0.59
CA ALA A 1034 1.11 -25.67 -0.63
C ALA A 1034 0.03 -25.41 -1.68
N VAL A 1035 -0.85 -26.39 -1.88
CA VAL A 1035 -1.95 -26.21 -2.82
C VAL A 1035 -2.80 -25.00 -2.43
N ASN A 1036 -3.11 -24.85 -1.12
CA ASN A 1036 -3.99 -23.77 -0.68
C ASN A 1036 -3.34 -22.41 -0.84
N ALA A 1037 -2.03 -22.30 -0.63
CA ALA A 1037 -1.36 -21.02 -0.87
C ALA A 1037 -1.48 -20.62 -2.33
N ASN A 1038 -1.32 -21.59 -3.24
CA ASN A 1038 -1.50 -21.28 -4.67
C ASN A 1038 -2.90 -20.76 -4.94
N ALA A 1039 -3.93 -21.43 -4.40
CA ALA A 1039 -5.31 -21.01 -4.66
C ALA A 1039 -5.62 -19.63 -4.06
N MET A 1040 -5.10 -19.37 -2.86
CA MET A 1040 -5.40 -18.11 -2.19
C MET A 1040 -4.81 -16.92 -2.94
N ALA A 1041 -3.62 -17.07 -3.52
CA ALA A 1041 -3.06 -15.98 -4.32
C ALA A 1041 -4.05 -15.53 -5.41
N LEU A 1042 -4.57 -16.49 -6.21
CA LEU A 1042 -5.52 -16.15 -7.26
C LEU A 1042 -6.81 -15.55 -6.70
N SER A 1043 -7.34 -16.12 -5.63
CA SER A 1043 -8.60 -15.62 -5.12
C SER A 1043 -8.47 -14.19 -4.62
N LYS A 1044 -7.36 -13.86 -3.96
CA LYS A 1044 -7.13 -12.48 -3.53
C LYS A 1044 -6.96 -11.55 -4.73
N LEU A 1045 -6.33 -12.04 -5.80
CA LEU A 1045 -6.22 -11.23 -7.02
C LEU A 1045 -7.59 -10.90 -7.60
N ALA A 1046 -8.48 -11.89 -7.65
CA ALA A 1046 -9.79 -11.64 -8.26
C ALA A 1046 -10.70 -10.79 -7.36
N ALA A 1047 -10.59 -10.95 -6.05
CA ALA A 1047 -11.48 -10.25 -5.12
C ALA A 1047 -11.23 -8.74 -5.12
N GLU A 1048 -10.01 -8.31 -5.41
CA GLU A 1048 -9.68 -6.88 -5.34
C GLU A 1048 -10.42 -6.05 -6.37
N LEU A 1049 -10.89 -6.67 -7.47
CA LEU A 1049 -11.68 -5.98 -8.46
C LEU A 1049 -13.08 -5.60 -7.97
N SER A 1050 -13.51 -6.10 -6.81
CA SER A 1050 -14.78 -5.67 -6.24
C SER A 1050 -14.62 -4.57 -5.19
N ASN A 1051 -13.40 -4.05 -4.99
CA ASN A 1051 -13.16 -2.96 -4.04
C ASN A 1051 -13.56 -1.62 -4.70
N THR A 1052 -14.43 -0.85 -4.05
CA THR A 1052 -14.80 0.46 -4.58
C THR A 1052 -13.72 1.50 -4.37
N PHE A 1053 -12.85 1.31 -3.39
CA PHE A 1053 -11.84 2.31 -3.00
C PHE A 1053 -12.51 3.66 -2.70
N GLY A 1054 -13.74 3.63 -2.21
CA GLY A 1054 -14.47 4.85 -1.93
C GLY A 1054 -15.17 5.50 -3.10
N ALA A 1055 -15.18 4.88 -4.28
CA ALA A 1055 -15.99 5.37 -5.39
C ALA A 1055 -17.43 4.90 -5.25
N ILE A 1056 -18.31 5.43 -6.11
CA ILE A 1056 -19.72 5.06 -6.03
C ILE A 1056 -19.96 3.62 -6.46
N SER A 1057 -19.03 3.01 -7.17
CA SER A 1057 -19.17 1.62 -7.62
C SER A 1057 -17.79 1.06 -7.93
N SER A 1058 -17.69 -0.26 -7.90
CA SER A 1058 -16.50 -0.92 -8.40
C SER A 1058 -16.59 -1.25 -9.90
N SER A 1059 -17.71 -0.94 -10.54
CA SER A 1059 -17.89 -1.21 -11.97
C SER A 1059 -17.75 0.09 -12.77
N ILE A 1060 -16.90 0.07 -13.80
CA ILE A 1060 -16.69 1.24 -14.64
C ILE A 1060 -17.94 1.54 -15.48
N SER A 1061 -18.67 0.50 -15.88
CA SER A 1061 -19.89 0.70 -16.66
C SER A 1061 -20.93 1.49 -15.86
N ASP A 1062 -21.10 1.16 -14.59
CA ASP A 1062 -22.00 1.92 -13.72
C ASP A 1062 -21.56 3.37 -13.57
N ILE A 1063 -20.26 3.61 -13.39
CA ILE A 1063 -19.76 4.97 -13.21
C ILE A 1063 -20.04 5.79 -14.47
N LEU A 1064 -19.77 5.21 -15.65
CA LEU A 1064 -20.06 5.92 -16.89
C LEU A 1064 -21.56 6.17 -17.07
N ALA A 1065 -22.40 5.24 -16.60
CA ALA A 1065 -23.85 5.43 -16.73
C ALA A 1065 -24.40 6.50 -15.79
N ARG A 1066 -23.83 6.67 -14.59
CA ARG A 1066 -24.49 7.51 -13.60
C ARG A 1066 -23.92 8.93 -13.46
N LEU A 1067 -22.70 9.20 -13.92
CA LEU A 1067 -22.08 10.50 -13.70
C LEU A 1067 -21.65 11.14 -15.02
N ASP A 1068 -21.24 12.40 -14.95
CA ASP A 1068 -20.78 13.20 -16.08
C ASP A 1068 -19.45 13.86 -15.76
N PRO A 1069 -18.67 14.21 -16.79
CA PRO A 1069 -17.44 14.96 -16.54
C PRO A 1069 -17.73 16.30 -15.89
N PRO A 1070 -16.82 16.80 -15.04
CA PRO A 1070 -15.55 16.16 -14.63
C PRO A 1070 -15.67 15.17 -13.47
N GLU A 1071 -16.84 15.02 -12.83
CA GLU A 1071 -16.95 14.13 -11.68
C GLU A 1071 -16.68 12.67 -12.06
N GLN A 1072 -17.00 12.32 -13.30
CA GLN A 1072 -16.81 10.96 -13.80
C GLN A 1072 -15.35 10.53 -13.74
N GLU A 1073 -14.44 11.39 -14.21
CA GLU A 1073 -13.02 11.03 -14.30
C GLU A 1073 -12.38 10.94 -12.92
N ALA A 1074 -12.83 11.73 -11.95
CA ALA A 1074 -12.30 11.60 -10.59
C ALA A 1074 -12.65 10.24 -9.99
N GLN A 1075 -13.88 9.79 -10.20
CA GLN A 1075 -14.30 8.48 -9.72
C GLN A 1075 -13.48 7.37 -10.36
N ILE A 1076 -13.27 7.44 -11.68
CA ILE A 1076 -12.47 6.39 -12.33
C ILE A 1076 -11.03 6.42 -11.83
N ASP A 1077 -10.51 7.62 -11.55
CA ASP A 1077 -9.13 7.74 -11.07
C ASP A 1077 -8.95 7.04 -9.72
N ARG A 1078 -9.97 7.10 -8.86
CA ARG A 1078 -9.90 6.34 -7.61
C ARG A 1078 -9.65 4.85 -7.87
N LEU A 1079 -10.43 4.24 -8.78
CA LEU A 1079 -10.24 2.84 -9.12
C LEU A 1079 -8.85 2.57 -9.71
N ILE A 1080 -8.38 3.46 -10.60
CA ILE A 1080 -7.07 3.26 -11.22
C ILE A 1080 -5.98 3.20 -10.15
N ASN A 1081 -5.95 4.20 -9.26
CA ASN A 1081 -4.91 4.25 -8.24
C ASN A 1081 -4.99 3.05 -7.30
N GLY A 1082 -6.21 2.70 -6.85
CA GLY A 1082 -6.35 1.56 -5.97
C GLY A 1082 -5.85 0.27 -6.59
N ARG A 1083 -6.25 0.01 -7.84
CA ARG A 1083 -5.87 -1.24 -8.50
C ARG A 1083 -4.38 -1.32 -8.77
N LEU A 1084 -3.74 -0.19 -9.11
CA LEU A 1084 -2.30 -0.21 -9.30
C LEU A 1084 -1.54 -0.51 -8.00
N THR A 1085 -1.96 0.11 -6.89
CA THR A 1085 -1.30 -0.20 -5.62
C THR A 1085 -1.48 -1.67 -5.24
N SER A 1086 -2.68 -2.21 -5.48
CA SER A 1086 -2.93 -3.62 -5.19
C SER A 1086 -2.06 -4.56 -6.04
N LEU A 1087 -1.88 -4.23 -7.32
CA LEU A 1087 -1.01 -5.05 -8.17
C LEU A 1087 0.45 -4.99 -7.69
N ASN A 1088 0.91 -3.80 -7.25
CA ASN A 1088 2.25 -3.72 -6.67
C ASN A 1088 2.41 -4.68 -5.49
N ALA A 1089 1.40 -4.73 -4.61
CA ALA A 1089 1.46 -5.67 -3.49
C ALA A 1089 1.51 -7.13 -3.97
N PHE A 1090 0.69 -7.47 -4.96
CA PHE A 1090 0.68 -8.84 -5.47
C PHE A 1090 2.06 -9.24 -6.02
N VAL A 1091 2.69 -8.32 -6.75
CA VAL A 1091 4.00 -8.59 -7.35
C VAL A 1091 5.04 -8.82 -6.26
N ALA A 1092 5.03 -7.98 -5.21
CA ALA A 1092 5.99 -8.18 -4.12
C ALA A 1092 5.82 -9.55 -3.47
N GLN A 1093 4.57 -9.94 -3.21
CA GLN A 1093 4.33 -11.25 -2.60
C GLN A 1093 4.85 -12.38 -3.48
N GLN A 1094 4.60 -12.30 -4.80
CA GLN A 1094 5.04 -13.37 -5.70
C GLN A 1094 6.57 -13.45 -5.75
N LEU A 1095 7.26 -12.32 -5.72
CA LEU A 1095 8.71 -12.35 -5.66
C LEU A 1095 9.19 -13.11 -4.43
N VAL A 1096 8.59 -12.79 -3.28
CA VAL A 1096 9.00 -13.44 -2.03
C VAL A 1096 8.80 -14.96 -2.12
N ARG A 1097 7.61 -15.37 -2.57
CA ARG A 1097 7.31 -16.80 -2.65
C ARG A 1097 8.25 -17.53 -3.61
N THR A 1098 8.59 -16.89 -4.74
CA THR A 1098 9.48 -17.54 -5.71
C THR A 1098 10.87 -17.75 -5.12
N GLU A 1099 11.40 -16.75 -4.41
CA GLU A 1099 12.71 -16.92 -3.76
C GLU A 1099 12.69 -18.06 -2.75
N ALA A 1100 11.63 -18.12 -1.94
CA ALA A 1100 11.52 -19.19 -0.94
C ALA A 1100 11.48 -20.56 -1.61
N ALA A 1101 10.73 -20.70 -2.71
CA ALA A 1101 10.63 -21.98 -3.40
C ALA A 1101 11.98 -22.40 -3.99
N ALA A 1102 12.76 -21.46 -4.51
CA ALA A 1102 14.09 -21.82 -5.01
C ALA A 1102 14.99 -22.35 -3.89
N ARG A 1103 14.96 -21.70 -2.71
CA ARG A 1103 15.70 -22.23 -1.56
C ARG A 1103 15.23 -23.65 -1.21
N SER A 1104 13.92 -23.87 -1.19
CA SER A 1104 13.39 -25.18 -0.85
C SER A 1104 13.82 -26.23 -1.88
N ALA A 1105 13.92 -25.86 -3.15
CA ALA A 1105 14.38 -26.80 -4.17
C ALA A 1105 15.84 -27.19 -3.94
N GLN A 1106 16.67 -26.24 -3.52
CA GLN A 1106 18.04 -26.60 -3.14
C GLN A 1106 18.04 -27.62 -1.99
N LEU A 1107 17.19 -27.40 -0.98
CA LEU A 1107 17.10 -28.37 0.11
C LEU A 1107 16.66 -29.76 -0.39
N ALA A 1108 15.72 -29.79 -1.35
CA ALA A 1108 15.32 -31.08 -1.92
C ALA A 1108 16.47 -31.78 -2.62
N GLN A 1109 17.28 -31.03 -3.37
CA GLN A 1109 18.44 -31.62 -4.01
C GLN A 1109 19.40 -32.22 -2.98
N ASP A 1110 19.64 -31.49 -1.89
CA ASP A 1110 20.50 -32.00 -0.83
C ASP A 1110 19.95 -33.30 -0.22
N LYS A 1111 18.64 -33.34 0.03
CA LYS A 1111 18.01 -34.54 0.59
C LYS A 1111 18.12 -35.73 -0.36
N VAL A 1112 17.91 -35.52 -1.66
CA VAL A 1112 18.09 -36.58 -2.63
C VAL A 1112 19.50 -37.14 -2.56
N ASN A 1113 20.50 -36.24 -2.62
CA ASN A 1113 21.89 -36.68 -2.65
C ASN A 1113 22.30 -37.40 -1.36
N GLU A 1114 21.82 -36.94 -0.20
CA GLU A 1114 22.25 -37.53 1.07
C GLU A 1114 21.45 -38.77 1.48
N CYS A 1115 20.13 -38.79 1.28
CA CYS A 1115 19.29 -39.88 1.77
C CYS A 1115 18.87 -40.89 0.70
N VAL A 1116 18.71 -40.49 -0.56
CA VAL A 1116 18.20 -41.41 -1.57
C VAL A 1116 19.33 -42.11 -2.31
N LYS A 1117 20.34 -41.36 -2.72
CA LYS A 1117 21.46 -41.88 -3.50
C LYS A 1117 22.59 -42.41 -2.63
N SER A 1118 22.49 -42.30 -1.30
CA SER A 1118 23.42 -42.95 -0.39
C SER A 1118 22.72 -43.22 0.94
N GLN A 1119 23.44 -43.89 1.83
CA GLN A 1119 22.97 -44.13 3.19
C GLN A 1119 23.58 -43.08 4.10
N SER A 1120 22.75 -42.52 4.97
CA SER A 1120 23.16 -41.39 5.80
C SER A 1120 23.63 -41.85 7.17
N LYS A 1121 24.73 -41.25 7.63
CA LYS A 1121 25.24 -41.42 8.98
C LYS A 1121 24.84 -40.27 9.91
N ARG A 1122 24.10 -39.29 9.42
CA ARG A 1122 23.73 -38.12 10.21
C ARG A 1122 22.48 -38.41 11.04
N ASN A 1123 22.56 -38.15 12.33
CA ASN A 1123 21.42 -38.36 13.21
C ASN A 1123 20.34 -37.35 12.87
N GLY A 1124 19.15 -37.84 12.54
CA GLY A 1124 17.97 -37.02 12.40
C GLY A 1124 17.74 -36.38 11.06
N PHE A 1125 18.71 -36.43 10.14
CA PHE A 1125 18.54 -35.77 8.86
C PHE A 1125 17.69 -36.56 7.87
N CYS A 1126 17.73 -37.90 7.92
CA CYS A 1126 17.03 -38.72 6.93
C CYS A 1126 16.04 -39.65 7.64
N GLY A 1127 15.14 -39.05 8.42
CA GLY A 1127 14.14 -39.83 9.16
C GLY A 1127 14.52 -39.96 10.62
N THR A 1128 14.00 -40.97 11.30
CA THR A 1128 14.27 -41.17 12.75
C THR A 1128 14.80 -42.57 12.93
N GLY A 1129 15.59 -42.80 13.98
CA GLY A 1129 16.24 -44.12 14.14
C GLY A 1129 17.44 -44.21 13.22
N THR A 1130 17.94 -45.41 12.97
CA THR A 1130 19.14 -45.58 12.12
C THR A 1130 18.72 -45.68 10.67
N HIS A 1131 19.16 -44.76 9.82
CA HIS A 1131 18.73 -44.71 8.42
C HIS A 1131 19.23 -45.93 7.63
N ILE A 1132 18.34 -46.54 6.87
CA ILE A 1132 18.68 -47.66 5.99
C ILE A 1132 18.63 -47.24 4.51
N VAL A 1133 17.47 -46.75 4.05
CA VAL A 1133 17.25 -46.42 2.65
C VAL A 1133 16.05 -45.47 2.56
N SER A 1134 16.01 -44.66 1.49
CA SER A 1134 14.93 -43.71 1.27
C SER A 1134 14.45 -43.77 -0.19
N PHE A 1135 13.18 -43.47 -0.39
CA PHE A 1135 12.59 -43.36 -1.73
C PHE A 1135 11.93 -42.00 -1.89
N ALA A 1136 11.90 -41.51 -3.12
CA ALA A 1136 11.30 -40.22 -3.47
C ALA A 1136 10.28 -40.38 -4.58
N ILE A 1137 9.11 -39.75 -4.42
CA ILE A 1137 8.04 -39.75 -5.41
C ILE A 1137 7.63 -38.32 -5.70
N ASN A 1138 6.90 -38.14 -6.80
CA ASN A 1138 6.32 -36.85 -7.15
C ASN A 1138 5.10 -36.56 -6.29
N ALA A 1139 4.88 -35.27 -6.03
CA ALA A 1139 3.72 -34.77 -5.31
C ALA A 1139 3.36 -33.41 -5.89
N PRO A 1140 2.14 -32.92 -5.63
CA PRO A 1140 1.81 -31.54 -6.05
C PRO A 1140 2.82 -30.52 -5.54
N ASN A 1141 3.45 -29.79 -6.45
CA ASN A 1141 4.37 -28.69 -6.19
C ASN A 1141 5.72 -29.10 -5.59
N GLY A 1142 6.06 -30.39 -5.55
CA GLY A 1142 7.34 -30.81 -4.99
C GLY A 1142 7.67 -32.30 -4.95
N LEU A 1143 8.42 -32.72 -3.93
CA LEU A 1143 8.85 -34.11 -3.77
C LEU A 1143 8.39 -34.63 -2.42
N TYR A 1144 8.06 -35.92 -2.37
CA TYR A 1144 7.58 -36.61 -1.18
C TYR A 1144 8.50 -37.79 -0.88
N PHE A 1145 9.09 -37.80 0.31
CA PHE A 1145 10.11 -38.79 0.69
C PHE A 1145 9.55 -39.80 1.68
N PHE A 1146 9.97 -41.05 1.55
CA PHE A 1146 9.74 -42.09 2.55
C PHE A 1146 11.10 -42.54 3.08
N HIS A 1147 11.39 -42.21 4.33
CA HIS A 1147 12.66 -42.56 4.98
C HIS A 1147 12.46 -43.83 5.79
N VAL A 1148 13.13 -44.91 5.40
CA VAL A 1148 13.00 -46.20 6.08
C VAL A 1148 14.12 -46.33 7.11
N GLY A 1149 13.74 -46.54 8.37
CA GLY A 1149 14.70 -46.59 9.46
C GLY A 1149 14.63 -47.88 10.26
N TYR A 1150 15.76 -48.23 10.85
CA TYR A 1150 15.85 -49.39 11.74
C TYR A 1150 15.48 -48.97 13.15
N GLN A 1151 14.41 -49.55 13.69
CA GLN A 1151 13.83 -49.10 14.95
C GLN A 1151 13.71 -50.27 15.93
N PRO A 1152 14.48 -50.29 17.01
CA PRO A 1152 14.37 -51.38 17.98
C PRO A 1152 13.06 -51.35 18.75
N THR A 1153 12.60 -52.52 19.16
CA THR A 1153 11.36 -52.64 19.92
C THR A 1153 11.56 -53.13 21.35
N SER A 1154 12.49 -54.04 21.60
CA SER A 1154 12.83 -54.48 22.95
C SER A 1154 14.35 -54.50 23.13
N HIS A 1155 14.78 -54.32 24.38
CA HIS A 1155 16.19 -54.21 24.71
C HIS A 1155 16.53 -55.19 25.82
N VAL A 1156 17.83 -55.45 25.99
CA VAL A 1156 18.37 -56.13 27.16
C VAL A 1156 19.45 -55.24 27.76
N ASN A 1157 19.52 -55.20 29.09
CA ASN A 1157 20.59 -54.51 29.80
C ASN A 1157 21.79 -55.45 29.87
N ALA A 1158 22.84 -55.16 29.11
CA ALA A 1158 24.00 -56.03 29.04
C ALA A 1158 25.16 -55.41 29.81
N THR A 1159 25.94 -56.28 30.46
CA THR A 1159 27.14 -55.87 31.19
C THR A 1159 28.34 -55.88 30.24
N ALA A 1160 29.02 -54.74 30.13
CA ALA A 1160 30.04 -54.53 29.12
C ALA A 1160 31.38 -54.15 29.76
N ALA A 1161 32.44 -54.26 28.97
CA ALA A 1161 33.78 -53.89 29.36
C ALA A 1161 34.32 -52.84 28.40
N TYR A 1162 35.04 -51.84 28.93
CA TYR A 1162 35.71 -50.85 28.09
C TYR A 1162 36.77 -51.49 27.21
N GLY A 1163 37.39 -52.57 27.68
CA GLY A 1163 38.46 -53.24 26.96
C GLY A 1163 38.94 -54.41 27.78
N LEU A 1164 39.89 -55.16 27.21
CA LEU A 1164 40.42 -56.37 27.84
C LEU A 1164 41.94 -56.42 27.70
N CYS A 1165 42.62 -56.82 28.78
CA CYS A 1165 44.07 -56.93 28.80
C CYS A 1165 44.49 -58.25 29.43
N ASN A 1166 45.69 -58.73 29.07
CA ASN A 1166 46.29 -59.85 29.76
C ASN A 1166 47.25 -59.34 30.83
N THR A 1167 48.01 -60.25 31.44
CA THR A 1167 48.91 -59.91 32.53
C THR A 1167 50.36 -60.18 32.18
N GLU A 1168 50.72 -60.11 30.91
CA GLU A 1168 52.12 -60.24 30.52
C GLU A 1168 52.91 -59.06 31.06
N ASN A 1169 54.23 -59.24 31.13
CA ASN A 1169 55.07 -58.21 31.73
C ASN A 1169 54.92 -56.87 31.01
N PRO A 1170 55.03 -56.79 29.68
CA PRO A 1170 54.36 -55.70 28.97
C PRO A 1170 52.97 -56.14 28.55
N PRO A 1171 51.92 -55.49 29.05
CA PRO A 1171 50.56 -55.98 28.76
C PRO A 1171 50.16 -55.79 27.31
N LYS A 1172 49.23 -56.65 26.88
CA LYS A 1172 48.60 -56.57 25.57
C LYS A 1172 47.10 -56.34 25.78
N CYS A 1173 46.53 -55.37 25.05
CA CYS A 1173 45.16 -54.93 25.29
C CYS A 1173 44.37 -54.80 23.98
N ILE A 1174 43.07 -55.11 24.06
CA ILE A 1174 42.20 -55.10 22.89
C ILE A 1174 40.92 -54.33 23.19
N ALA A 1175 40.31 -53.82 22.12
CA ALA A 1175 39.05 -53.09 22.17
C ALA A 1175 38.17 -53.55 21.01
N PRO A 1176 36.85 -53.49 21.17
CA PRO A 1176 35.96 -54.01 20.12
C PRO A 1176 35.93 -53.07 18.91
N ILE A 1177 35.57 -53.65 17.77
CA ILE A 1177 35.38 -52.92 16.52
C ILE A 1177 33.89 -52.95 16.16
N GLY A 1178 33.26 -51.77 16.20
CA GLY A 1178 31.85 -51.65 15.84
C GLY A 1178 30.88 -52.44 16.68
N GLY A 1179 31.15 -52.57 17.98
CA GLY A 1179 30.32 -53.37 18.86
C GLY A 1179 30.74 -53.26 20.31
N TYR A 1180 30.48 -54.31 21.09
CA TYR A 1180 30.75 -54.30 22.52
C TYR A 1180 31.32 -55.64 22.97
N PHE A 1181 32.16 -55.61 24.01
CA PHE A 1181 32.57 -56.80 24.73
C PHE A 1181 31.60 -57.01 25.88
N VAL A 1182 30.86 -58.12 25.87
CA VAL A 1182 29.79 -58.32 26.84
C VAL A 1182 29.85 -59.74 27.40
N LEU A 1183 29.16 -59.90 28.53
CA LEU A 1183 29.00 -61.25 29.14
C LEU A 1183 27.72 -61.84 28.57
N ASN A 1184 27.63 -63.17 28.48
CA ASN A 1184 26.44 -63.81 27.86
C ASN A 1184 25.37 -64.03 28.93
N GLN A 1185 24.82 -62.94 29.45
CA GLN A 1185 23.73 -63.01 30.45
C GLN A 1185 22.68 -61.94 30.11
N THR A 1186 21.43 -62.12 30.53
CA THR A 1186 20.40 -61.08 30.35
C THR A 1186 20.05 -60.55 31.73
N THR A 1187 21.04 -60.51 32.63
CA THR A 1187 20.79 -60.09 34.02
C THR A 1187 21.94 -59.24 34.50
N SER A 1193 35.47 -61.74 39.65
CA SER A 1193 35.95 -63.10 39.41
C SER A 1193 36.30 -63.30 37.94
N GLU A 1194 36.62 -64.54 37.58
CA GLU A 1194 36.88 -64.89 36.19
C GLU A 1194 35.58 -65.00 35.42
N GLN A 1195 35.48 -64.29 34.31
CA GLN A 1195 34.27 -64.22 33.51
C GLN A 1195 34.59 -64.49 32.05
N GLN A 1196 33.63 -65.08 31.34
CA GLN A 1196 33.80 -65.41 29.93
C GLN A 1196 33.23 -64.27 29.07
N TRP A 1197 34.10 -63.51 28.43
CA TRP A 1197 33.71 -62.34 27.65
C TRP A 1197 33.45 -62.70 26.20
N TYR A 1198 32.43 -62.08 25.60
CA TYR A 1198 32.05 -62.29 24.21
C TYR A 1198 31.97 -60.95 23.47
N TYR A 1199 31.71 -61.02 22.18
CA TYR A 1199 31.49 -59.86 21.33
C TYR A 1199 30.07 -59.87 20.79
N THR A 1200 29.49 -58.69 20.65
CA THR A 1200 28.21 -58.53 19.96
C THR A 1200 28.25 -57.27 19.11
N GLY A 1201 27.50 -57.28 18.01
CA GLY A 1201 27.29 -56.08 17.25
C GLY A 1201 26.40 -55.10 18.00
N SER A 1202 26.63 -53.81 17.75
CA SER A 1202 25.96 -52.80 18.57
C SER A 1202 24.47 -52.67 18.29
N SER A 1203 23.93 -53.24 17.22
CA SER A 1203 22.52 -53.05 16.91
C SER A 1203 21.64 -54.25 17.19
N PHE A 1204 22.20 -55.38 17.62
CA PHE A 1204 21.41 -56.57 17.90
C PHE A 1204 22.23 -57.50 18.79
N PHE A 1205 21.65 -57.87 19.94
CA PHE A 1205 22.35 -58.68 20.92
C PHE A 1205 22.47 -60.12 20.43
N HIS A 1206 23.69 -60.56 20.18
CA HIS A 1206 23.98 -61.93 19.77
C HIS A 1206 25.44 -62.23 20.09
N PRO A 1207 25.74 -62.70 21.29
CA PRO A 1207 27.14 -62.92 21.69
C PRO A 1207 27.84 -63.93 20.78
N GLU A 1208 29.07 -63.60 20.40
CA GLU A 1208 29.92 -64.39 19.52
C GLU A 1208 31.33 -64.39 20.08
N PRO A 1209 32.14 -65.39 19.71
CA PRO A 1209 33.53 -65.43 20.20
C PRO A 1209 34.34 -64.22 19.76
N ILE A 1210 35.27 -63.81 20.62
CA ILE A 1210 36.15 -62.67 20.35
C ILE A 1210 37.32 -63.15 19.51
N THR A 1211 37.49 -62.57 18.32
CA THR A 1211 38.55 -62.94 17.40
C THR A 1211 39.21 -61.67 16.86
N GLU A 1212 40.21 -61.86 15.99
CA GLU A 1212 40.86 -60.73 15.35
C GLU A 1212 39.98 -60.06 14.31
N VAL A 1213 38.87 -60.66 13.92
CA VAL A 1213 37.94 -60.01 13.02
C VAL A 1213 37.20 -58.87 13.73
N ASN A 1214 36.83 -59.05 15.00
CA ASN A 1214 36.00 -58.07 15.70
C ASN A 1214 36.75 -57.31 16.81
N SER A 1215 38.08 -57.33 16.81
CA SER A 1215 38.83 -56.65 17.86
C SER A 1215 40.12 -56.06 17.28
N LYS A 1216 40.67 -55.08 18.00
CA LYS A 1216 41.90 -54.41 17.60
C LYS A 1216 42.75 -54.12 18.83
N TYR A 1217 44.07 -53.98 18.60
CA TYR A 1217 45.01 -53.69 19.67
C TYR A 1217 45.06 -52.19 19.96
N VAL A 1218 45.11 -51.84 21.25
CA VAL A 1218 45.10 -50.46 21.71
C VAL A 1218 46.09 -50.32 22.86
N SER A 1219 46.35 -49.07 23.24
CA SER A 1219 47.18 -48.75 24.38
C SER A 1219 46.47 -49.09 25.69
N MET A 1220 47.25 -49.32 26.73
CA MET A 1220 46.73 -49.74 28.01
C MET A 1220 45.89 -48.64 28.66
N ASP A 1221 44.88 -49.06 29.41
CA ASP A 1221 43.97 -48.18 30.14
C ASP A 1221 43.61 -48.84 31.46
N VAL A 1222 43.58 -48.05 32.54
CA VAL A 1222 43.28 -48.61 33.84
C VAL A 1222 41.83 -49.05 33.97
N LYS A 1223 40.94 -48.61 33.07
CA LYS A 1223 39.56 -49.08 33.10
C LYS A 1223 39.39 -50.49 32.55
N PHE A 1224 40.37 -51.03 31.83
CA PHE A 1224 40.22 -52.32 31.19
C PHE A 1224 40.24 -53.47 32.20
N GLU A 1225 39.47 -54.51 31.91
CA GLU A 1225 39.51 -55.72 32.72
C GLU A 1225 40.84 -56.44 32.57
N ASN A 1226 41.38 -56.88 33.71
CA ASN A 1226 42.63 -57.68 33.74
C ASN A 1226 42.22 -59.14 33.77
N LEU A 1227 42.62 -59.91 32.79
CA LEU A 1227 42.18 -61.29 32.63
C LEU A 1227 43.29 -62.27 32.99
N THR A 1228 42.96 -63.27 33.80
CA THR A 1228 43.88 -64.37 34.12
C THR A 1228 43.53 -65.67 33.41
N ASN A 1229 42.26 -66.05 33.40
CA ASN A 1229 41.84 -67.29 32.78
C ASN A 1229 40.84 -67.00 31.66
N LYS A 1230 40.72 -67.96 30.74
CA LYS A 1230 39.79 -67.88 29.62
C LYS A 1230 40.09 -66.68 28.72
N LEU A 1231 41.38 -66.52 28.40
CA LEU A 1231 41.80 -65.46 27.49
C LEU A 1231 41.26 -65.73 26.09
N PRO A 1232 40.72 -64.72 25.42
CA PRO A 1232 40.43 -64.86 24.00
C PRO A 1232 41.72 -64.96 23.19
N PRO A 1233 41.65 -65.58 22.01
CA PRO A 1233 42.87 -65.90 21.24
C PRO A 1233 43.75 -64.69 20.95
N PRO A 1234 43.20 -63.49 20.70
CA PRO A 1234 44.09 -62.34 20.46
C PRO A 1234 45.00 -62.00 21.63
N LEU A 1235 44.68 -62.46 22.84
CA LEU A 1235 45.44 -62.12 24.03
C LEU A 1235 46.40 -63.24 24.45
N LEU A 1236 46.47 -64.32 23.68
CA LEU A 1236 47.23 -65.50 24.10
C LEU A 1236 48.71 -65.32 23.77
N SER A 1237 49.56 -65.52 24.77
CA SER A 1237 51.01 -65.34 24.58
C SER A 1237 51.61 -66.49 23.79
N ASN A 1238 51.02 -67.68 23.87
CA ASN A 1238 51.53 -68.84 23.15
C ASN A 1238 51.32 -68.70 21.64
N SER B 34 -14.56 56.61 24.96
CA SER B 34 -13.31 55.91 25.34
C SER B 34 -13.32 55.64 26.86
N VAL B 35 -12.33 54.88 27.34
CA VAL B 35 -12.22 54.60 28.79
C VAL B 35 -11.62 55.84 29.48
N ASP B 36 -11.87 56.03 30.77
CA ASP B 36 -11.22 57.15 31.48
C ASP B 36 -9.76 56.78 31.76
N MET B 37 -8.82 57.66 31.45
CA MET B 37 -7.39 57.40 31.78
C MET B 37 -7.00 58.17 33.05
N GLY B 38 -7.97 58.81 33.71
CA GLY B 38 -7.70 59.53 34.96
C GLY B 38 -7.57 61.03 34.75
N THR B 39 -6.95 61.73 35.70
CA THR B 39 -6.83 63.19 35.65
C THR B 39 -5.71 63.61 34.70
N THR B 40 -6.03 64.57 33.83
CA THR B 40 -5.07 65.08 32.86
C THR B 40 -3.91 65.79 33.56
N GLY B 41 -2.71 65.62 33.01
CA GLY B 41 -1.52 66.19 33.63
C GLY B 41 -1.41 67.69 33.39
N SER B 42 -0.74 68.36 34.33
CA SER B 42 -0.47 69.79 34.23
C SER B 42 0.87 70.08 34.91
N GLY B 43 1.53 71.14 34.44
CA GLY B 43 2.82 71.49 34.98
C GLY B 43 3.95 71.25 33.99
N ASN B 44 5.12 70.88 34.49
CA ASN B 44 6.30 70.70 33.65
C ASN B 44 6.86 69.29 33.84
N CYS B 45 7.59 68.83 32.83
CA CYS B 45 8.34 67.59 32.92
C CYS B 45 9.70 67.83 33.57
N ILE B 46 10.26 66.78 34.15
CA ILE B 46 11.58 66.84 34.79
C ILE B 46 12.65 66.60 33.73
N GLU B 47 13.74 67.36 33.82
CA GLU B 47 14.84 67.23 32.89
C GLU B 47 15.56 65.89 33.03
N SER B 48 16.03 65.34 31.91
CA SER B 48 16.83 64.13 31.87
C SER B 48 18.17 64.41 31.22
N GLN B 49 19.24 63.86 31.80
CA GLN B 49 20.57 63.92 31.20
C GLN B 49 20.82 62.60 30.47
N VAL B 50 21.01 62.70 29.16
CA VAL B 50 21.19 61.52 28.31
C VAL B 50 22.68 61.31 28.11
N GLN B 51 23.18 60.18 28.59
CA GLN B 51 24.62 59.91 28.68
C GLN B 51 24.88 58.43 28.45
N PRO B 52 24.77 57.98 27.19
CA PRO B 52 24.94 56.54 26.93
C PRO B 52 26.33 56.01 27.26
N ASP B 53 27.36 56.85 27.23
CA ASP B 53 28.71 56.37 27.48
C ASP B 53 28.90 55.84 28.90
N PHE B 54 28.03 56.23 29.83
CA PHE B 54 28.07 55.68 31.17
C PHE B 54 27.26 54.39 31.33
N PHE B 55 26.48 54.00 30.34
CA PHE B 55 25.63 52.81 30.44
C PHE B 55 26.17 51.66 29.60
N GLU B 56 26.37 51.88 28.30
CA GLU B 56 26.96 50.87 27.42
C GLU B 56 28.48 51.06 27.45
N THR B 57 29.10 50.47 28.46
CA THR B 57 30.53 50.57 28.69
C THR B 57 31.11 49.18 28.97
N ALA B 58 32.41 49.04 28.72
CA ALA B 58 33.06 47.74 28.93
C ALA B 58 33.00 47.29 30.38
N ARG B 59 32.99 48.23 31.32
CA ARG B 59 32.89 47.90 32.74
C ARG B 59 31.49 47.49 33.16
N ASN B 60 30.46 47.75 32.35
CA ASN B 60 29.09 47.40 32.70
C ASN B 60 28.53 46.28 31.82
N THR B 61 29.39 45.45 31.24
CA THR B 61 28.95 44.35 30.41
C THR B 61 28.90 43.07 31.24
N TRP B 62 27.71 42.50 31.37
CA TRP B 62 27.49 41.30 32.17
C TRP B 62 26.70 40.28 31.34
N PRO B 63 27.36 39.60 30.40
CA PRO B 63 26.64 38.77 29.44
C PRO B 63 25.98 37.55 30.08
N LEU B 64 24.76 37.27 29.61
CA LEU B 64 24.05 36.05 29.94
C LEU B 64 23.41 35.50 28.68
N SER B 65 23.71 34.25 28.35
CA SER B 65 23.23 33.64 27.12
C SER B 65 22.07 32.69 27.42
N ILE B 66 21.34 32.32 26.37
CA ILE B 66 20.22 31.40 26.52
C ILE B 66 20.77 29.99 26.77
N ASP B 67 20.35 29.39 27.87
CA ASP B 67 20.78 28.05 28.26
C ASP B 67 19.62 27.08 28.08
N THR B 68 19.62 26.36 26.96
CA THR B 68 18.55 25.40 26.68
C THR B 68 18.55 24.22 27.64
N SER B 69 19.69 23.91 28.27
CA SER B 69 19.71 22.81 29.24
C SER B 69 18.88 23.11 30.46
N LYS B 70 18.58 24.38 30.74
CA LYS B 70 17.61 24.75 31.76
C LYS B 70 16.28 25.21 31.16
N ALA B 71 16.11 25.12 29.84
CA ALA B 71 14.89 25.56 29.14
C ALA B 71 14.60 27.04 29.41
N GLU B 72 15.63 27.87 29.31
CA GLU B 72 15.47 29.30 29.57
C GLU B 72 14.71 29.96 28.42
N GLY B 73 13.73 30.78 28.77
CA GLY B 73 12.97 31.51 27.76
C GLY B 73 11.96 30.69 26.99
N VAL B 74 11.45 29.60 27.55
CA VAL B 74 10.53 28.72 26.83
C VAL B 74 9.10 28.98 27.31
N ILE B 75 8.21 29.23 26.37
CA ILE B 75 6.79 29.40 26.66
C ILE B 75 6.13 28.02 26.73
N TYR B 76 5.31 27.80 27.77
CA TYR B 76 4.55 26.56 27.98
C TYR B 76 3.32 26.51 27.05
N PRO B 77 3.02 25.34 26.48
CA PRO B 77 1.86 25.22 25.57
C PRO B 77 0.53 25.52 26.25
N ASN B 78 -0.41 26.04 25.46
CA ASN B 78 -1.70 26.48 25.97
C ASN B 78 -2.71 25.36 26.07
N GLY B 79 -3.49 25.36 27.15
CA GLY B 79 -4.65 24.49 27.30
C GLY B 79 -4.38 23.04 27.65
N LYS B 80 -3.16 22.67 28.03
CA LYS B 80 -2.85 21.27 28.29
C LYS B 80 -1.55 21.18 29.10
N SER B 81 -1.26 19.97 29.56
CA SER B 81 0.05 19.67 30.13
C SER B 81 0.40 18.21 29.80
N TYR B 82 1.68 17.89 29.95
CA TYR B 82 2.20 16.56 29.72
C TYR B 82 2.99 16.13 30.96
N SER B 83 3.03 14.83 31.22
CA SER B 83 3.68 14.33 32.43
C SER B 83 4.73 13.27 32.07
N ASN B 84 5.98 13.52 32.45
CA ASN B 84 7.06 12.51 32.42
C ASN B 84 7.28 11.95 31.01
N ILE B 85 7.37 12.84 30.01
CA ILE B 85 7.63 12.43 28.64
C ILE B 85 8.52 13.47 27.96
N THR B 86 9.01 13.10 26.77
CA THR B 86 9.81 13.94 25.91
C THR B 86 9.12 14.03 24.55
N LEU B 87 9.08 15.23 23.96
CA LEU B 87 8.47 15.37 22.65
C LEU B 87 8.94 16.64 21.96
N THR B 88 8.77 16.66 20.64
CA THR B 88 9.07 17.83 19.83
C THR B 88 7.84 18.69 19.65
N TYR B 89 8.06 20.00 19.55
CA TYR B 89 6.99 20.98 19.52
C TYR B 89 7.41 22.15 18.65
N THR B 90 6.53 22.55 17.74
CA THR B 90 6.80 23.67 16.85
C THR B 90 6.14 24.91 17.42
N GLY B 91 6.92 25.97 17.62
CA GLY B 91 6.39 27.21 18.17
C GLY B 91 7.30 28.41 18.01
N LEU B 92 7.28 29.31 18.98
CA LEU B 92 8.17 30.48 18.99
C LEU B 92 9.14 30.35 20.15
N TYR B 93 10.43 30.28 19.84
CA TYR B 93 11.46 30.01 20.82
C TYR B 93 12.68 30.89 20.55
N PRO B 94 13.46 31.20 21.58
CA PRO B 94 14.75 31.85 21.35
C PRO B 94 15.76 30.88 20.75
N LYS B 95 16.81 31.43 20.17
CA LYS B 95 17.90 30.59 19.66
C LYS B 95 18.87 30.24 20.78
N ALA B 96 19.40 29.02 20.71
CA ALA B 96 20.33 28.54 21.73
C ALA B 96 21.58 29.41 21.76
N ASN B 97 22.05 29.68 22.98
CA ASN B 97 23.26 30.47 23.25
C ASN B 97 23.15 31.93 22.80
N ASP B 98 21.93 32.43 22.58
CA ASP B 98 21.73 33.82 22.19
C ASP B 98 22.10 34.77 23.33
N LEU B 99 22.87 35.81 23.02
CA LEU B 99 23.23 36.79 24.05
C LEU B 99 22.14 37.85 24.25
N GLY B 100 21.34 38.11 23.22
CA GLY B 100 20.29 39.12 23.41
C GLY B 100 20.85 40.52 23.55
N LYS B 101 20.19 41.33 24.36
CA LYS B 101 20.54 42.74 24.51
C LYS B 101 20.32 43.20 25.94
N GLN B 102 21.33 43.82 26.52
CA GLN B 102 21.31 44.25 27.92
C GLN B 102 20.81 45.68 28.06
N TYR B 103 20.08 45.94 29.15
CA TYR B 103 19.59 47.28 29.50
C TYR B 103 19.76 47.50 30.99
N VAL B 104 20.13 48.72 31.39
CA VAL B 104 20.32 49.03 32.81
C VAL B 104 19.75 50.40 33.12
N PHE B 105 19.08 50.51 34.26
CA PHE B 105 18.53 51.78 34.74
C PHE B 105 19.34 52.29 35.92
N SER B 106 19.25 53.60 36.17
CA SER B 106 20.07 54.28 37.17
C SER B 106 19.25 55.21 38.03
N ASP B 107 19.79 55.51 39.22
CA ASP B 107 19.28 56.59 40.04
C ASP B 107 19.52 57.94 39.36
N GLY B 108 18.70 58.92 39.71
CA GLY B 108 18.94 60.27 39.26
C GLY B 108 19.96 60.99 40.13
N HIS B 109 20.35 62.19 39.68
CA HIS B 109 21.32 62.99 40.40
C HIS B 109 20.77 63.42 41.75
N SER B 110 21.63 63.42 42.77
CA SER B 110 21.20 63.77 44.11
C SER B 110 22.36 64.31 44.92
N SER B 111 22.03 65.19 45.85
CA SER B 111 22.94 65.76 46.83
C SER B 111 22.18 65.82 48.15
N PRO B 112 22.89 65.89 49.29
CA PRO B 112 22.19 65.85 50.59
C PRO B 112 21.10 66.90 50.71
N GLY B 113 19.85 66.43 50.75
CA GLY B 113 18.68 67.29 50.87
C GLY B 113 18.07 67.77 49.55
N THR B 114 18.68 67.47 48.40
CA THR B 114 18.19 68.00 47.14
C THR B 114 18.11 66.90 46.09
N LEU B 115 17.10 67.00 45.23
CA LEU B 115 16.90 66.10 44.11
C LEU B 115 17.08 66.87 42.80
N SER B 116 17.84 66.31 41.88
CA SER B 116 18.19 67.02 40.66
C SER B 116 17.82 66.20 39.42
N ARG B 117 18.41 66.54 38.28
CA ARG B 117 18.09 65.92 37.00
C ARG B 117 18.09 64.40 37.02
N LEU B 118 17.33 63.78 36.13
CA LEU B 118 17.33 62.35 35.93
C LEU B 118 18.51 61.94 35.05
N PHE B 119 18.94 60.68 35.20
CA PHE B 119 20.11 60.15 34.54
C PHE B 119 19.72 58.90 33.77
N VAL B 120 19.88 58.92 32.44
CA VAL B 120 19.44 57.81 31.58
C VAL B 120 20.37 57.62 30.40
N SER B 121 20.26 56.43 29.80
CA SER B 121 20.86 56.12 28.50
C SER B 121 19.98 56.70 27.39
N ASN B 122 20.23 56.34 26.14
CA ASN B 122 19.42 56.83 25.02
C ASN B 122 18.45 55.78 24.48
N TYR B 123 17.87 54.96 25.35
CA TYR B 123 16.93 53.94 24.92
C TYR B 123 15.66 54.54 24.30
N SER B 124 15.23 55.71 24.77
CA SER B 124 13.97 56.32 24.34
C SER B 124 13.98 56.69 22.85
N ARG B 125 15.14 56.81 22.22
CA ARG B 125 15.19 57.16 20.80
C ARG B 125 15.54 55.98 19.91
N GLN B 126 15.64 54.77 20.46
CA GLN B 126 15.91 53.57 19.67
C GLN B 126 14.59 52.85 19.35
N VAL B 127 14.44 52.43 18.10
CA VAL B 127 13.25 51.73 17.65
C VAL B 127 13.67 50.35 17.11
N GLU B 128 13.11 49.28 17.69
CA GLU B 128 13.43 47.89 17.36
C GLU B 128 12.29 47.22 16.57
N PRO B 129 12.62 46.34 15.62
CA PRO B 129 11.57 45.58 14.94
C PRO B 129 10.98 44.51 15.85
N PHE B 130 9.65 44.42 15.85
CA PHE B 130 8.96 43.46 16.69
C PHE B 130 9.11 42.03 16.16
N ASP B 131 9.00 41.85 14.83
CA ASP B 131 9.16 40.54 14.16
C ASP B 131 8.16 39.57 14.79
N SER B 132 8.59 38.50 15.46
CA SER B 132 7.70 37.53 16.06
C SER B 132 7.51 37.71 17.57
N GLY B 133 8.02 38.78 18.17
CA GLY B 133 7.90 38.98 19.60
C GLY B 133 9.22 38.74 20.32
N PHE B 134 9.18 38.77 21.66
CA PHE B 134 10.40 38.65 22.44
C PHE B 134 10.09 38.16 23.85
N VAL B 135 11.17 37.77 24.55
CA VAL B 135 11.12 37.42 25.97
C VAL B 135 12.16 38.22 26.73
N VAL B 136 11.93 38.42 28.02
CA VAL B 136 12.72 39.32 28.85
C VAL B 136 13.11 38.63 30.16
N ARG B 137 14.41 38.63 30.45
CA ARG B 137 14.93 38.11 31.72
C ARG B 137 15.07 39.28 32.70
N ILE B 138 14.46 39.17 33.86
CA ILE B 138 14.29 40.27 34.80
C ILE B 138 14.92 39.92 36.15
N GLY B 139 15.74 40.82 36.68
CA GLY B 139 16.27 40.72 38.02
C GLY B 139 17.22 39.56 38.29
N ALA B 140 18.08 39.24 37.33
CA ALA B 140 18.94 38.07 37.47
C ALA B 140 20.07 38.28 38.48
N ALA B 141 20.50 39.52 38.69
CA ALA B 141 21.64 39.81 39.55
C ALA B 141 21.24 40.30 40.94
N ALA B 142 19.96 40.23 41.28
CA ALA B 142 19.53 40.67 42.60
C ALA B 142 20.23 39.85 43.69
N ASN B 143 20.60 40.54 44.79
CA ASN B 143 21.31 39.94 45.96
C ASN B 143 22.83 40.02 45.79
N LYS B 144 23.33 40.52 44.66
CA LYS B 144 24.77 40.70 44.46
C LYS B 144 25.10 42.18 44.66
N THR B 145 26.33 42.45 45.09
CA THR B 145 26.78 43.84 45.19
C THR B 145 27.11 44.37 43.80
N GLY B 146 26.76 45.63 43.55
CA GLY B 146 26.90 46.17 42.22
C GLY B 146 27.09 47.68 42.21
N THR B 147 27.41 48.18 41.02
CA THR B 147 27.67 49.60 40.84
C THR B 147 26.38 50.42 40.81
N THR B 148 26.48 51.64 41.32
CA THR B 148 25.47 52.67 41.13
C THR B 148 25.97 53.53 39.98
N ILE B 149 25.46 53.26 38.78
CA ILE B 149 25.91 53.85 37.52
C ILE B 149 26.23 55.34 37.63
N ILE B 150 25.40 56.07 38.39
CA ILE B 150 25.63 57.51 38.60
C ILE B 150 26.98 57.80 39.24
N SER B 151 27.51 56.86 40.03
CA SER B 151 28.80 57.05 40.70
C SER B 151 29.65 55.81 40.50
N GLN B 152 30.71 55.94 39.71
CA GLN B 152 31.50 54.78 39.30
C GLN B 152 32.23 54.11 40.46
N SER B 153 32.34 54.77 41.61
CA SER B 153 33.01 54.17 42.77
C SER B 153 32.05 53.53 43.76
N THR B 154 30.83 54.06 43.89
CA THR B 154 29.91 53.58 44.91
C THR B 154 29.37 52.20 44.54
N ASN B 155 29.21 51.36 45.57
CA ASN B 155 28.72 49.99 45.40
C ASN B 155 27.59 49.72 46.36
N ARG B 156 26.59 48.98 45.89
CA ARG B 156 25.36 48.70 46.63
C ARG B 156 24.91 47.29 46.31
N PRO B 157 24.13 46.66 47.19
CA PRO B 157 23.45 45.41 46.81
C PRO B 157 22.34 45.67 45.80
N ILE B 158 22.23 44.78 44.82
CA ILE B 158 21.41 45.00 43.64
C ILE B 158 19.96 44.69 43.95
N LYS B 159 19.04 45.51 43.42
CA LYS B 159 17.61 45.32 43.56
C LYS B 159 16.96 45.12 42.20
N LYS B 160 15.89 44.32 42.18
CA LYS B 160 15.15 44.05 40.95
C LYS B 160 14.35 45.27 40.51
N ILE B 161 14.31 45.52 39.20
CA ILE B 161 13.49 46.59 38.63
C ILE B 161 12.84 46.08 37.34
N TYR B 162 11.54 46.48 37.13
CA TYR B 162 10.79 46.04 35.95
C TYR B 162 10.97 47.01 34.78
N PRO B 163 10.94 46.50 33.56
CA PRO B 163 10.99 47.37 32.38
C PRO B 163 9.62 47.95 32.03
N ALA B 164 9.64 48.87 31.06
CA ALA B 164 8.43 49.49 30.51
C ALA B 164 8.58 49.60 29.00
N PHE B 165 7.47 49.45 28.28
CA PHE B 165 7.53 49.37 26.82
C PHE B 165 6.48 50.25 26.15
N MET B 166 6.81 50.69 24.93
CA MET B 166 5.87 51.25 23.97
C MET B 166 5.94 50.42 22.69
N LEU B 167 4.78 50.06 22.15
CA LEU B 167 4.69 49.22 20.96
C LEU B 167 3.65 49.78 20.00
N GLY B 168 3.95 49.79 18.71
CA GLY B 168 3.06 50.46 17.78
C GLY B 168 3.23 50.05 16.34
N HIS B 169 2.50 50.76 15.46
CA HIS B 169 2.45 50.36 14.03
C HIS B 169 3.20 51.34 13.11
N SER B 170 3.47 52.57 13.56
CA SER B 170 4.24 53.49 12.73
C SER B 170 4.93 54.52 13.61
N VAL B 171 6.12 54.96 13.20
CA VAL B 171 6.95 55.82 14.02
C VAL B 171 7.44 57.01 13.21
N GLY B 172 7.77 58.09 13.92
CA GLY B 172 8.28 59.31 13.33
C GLY B 172 9.18 60.04 14.30
N ASN B 173 9.48 61.29 13.96
CA ASN B 173 10.26 62.16 14.82
C ASN B 173 9.39 62.94 15.79
N TYR B 174 9.91 63.17 16.99
CA TYR B 174 9.33 64.17 17.87
C TYR B 174 9.51 65.54 17.21
N THR B 175 8.41 66.28 17.07
CA THR B 175 8.35 67.33 16.06
C THR B 175 9.32 68.47 16.28
N PRO B 176 9.47 69.05 17.47
CA PRO B 176 10.39 70.21 17.58
C PRO B 176 11.86 69.83 17.41
N THR B 177 12.33 68.77 18.06
CA THR B 177 13.75 68.48 18.17
C THR B 177 14.29 67.56 17.08
N ASN B 178 13.42 67.00 16.24
CA ASN B 178 13.80 65.98 15.25
C ASN B 178 14.56 64.81 15.90
N ILE B 179 14.12 64.42 17.09
CA ILE B 179 14.66 63.25 17.78
C ILE B 179 13.75 62.06 17.46
N THR B 180 14.35 60.93 17.08
CA THR B 180 13.56 59.76 16.68
C THR B 180 12.89 59.10 17.89
N GLY B 181 11.95 58.20 17.59
CA GLY B 181 11.26 57.41 18.60
C GLY B 181 9.81 57.76 18.88
N ARG B 182 9.17 58.61 18.08
CA ARG B 182 7.78 58.96 18.32
C ARG B 182 6.83 57.94 17.71
N TYR B 183 5.79 57.59 18.46
CA TYR B 183 4.82 56.57 18.05
C TYR B 183 3.51 57.24 17.64
N LEU B 184 3.08 56.98 16.40
CA LEU B 184 1.89 57.67 15.83
C LEU B 184 0.64 56.77 15.84
N ASN B 185 -0.55 57.38 15.90
CA ASN B 185 -1.83 56.61 15.87
C ASN B 185 -1.97 55.90 17.23
N HIS B 186 -2.79 54.85 17.31
CA HIS B 186 -2.94 54.09 18.58
C HIS B 186 -1.61 53.42 18.94
N THR B 187 -1.23 53.51 20.21
CA THR B 187 0.03 52.93 20.69
C THR B 187 -0.24 52.05 21.88
N LEU B 188 0.34 50.84 21.93
CA LEU B 188 0.20 49.98 23.13
C LEU B 188 1.28 50.36 24.16
N VAL B 189 0.89 50.67 25.39
CA VAL B 189 1.82 51.02 26.45
C VAL B 189 1.71 49.98 27.57
N ILE B 190 2.85 49.47 28.01
CA ILE B 190 2.93 48.58 29.16
C ILE B 190 3.84 49.22 30.20
N LEU B 191 3.31 49.46 31.39
CA LEU B 191 3.96 50.35 32.36
C LEU B 191 3.83 49.83 33.79
N PRO B 192 4.94 49.44 34.43
CA PRO B 192 4.88 48.98 35.83
C PRO B 192 4.63 50.14 36.78
N ASP B 193 4.10 49.83 37.97
CA ASP B 193 3.76 50.87 38.92
C ASP B 193 3.62 50.28 40.32
N GLY B 194 3.34 51.16 41.28
CA GLY B 194 3.10 50.75 42.65
C GLY B 194 4.28 50.11 43.32
N CYS B 195 5.49 50.57 43.02
CA CYS B 195 6.72 50.06 43.61
C CYS B 195 6.86 48.57 43.35
N GLY B 196 6.47 48.15 42.15
CA GLY B 196 6.54 46.75 41.77
C GLY B 196 5.36 45.88 42.17
N THR B 197 4.19 46.46 42.38
CA THR B 197 3.02 45.68 42.77
C THR B 197 1.89 45.74 41.74
N LEU B 198 2.13 46.34 40.58
CA LEU B 198 1.08 46.55 39.60
C LEU B 198 1.73 46.83 38.25
N VAL B 199 1.04 46.48 37.18
CA VAL B 199 1.44 46.87 35.83
C VAL B 199 0.20 47.29 35.06
N HIS B 200 0.29 48.41 34.36
CA HIS B 200 -0.76 48.92 33.48
C HIS B 200 -0.58 48.41 32.05
N ALA B 201 -1.68 48.34 31.30
CA ALA B 201 -1.62 47.99 29.85
C ALA B 201 -2.77 48.72 29.16
N PHE B 202 -2.48 49.74 28.35
CA PHE B 202 -3.54 50.56 27.71
C PHE B 202 -3.20 50.84 26.24
N TYR B 203 -4.22 51.11 25.40
CA TYR B 203 -4.02 51.34 23.95
C TYR B 203 -4.65 52.67 23.57
N CYS B 204 -3.85 53.74 23.48
CA CYS B 204 -4.41 55.10 23.23
C CYS B 204 -3.49 55.92 22.30
N ILE B 205 -4.01 57.00 21.70
CA ILE B 205 -3.16 57.92 20.89
C ILE B 205 -2.35 58.80 21.85
N LEU B 206 -1.08 59.07 21.55
CA LEU B 206 -0.19 59.83 22.47
C LEU B 206 -0.04 61.26 21.94
N GLN B 207 -0.60 62.26 22.63
CA GLN B 207 -0.56 63.61 22.12
C GLN B 207 0.47 64.42 22.90
N PRO B 208 1.56 64.86 22.28
CA PRO B 208 2.62 65.53 23.04
C PRO B 208 2.16 66.84 23.67
N ARG B 209 2.69 67.11 24.84
CA ARG B 209 2.50 68.39 25.54
C ARG B 209 3.68 69.31 25.26
N THR B 210 3.42 70.61 25.32
CA THR B 210 4.39 71.63 24.93
C THR B 210 5.14 72.26 26.10
N GLN B 211 4.85 71.86 27.33
CA GLN B 211 5.52 72.44 28.49
C GLN B 211 6.97 71.99 28.56
N ALA B 212 7.73 72.63 29.45
CA ALA B 212 9.18 72.44 29.49
C ALA B 212 9.58 70.99 29.70
N TYR B 213 10.51 70.51 28.87
CA TYR B 213 11.08 69.17 28.87
C TYR B 213 10.09 68.09 28.45
N CYS B 214 8.90 68.48 27.99
CA CYS B 214 7.89 67.50 27.59
C CYS B 214 8.03 67.22 26.09
N ALA B 215 7.27 66.23 25.61
CA ALA B 215 7.55 65.65 24.30
C ALA B 215 7.40 66.65 23.16
N GLY B 216 6.55 67.66 23.31
CA GLY B 216 6.39 68.69 22.31
C GLY B 216 7.21 69.95 22.50
N ALA B 217 8.16 69.96 23.43
CA ALA B 217 8.95 71.14 23.74
C ALA B 217 10.30 71.09 23.02
N SER B 218 11.00 72.23 23.05
CA SER B 218 12.32 72.33 22.44
C SER B 218 13.44 71.82 23.33
N THR B 219 13.16 71.58 24.61
CA THR B 219 14.13 71.07 25.55
C THR B 219 13.98 69.57 25.82
N PHE B 220 13.13 68.88 25.05
CA PHE B 220 12.90 67.46 25.28
C PHE B 220 14.12 66.65 24.90
N THR B 221 14.52 65.72 25.75
CA THR B 221 15.59 64.79 25.40
C THR B 221 15.15 63.33 25.38
N SER B 222 14.28 62.90 26.29
CA SER B 222 13.85 61.50 26.30
C SER B 222 12.59 61.35 27.13
N VAL B 223 11.83 60.30 26.83
CA VAL B 223 10.65 59.95 27.60
C VAL B 223 11.13 59.10 28.77
N THR B 224 11.21 59.70 29.96
CA THR B 224 11.79 59.07 31.14
C THR B 224 10.74 59.12 32.25
N VAL B 225 10.32 57.97 32.75
CA VAL B 225 9.37 57.92 33.85
C VAL B 225 10.13 57.75 35.15
N TRP B 226 9.61 58.35 36.22
CA TRP B 226 10.30 58.41 37.50
C TRP B 226 9.30 58.19 38.62
N ASP B 227 9.82 57.73 39.76
CA ASP B 227 9.06 57.69 40.99
C ASP B 227 9.96 58.18 42.12
N THR B 228 9.34 58.65 43.19
CA THR B 228 10.08 59.21 44.33
C THR B 228 9.86 58.31 45.53
N PRO B 229 10.81 57.43 45.86
CA PRO B 229 10.54 56.41 46.89
C PRO B 229 10.29 56.98 48.27
N ALA B 230 10.72 58.21 48.54
CA ALA B 230 10.46 58.81 49.85
C ALA B 230 8.96 59.01 50.07
N SER B 231 8.23 59.41 49.03
CA SER B 231 6.79 59.63 49.14
C SER B 231 5.95 58.56 48.47
N ASP B 232 6.50 57.78 47.53
CA ASP B 232 5.74 56.73 46.85
C ASP B 232 5.91 55.37 47.52
N CYS B 233 7.14 54.96 47.83
CA CYS B 233 7.41 53.63 48.38
C CYS B 233 7.77 53.68 49.86
N ALA B 234 7.20 54.63 50.59
CA ALA B 234 7.55 54.78 52.00
C ALA B 234 7.01 53.62 52.83
N ASN B 235 5.77 53.21 52.57
CA ASN B 235 5.09 52.23 53.38
C ASN B 235 4.40 51.20 52.50
N SER B 236 4.55 49.92 52.85
CA SER B 236 3.97 48.84 52.08
C SER B 236 2.45 48.89 52.06
N GLN B 237 1.83 49.65 52.97
CA GLN B 237 0.39 49.80 52.99
C GLN B 237 -0.10 51.02 52.23
N SER B 238 0.81 51.87 51.75
CA SER B 238 0.44 53.09 51.06
C SER B 238 1.32 53.29 49.83
N TYR B 239 1.56 52.21 49.09
CA TYR B 239 2.29 52.32 47.83
C TYR B 239 1.47 53.13 46.84
N ASN B 240 2.10 54.09 46.19
CA ASN B 240 1.41 54.90 45.19
C ASN B 240 1.30 54.09 43.90
N ARG B 241 0.07 53.73 43.53
CA ARG B 241 -0.18 52.89 42.38
C ARG B 241 -0.22 53.65 41.06
N LEU B 242 -0.11 54.98 41.09
CA LEU B 242 -0.29 55.79 39.89
C LEU B 242 0.91 56.68 39.58
N ALA B 243 2.02 56.54 40.30
CA ALA B 243 3.14 57.47 40.15
C ALA B 243 3.74 57.42 38.74
N ASN B 244 4.03 56.22 38.25
CA ASN B 244 4.60 56.10 36.91
C ASN B 244 3.62 56.60 35.84
N LEU B 245 2.33 56.29 36.02
CA LEU B 245 1.32 56.78 35.08
C LEU B 245 1.21 58.30 35.12
N ASN B 246 1.27 58.88 36.32
CA ASN B 246 1.29 60.33 36.42
C ASN B 246 2.48 60.93 35.70
N ALA B 247 3.65 60.31 35.83
CA ALA B 247 4.83 60.82 35.11
C ALA B 247 4.67 60.71 33.60
N PHE B 248 4.11 59.60 33.12
CA PHE B 248 3.89 59.44 31.67
C PHE B 248 2.95 60.51 31.12
N LYS B 249 1.92 60.86 31.89
CA LYS B 249 0.93 61.86 31.46
C LYS B 249 1.50 63.27 31.34
N LEU B 250 2.66 63.55 31.94
CA LEU B 250 3.30 64.84 31.74
C LEU B 250 3.91 64.94 30.34
N TYR B 251 4.40 63.84 29.79
CA TYR B 251 4.92 63.88 28.43
C TYR B 251 3.80 63.96 27.39
N PHE B 252 2.68 63.27 27.62
CA PHE B 252 1.61 63.19 26.63
C PHE B 252 0.23 63.33 27.25
N ASP B 253 -0.72 63.81 26.45
CA ASP B 253 -2.14 63.69 26.74
C ASP B 253 -2.68 62.42 26.08
N LEU B 254 -3.36 61.58 26.86
CA LEU B 254 -3.87 60.28 26.36
C LEU B 254 -5.24 60.48 25.71
N ILE B 255 -5.40 60.13 24.43
CA ILE B 255 -6.68 60.45 23.74
C ILE B 255 -7.36 59.21 23.14
N ASN B 256 -8.69 59.13 23.23
CA ASN B 256 -9.45 58.04 22.55
C ASN B 256 -8.89 56.65 22.91
N CYS B 257 -8.66 56.39 24.19
CA CYS B 257 -8.13 55.06 24.62
C CYS B 257 -9.19 53.97 24.38
N THR B 258 -8.77 52.80 23.89
CA THR B 258 -9.74 51.73 23.57
C THR B 258 -9.94 50.84 24.80
N PHE B 259 -8.89 50.66 25.61
CA PHE B 259 -9.03 49.79 26.81
C PHE B 259 -7.99 50.15 27.88
N ARG B 260 -8.24 49.75 29.12
CA ARG B 260 -7.32 50.03 30.25
C ARG B 260 -7.37 48.85 31.24
N TYR B 261 -6.29 48.08 31.35
CA TYR B 261 -6.21 46.94 32.25
C TYR B 261 -5.08 47.16 33.24
N ASN B 262 -5.11 46.37 34.30
CA ASN B 262 -4.03 46.38 35.32
C ASN B 262 -3.94 44.97 35.91
N TYR B 263 -2.76 44.55 36.37
CA TYR B 263 -2.56 43.24 36.96
C TYR B 263 -1.74 43.40 38.23
N THR B 264 -2.14 42.68 39.29
CA THR B 264 -1.48 42.78 40.59
C THR B 264 -0.30 41.81 40.68
N ILE B 265 0.78 42.28 41.30
CA ILE B 265 2.04 41.55 41.40
C ILE B 265 2.43 41.42 42.87
N THR B 266 2.89 40.23 43.25
CA THR B 266 3.44 40.01 44.58
C THR B 266 4.90 40.48 44.63
N GLU B 267 5.20 41.35 45.58
CA GLU B 267 6.53 41.93 45.69
C GLU B 267 7.51 40.95 46.31
N ASP B 268 8.65 40.74 45.64
CA ASP B 268 9.75 39.93 46.15
C ASP B 268 11.00 40.24 45.34
N GLU B 269 12.04 39.44 45.50
CA GLU B 269 13.31 39.63 44.80
C GLU B 269 13.72 38.41 44.00
N ASN B 270 12.75 37.63 43.52
CA ASN B 270 13.05 36.46 42.69
C ASN B 270 13.24 36.86 41.24
N ALA B 271 14.15 36.17 40.56
CA ALA B 271 14.31 36.33 39.12
C ALA B 271 13.02 35.90 38.41
N GLU B 272 12.72 36.54 37.28
CA GLU B 272 11.45 36.40 36.58
C GLU B 272 11.67 36.39 35.07
N TRP B 273 10.65 35.91 34.33
CA TRP B 273 10.60 35.98 32.88
C TRP B 273 9.27 36.57 32.42
N PHE B 274 9.31 37.36 31.35
CA PHE B 274 8.13 37.97 30.74
C PHE B 274 8.21 37.82 29.23
N GLY B 275 7.06 37.68 28.57
CA GLY B 275 7.04 37.49 27.14
C GLY B 275 5.81 38.08 26.48
N ILE B 276 5.92 38.35 25.18
CA ILE B 276 4.84 38.96 24.40
C ILE B 276 4.93 38.47 22.95
N THR B 277 3.76 38.11 22.39
CA THR B 277 3.60 37.71 20.99
C THR B 277 2.30 38.33 20.46
N GLN B 278 2.05 38.15 19.16
CA GLN B 278 0.81 38.60 18.53
C GLN B 278 0.40 37.63 17.42
N ASP B 279 -0.89 37.37 17.30
CA ASP B 279 -1.42 36.60 16.16
C ASP B 279 -2.82 37.11 15.84
N THR B 280 -3.60 36.33 15.09
CA THR B 280 -4.93 36.76 14.65
C THR B 280 -5.84 37.11 15.83
N GLN B 281 -5.69 36.43 16.96
CA GLN B 281 -6.57 36.63 18.10
C GLN B 281 -6.11 37.76 19.03
N GLY B 282 -5.04 38.49 18.69
CA GLY B 282 -4.58 39.62 19.47
C GLY B 282 -3.16 39.51 19.99
N VAL B 283 -2.83 40.32 21.00
CA VAL B 283 -1.51 40.33 21.63
C VAL B 283 -1.59 39.47 22.89
N HIS B 284 -0.67 38.52 23.04
CA HIS B 284 -0.62 37.62 24.19
C HIS B 284 0.56 37.96 25.12
N LEU B 285 0.32 37.94 26.43
CA LEU B 285 1.34 38.21 27.45
C LEU B 285 1.59 36.97 28.31
N TYR B 286 2.85 36.69 28.62
CA TYR B 286 3.23 35.50 29.38
C TYR B 286 4.13 35.86 30.55
N SER B 287 4.14 35.02 31.58
CA SER B 287 4.92 35.30 32.77
C SER B 287 5.20 34.01 33.55
N SER B 288 6.41 33.92 34.11
CA SER B 288 6.75 32.81 35.00
C SER B 288 6.13 32.94 36.39
N ARG B 289 5.55 34.09 36.72
CA ARG B 289 4.87 34.27 38.00
C ARG B 289 3.49 33.63 38.04
N LYS B 290 2.95 33.21 36.89
CA LYS B 290 1.57 32.76 36.81
C LYS B 290 1.32 31.51 37.65
N GLU B 291 2.21 30.52 37.57
CA GLU B 291 2.02 29.26 38.29
C GLU B 291 3.02 29.06 39.43
N ASN B 292 4.31 29.19 39.17
CA ASN B 292 5.34 28.87 40.16
C ASN B 292 6.57 29.73 39.85
N VAL B 293 6.75 30.81 40.60
CA VAL B 293 7.86 31.72 40.32
C VAL B 293 9.23 31.09 40.59
N PHE B 294 9.30 29.96 41.30
CA PHE B 294 10.57 29.30 41.49
C PHE B 294 10.95 28.39 40.32
N ARG B 295 10.10 28.25 39.31
CA ARG B 295 10.44 27.67 38.03
C ARG B 295 10.39 28.75 36.96
N ASN B 296 11.09 28.54 35.85
CA ASN B 296 11.21 29.59 34.86
C ASN B 296 10.30 29.42 33.63
N ASN B 297 9.38 28.46 33.65
CA ASN B 297 8.43 28.32 32.54
C ASN B 297 7.46 29.51 32.52
N MET B 298 7.22 30.09 31.34
CA MET B 298 6.27 31.19 31.20
C MET B 298 4.89 30.66 30.81
N PHE B 299 3.85 31.22 31.43
CA PHE B 299 2.47 30.82 31.18
C PHE B 299 1.65 32.03 30.73
N HIS B 300 0.70 31.79 29.82
CA HIS B 300 -0.19 32.84 29.33
C HIS B 300 -1.05 33.40 30.46
N PHE B 301 -1.14 34.73 30.55
CA PHE B 301 -1.99 35.36 31.56
C PHE B 301 -2.91 36.46 31.04
N ALA B 302 -2.80 36.91 29.79
CA ALA B 302 -3.71 37.91 29.26
C ALA B 302 -3.65 37.93 27.74
N THR B 303 -4.76 38.35 27.13
CA THR B 303 -4.87 38.62 25.70
C THR B 303 -5.44 40.03 25.50
N LEU B 304 -4.80 40.81 24.67
CA LEU B 304 -5.21 42.20 24.47
C LEU B 304 -5.77 42.39 23.07
N PRO B 305 -6.90 43.10 22.93
CA PRO B 305 -7.54 43.29 21.60
C PRO B 305 -6.84 44.35 20.77
N VAL B 306 -5.65 44.01 20.29
CA VAL B 306 -4.85 44.82 19.38
C VAL B 306 -4.63 43.97 18.13
N TYR B 307 -5.31 44.31 17.05
CA TYR B 307 -5.39 43.45 15.88
C TYR B 307 -4.59 43.93 14.67
N GLN B 308 -4.30 45.22 14.56
CA GLN B 308 -3.34 45.68 13.57
C GLN B 308 -1.93 45.23 13.93
N LYS B 309 -1.16 44.83 12.93
CA LYS B 309 0.14 44.21 13.18
C LYS B 309 1.11 45.16 13.88
N ILE B 310 1.75 44.67 14.92
CA ILE B 310 2.78 45.43 15.63
C ILE B 310 4.10 45.29 14.89
N LEU B 311 4.73 46.41 14.58
CA LEU B 311 5.98 46.41 13.82
C LEU B 311 7.19 46.92 14.61
N TYR B 312 6.98 47.77 15.61
CA TYR B 312 8.04 48.47 16.31
C TYR B 312 7.80 48.44 17.82
N TYR B 313 8.90 48.43 18.58
CA TYR B 313 8.84 48.63 20.02
C TYR B 313 10.08 49.40 20.48
N THR B 314 9.95 50.05 21.63
CA THR B 314 10.96 50.88 22.25
C THR B 314 10.90 50.70 23.75
N VAL B 315 12.07 50.60 24.40
CA VAL B 315 12.13 50.56 25.86
C VAL B 315 11.98 51.97 26.40
N ILE B 316 11.10 52.14 27.38
CA ILE B 316 10.92 53.43 28.07
C ILE B 316 11.86 53.45 29.27
N PRO B 317 12.91 54.28 29.27
CA PRO B 317 13.84 54.29 30.40
C PRO B 317 13.18 54.77 31.69
N ARG B 318 13.65 54.21 32.79
CA ARG B 318 13.22 54.62 34.13
C ARG B 318 14.42 55.21 34.87
N SER B 319 14.15 56.16 35.76
CA SER B 319 15.19 56.77 36.58
C SER B 319 14.59 57.05 37.94
N ILE B 320 15.15 56.41 38.96
CA ILE B 320 14.59 56.48 40.31
C ILE B 320 15.18 57.68 41.04
N ARG B 321 14.31 58.54 41.58
CA ARG B 321 14.74 59.72 42.33
C ARG B 321 14.94 59.36 43.80
N SER B 322 15.95 58.54 44.04
CA SER B 322 16.24 58.15 45.41
C SER B 322 17.05 59.24 46.12
N PRO B 323 16.83 59.43 47.41
CA PRO B 323 17.59 60.42 48.17
C PRO B 323 19.06 60.03 48.33
N PHE B 324 19.89 61.05 48.53
CA PHE B 324 21.34 60.84 48.59
C PHE B 324 21.75 59.88 49.70
N ASN B 325 20.99 59.86 50.80
CA ASN B 325 21.32 58.94 51.89
C ASN B 325 20.91 57.50 51.57
N ASP B 326 19.91 57.31 50.72
CA ASP B 326 19.41 55.98 50.37
C ASP B 326 19.60 55.77 48.87
N ARG B 327 20.80 55.38 48.46
CA ARG B 327 21.12 55.17 47.06
C ARG B 327 21.22 53.67 46.79
N LYS B 328 20.80 53.26 45.59
CA LYS B 328 20.63 51.86 45.27
C LYS B 328 21.22 51.55 43.91
N ALA B 329 21.46 50.26 43.69
CA ALA B 329 21.84 49.72 42.38
C ALA B 329 20.72 48.83 41.86
N TRP B 330 20.47 48.89 40.56
CA TRP B 330 19.35 48.22 39.94
C TRP B 330 19.79 47.16 38.95
N ALA B 331 19.16 45.99 39.03
CA ALA B 331 19.50 44.86 38.17
C ALA B 331 19.21 45.17 36.71
N ALA B 332 20.15 44.82 35.86
CA ALA B 332 19.95 44.90 34.42
C ALA B 332 18.92 43.87 33.97
N PHE B 333 18.29 44.12 32.83
CA PHE B 333 17.43 43.12 32.22
C PHE B 333 17.85 42.87 30.78
N TYR B 334 17.40 41.75 30.23
CA TYR B 334 17.86 41.23 28.95
C TYR B 334 16.70 40.81 28.06
N ILE B 335 16.76 41.21 26.79
CA ILE B 335 15.72 40.94 25.80
C ILE B 335 16.25 39.99 24.75
N TYR B 336 15.51 38.91 24.48
CA TYR B 336 15.85 37.92 23.48
C TYR B 336 14.72 37.76 22.47
N LYS B 337 15.05 37.78 21.19
CA LYS B 337 14.02 37.66 20.16
C LYS B 337 13.52 36.22 20.01
N LEU B 338 12.26 36.09 19.61
CA LEU B 338 11.64 34.81 19.35
C LEU B 338 11.71 34.46 17.87
N HIS B 339 11.81 33.17 17.57
CA HIS B 339 11.79 32.69 16.20
C HIS B 339 10.88 31.48 16.07
N PRO B 340 10.28 31.29 14.90
CA PRO B 340 9.52 30.06 14.67
C PRO B 340 10.44 28.86 14.45
N LEU B 341 10.48 27.95 15.42
CA LEU B 341 11.45 26.87 15.45
C LEU B 341 10.81 25.59 15.99
N THR B 342 11.52 24.48 15.82
CA THR B 342 11.15 23.21 16.42
C THR B 342 12.07 22.95 17.61
N TYR B 343 11.46 22.58 18.74
CA TYR B 343 12.18 22.31 19.98
C TYR B 343 11.86 20.91 20.48
N LEU B 344 12.83 20.29 21.14
CA LEU B 344 12.62 19.06 21.90
C LEU B 344 12.42 19.44 23.37
N LEU B 345 11.32 19.01 23.95
CA LEU B 345 10.92 19.38 25.31
C LEU B 345 10.85 18.14 26.20
N ASN B 346 11.42 18.24 27.39
CA ASN B 346 11.33 17.20 28.42
C ASN B 346 10.46 17.67 29.57
N PHE B 347 9.43 16.89 29.89
CA PHE B 347 8.49 17.21 30.96
C PHE B 347 8.73 16.29 32.16
N ASP B 348 8.73 16.85 33.36
CA ASP B 348 8.89 15.98 34.53
C ASP B 348 7.51 15.47 34.96
N VAL B 349 7.46 14.75 36.08
CA VAL B 349 6.21 14.15 36.52
C VAL B 349 5.19 15.21 36.91
N GLU B 350 5.64 16.29 37.56
CA GLU B 350 4.75 17.37 37.95
C GLU B 350 4.24 18.19 36.77
N GLY B 351 4.86 18.05 35.59
CA GLY B 351 4.41 18.74 34.40
C GLY B 351 5.27 19.89 33.92
N TYR B 352 6.29 20.30 34.66
CA TYR B 352 7.15 21.40 34.24
C TYR B 352 8.15 20.97 33.17
N ILE B 353 8.55 21.93 32.34
CA ILE B 353 9.61 21.71 31.38
C ILE B 353 10.95 21.97 32.05
N THR B 354 11.79 20.94 32.11
CA THR B 354 13.07 21.02 32.80
C THR B 354 14.27 21.23 31.87
N LYS B 355 14.19 20.79 30.61
CA LYS B 355 15.29 20.96 29.68
C LYS B 355 14.76 20.89 28.26
N ALA B 356 15.57 21.38 27.33
CA ALA B 356 15.13 21.49 25.94
C ALA B 356 16.33 21.39 25.01
N VAL B 357 16.06 21.09 23.74
CA VAL B 357 17.07 21.10 22.68
C VAL B 357 16.55 21.91 21.50
N ASP B 358 17.37 22.83 21.01
CA ASP B 358 17.11 23.60 19.80
C ASP B 358 17.53 22.77 18.59
N CYS B 359 16.54 22.28 17.84
CA CYS B 359 16.79 21.23 16.85
C CYS B 359 17.73 21.70 15.73
N GLY B 360 17.62 22.95 15.32
CA GLY B 360 18.42 23.50 14.24
C GLY B 360 19.75 24.09 14.63
N TYR B 361 20.23 23.85 15.85
CA TYR B 361 21.48 24.44 16.31
C TYR B 361 22.70 23.76 15.69
N ASP B 362 22.77 22.42 15.74
CA ASP B 362 23.86 21.68 15.11
C ASP B 362 23.37 20.27 14.77
N ASP B 363 24.28 19.46 14.22
CA ASP B 363 23.89 18.13 13.73
C ASP B 363 23.48 17.19 14.87
N LEU B 364 24.17 17.28 16.01
CA LEU B 364 23.80 16.44 17.15
C LEU B 364 22.38 16.77 17.65
N ALA B 365 22.04 18.05 17.70
CA ALA B 365 20.68 18.45 18.11
C ALA B 365 19.64 17.89 17.16
N GLN B 366 19.93 17.89 15.86
CA GLN B 366 19.03 17.27 14.88
C GLN B 366 18.88 15.78 15.11
N LEU B 367 19.98 15.08 15.41
CA LEU B 367 19.88 13.65 15.70
C LEU B 367 18.98 13.39 16.91
N GLN B 368 19.16 14.18 17.96
CA GLN B 368 18.36 14.02 19.17
C GLN B 368 16.88 14.28 18.88
N CYS B 369 16.58 15.29 18.07
CA CYS B 369 15.19 15.59 17.75
C CYS B 369 14.58 14.49 16.87
N SER B 370 15.37 13.91 15.96
CA SER B 370 14.88 12.80 15.15
C SER B 370 14.51 11.61 16.02
N TYR B 371 15.30 11.31 17.04
CA TYR B 371 14.98 10.18 17.90
C TYR B 371 14.01 10.54 19.02
N GLN B 372 13.60 11.81 19.12
CA GLN B 372 12.75 12.30 20.21
C GLN B 372 13.31 11.89 21.56
N SER B 373 14.62 12.02 21.73
CA SER B 373 15.27 11.54 22.94
C SER B 373 16.48 12.41 23.25
N PHE B 374 16.73 12.61 24.53
CA PHE B 374 17.97 13.24 24.96
C PHE B 374 19.13 12.24 25.06
N ASP B 375 18.84 10.93 25.05
CA ASP B 375 19.87 9.90 25.18
C ASP B 375 19.89 9.06 23.91
N VAL B 376 20.98 9.17 23.15
CA VAL B 376 21.18 8.45 21.90
C VAL B 376 22.33 7.47 22.09
N GLU B 377 22.24 6.32 21.41
CA GLU B 377 23.29 5.32 21.46
C GLU B 377 24.48 5.73 20.59
N THR B 378 25.65 5.20 20.94
CA THR B 378 26.84 5.39 20.11
C THR B 378 26.60 4.82 18.72
N GLY B 379 26.95 5.57 17.68
CA GLY B 379 26.74 5.11 16.34
C GLY B 379 27.08 6.15 15.30
N VAL B 380 26.81 5.78 14.05
CA VAL B 380 27.00 6.63 12.87
C VAL B 380 25.63 6.74 12.18
N TYR B 381 25.10 7.95 12.12
CA TYR B 381 23.73 8.19 11.70
C TYR B 381 23.68 9.16 10.53
N SER B 382 22.69 8.98 9.66
CA SER B 382 22.39 9.91 8.57
C SER B 382 21.34 10.90 9.04
N VAL B 383 21.60 12.19 8.81
CA VAL B 383 20.68 13.22 9.26
C VAL B 383 20.24 14.08 8.09
N SER B 384 19.37 15.05 8.38
CA SER B 384 18.82 15.91 7.33
C SER B 384 19.92 16.63 6.56
N SER B 385 19.79 16.62 5.24
CA SER B 385 20.78 17.22 4.36
C SER B 385 20.83 18.74 4.54
N PHE B 386 21.92 19.33 4.07
CA PHE B 386 22.06 20.78 4.13
C PHE B 386 21.01 21.45 3.24
N GLU B 387 20.34 22.46 3.78
CA GLU B 387 19.19 23.05 3.10
C GLU B 387 19.63 23.79 1.84
N ALA B 388 18.95 23.53 0.73
CA ALA B 388 19.18 24.24 -0.53
C ALA B 388 17.94 25.05 -0.86
N SER B 389 18.05 26.37 -0.76
CA SER B 389 16.97 27.27 -1.10
C SER B 389 17.41 28.20 -2.22
N PRO B 390 16.48 28.68 -3.05
CA PRO B 390 16.88 29.50 -4.20
C PRO B 390 17.68 30.72 -3.77
N ARG B 391 18.71 31.04 -4.55
CA ARG B 391 19.62 32.14 -4.25
C ARG B 391 19.73 33.14 -5.38
N GLY B 392 18.74 33.18 -6.26
CA GLY B 392 18.78 34.11 -7.38
C GLY B 392 17.64 33.83 -8.33
N GLU B 393 17.60 34.61 -9.40
CA GLU B 393 16.56 34.52 -10.40
C GLU B 393 17.16 34.59 -11.79
N PHE B 394 16.64 33.77 -12.69
CA PHE B 394 17.06 33.69 -14.09
C PHE B 394 15.82 33.94 -14.95
N ILE B 395 15.77 35.09 -15.61
CA ILE B 395 14.58 35.53 -16.35
C ILE B 395 14.97 35.89 -17.78
N GLU B 396 14.31 35.26 -18.74
CA GLU B 396 14.53 35.60 -20.17
C GLU B 396 13.13 35.67 -20.81
N GLN B 397 12.84 36.76 -21.51
CA GLN B 397 11.53 36.83 -22.23
C GLN B 397 11.73 37.52 -23.58
N ALA B 398 10.90 37.15 -24.56
CA ALA B 398 10.97 37.80 -25.89
C ALA B 398 10.01 38.97 -25.93
N THR B 399 10.31 39.97 -26.76
CA THR B 399 9.42 41.12 -26.92
C THR B 399 8.28 40.74 -27.87
N THR B 400 7.05 40.82 -27.38
CA THR B 400 5.89 40.34 -28.09
C THR B 400 4.90 41.47 -28.28
N GLN B 401 3.98 41.26 -29.22
CA GLN B 401 2.89 42.18 -29.44
C GLN B 401 1.80 41.96 -28.38
N GLU B 402 0.78 42.79 -28.42
CA GLU B 402 -0.34 42.73 -27.50
C GLU B 402 -1.47 41.91 -28.13
N CYS B 403 -2.10 41.05 -27.34
CA CYS B 403 -3.23 40.27 -27.82
C CYS B 403 -4.38 41.17 -28.22
N ASP B 404 -5.10 40.77 -29.27
CA ASP B 404 -6.17 41.59 -29.87
C ASP B 404 -7.53 41.17 -29.31
N PHE B 405 -8.05 41.94 -28.36
CA PHE B 405 -9.38 41.70 -27.81
C PHE B 405 -10.43 42.63 -28.41
N THR B 406 -10.08 43.46 -29.40
CA THR B 406 -11.06 44.39 -29.96
C THR B 406 -12.32 43.72 -30.52
N PRO B 407 -12.27 42.55 -31.19
CA PRO B 407 -13.53 41.94 -31.64
C PRO B 407 -14.50 41.66 -30.51
N MET B 408 -14.02 41.37 -29.31
CA MET B 408 -14.90 41.10 -28.19
C MET B 408 -15.46 42.38 -27.56
N LEU B 409 -14.74 43.50 -27.66
CA LEU B 409 -15.14 44.74 -26.99
C LEU B 409 -15.92 45.70 -27.87
N THR B 410 -16.18 45.35 -29.14
CA THR B 410 -16.93 46.19 -30.06
C THR B 410 -18.00 45.35 -30.76
N GLY B 411 -19.14 45.97 -31.02
CA GLY B 411 -20.21 45.29 -31.73
C GLY B 411 -21.15 44.53 -30.81
N THR B 412 -21.93 43.64 -31.42
CA THR B 412 -22.97 42.88 -30.73
C THR B 412 -22.53 41.44 -30.50
N PRO B 413 -22.48 40.95 -29.26
CA PRO B 413 -22.12 39.54 -29.06
C PRO B 413 -23.19 38.61 -29.62
N PRO B 414 -22.79 37.46 -30.13
CA PRO B 414 -23.72 36.58 -30.87
C PRO B 414 -24.61 35.77 -29.93
N PRO B 415 -25.68 35.14 -30.45
CA PRO B 415 -26.41 34.15 -29.66
C PRO B 415 -25.56 32.92 -29.38
N ILE B 416 -25.98 32.17 -28.36
CA ILE B 416 -25.15 31.09 -27.79
C ILE B 416 -24.84 30.02 -28.84
N TYR B 417 -25.84 29.64 -29.67
CA TYR B 417 -25.61 28.60 -30.67
C TYR B 417 -24.66 29.04 -31.78
N ASN B 418 -24.43 30.33 -31.94
CA ASN B 418 -23.48 30.87 -32.90
C ASN B 418 -22.29 31.53 -32.21
N PHE B 419 -21.78 30.93 -31.14
CA PHE B 419 -20.78 31.57 -30.27
C PHE B 419 -19.49 31.90 -31.04
N LYS B 420 -18.82 32.96 -30.62
CA LYS B 420 -17.54 33.36 -31.20
C LYS B 420 -16.36 32.85 -30.40
N ARG B 421 -15.31 32.39 -31.09
CA ARG B 421 -14.11 31.85 -30.45
C ARG B 421 -12.89 32.69 -30.81
N LEU B 422 -12.06 32.99 -29.82
CA LEU B 422 -10.78 33.67 -30.01
C LEU B 422 -9.66 32.81 -29.43
N VAL B 423 -8.52 32.75 -30.12
CA VAL B 423 -7.35 31.97 -29.70
C VAL B 423 -6.13 32.90 -29.68
N PHE B 424 -5.34 32.85 -28.61
CA PHE B 424 -4.16 33.71 -28.49
C PHE B 424 -2.90 32.88 -28.22
N THR B 425 -1.81 33.27 -28.87
CA THR B 425 -0.48 32.72 -28.69
C THR B 425 0.57 33.83 -28.87
N ASN B 426 1.68 33.70 -28.15
CA ASN B 426 2.85 34.57 -28.33
C ASN B 426 2.48 36.06 -28.27
N CYS B 427 1.86 36.45 -27.15
CA CYS B 427 1.42 37.85 -26.96
C CYS B 427 1.22 38.11 -25.48
N ASN B 428 1.17 39.39 -25.12
CA ASN B 428 0.84 39.84 -23.77
C ASN B 428 -0.50 40.57 -23.79
N TYR B 429 -1.20 40.58 -22.66
CA TYR B 429 -2.48 41.27 -22.56
C TYR B 429 -2.64 41.89 -21.17
N ASN B 430 -3.39 43.00 -21.13
CA ASN B 430 -3.64 43.75 -19.86
C ASN B 430 -4.90 43.21 -19.20
N LEU B 431 -4.73 42.28 -18.28
CA LEU B 431 -5.87 41.65 -17.59
C LEU B 431 -6.60 42.64 -16.70
N THR B 432 -5.87 43.52 -16.00
CA THR B 432 -6.51 44.44 -15.08
C THR B 432 -7.50 45.34 -15.79
N LYS B 433 -7.14 45.81 -16.98
CA LYS B 433 -8.06 46.63 -17.75
C LYS B 433 -9.31 45.84 -18.16
N LEU B 434 -9.13 44.61 -18.64
CA LEU B 434 -10.27 43.82 -19.12
C LEU B 434 -11.28 43.55 -18.00
N LEU B 435 -10.80 43.19 -16.80
CA LEU B 435 -11.69 42.89 -15.70
C LEU B 435 -12.52 44.10 -15.28
N SER B 436 -11.94 45.30 -15.36
CA SER B 436 -12.65 46.50 -14.95
C SER B 436 -13.75 46.91 -15.93
N LEU B 437 -13.86 46.27 -17.09
CA LEU B 437 -14.94 46.55 -18.02
C LEU B 437 -16.23 45.78 -17.72
N PHE B 438 -16.20 44.81 -16.80
CA PHE B 438 -17.33 43.92 -16.57
C PHE B 438 -17.61 43.77 -15.08
N GLN B 439 -18.87 43.51 -14.75
CA GLN B 439 -19.28 43.22 -13.37
C GLN B 439 -19.61 41.73 -13.26
N VAL B 440 -18.65 40.96 -12.75
CA VAL B 440 -18.76 39.50 -12.68
C VAL B 440 -19.84 39.12 -11.67
N SER B 441 -20.71 38.18 -12.05
CA SER B 441 -21.71 37.66 -11.13
C SER B 441 -21.39 36.26 -10.62
N GLU B 442 -20.65 35.44 -11.37
CA GLU B 442 -20.22 34.14 -10.88
C GLU B 442 -19.04 33.62 -11.69
N PHE B 443 -18.26 32.74 -11.05
CA PHE B 443 -17.25 31.98 -11.77
C PHE B 443 -17.10 30.59 -11.16
N SER B 444 -16.77 29.63 -12.01
CA SER B 444 -16.48 28.26 -11.62
C SER B 444 -15.29 27.77 -12.44
N CYS B 445 -14.24 27.30 -11.79
CA CYS B 445 -13.03 26.89 -12.50
C CYS B 445 -12.71 25.43 -12.23
N HIS B 446 -11.87 24.85 -13.09
CA HIS B 446 -11.52 23.43 -13.06
C HIS B 446 -10.02 23.29 -13.31
N GLN B 447 -9.30 22.85 -12.28
CA GLN B 447 -7.86 22.61 -12.30
C GLN B 447 -7.03 23.88 -12.49
N VAL B 448 -7.61 25.04 -12.24
CA VAL B 448 -6.88 26.31 -12.30
C VAL B 448 -7.69 27.32 -11.51
N SER B 449 -7.06 28.43 -11.15
CA SER B 449 -7.80 29.50 -10.46
C SER B 449 -7.58 30.83 -11.18
N PRO B 450 -8.55 31.74 -11.09
CA PRO B 450 -8.38 33.04 -11.75
C PRO B 450 -7.16 33.82 -11.30
N SER B 451 -6.81 33.77 -10.01
CA SER B 451 -5.60 34.48 -9.58
C SER B 451 -4.32 33.88 -10.17
N SER B 452 -4.30 32.57 -10.45
CA SER B 452 -3.13 32.01 -11.12
C SER B 452 -3.05 32.43 -12.58
N LEU B 453 -4.20 32.51 -13.26
CA LEU B 453 -4.23 33.09 -14.60
C LEU B 453 -3.72 34.53 -14.60
N ALA B 454 -3.94 35.28 -13.52
CA ALA B 454 -3.45 36.65 -13.45
C ALA B 454 -1.95 36.77 -13.21
N THR B 455 -1.32 35.74 -12.62
CA THR B 455 0.08 35.85 -12.20
C THR B 455 1.03 34.88 -12.88
N GLY B 456 0.56 34.08 -13.85
CA GLY B 456 1.43 33.14 -14.54
C GLY B 456 1.14 33.12 -16.03
N CYS B 457 1.98 32.40 -16.77
CA CYS B 457 1.91 32.29 -18.22
C CYS B 457 1.48 30.89 -18.65
N TYR B 458 1.06 30.78 -19.91
CA TYR B 458 0.53 29.53 -20.46
C TYR B 458 0.83 29.48 -21.96
N SER B 459 0.80 28.27 -22.52
CA SER B 459 1.10 28.08 -23.94
C SER B 459 0.05 28.72 -24.85
N SER B 460 -1.23 28.67 -24.47
CA SER B 460 -2.28 29.29 -25.28
C SER B 460 -3.51 29.56 -24.42
N LEU B 461 -4.37 30.42 -24.94
CA LEU B 461 -5.57 30.92 -24.24
C LEU B 461 -6.73 30.97 -25.21
N THR B 462 -7.80 30.25 -24.92
CA THR B 462 -8.98 30.17 -25.78
C THR B 462 -10.19 30.71 -25.03
N VAL B 463 -10.96 31.59 -25.70
CA VAL B 463 -12.14 32.20 -25.10
C VAL B 463 -13.33 32.04 -26.05
N ASP B 464 -14.37 31.37 -25.59
CA ASP B 464 -15.66 31.37 -26.29
C ASP B 464 -16.63 32.30 -25.55
N TYR B 465 -17.37 33.13 -26.29
CA TYR B 465 -18.27 34.09 -25.64
C TYR B 465 -19.55 34.34 -26.42
N PHE B 466 -20.60 34.71 -25.69
CA PHE B 466 -21.94 34.88 -26.27
C PHE B 466 -22.82 35.66 -25.29
N ALA B 467 -23.90 36.23 -25.81
CA ALA B 467 -24.91 36.88 -24.97
C ALA B 467 -25.73 35.82 -24.22
N TYR B 468 -25.96 36.03 -22.93
CA TYR B 468 -26.63 35.00 -22.15
C TYR B 468 -27.24 35.60 -20.88
N SER B 469 -28.49 35.26 -20.61
CA SER B 469 -29.17 35.80 -19.43
C SER B 469 -28.65 35.11 -18.16
N THR B 470 -28.27 35.90 -17.17
CA THR B 470 -27.67 35.33 -15.97
C THR B 470 -28.66 34.45 -15.19
N ASP B 471 -29.96 34.70 -15.30
CA ASP B 471 -30.93 33.86 -14.60
C ASP B 471 -31.05 32.45 -15.19
N MET B 472 -30.42 32.15 -16.33
CA MET B 472 -30.36 30.80 -16.88
C MET B 472 -29.05 30.09 -16.51
N SER B 473 -28.34 30.58 -15.49
CA SER B 473 -27.01 30.08 -15.15
C SER B 473 -26.98 28.57 -14.94
N SER B 474 -27.97 28.01 -14.24
CA SER B 474 -27.91 26.58 -13.90
C SER B 474 -27.92 25.70 -15.14
N TYR B 475 -28.51 26.16 -16.24
CA TYR B 475 -28.55 25.37 -17.48
C TYR B 475 -27.17 25.20 -18.13
N LEU B 476 -26.16 25.97 -17.73
CA LEU B 476 -24.79 25.78 -18.19
C LEU B 476 -23.94 24.89 -17.29
N GLN B 477 -24.49 24.36 -16.19
CA GLN B 477 -23.69 23.55 -15.29
C GLN B 477 -23.42 22.17 -15.89
N PRO B 478 -22.30 21.55 -15.53
CA PRO B 478 -22.04 20.19 -16.00
C PRO B 478 -23.10 19.23 -15.49
N GLY B 479 -23.50 18.31 -16.36
CA GLY B 479 -24.54 17.35 -16.05
C GLY B 479 -25.96 17.89 -16.11
N SER B 480 -26.16 19.13 -16.56
CA SER B 480 -27.51 19.66 -16.75
C SER B 480 -28.25 18.84 -17.80
N ALA B 481 -29.55 18.69 -17.61
CA ALA B 481 -30.35 17.88 -18.53
C ALA B 481 -31.13 18.70 -19.57
N GLY B 482 -31.00 20.02 -19.59
CA GLY B 482 -31.86 20.85 -20.40
C GLY B 482 -31.41 21.00 -21.85
N GLU B 483 -32.11 21.88 -22.56
CA GLU B 483 -31.87 22.12 -23.98
C GLU B 483 -30.56 22.87 -24.26
N ILE B 484 -30.05 23.65 -23.29
CA ILE B 484 -28.84 24.43 -23.53
C ILE B 484 -27.66 23.52 -23.83
N VAL B 485 -27.43 22.53 -22.96
CA VAL B 485 -26.32 21.60 -23.16
C VAL B 485 -26.57 20.70 -24.38
N GLN B 486 -27.82 20.32 -24.64
CA GLN B 486 -28.09 19.38 -25.73
C GLN B 486 -27.91 20.01 -27.11
N PHE B 487 -28.36 21.25 -27.29
CA PHE B 487 -28.43 21.81 -28.64
C PHE B 487 -27.68 23.12 -28.85
N ASN B 488 -27.03 23.70 -27.82
CA ASN B 488 -26.41 25.01 -27.97
C ASN B 488 -24.93 25.05 -27.63
N TYR B 489 -24.52 24.66 -26.41
CA TYR B 489 -23.10 24.71 -26.02
C TYR B 489 -22.87 23.70 -24.89
N LYS B 490 -21.86 22.87 -25.04
CA LYS B 490 -21.45 21.91 -24.02
C LYS B 490 -19.98 22.14 -23.68
N GLN B 491 -19.71 22.44 -22.41
CA GLN B 491 -18.36 22.78 -21.98
C GLN B 491 -17.46 21.53 -21.97
N ASP B 492 -16.27 21.65 -22.57
CA ASP B 492 -15.25 20.60 -22.56
C ASP B 492 -14.35 20.72 -21.34
N PHE B 493 -14.06 19.57 -20.71
CA PHE B 493 -13.23 19.56 -19.50
C PHE B 493 -11.88 18.87 -19.71
N SER B 494 -11.42 18.76 -20.96
CA SER B 494 -10.17 18.07 -21.23
C SER B 494 -8.94 18.91 -20.85
N ASN B 495 -9.05 20.24 -20.84
CA ASN B 495 -8.02 21.17 -20.44
C ASN B 495 -8.50 21.99 -19.24
N PRO B 496 -7.59 22.61 -18.47
CA PRO B 496 -8.04 23.49 -17.38
C PRO B 496 -8.91 24.62 -17.94
N THR B 497 -10.02 24.89 -17.25
CA THR B 497 -11.06 25.71 -17.83
C THR B 497 -11.84 26.44 -16.74
N CYS B 498 -12.42 27.60 -17.10
CA CYS B 498 -13.24 28.37 -16.17
C CYS B 498 -14.42 29.01 -16.90
N ARG B 499 -15.57 29.03 -16.24
CA ARG B 499 -16.83 29.54 -16.77
C ARG B 499 -17.22 30.79 -16.00
N VAL B 500 -17.40 31.91 -16.70
CA VAL B 500 -17.61 33.22 -16.08
C VAL B 500 -18.89 33.85 -16.67
N LEU B 501 -19.76 34.36 -15.79
CA LEU B 501 -20.92 35.14 -16.20
C LEU B 501 -20.78 36.58 -15.71
N ALA B 502 -21.19 37.54 -16.54
CA ALA B 502 -20.96 38.94 -16.22
C ALA B 502 -21.98 39.84 -16.88
N THR B 503 -22.07 41.06 -16.36
CA THR B 503 -22.94 42.12 -16.85
C THR B 503 -22.10 43.24 -17.45
N VAL B 504 -22.57 43.83 -18.54
CA VAL B 504 -21.89 44.92 -19.22
C VAL B 504 -22.47 46.24 -18.70
N PRO B 505 -21.69 47.07 -17.99
CA PRO B 505 -22.24 48.33 -17.49
C PRO B 505 -22.66 49.26 -18.63
N GLN B 506 -23.70 50.05 -18.35
CA GLN B 506 -24.39 50.79 -19.41
C GLN B 506 -23.47 51.79 -20.11
N ASN B 507 -22.65 52.51 -19.37
CA ASN B 507 -21.84 53.58 -19.94
C ASN B 507 -20.42 53.17 -20.29
N LEU B 508 -19.95 52.03 -19.79
CA LEU B 508 -18.51 51.78 -19.74
C LEU B 508 -17.94 51.42 -21.10
N THR B 509 -18.62 50.60 -21.88
CA THR B 509 -18.00 49.93 -23.02
C THR B 509 -18.60 50.40 -24.34
N THR B 510 -18.10 49.83 -25.44
CA THR B 510 -18.62 50.03 -26.79
C THR B 510 -19.36 48.81 -27.33
N ILE B 511 -19.74 47.88 -26.46
CA ILE B 511 -20.55 46.73 -26.88
C ILE B 511 -22.00 47.18 -27.05
N THR B 512 -22.64 46.72 -28.12
CA THR B 512 -24.03 47.07 -28.40
C THR B 512 -24.95 45.89 -28.13
N LYS B 513 -26.17 46.20 -27.70
CA LYS B 513 -27.19 45.24 -27.32
C LYS B 513 -27.86 44.62 -28.54
N PRO B 514 -28.09 43.32 -28.54
CA PRO B 514 -29.06 42.74 -29.48
C PRO B 514 -30.48 43.00 -29.03
N SER B 515 -31.42 42.80 -29.95
CA SER B 515 -32.83 42.96 -29.61
C SER B 515 -33.30 41.89 -28.62
N ASN B 516 -32.94 40.63 -28.87
CA ASN B 516 -33.43 39.51 -28.07
C ASN B 516 -32.28 38.60 -27.63
N TYR B 517 -32.48 37.92 -26.51
CA TYR B 517 -31.75 36.70 -26.23
C TYR B 517 -32.40 35.55 -27.01
N ALA B 518 -31.60 34.53 -27.36
CA ALA B 518 -32.13 33.43 -28.16
C ALA B 518 -31.37 32.14 -27.91
N TYR B 519 -32.07 31.01 -28.05
CA TYR B 519 -31.47 29.68 -28.00
C TYR B 519 -32.36 28.67 -28.71
N LEU B 520 -31.76 27.54 -29.09
CA LEU B 520 -32.44 26.47 -29.80
C LEU B 520 -33.06 25.47 -28.83
N THR B 521 -34.29 25.05 -29.13
CA THR B 521 -34.98 24.06 -28.29
C THR B 521 -34.88 22.65 -28.82
N GLU B 522 -34.55 22.45 -30.10
CA GLU B 522 -34.37 21.11 -30.63
C GLU B 522 -33.60 21.18 -31.94
N CYS B 523 -33.02 20.04 -32.30
CA CYS B 523 -32.35 19.88 -33.60
C CYS B 523 -32.40 18.40 -33.95
N TYR B 524 -33.09 18.06 -35.04
CA TYR B 524 -33.30 16.66 -35.35
C TYR B 524 -33.35 16.42 -36.86
N LYS B 525 -33.00 15.20 -37.24
CA LYS B 525 -33.19 14.69 -38.60
C LYS B 525 -34.49 13.90 -38.64
N THR B 526 -35.29 14.16 -39.66
CA THR B 526 -36.55 13.44 -39.81
C THR B 526 -36.30 12.04 -40.35
N LYS B 531 -38.38 11.20 -34.92
CA LYS B 531 -37.34 12.19 -34.74
C LYS B 531 -36.02 11.54 -34.35
N ASN B 532 -34.94 11.99 -34.95
CA ASN B 532 -33.59 11.53 -34.62
C ASN B 532 -32.78 12.75 -34.16
N TYR B 533 -32.68 12.92 -32.85
CA TYR B 533 -32.06 14.12 -32.28
C TYR B 533 -30.55 14.11 -32.47
N LEU B 534 -29.99 15.28 -32.74
CA LEU B 534 -28.56 15.46 -32.93
C LEU B 534 -28.02 16.36 -31.84
N TYR B 535 -27.13 15.84 -31.00
CA TYR B 535 -26.64 16.54 -29.83
C TYR B 535 -25.24 17.12 -30.06
N ASN B 536 -24.97 18.26 -29.42
CA ASN B 536 -23.67 18.91 -29.53
C ASN B 536 -22.55 18.01 -28.96
N ALA B 537 -21.42 17.99 -29.64
CA ALA B 537 -20.19 17.49 -29.06
C ALA B 537 -19.61 18.50 -28.07
N PRO B 538 -18.80 18.04 -27.11
CA PRO B 538 -18.18 18.97 -26.15
C PRO B 538 -17.25 19.95 -26.87
N GLY B 539 -17.54 21.24 -26.74
CA GLY B 539 -16.78 22.28 -27.40
C GLY B 539 -17.14 22.55 -28.85
N GLY B 540 -18.11 21.84 -29.41
CA GLY B 540 -18.43 21.94 -30.82
C GLY B 540 -19.66 22.80 -31.08
N TYR B 541 -19.99 22.93 -32.36
CA TYR B 541 -21.16 23.66 -32.82
C TYR B 541 -22.30 22.69 -33.11
N THR B 542 -23.54 23.18 -32.98
CA THR B 542 -24.68 22.37 -33.34
C THR B 542 -24.67 22.04 -34.84
N PRO B 543 -25.05 20.82 -35.23
CA PRO B 543 -25.17 20.52 -36.67
C PRO B 543 -26.21 21.38 -37.37
N CYS B 544 -27.15 21.97 -36.64
CA CYS B 544 -28.18 22.82 -37.21
C CYS B 544 -27.73 24.28 -37.43
N LEU B 545 -26.43 24.57 -37.39
CA LEU B 545 -25.99 25.97 -37.36
C LEU B 545 -26.44 26.73 -38.59
N SER B 546 -26.28 26.13 -39.78
CA SER B 546 -26.67 26.82 -41.02
C SER B 546 -28.15 27.13 -41.05
N LEU B 547 -28.99 26.14 -40.70
CA LEU B 547 -30.43 26.36 -40.68
C LEU B 547 -30.83 27.49 -39.74
N ALA B 548 -30.20 27.54 -38.56
CA ALA B 548 -30.55 28.54 -37.55
C ALA B 548 -30.21 29.96 -38.00
N SER B 549 -29.28 30.13 -38.93
CA SER B 549 -28.92 31.46 -39.42
C SER B 549 -30.02 32.14 -40.23
N ARG B 550 -31.11 31.44 -40.58
CA ARG B 550 -32.23 32.13 -41.21
C ARG B 550 -32.93 33.10 -40.27
N GLY B 551 -32.63 33.07 -38.98
CA GLY B 551 -33.19 34.00 -38.02
C GLY B 551 -34.49 33.49 -37.42
N PHE B 552 -34.78 33.98 -36.22
CA PHE B 552 -36.01 33.62 -35.52
C PHE B 552 -36.77 34.90 -35.20
N SER B 553 -38.02 34.97 -35.66
CA SER B 553 -38.85 36.16 -35.47
C SER B 553 -39.88 35.99 -34.35
N THR B 554 -40.24 34.77 -33.99
CA THR B 554 -41.21 34.52 -32.93
C THR B 554 -40.77 33.32 -32.11
N LYS B 555 -41.32 33.20 -30.91
CA LYS B 555 -41.05 32.03 -30.08
C LYS B 555 -41.54 30.76 -30.76
N TYR B 556 -40.72 29.71 -30.68
CA TYR B 556 -41.01 28.38 -31.24
C TYR B 556 -41.25 28.43 -32.74
N GLN B 557 -40.49 29.25 -33.45
CA GLN B 557 -40.48 29.23 -34.90
C GLN B 557 -39.49 28.17 -35.38
N SER B 558 -39.89 27.40 -36.38
CA SER B 558 -39.10 26.30 -36.92
C SER B 558 -38.60 26.61 -38.32
N HIS B 559 -37.46 26.02 -38.67
CA HIS B 559 -36.92 26.03 -40.03
C HIS B 559 -36.50 24.61 -40.40
N SER B 560 -36.66 24.27 -41.67
CA SER B 560 -36.28 22.96 -42.17
C SER B 560 -35.64 23.10 -43.54
N ASP B 561 -34.81 22.13 -43.90
CA ASP B 561 -34.25 22.05 -45.25
C ASP B 561 -34.59 20.72 -45.93
N GLY B 562 -35.51 19.96 -45.38
CA GLY B 562 -35.85 18.66 -45.92
C GLY B 562 -35.29 17.51 -45.12
N GLU B 563 -34.08 17.67 -44.61
CA GLU B 563 -33.45 16.66 -43.77
C GLU B 563 -33.30 17.09 -42.32
N LEU B 564 -32.78 18.28 -42.08
CA LEU B 564 -32.65 18.84 -40.74
C LEU B 564 -33.82 19.76 -40.42
N THR B 565 -34.20 19.77 -39.15
CA THR B 565 -35.19 20.69 -38.61
C THR B 565 -34.71 21.21 -37.27
N THR B 566 -34.88 22.51 -37.03
CA THR B 566 -34.54 23.12 -35.75
C THR B 566 -35.61 24.13 -35.35
N THR B 567 -35.71 24.38 -34.04
CA THR B 567 -36.70 25.29 -33.46
C THR B 567 -36.00 26.26 -32.51
N GLY B 568 -36.46 27.50 -32.48
CA GLY B 568 -35.84 28.54 -31.69
C GLY B 568 -36.79 29.22 -30.72
N TYR B 569 -36.21 29.83 -29.68
CA TYR B 569 -36.95 30.56 -28.65
C TYR B 569 -36.24 31.91 -28.46
N ILE B 570 -37.02 32.99 -28.39
CA ILE B 570 -36.48 34.35 -28.26
C ILE B 570 -37.24 35.08 -27.17
N TYR B 571 -36.56 35.99 -26.47
CA TYR B 571 -37.19 36.86 -25.49
C TYR B 571 -36.37 38.14 -25.37
N PRO B 572 -37.01 39.26 -25.01
CA PRO B 572 -36.34 40.56 -25.11
C PRO B 572 -35.24 40.76 -24.07
N VAL B 573 -34.27 41.59 -24.43
CA VAL B 573 -33.23 42.02 -23.49
C VAL B 573 -33.77 43.14 -22.63
N THR B 574 -33.67 42.99 -21.30
CA THR B 574 -34.13 44.01 -20.37
C THR B 574 -33.01 44.40 -19.42
N GLY B 575 -32.76 45.71 -19.32
CA GLY B 575 -31.64 46.19 -18.53
C GLY B 575 -30.31 46.07 -19.25
N ASN B 576 -29.24 46.04 -18.46
CA ASN B 576 -27.90 45.90 -19.00
C ASN B 576 -27.74 44.53 -19.67
N LEU B 577 -26.93 44.49 -20.72
CA LEU B 577 -26.63 43.22 -21.38
C LEU B 577 -25.81 42.29 -20.48
N GLN B 578 -26.09 41.00 -20.56
CA GLN B 578 -25.38 39.98 -19.80
C GLN B 578 -24.76 38.94 -20.72
N MET B 579 -23.56 38.48 -20.38
CA MET B 579 -22.78 37.59 -21.25
C MET B 579 -22.19 36.42 -20.46
N ALA B 580 -21.72 35.42 -21.21
CA ALA B 580 -20.98 34.28 -20.68
C ALA B 580 -19.65 34.15 -21.40
N PHE B 581 -18.62 33.71 -20.68
CA PHE B 581 -17.29 33.48 -21.22
C PHE B 581 -16.79 32.11 -20.75
N ILE B 582 -16.33 31.29 -21.69
CA ILE B 582 -15.76 29.97 -21.40
C ILE B 582 -14.27 30.03 -21.77
N ILE B 583 -13.41 29.95 -20.77
CA ILE B 583 -11.98 30.19 -20.92
C ILE B 583 -11.24 28.89 -20.69
N SER B 584 -10.26 28.58 -21.54
CA SER B 584 -9.39 27.42 -21.33
C SER B 584 -7.94 27.74 -21.70
N VAL B 585 -7.00 27.08 -21.00
CA VAL B 585 -5.57 27.29 -21.24
C VAL B 585 -4.86 25.96 -21.47
N GLN B 586 -3.66 26.06 -22.02
CA GLN B 586 -2.78 24.93 -22.22
C GLN B 586 -1.39 25.26 -21.68
N TYR B 587 -0.68 24.24 -21.19
CA TYR B 587 0.66 24.41 -20.64
C TYR B 587 1.66 23.57 -21.42
N GLY B 588 2.79 24.18 -21.76
CA GLY B 588 3.89 23.47 -22.41
C GLY B 588 3.62 22.87 -23.77
N THR B 589 2.95 23.59 -24.66
CA THR B 589 2.73 23.13 -26.02
C THR B 589 3.28 24.11 -27.06
N ASP B 590 4.10 25.07 -26.65
CA ASP B 590 4.64 26.07 -27.55
C ASP B 590 5.98 26.55 -27.01
N THR B 591 6.83 27.05 -27.90
CA THR B 591 8.12 27.59 -27.46
C THR B 591 8.01 28.99 -26.91
N ASN B 592 6.91 29.68 -27.16
CA ASN B 592 6.59 30.98 -26.59
C ASN B 592 5.33 30.85 -25.73
N SER B 593 4.95 31.92 -25.05
CA SER B 593 3.86 31.90 -24.10
C SER B 593 2.93 33.10 -24.29
N VAL B 594 1.79 33.04 -23.59
CA VAL B 594 0.87 34.17 -23.41
C VAL B 594 1.00 34.60 -21.96
N CYS B 595 1.18 35.90 -21.73
CA CYS B 595 1.41 36.38 -20.37
C CYS B 595 0.56 37.60 -20.04
N PRO B 596 -0.09 37.64 -18.88
CA PRO B 596 -0.67 38.91 -18.42
C PRO B 596 0.43 39.92 -18.14
N MET B 597 0.13 41.19 -18.44
CA MET B 597 1.14 42.24 -18.32
C MET B 597 1.68 42.37 -16.89
N GLN B 598 0.83 42.13 -15.89
CA GLN B 598 1.26 42.26 -14.50
C GLN B 598 2.30 41.25 -14.09
N ALA B 599 2.49 40.17 -14.83
CA ALA B 599 3.45 39.13 -14.49
C ALA B 599 4.82 39.33 -15.12
N LEU B 600 5.00 40.35 -15.95
CA LEU B 600 6.27 40.56 -16.63
C LEU B 600 7.31 41.16 -15.69
N ARG B 601 8.57 40.73 -15.88
CA ARG B 601 9.70 41.21 -15.08
C ARG B 601 10.90 41.44 -15.98
N ASN B 602 11.86 42.20 -15.47
CA ASN B 602 13.09 42.48 -16.20
C ASN B 602 13.95 41.23 -16.35
N ASP B 603 14.61 41.11 -17.51
CA ASP B 603 15.52 40.00 -17.75
C ASP B 603 16.73 40.06 -16.81
N THR B 604 17.28 38.89 -16.49
CA THR B 604 18.52 38.75 -15.73
C THR B 604 19.38 37.68 -16.37
N SER B 605 20.67 37.72 -16.06
CA SER B 605 21.61 36.76 -16.63
C SER B 605 21.91 35.63 -15.66
N ILE B 606 22.36 34.51 -16.22
CA ILE B 606 22.75 33.33 -15.46
C ILE B 606 24.27 33.18 -15.35
N GLU B 607 25.04 34.09 -15.96
CA GLU B 607 26.49 33.91 -16.05
C GLU B 607 27.15 33.89 -14.68
N ASP B 608 26.69 34.73 -13.76
CA ASP B 608 27.25 34.78 -12.42
C ASP B 608 26.45 33.96 -11.41
N LYS B 609 25.58 33.06 -11.87
CA LYS B 609 24.73 32.27 -10.97
C LYS B 609 24.77 30.79 -11.32
N LEU B 610 25.86 30.33 -11.92
CA LEU B 610 25.97 28.93 -12.31
C LEU B 610 26.25 28.04 -11.10
N ASP B 611 25.75 26.80 -11.20
CA ASP B 611 25.94 25.74 -10.21
C ASP B 611 25.29 26.04 -8.86
N VAL B 612 24.33 26.96 -8.79
CA VAL B 612 23.58 27.20 -7.56
C VAL B 612 22.09 27.19 -7.88
N CYS B 613 21.28 26.89 -6.86
CA CYS B 613 19.85 26.79 -7.02
C CYS B 613 19.23 28.18 -7.17
N VAL B 614 18.47 28.38 -8.25
CA VAL B 614 17.79 29.65 -8.52
C VAL B 614 16.36 29.37 -8.96
N GLU B 615 15.50 30.37 -8.83
CA GLU B 615 14.19 30.35 -9.46
C GLU B 615 14.32 30.90 -10.86
N TYR B 616 13.65 30.28 -11.82
CA TYR B 616 13.78 30.69 -13.21
C TYR B 616 12.42 30.90 -13.86
N SER B 617 12.40 31.77 -14.87
CA SER B 617 11.24 32.04 -15.71
C SER B 617 11.78 32.27 -17.12
N LEU B 618 11.63 31.26 -17.97
CA LEU B 618 12.22 31.27 -19.30
C LEU B 618 11.09 31.20 -20.33
N HIS B 619 10.80 32.34 -20.97
CA HIS B 619 9.73 32.48 -21.96
C HIS B 619 8.40 31.92 -21.43
N GLY B 620 8.14 32.15 -20.14
CA GLY B 620 6.93 31.68 -19.50
C GLY B 620 7.02 30.35 -18.79
N ILE B 621 8.08 29.58 -18.97
CA ILE B 621 8.27 28.29 -18.28
C ILE B 621 9.04 28.55 -16.98
N THR B 622 8.43 28.24 -15.84
CA THR B 622 9.00 28.56 -14.55
C THR B 622 9.36 27.30 -13.76
N GLY B 623 10.24 27.47 -12.78
CA GLY B 623 10.67 26.37 -11.93
C GLY B 623 11.85 26.77 -11.05
N ARG B 624 12.39 25.77 -10.36
CA ARG B 624 13.64 25.87 -9.62
C ARG B 624 14.66 24.90 -10.21
N GLY B 625 15.92 25.29 -10.21
CA GLY B 625 16.93 24.41 -10.76
C GLY B 625 18.33 24.99 -10.69
N VAL B 626 19.29 24.15 -11.09
CA VAL B 626 20.71 24.48 -11.11
C VAL B 626 21.22 24.36 -12.54
N PHE B 627 21.93 25.38 -13.01
CA PHE B 627 22.32 25.51 -14.41
C PHE B 627 23.83 25.36 -14.57
N HIS B 628 24.24 24.70 -15.66
CA HIS B 628 25.66 24.47 -15.95
C HIS B 628 25.88 24.54 -17.46
N ASN B 629 26.99 25.17 -17.87
CA ASN B 629 27.31 25.32 -19.28
C ASN B 629 27.74 23.98 -19.90
N CYS B 630 27.19 23.65 -21.06
CA CYS B 630 27.32 22.31 -21.62
C CYS B 630 27.43 22.38 -23.14
N THR B 631 27.90 21.29 -23.73
CA THR B 631 27.86 21.14 -25.19
C THR B 631 26.41 21.01 -25.67
N SER B 632 26.11 21.70 -26.79
CA SER B 632 24.74 21.79 -27.28
C SER B 632 24.23 20.45 -27.78
N VAL B 633 23.03 20.08 -27.34
CA VAL B 633 22.31 18.91 -27.84
C VAL B 633 20.84 19.31 -28.08
N GLY B 634 20.16 18.52 -28.90
CA GLY B 634 18.78 18.81 -29.25
C GLY B 634 18.64 19.94 -30.26
N LEU B 635 17.39 20.21 -30.63
CA LEU B 635 17.09 21.25 -31.62
C LEU B 635 17.00 22.61 -30.95
N ARG B 636 17.88 23.53 -31.37
CA ARG B 636 17.95 24.85 -30.76
C ARG B 636 16.66 25.63 -30.96
N ASN B 637 16.05 25.51 -32.13
CA ASN B 637 14.82 26.25 -32.41
C ASN B 637 13.62 25.74 -31.61
N GLN B 638 13.68 24.56 -31.01
CA GLN B 638 12.65 24.11 -30.09
C GLN B 638 12.85 24.62 -28.66
N ARG B 639 14.05 25.09 -28.35
CA ARG B 639 14.43 25.88 -27.16
C ARG B 639 14.44 25.13 -25.83
N PHE B 640 13.73 24.02 -25.70
CA PHE B 640 13.65 23.29 -24.45
C PHE B 640 13.97 21.84 -24.72
N VAL B 641 14.81 21.24 -23.86
CA VAL B 641 15.14 19.82 -23.95
C VAL B 641 14.58 19.13 -22.73
N TYR B 642 13.89 18.00 -22.95
CA TYR B 642 13.23 17.23 -21.90
C TYR B 642 13.74 15.79 -21.87
N ASP B 643 13.51 15.09 -20.76
CA ASP B 643 13.86 13.69 -20.62
C ASP B 643 12.61 12.81 -20.75
N THR B 644 12.74 11.52 -20.44
CA THR B 644 11.65 10.57 -20.65
C THR B 644 10.49 10.75 -19.66
N PHE B 645 10.74 11.40 -18.53
CA PHE B 645 9.69 11.69 -17.56
C PHE B 645 9.08 13.07 -17.75
N ASP B 646 9.39 13.73 -18.87
CA ASP B 646 8.89 15.08 -19.17
C ASP B 646 9.34 16.09 -18.11
N ASN B 647 10.57 15.94 -17.64
CA ASN B 647 11.23 16.94 -16.82
C ASN B 647 12.23 17.72 -17.68
N LEU B 648 12.28 19.04 -17.48
CA LEU B 648 13.22 19.88 -18.22
C LEU B 648 14.66 19.54 -17.84
N VAL B 649 15.51 19.31 -18.85
CA VAL B 649 16.91 18.99 -18.62
C VAL B 649 17.87 19.87 -19.41
N GLY B 650 17.38 20.76 -20.26
CA GLY B 650 18.27 21.63 -21.02
C GLY B 650 17.53 22.83 -21.58
N TYR B 651 18.30 23.88 -21.87
CA TYR B 651 17.73 25.13 -22.35
C TYR B 651 18.71 25.83 -23.28
N HIS B 652 18.22 26.24 -24.45
CA HIS B 652 19.00 27.02 -25.42
C HIS B 652 18.70 28.50 -25.18
N SER B 653 19.71 29.26 -24.77
CA SER B 653 19.54 30.67 -24.43
C SER B 653 19.69 31.55 -25.67
N TYR B 654 19.11 32.75 -25.61
CA TYR B 654 19.30 33.68 -26.72
C TYR B 654 20.68 34.31 -26.73
N ASN B 655 21.52 34.04 -25.73
CA ASN B 655 22.93 34.43 -25.80
C ASN B 655 23.75 33.49 -26.67
N GLY B 656 23.19 32.37 -27.10
CA GLY B 656 23.87 31.41 -27.95
C GLY B 656 24.40 30.18 -27.25
N ASN B 657 24.37 30.12 -25.92
CA ASN B 657 24.89 28.99 -25.17
C ASN B 657 23.78 28.02 -24.81
N TYR B 658 24.18 26.79 -24.50
CA TYR B 658 23.28 25.74 -24.04
C TYR B 658 23.60 25.44 -22.59
N TYR B 659 22.57 25.29 -21.76
CA TYR B 659 22.73 25.03 -20.34
C TYR B 659 22.05 23.72 -19.97
N CYS B 660 22.78 22.86 -19.28
CA CYS B 660 22.18 21.72 -18.62
C CYS B 660 21.40 22.19 -17.40
N VAL B 661 20.25 21.59 -17.15
CA VAL B 661 19.39 21.96 -16.03
C VAL B 661 19.18 20.75 -15.14
N ARG B 662 19.28 20.95 -13.83
CA ARG B 662 19.11 19.92 -12.83
C ARG B 662 18.26 20.48 -11.69
N PRO B 663 17.48 19.65 -11.03
CA PRO B 663 16.76 20.12 -9.83
C PRO B 663 17.74 20.45 -8.71
N CYS B 664 17.26 21.22 -7.75
CA CYS B 664 18.13 21.65 -6.65
C CYS B 664 18.51 20.46 -5.77
N VAL B 665 19.79 20.37 -5.44
CA VAL B 665 20.36 19.20 -4.78
C VAL B 665 20.77 19.55 -3.35
N SER B 666 20.93 18.51 -2.54
CA SER B 666 21.33 18.67 -1.15
C SER B 666 22.43 17.66 -0.82
N VAL B 667 23.45 18.10 -0.09
CA VAL B 667 24.57 17.23 0.24
C VAL B 667 24.21 16.31 1.39
N PRO B 668 24.69 15.06 1.38
CA PRO B 668 24.45 14.16 2.50
C PRO B 668 25.23 14.60 3.74
N VAL B 669 24.68 14.28 4.91
CA VAL B 669 25.34 14.56 6.18
C VAL B 669 25.23 13.32 7.06
N SER B 670 26.34 12.95 7.70
CA SER B 670 26.34 11.86 8.66
C SER B 670 27.01 12.32 9.95
N VAL B 671 26.51 11.82 11.08
CA VAL B 671 26.95 12.25 12.41
C VAL B 671 27.52 11.06 13.16
N ILE B 672 28.75 11.21 13.65
CA ILE B 672 29.43 10.20 14.45
C ILE B 672 29.36 10.62 15.90
N TYR B 673 28.71 9.81 16.73
CA TYR B 673 28.43 10.16 18.12
C TYR B 673 28.96 9.10 19.06
N ASP B 674 29.70 9.53 20.08
CA ASP B 674 30.17 8.66 21.15
C ASP B 674 29.45 9.03 22.43
N LYS B 675 28.69 8.08 22.98
CA LYS B 675 27.90 8.38 24.18
C LYS B 675 28.79 8.55 25.40
N VAL B 676 29.86 7.77 25.51
CA VAL B 676 30.67 7.76 26.73
C VAL B 676 31.29 9.13 26.98
N SER B 677 31.88 9.72 25.95
CA SER B 677 32.46 11.05 26.06
C SER B 677 31.50 12.17 25.71
N ASN B 678 30.31 11.85 25.17
CA ASN B 678 29.32 12.85 24.76
C ASN B 678 29.90 13.86 23.77
N SER B 679 30.63 13.37 22.77
CA SER B 679 31.20 14.22 21.74
C SER B 679 30.78 13.71 20.37
N HIS B 680 30.91 14.56 19.36
CA HIS B 680 30.47 14.19 18.02
C HIS B 680 31.34 14.82 16.95
N ALA B 681 31.25 14.26 15.75
CA ALA B 681 31.92 14.76 14.56
C ALA B 681 31.01 14.51 13.36
N THR B 682 31.39 15.05 12.20
CA THR B 682 30.53 15.01 11.02
C THR B 682 31.33 14.54 9.80
N LEU B 683 30.65 13.86 8.89
CA LEU B 683 31.23 13.43 7.62
C LEU B 683 30.26 13.79 6.49
N PHE B 684 30.73 14.58 5.54
CA PHE B 684 29.98 14.84 4.31
C PHE B 684 30.41 13.83 3.25
N GLY B 685 29.62 12.77 3.09
CA GLY B 685 29.97 11.71 2.17
C GLY B 685 29.88 12.18 0.73
N SER B 686 30.86 11.77 -0.07
CA SER B 686 30.96 12.03 -1.50
C SER B 686 31.23 13.49 -1.85
N VAL B 687 31.61 14.31 -0.88
CA VAL B 687 31.85 15.74 -1.10
C VAL B 687 33.33 16.03 -0.90
N ALA B 688 33.93 16.74 -1.86
CA ALA B 688 35.26 17.28 -1.66
C ALA B 688 35.22 18.44 -0.68
N CYS B 689 36.31 18.60 0.07
CA CYS B 689 36.31 19.54 1.20
C CYS B 689 36.07 20.99 0.77
N SER B 690 36.39 21.33 -0.49
CA SER B 690 36.23 22.71 -0.93
C SER B 690 34.76 23.13 -1.00
N HIS B 691 33.91 22.29 -1.60
CA HIS B 691 32.51 22.65 -1.73
C HIS B 691 31.85 22.82 -0.37
N VAL B 692 32.13 21.92 0.57
CA VAL B 692 31.56 22.07 1.91
C VAL B 692 32.12 23.32 2.58
N THR B 693 33.40 23.63 2.35
CA THR B 693 33.95 24.86 2.89
C THR B 693 33.18 26.08 2.39
N THR B 694 32.81 26.07 1.10
CA THR B 694 32.04 27.18 0.55
C THR B 694 30.59 27.17 1.03
N MET B 695 29.94 25.99 1.02
CA MET B 695 28.52 25.94 1.33
C MET B 695 28.22 26.40 2.75
N MET B 696 29.18 26.28 3.65
CA MET B 696 28.95 26.74 5.02
C MET B 696 28.74 28.24 5.08
N SER B 697 29.44 28.99 4.23
CA SER B 697 29.25 30.43 4.17
C SER B 697 27.87 30.81 3.65
N GLN B 698 27.21 29.93 2.90
CA GLN B 698 25.88 30.21 2.37
C GLN B 698 24.82 30.07 3.45
N ARG B 701 23.86 25.86 12.05
CA ARG B 701 24.28 27.17 12.54
C ARG B 701 25.73 27.11 13.02
N MET B 702 26.06 26.05 13.76
CA MET B 702 27.43 25.86 14.22
C MET B 702 28.35 25.41 13.09
N THR B 703 27.88 24.55 12.19
CA THR B 703 28.69 24.13 11.06
C THR B 703 29.01 25.29 10.13
N LYS B 704 28.03 26.17 9.90
CA LYS B 704 28.23 27.29 9.01
C LYS B 704 29.29 28.25 9.54
N THR B 712 38.40 22.49 15.67
CA THR B 712 39.67 23.20 15.64
C THR B 712 40.59 22.72 14.50
N PRO B 713 40.68 21.40 14.27
CA PRO B 713 41.32 20.96 13.02
C PRO B 713 40.48 21.32 11.82
N GLY B 714 41.15 21.51 10.69
CA GLY B 714 40.47 21.84 9.46
C GLY B 714 39.74 20.64 8.89
N PRO B 715 38.99 20.85 7.82
CA PRO B 715 38.37 19.72 7.12
C PRO B 715 39.43 18.80 6.53
N LEU B 716 39.14 17.51 6.54
CA LEU B 716 40.06 16.47 6.11
C LEU B 716 39.41 15.61 5.02
N GLN B 717 40.16 15.33 3.97
CA GLN B 717 39.65 14.51 2.88
C GLN B 717 39.97 13.04 3.14
N THR B 718 38.95 12.20 3.08
CA THR B 718 39.09 10.75 3.18
C THR B 718 38.53 10.11 1.91
N VAL B 719 38.68 8.79 1.82
CA VAL B 719 38.15 8.06 0.67
C VAL B 719 36.64 7.93 0.69
N VAL B 720 35.97 8.42 1.74
CA VAL B 720 34.52 8.40 1.84
C VAL B 720 33.92 9.81 1.97
N GLY B 721 34.72 10.85 1.79
CA GLY B 721 34.22 12.21 1.79
C GLY B 721 35.03 13.10 2.71
N CYS B 722 34.50 14.30 2.95
CA CYS B 722 35.18 15.32 3.75
C CYS B 722 34.74 15.21 5.20
N ALA B 723 35.71 15.17 6.11
CA ALA B 723 35.47 14.93 7.52
C ALA B 723 35.78 16.17 8.35
N MET B 724 34.91 16.48 9.32
CA MET B 724 35.13 17.59 10.23
C MET B 724 35.22 17.08 11.67
N GLY B 725 36.14 17.65 12.43
CA GLY B 725 36.36 17.25 13.80
C GLY B 725 37.26 16.03 13.95
N PHE B 726 38.10 15.79 12.95
CA PHE B 726 38.93 14.56 12.98
C PHE B 726 40.38 14.91 12.75
N ILE B 727 41.29 14.18 13.40
CA ILE B 727 42.74 14.36 13.14
C ILE B 727 43.22 13.11 12.39
N ASN B 728 43.98 13.27 11.30
CA ASN B 728 44.52 12.06 10.61
C ASN B 728 45.49 11.36 11.55
N THR B 729 45.21 10.09 11.86
CA THR B 729 46.13 9.32 12.67
C THR B 729 46.64 8.21 11.79
N SER B 730 47.96 8.07 11.65
CA SER B 730 48.49 6.90 10.89
C SER B 730 48.11 5.63 11.67
N MET B 731 47.23 5.75 12.65
CA MET B 731 46.84 4.62 13.53
C MET B 731 46.30 3.42 12.75
N VAL B 732 46.37 2.25 13.35
CA VAL B 732 45.95 0.97 12.79
C VAL B 732 45.26 0.16 13.88
N VAL B 733 44.10 -0.43 13.55
CA VAL B 733 43.33 -1.25 14.49
C VAL B 733 42.86 -2.51 13.80
N ASP B 734 42.47 -3.50 14.60
CA ASP B 734 41.86 -4.72 14.11
C ASP B 734 40.40 -4.86 14.56
N GLU B 735 39.88 -3.87 15.27
CA GLU B 735 38.47 -3.83 15.66
C GLU B 735 38.12 -2.40 16.04
N CYS B 736 36.86 -2.03 15.86
CA CYS B 736 36.43 -0.69 16.22
C CYS B 736 34.91 -0.59 16.28
N GLN B 737 34.44 0.44 16.98
CA GLN B 737 33.03 0.66 17.28
C GLN B 737 32.31 1.47 16.21
N LEU B 738 33.01 2.36 15.53
CA LEU B 738 32.38 3.36 14.64
C LEU B 738 32.99 3.27 13.25
N PRO B 739 32.59 2.27 12.46
CA PRO B 739 33.08 2.18 11.09
C PRO B 739 32.53 3.29 10.20
N LEU B 740 33.33 3.72 9.24
CA LEU B 740 32.92 4.72 8.29
C LEU B 740 32.87 4.20 6.85
N GLY B 741 33.17 2.93 6.62
CA GLY B 741 33.20 2.38 5.28
C GLY B 741 34.58 2.45 4.65
N GLN B 742 34.81 1.54 3.71
CA GLN B 742 36.06 1.42 2.95
C GLN B 742 37.27 1.24 3.89
N SER B 743 37.10 0.40 4.92
CA SER B 743 38.13 0.04 5.89
C SER B 743 38.62 1.23 6.73
N LEU B 744 37.76 2.20 7.00
CA LEU B 744 38.06 3.31 7.90
C LEU B 744 37.18 3.21 9.14
N CYS B 745 37.70 3.64 10.28
CA CYS B 745 36.80 3.87 11.41
C CYS B 745 37.33 5.00 12.29
N ALA B 746 36.43 5.48 13.16
CA ALA B 746 36.66 6.64 14.00
C ALA B 746 36.99 6.19 15.42
N ILE B 747 38.03 6.76 15.99
CA ILE B 747 38.43 6.49 17.37
C ILE B 747 37.91 7.63 18.24
N PRO B 748 37.00 7.37 19.18
CA PRO B 748 36.48 8.46 20.00
C PRO B 748 37.54 8.97 20.97
N PRO B 749 37.43 10.22 21.40
CA PRO B 749 38.37 10.73 22.40
C PRO B 749 38.16 10.06 23.74
N ASN B 750 39.26 9.67 24.36
CA ASN B 750 39.19 9.16 25.72
C ASN B 750 38.90 10.33 26.65
N PRO B 751 37.84 10.28 27.47
CA PRO B 751 37.42 11.41 28.29
C PRO B 751 38.26 11.56 29.57
N VAL B 765 38.35 15.81 20.07
CA VAL B 765 38.54 15.50 18.65
C VAL B 765 38.58 13.99 18.42
N PHE B 766 38.16 13.57 17.24
CA PHE B 766 38.15 12.16 16.88
C PHE B 766 39.40 11.82 16.09
N GLN B 767 39.74 10.55 16.06
CA GLN B 767 40.87 10.06 15.28
C GLN B 767 40.37 9.14 14.18
N ILE B 768 41.00 9.21 13.02
CA ILE B 768 40.70 8.33 11.91
C ILE B 768 41.79 7.26 11.81
N ALA B 769 41.38 6.00 11.78
CA ALA B 769 42.28 4.86 11.68
C ALA B 769 41.79 3.91 10.60
N THR B 770 42.65 2.97 10.22
CA THR B 770 42.32 1.96 9.23
C THR B 770 42.20 0.58 9.89
N LEU B 771 41.49 -0.32 9.22
CA LEU B 771 41.31 -1.68 9.68
C LEU B 771 42.24 -2.61 8.88
N ASN B 772 43.12 -3.31 9.58
CA ASN B 772 44.05 -4.28 8.93
C ASN B 772 44.10 -5.58 9.75
N PHE B 773 43.74 -6.73 9.16
CA PHE B 773 43.76 -8.02 9.83
C PHE B 773 44.99 -8.82 9.41
N THR B 774 45.57 -9.55 10.36
CA THR B 774 46.79 -10.31 10.14
C THR B 774 46.57 -11.80 10.39
N SER B 775 47.23 -12.63 9.60
CA SER B 775 47.21 -14.06 9.81
C SER B 775 47.93 -14.43 11.11
N PRO B 776 47.44 -15.42 11.84
CA PRO B 776 48.09 -15.76 13.13
C PRO B 776 49.42 -16.49 12.97
N LEU B 777 49.53 -17.43 12.03
CA LEU B 777 50.75 -18.22 11.90
C LEU B 777 51.03 -18.52 10.44
N THR B 778 52.25 -18.18 10.00
CA THR B 778 52.71 -18.46 8.65
C THR B 778 53.90 -19.40 8.74
N LEU B 779 53.82 -20.54 8.05
CA LEU B 779 54.79 -21.61 8.17
C LEU B 779 55.33 -21.96 6.79
N ALA B 780 56.64 -21.79 6.61
CA ALA B 780 57.27 -22.12 5.33
C ALA B 780 57.68 -23.58 5.30
N PRO B 781 57.46 -24.27 4.19
CA PRO B 781 57.93 -25.66 4.07
C PRO B 781 59.45 -25.74 3.95
N ILE B 782 59.98 -26.91 4.34
CA ILE B 782 61.42 -27.17 4.37
C ILE B 782 61.84 -27.85 3.07
N ASN B 783 63.08 -27.56 2.63
CA ASN B 783 63.58 -28.14 1.40
C ASN B 783 64.02 -29.60 1.56
N SER B 784 64.27 -30.05 2.78
CA SER B 784 64.76 -31.40 3.02
C SER B 784 63.66 -32.43 2.77
N THR B 785 63.99 -33.70 3.00
CA THR B 785 62.98 -34.74 3.00
C THR B 785 62.06 -34.57 4.20
N GLY B 786 60.84 -35.07 4.08
CA GLY B 786 59.85 -34.86 5.11
C GLY B 786 59.21 -33.50 5.02
N PHE B 787 58.67 -33.06 6.15
CA PHE B 787 57.95 -31.79 6.23
C PHE B 787 57.98 -31.32 7.67
N VAL B 788 57.65 -30.04 7.86
CA VAL B 788 57.55 -29.46 9.20
C VAL B 788 56.07 -29.32 9.56
N VAL B 789 55.73 -29.60 10.81
CA VAL B 789 54.35 -29.45 11.28
C VAL B 789 54.36 -28.81 12.66
N ALA B 790 53.49 -27.82 12.85
CA ALA B 790 53.28 -27.19 14.14
C ALA B 790 52.31 -28.02 14.97
N VAL B 791 52.77 -28.55 16.09
CA VAL B 791 51.98 -29.43 16.95
C VAL B 791 51.82 -28.76 18.29
N PRO B 792 50.61 -28.71 18.86
CA PRO B 792 50.41 -27.96 20.12
C PRO B 792 51.20 -28.54 21.29
N THR B 793 51.65 -27.64 22.17
CA THR B 793 52.25 -28.00 23.44
C THR B 793 51.45 -27.55 24.66
N ASN B 794 50.47 -26.69 24.47
CA ASN B 794 49.58 -26.27 25.58
C ASN B 794 48.23 -25.94 24.98
N PHE B 795 47.19 -25.91 25.80
CA PHE B 795 45.85 -25.72 25.26
C PHE B 795 44.92 -25.16 26.32
N THR B 796 43.79 -24.65 25.84
CA THR B 796 42.70 -24.19 26.67
C THR B 796 41.40 -24.63 26.02
N PHE B 797 40.30 -24.55 26.77
CA PHE B 797 38.99 -24.80 26.20
C PHE B 797 38.34 -23.46 25.85
N GLY B 798 37.96 -23.31 24.59
CA GLY B 798 37.28 -22.12 24.14
C GLY B 798 35.78 -22.35 24.03
N VAL B 799 35.01 -21.29 24.24
CA VAL B 799 33.55 -21.35 24.16
C VAL B 799 33.09 -20.37 23.09
N THR B 800 32.33 -20.87 22.12
CA THR B 800 31.67 -20.05 21.12
C THR B 800 30.17 -20.07 21.44
N GLN B 801 29.55 -18.89 21.43
CA GLN B 801 28.12 -18.75 21.75
C GLN B 801 27.33 -18.40 20.49
N GLU B 802 26.13 -18.95 20.38
CA GLU B 802 25.31 -18.82 19.18
C GLU B 802 23.84 -18.87 19.57
N TYR B 803 23.05 -17.95 19.03
CA TYR B 803 21.62 -17.87 19.29
C TYR B 803 20.86 -18.19 18.01
N ILE B 804 19.83 -19.02 18.13
CA ILE B 804 19.00 -19.43 17.00
C ILE B 804 17.53 -19.23 17.37
N GLU B 805 16.84 -18.41 16.60
CA GLU B 805 15.42 -18.15 16.84
C GLU B 805 14.56 -19.34 16.45
N THR B 806 13.48 -19.55 17.19
CA THR B 806 12.52 -20.61 16.88
C THR B 806 11.07 -20.13 16.75
N THR B 807 10.70 -18.95 17.25
CA THR B 807 9.33 -18.47 17.11
C THR B 807 9.32 -16.95 16.99
N ILE B 808 8.16 -16.43 16.62
CA ILE B 808 7.82 -15.03 16.80
C ILE B 808 6.62 -14.96 17.74
N GLN B 809 6.29 -13.74 18.17
CA GLN B 809 5.11 -13.50 18.99
C GLN B 809 3.85 -13.57 18.12
N LYS B 810 2.85 -14.32 18.58
CA LYS B 810 1.63 -14.55 17.80
C LYS B 810 0.61 -13.45 18.07
N ILE B 811 0.08 -12.87 17.00
CA ILE B 811 -0.86 -11.75 17.08
C ILE B 811 -2.12 -12.06 16.31
N THR B 812 -3.28 -11.79 16.91
CA THR B 812 -4.56 -11.82 16.23
C THR B 812 -5.18 -10.43 16.28
N VAL B 813 -5.93 -10.08 15.24
CA VAL B 813 -6.50 -8.75 15.07
C VAL B 813 -8.01 -8.87 14.87
N ASP B 814 -8.76 -8.10 15.63
CA ASP B 814 -10.20 -7.94 15.41
C ASP B 814 -10.38 -6.78 14.42
N CYS B 815 -10.55 -7.10 13.14
CA CYS B 815 -10.50 -6.09 12.09
C CYS B 815 -11.53 -4.98 12.30
N LYS B 816 -12.77 -5.34 12.63
CA LYS B 816 -13.83 -4.35 12.77
C LYS B 816 -13.54 -3.37 13.91
N GLN B 817 -13.07 -3.89 15.05
CA GLN B 817 -12.72 -3.01 16.15
C GLN B 817 -11.52 -2.12 15.82
N TYR B 818 -10.54 -2.65 15.10
CA TYR B 818 -9.38 -1.85 14.71
C TYR B 818 -9.79 -0.71 13.79
N VAL B 819 -10.65 -0.99 12.81
CA VAL B 819 -10.99 0.02 11.80
C VAL B 819 -12.00 1.03 12.34
N CYS B 820 -13.06 0.58 13.01
CA CYS B 820 -14.16 1.48 13.37
C CYS B 820 -14.22 1.86 14.84
N ASN B 821 -13.35 1.30 15.68
CA ASN B 821 -13.22 1.68 17.11
C ASN B 821 -14.56 1.71 17.86
N GLY B 822 -15.53 0.90 17.42
CA GLY B 822 -16.80 0.79 18.12
C GLY B 822 -17.85 1.85 17.86
N PHE B 823 -17.78 2.57 16.74
CA PHE B 823 -18.77 3.59 16.39
C PHE B 823 -19.73 3.03 15.35
N LYS B 824 -21.03 3.10 15.63
CA LYS B 824 -22.02 2.45 14.77
C LYS B 824 -22.02 3.01 13.35
N LYS B 825 -21.87 4.33 13.22
CA LYS B 825 -21.87 4.95 11.90
C LYS B 825 -20.74 4.42 11.02
N CYS B 826 -19.53 4.29 11.58
CA CYS B 826 -18.42 3.72 10.83
C CYS B 826 -18.70 2.27 10.45
N GLU B 827 -19.25 1.49 11.40
CA GLU B 827 -19.51 0.08 11.14
C GLU B 827 -20.51 -0.11 10.01
N GLU B 828 -21.51 0.78 9.93
CA GLU B 828 -22.47 0.69 8.83
C GLU B 828 -21.78 0.91 7.48
N LEU B 829 -20.80 1.80 7.43
CA LEU B 829 -20.06 2.01 6.17
C LEU B 829 -19.14 0.83 5.87
N LEU B 830 -18.59 0.20 6.89
CA LEU B 830 -17.66 -0.91 6.71
C LEU B 830 -18.32 -2.15 6.11
N THR B 831 -19.63 -2.32 6.25
CA THR B 831 -20.27 -3.54 5.77
C THR B 831 -20.11 -3.73 4.27
N GLU B 832 -19.88 -2.65 3.52
CA GLU B 832 -19.54 -2.76 2.11
C GLU B 832 -18.11 -3.24 1.87
N TYR B 833 -17.32 -3.38 2.93
CA TYR B 833 -15.98 -3.97 2.87
C TYR B 833 -15.92 -5.28 3.67
N GLY B 834 -17.04 -5.98 3.79
CA GLY B 834 -17.12 -7.11 4.70
C GLY B 834 -16.18 -8.26 4.37
N GLN B 835 -15.95 -8.49 3.08
CA GLN B 835 -15.10 -9.62 2.69
C GLN B 835 -13.66 -9.44 3.13
N PHE B 836 -13.15 -8.20 3.11
CA PHE B 836 -11.72 -7.99 3.33
C PHE B 836 -11.31 -8.22 4.79
N CYS B 837 -12.15 -7.81 5.75
CA CYS B 837 -11.83 -8.05 7.16
C CYS B 837 -11.73 -9.54 7.47
N SER B 838 -12.67 -10.34 6.95
CA SER B 838 -12.63 -11.78 7.19
C SER B 838 -11.36 -12.40 6.62
N LYS B 839 -10.95 -11.97 5.42
CA LYS B 839 -9.72 -12.48 4.85
C LYS B 839 -8.52 -12.16 5.73
N ILE B 840 -8.48 -10.95 6.30
CA ILE B 840 -7.38 -10.59 7.20
C ILE B 840 -7.34 -11.53 8.40
N ASN B 841 -8.50 -11.72 9.04
CA ASN B 841 -8.57 -12.60 10.21
C ASN B 841 -8.12 -14.02 9.87
N GLN B 842 -8.59 -14.55 8.73
CA GLN B 842 -8.26 -15.93 8.37
C GLN B 842 -6.78 -16.10 8.04
N ALA B 843 -6.17 -15.11 7.38
CA ALA B 843 -4.73 -15.18 7.13
C ALA B 843 -3.95 -15.27 8.43
N LEU B 844 -4.26 -14.39 9.39
CA LEU B 844 -3.54 -14.44 10.66
C LEU B 844 -3.74 -15.79 11.36
N HIS B 845 -4.95 -16.33 11.32
CA HIS B 845 -5.23 -17.62 11.94
C HIS B 845 -4.39 -18.74 11.31
N GLY B 846 -4.27 -18.73 9.98
CA GLY B 846 -3.44 -19.73 9.33
C GLY B 846 -1.98 -19.64 9.74
N ALA B 847 -1.44 -18.42 9.78
CA ALA B 847 -0.03 -18.26 10.16
C ALA B 847 0.23 -18.78 11.59
N ASN B 848 -0.64 -18.44 12.54
CA ASN B 848 -0.44 -18.90 13.91
C ASN B 848 -0.53 -20.43 13.99
N LEU B 849 -1.46 -21.02 13.22
CA LEU B 849 -1.55 -22.48 13.17
C LEU B 849 -0.26 -23.12 12.67
N ARG B 850 0.34 -22.56 11.62
CA ARG B 850 1.56 -23.13 11.08
C ARG B 850 2.71 -23.05 12.09
N GLN B 851 2.82 -21.93 12.81
CA GLN B 851 3.85 -21.85 13.85
C GLN B 851 3.63 -22.89 14.95
N ASP B 852 2.38 -23.12 15.34
CA ASP B 852 2.12 -24.13 16.37
C ASP B 852 2.59 -25.51 15.92
N GLU B 853 2.33 -25.86 14.65
CA GLU B 853 2.82 -27.14 14.14
C GLU B 853 4.34 -27.20 14.14
N SER B 854 5.01 -26.14 13.72
CA SER B 854 6.47 -26.14 13.69
C SER B 854 7.06 -26.32 15.08
N ILE B 855 6.53 -25.61 16.08
CA ILE B 855 7.07 -25.74 17.43
C ILE B 855 6.78 -27.11 18.02
N ALA B 856 5.60 -27.70 17.71
CA ALA B 856 5.34 -29.06 18.16
C ALA B 856 6.34 -30.04 17.59
N ASN B 857 6.71 -29.86 16.32
CA ASN B 857 7.65 -30.79 15.69
C ASN B 857 9.01 -30.77 16.39
N LEU B 858 9.48 -29.59 16.79
CA LEU B 858 10.78 -29.47 17.46
C LEU B 858 10.79 -30.16 18.82
N PHE B 859 9.73 -30.01 19.61
CA PHE B 859 9.69 -30.54 20.96
C PHE B 859 9.43 -32.03 21.02
N SER B 860 9.02 -32.65 19.91
CA SER B 860 8.51 -34.01 19.98
C SER B 860 9.58 -35.04 20.31
N SER B 861 10.86 -34.72 20.12
CA SER B 861 11.93 -35.67 20.38
C SER B 861 12.07 -36.04 21.85
N ILE B 862 11.45 -35.29 22.77
CA ILE B 862 11.45 -35.68 24.18
C ILE B 862 10.91 -37.09 24.34
N LYS B 863 9.92 -37.45 23.54
CA LYS B 863 9.28 -38.75 23.68
C LYS B 863 10.12 -39.91 23.11
N THR B 864 11.18 -39.63 22.37
CA THR B 864 11.97 -40.70 21.77
C THR B 864 13.46 -40.66 22.13
N GLN B 865 13.86 -39.86 23.11
CA GLN B 865 15.27 -39.68 23.44
C GLN B 865 15.59 -40.40 24.74
N ASN B 866 16.45 -41.41 24.67
CA ASN B 866 16.95 -42.07 25.87
C ASN B 866 17.85 -41.11 26.65
N THR B 867 17.75 -41.13 27.97
CA THR B 867 18.55 -40.27 28.82
C THR B 867 19.18 -41.07 29.96
N GLN B 868 20.27 -40.52 30.47
CA GLN B 868 20.98 -41.01 31.63
C GLN B 868 20.98 -39.94 32.70
N PRO B 869 20.61 -40.25 33.94
CA PRO B 869 20.62 -39.22 34.99
C PRO B 869 22.03 -38.75 35.31
N LEU B 870 22.18 -37.46 35.52
CA LEU B 870 23.46 -36.90 35.95
C LEU B 870 23.49 -36.79 37.46
N GLN B 871 24.66 -36.45 37.99
CA GLN B 871 24.83 -36.17 39.40
C GLN B 871 24.78 -34.67 39.65
N ALA B 872 24.31 -34.31 40.83
CA ALA B 872 24.23 -32.90 41.20
C ALA B 872 25.61 -32.36 41.50
N GLY B 873 26.01 -31.33 40.78
CA GLY B 873 27.31 -30.68 41.02
C GLY B 873 28.42 -31.34 40.19
N LEU B 874 29.28 -32.09 40.86
CA LEU B 874 30.47 -32.65 40.24
C LEU B 874 30.19 -34.01 39.63
N ASN B 875 30.59 -34.17 38.37
CA ASN B 875 30.53 -35.45 37.66
C ASN B 875 31.98 -35.82 37.36
N GLY B 876 32.53 -36.75 38.12
CA GLY B 876 33.97 -36.86 38.18
C GLY B 876 34.51 -35.58 38.78
N ASP B 877 35.49 -34.96 38.13
CA ASP B 877 35.96 -33.66 38.54
C ASP B 877 35.32 -32.51 37.77
N PHE B 878 34.34 -32.80 36.91
CA PHE B 878 33.70 -31.77 36.09
C PHE B 878 32.50 -31.19 36.82
N ASN B 879 32.46 -29.86 36.90
CA ASN B 879 31.44 -29.14 37.65
C ASN B 879 30.35 -28.65 36.69
N LEU B 880 29.19 -29.29 36.73
CA LEU B 880 28.09 -28.96 35.82
C LEU B 880 26.99 -28.16 36.52
N THR B 881 27.30 -27.50 37.63
CA THR B 881 26.25 -26.88 38.46
C THR B 881 25.49 -25.81 37.70
N MET B 882 26.17 -24.98 36.94
CA MET B 882 25.52 -23.84 36.29
C MET B 882 24.44 -24.27 35.31
N LEU B 883 24.59 -25.44 34.68
CA LEU B 883 23.66 -25.92 33.66
C LEU B 883 22.50 -26.74 34.21
N GLN B 884 22.45 -27.00 35.50
CA GLN B 884 21.43 -27.88 36.05
C GLN B 884 20.38 -27.07 36.80
N ILE B 885 19.17 -27.61 36.85
CA ILE B 885 18.06 -27.00 37.58
C ILE B 885 18.23 -27.30 39.06
N PRO B 886 18.32 -26.28 39.90
CA PRO B 886 18.52 -26.52 41.33
C PRO B 886 17.34 -27.26 41.93
N GLN B 887 17.62 -28.07 42.95
CA GLN B 887 16.61 -28.86 43.63
C GLN B 887 16.23 -28.20 44.95
N GLY B 891 8.67 -26.74 48.52
CA GLY B 891 8.20 -25.62 47.69
C GLY B 891 8.02 -26.03 46.24
N GLU B 892 7.56 -25.10 45.39
CA GLU B 892 7.36 -25.40 43.95
C GLU B 892 8.73 -25.57 43.27
N ARG B 893 8.84 -26.53 42.36
CA ARG B 893 10.08 -26.78 41.65
C ARG B 893 10.43 -25.64 40.71
N LYS B 894 11.73 -25.40 40.55
CA LYS B 894 12.21 -24.36 39.65
C LYS B 894 12.20 -24.87 38.22
N TYR B 895 12.24 -23.94 37.27
CA TYR B 895 12.21 -24.29 35.86
C TYR B 895 13.32 -23.63 35.06
N ARG B 896 14.34 -23.11 35.72
CA ARG B 896 15.44 -22.46 35.03
C ARG B 896 16.75 -22.78 35.75
N SER B 897 17.78 -23.08 34.96
CA SER B 897 19.11 -23.23 35.52
C SER B 897 19.70 -21.86 35.87
N ALA B 898 20.85 -21.88 36.54
CA ALA B 898 21.47 -20.63 36.97
C ALA B 898 21.86 -19.77 35.77
N ILE B 899 22.44 -20.38 34.74
CA ILE B 899 22.89 -19.62 33.58
C ILE B 899 21.68 -19.08 32.80
N GLU B 900 20.60 -19.86 32.72
CA GLU B 900 19.36 -19.36 32.10
C GLU B 900 18.82 -18.17 32.88
N ASP B 901 18.88 -18.23 34.21
CA ASP B 901 18.47 -17.09 35.02
C ASP B 901 19.31 -15.86 34.71
N LEU B 902 20.62 -16.03 34.59
CA LEU B 902 21.48 -14.88 34.31
C LEU B 902 21.16 -14.28 32.95
N LEU B 903 20.89 -15.12 31.95
CA LEU B 903 20.58 -14.60 30.62
C LEU B 903 19.25 -13.84 30.60
N PHE B 904 18.21 -14.42 31.21
CA PHE B 904 16.90 -13.79 31.18
C PHE B 904 16.89 -12.47 31.96
N ASN B 905 17.72 -12.35 33.00
CA ASN B 905 17.75 -11.14 33.81
C ASN B 905 18.36 -9.95 33.07
N LYS B 906 19.09 -10.17 31.98
CA LYS B 906 19.72 -9.10 31.24
C LYS B 906 18.88 -8.61 30.07
N VAL B 907 17.68 -9.16 29.87
CA VAL B 907 16.82 -8.82 28.76
C VAL B 907 15.52 -8.22 29.30
N THR B 908 15.12 -7.07 28.76
CA THR B 908 13.90 -6.41 29.18
C THR B 908 12.77 -6.85 28.26
N ILE B 909 11.82 -7.60 28.82
CA ILE B 909 10.68 -8.12 28.07
C ILE B 909 9.39 -7.76 28.81
N ALA B 910 8.44 -7.18 28.08
CA ALA B 910 7.17 -6.83 28.68
C ALA B 910 6.33 -8.07 28.98
N ASP B 911 5.55 -8.00 30.04
CA ASP B 911 4.68 -9.10 30.46
C ASP B 911 3.37 -9.05 29.68
N PRO B 912 3.03 -10.07 28.89
CA PRO B 912 1.77 -10.01 28.13
C PRO B 912 0.53 -10.25 28.97
N GLY B 913 0.67 -10.78 30.19
CA GLY B 913 -0.45 -11.02 31.07
C GLY B 913 -1.49 -12.00 30.57
N TYR B 914 -1.11 -13.26 30.34
CA TYR B 914 -2.03 -14.24 29.76
C TYR B 914 -3.20 -14.55 30.69
N MET B 915 -2.95 -14.60 31.99
CA MET B 915 -3.97 -15.05 32.93
C MET B 915 -5.03 -13.98 33.18
N GLN B 916 -4.61 -12.80 33.63
CA GLN B 916 -5.56 -11.78 34.05
C GLN B 916 -5.10 -10.37 33.69
N GLY B 917 -4.39 -10.21 32.56
CA GLY B 917 -3.85 -8.90 32.20
C GLY B 917 -4.89 -7.82 31.94
N TYR B 918 -6.12 -8.21 31.57
CA TYR B 918 -7.16 -7.23 31.31
C TYR B 918 -7.50 -6.44 32.58
N ASP B 919 -7.68 -7.14 33.70
CA ASP B 919 -7.97 -6.46 34.97
C ASP B 919 -6.78 -5.64 35.45
N GLU B 920 -5.56 -6.15 35.27
CA GLU B 920 -4.38 -5.40 35.65
C GLU B 920 -4.29 -4.08 34.88
N CYS B 921 -4.60 -4.11 33.59
CA CYS B 921 -4.62 -2.87 32.83
C CYS B 921 -5.80 -1.97 33.23
N MET B 922 -6.91 -2.56 33.67
CA MET B 922 -8.01 -1.78 34.22
C MET B 922 -7.53 -0.96 35.41
N GLN B 923 -6.62 -1.52 36.20
CA GLN B 923 -6.04 -0.74 37.29
C GLN B 923 -5.06 0.28 36.73
N GLN B 924 -5.58 1.29 36.02
CA GLN B 924 -4.71 2.18 35.25
C GLN B 924 -3.76 2.94 36.16
N GLY B 925 -2.62 3.30 35.60
CA GLY B 925 -1.69 4.18 36.26
C GLY B 925 -0.79 4.82 35.23
N ASP B 931 2.38 -0.36 28.25
CA ASP B 931 1.79 0.49 27.23
C ASP B 931 1.37 -0.34 26.02
N LEU B 932 2.34 -0.93 25.33
CA LEU B 932 2.00 -1.79 24.19
C LEU B 932 1.18 -2.99 24.62
N ILE B 933 1.41 -3.48 25.84
CA ILE B 933 0.61 -4.57 26.38
C ILE B 933 -0.81 -4.10 26.68
N CYS B 934 -0.95 -2.93 27.33
CA CYS B 934 -2.29 -2.44 27.63
C CYS B 934 -3.00 -1.90 26.40
N ALA B 935 -2.28 -1.57 25.33
CA ALA B 935 -2.89 -1.13 24.09
C ALA B 935 -3.61 -2.24 23.35
N GLN B 936 -3.44 -3.50 23.75
CA GLN B 936 -4.20 -4.59 23.13
C GLN B 936 -5.70 -4.29 23.14
N TYR B 937 -6.23 -3.90 24.29
CA TYR B 937 -7.67 -3.78 24.50
C TYR B 937 -8.24 -2.48 23.96
N VAL B 938 -7.40 -1.51 23.65
CA VAL B 938 -7.85 -0.28 23.01
C VAL B 938 -7.89 -0.45 21.49
N ALA B 939 -6.78 -0.87 20.91
CA ALA B 939 -6.65 -0.92 19.46
C ALA B 939 -7.38 -2.11 18.85
N GLY B 940 -7.56 -3.20 19.60
CA GLY B 940 -8.26 -4.36 19.08
C GLY B 940 -7.38 -5.44 18.47
N TYR B 941 -6.21 -5.67 19.08
CA TYR B 941 -5.39 -6.82 18.75
C TYR B 941 -5.04 -7.54 20.04
N LYS B 942 -4.64 -8.81 19.92
CA LYS B 942 -4.44 -9.67 21.07
C LYS B 942 -3.17 -10.49 20.90
N VAL B 943 -2.34 -10.53 21.93
CA VAL B 943 -1.16 -11.40 21.96
C VAL B 943 -1.61 -12.75 22.50
N LEU B 944 -1.44 -13.77 21.73
CA LEU B 944 -1.82 -15.12 22.11
C LEU B 944 -0.68 -15.83 22.83
N PRO B 945 -0.99 -16.67 23.82
CA PRO B 945 0.07 -17.35 24.56
C PRO B 945 0.74 -18.43 23.74
N PRO B 946 2.00 -18.74 24.02
CA PRO B 946 2.69 -19.83 23.30
C PRO B 946 2.16 -21.21 23.68
N LEU B 947 2.45 -22.17 22.79
CA LEU B 947 1.87 -23.50 22.89
C LEU B 947 2.27 -24.22 24.18
N TYR B 948 3.52 -24.07 24.61
CA TYR B 948 4.02 -24.77 25.80
C TYR B 948 4.44 -23.78 26.86
N ASP B 949 4.26 -24.17 28.13
CA ASP B 949 4.63 -23.32 29.26
C ASP B 949 6.12 -23.52 29.59
N PRO B 950 6.69 -22.69 30.47
CA PRO B 950 8.14 -22.81 30.75
C PRO B 950 8.58 -24.15 31.35
N TYR B 951 7.68 -24.88 32.00
CA TYR B 951 8.05 -26.17 32.57
C TYR B 951 8.29 -27.21 31.48
N MET B 952 7.57 -27.11 30.35
CA MET B 952 7.86 -27.97 29.21
C MET B 952 9.19 -27.61 28.56
N GLU B 953 9.52 -26.32 28.48
CA GLU B 953 10.82 -25.90 27.95
C GLU B 953 11.96 -26.43 28.81
N ALA B 954 11.80 -26.37 30.13
CA ALA B 954 12.79 -26.95 31.03
C ALA B 954 12.89 -28.46 30.85
N ALA B 955 11.75 -29.13 30.64
CA ALA B 955 11.81 -30.55 30.32
C ALA B 955 12.64 -30.82 29.05
N TYR B 956 12.47 -29.99 28.03
CA TYR B 956 13.22 -30.17 26.80
C TYR B 956 14.72 -29.98 27.02
N THR B 957 15.11 -28.90 27.68
CA THR B 957 16.54 -28.66 27.89
C THR B 957 17.16 -29.64 28.89
N SER B 958 16.35 -30.25 29.77
CA SER B 958 16.87 -31.34 30.60
C SER B 958 17.01 -32.64 29.82
N SER B 959 16.12 -32.87 28.85
CA SER B 959 16.30 -33.99 27.94
C SER B 959 17.60 -33.85 27.15
N LEU B 960 17.92 -32.63 26.71
CA LEU B 960 19.18 -32.43 25.99
C LEU B 960 20.40 -32.72 26.87
N LEU B 961 20.38 -32.25 28.12
CA LEU B 961 21.51 -32.45 29.02
C LEU B 961 21.72 -33.92 29.37
N GLY B 962 20.65 -34.72 29.34
CA GLY B 962 20.75 -36.13 29.62
C GLY B 962 21.09 -37.00 28.43
N SER B 963 21.27 -36.44 27.25
CA SER B 963 21.62 -37.19 26.06
C SER B 963 23.06 -36.97 25.60
N ILE B 964 23.87 -36.29 26.40
CA ILE B 964 25.25 -36.01 25.99
C ILE B 964 26.15 -37.24 26.19
N ALA B 965 26.17 -37.79 27.40
CA ALA B 965 27.08 -38.89 27.70
C ALA B 965 26.68 -40.16 26.95
N GLY B 966 27.69 -40.94 26.56
CA GLY B 966 27.45 -42.13 25.78
C GLY B 966 28.72 -42.61 25.09
N ALA B 967 28.55 -43.60 24.23
CA ALA B 967 29.65 -44.27 23.53
C ALA B 967 30.14 -43.44 22.34
N SER B 968 31.26 -43.87 21.76
CA SER B 968 31.87 -43.12 20.67
C SER B 968 32.28 -44.01 19.50
N TRP B 969 32.62 -45.26 19.77
CA TRP B 969 33.22 -46.14 18.76
C TRP B 969 32.20 -46.96 17.97
N THR B 970 30.90 -46.80 18.23
CA THR B 970 29.91 -47.69 17.64
C THR B 970 29.31 -47.10 16.37
N ALA B 971 28.86 -47.99 15.49
CA ALA B 971 28.40 -47.57 14.17
C ALA B 971 27.00 -46.97 14.21
N GLY B 972 26.00 -47.77 14.57
CA GLY B 972 24.63 -47.34 14.45
C GLY B 972 24.17 -46.30 15.44
N LEU B 973 22.86 -46.26 15.68
CA LEU B 973 22.29 -45.35 16.67
C LEU B 973 21.25 -46.06 17.54
N SER B 974 21.25 -47.39 17.54
CA SER B 974 20.21 -48.20 18.14
C SER B 974 20.45 -48.54 19.61
N SER B 975 21.68 -48.51 20.09
CA SER B 975 22.00 -48.88 21.45
C SER B 975 22.23 -47.63 22.31
N PHE B 976 22.15 -47.83 23.63
CA PHE B 976 22.32 -46.72 24.58
C PHE B 976 23.19 -47.20 25.73
N ALA B 977 24.40 -46.65 25.81
CA ALA B 977 25.37 -47.03 26.83
C ALA B 977 25.38 -45.97 27.92
N ALA B 978 25.35 -46.41 29.17
CA ALA B 978 25.31 -45.49 30.31
C ALA B 978 26.72 -45.23 30.84
N ILE B 979 27.50 -44.54 30.01
CA ILE B 979 28.88 -44.17 30.34
C ILE B 979 28.85 -42.80 31.02
N PRO B 980 29.47 -42.66 32.19
CA PRO B 980 29.43 -41.38 32.91
C PRO B 980 30.06 -40.24 32.12
N PHE B 981 29.69 -39.01 32.50
CA PHE B 981 30.04 -37.83 31.72
C PHE B 981 31.56 -37.68 31.57
N ALA B 982 32.32 -37.86 32.65
CA ALA B 982 33.77 -37.66 32.58
C ALA B 982 34.44 -38.64 31.60
N GLN B 983 34.06 -39.92 31.66
CA GLN B 983 34.60 -40.92 30.73
C GLN B 983 34.26 -40.57 29.27
N SER B 984 33.03 -40.08 29.04
CA SER B 984 32.65 -39.67 27.70
C SER B 984 33.53 -38.53 27.20
N ILE B 985 33.80 -37.55 28.06
CA ILE B 985 34.68 -36.44 27.67
C ILE B 985 36.06 -36.98 27.30
N PHE B 986 36.60 -37.89 28.11
CA PHE B 986 37.93 -38.39 27.80
C PHE B 986 37.95 -39.23 26.52
N TYR B 987 36.84 -39.90 26.19
CA TYR B 987 36.77 -40.58 24.90
C TYR B 987 36.75 -39.58 23.75
N ARG B 988 36.04 -38.47 23.92
CA ARG B 988 35.99 -37.45 22.88
C ARG B 988 37.37 -36.82 22.66
N LEU B 989 38.12 -36.57 23.73
CA LEU B 989 39.46 -36.01 23.58
C LEU B 989 40.41 -36.97 22.87
N ASN B 990 40.34 -38.25 23.21
CA ASN B 990 41.21 -39.25 22.56
C ASN B 990 40.97 -39.34 21.06
N GLY B 991 39.74 -39.10 20.62
CA GLY B 991 39.39 -39.18 19.23
C GLY B 991 39.84 -38.03 18.35
N VAL B 992 40.23 -36.90 18.92
CA VAL B 992 40.73 -35.78 18.13
C VAL B 992 42.25 -35.68 18.17
N GLY B 993 42.92 -36.69 18.69
CA GLY B 993 44.35 -36.81 18.57
C GLY B 993 45.19 -36.60 19.82
N ILE B 994 44.62 -36.80 21.00
CA ILE B 994 45.38 -36.73 22.24
C ILE B 994 45.47 -38.15 22.80
N THR B 995 46.69 -38.67 22.89
CA THR B 995 46.89 -40.08 23.19
C THR B 995 46.58 -40.39 24.66
N GLN B 996 46.39 -41.68 24.93
CA GLN B 996 45.94 -42.14 26.24
C GLN B 996 46.94 -41.77 27.35
N GLN B 997 48.24 -41.85 27.06
CA GLN B 997 49.24 -41.52 28.08
C GLN B 997 49.13 -40.07 28.51
N VAL B 998 48.96 -39.16 27.54
CA VAL B 998 48.79 -37.74 27.85
C VAL B 998 47.56 -37.51 28.71
N LEU B 999 46.44 -38.16 28.35
CA LEU B 999 45.20 -37.98 29.10
C LEU B 999 45.34 -38.49 30.54
N SER B 1000 45.99 -39.63 30.73
CA SER B 1000 46.17 -40.14 32.09
C SER B 1000 47.09 -39.23 32.90
N GLU B 1001 48.08 -38.61 32.28
CA GLU B 1001 48.96 -37.73 33.03
C GLU B 1001 48.34 -36.36 33.35
N ASN B 1002 47.25 -35.97 32.69
CA ASN B 1002 46.75 -34.60 32.80
C ASN B 1002 45.28 -34.54 33.16
N GLN B 1003 44.78 -35.52 33.92
CA GLN B 1003 43.36 -35.61 34.22
C GLN B 1003 42.86 -34.37 34.96
N LYS B 1004 43.50 -34.04 36.08
CA LYS B 1004 43.02 -32.94 36.91
C LYS B 1004 43.20 -31.60 36.21
N ILE B 1005 44.30 -31.44 35.48
CA ILE B 1005 44.53 -30.21 34.72
C ILE B 1005 43.41 -30.01 33.71
N ILE B 1006 43.04 -31.06 33.00
CA ILE B 1006 41.98 -30.95 31.99
C ILE B 1006 40.67 -30.57 32.64
N ALA B 1007 40.33 -31.23 33.75
CA ALA B 1007 39.09 -30.89 34.44
C ALA B 1007 39.08 -29.43 34.92
N ASN B 1008 40.22 -28.95 35.45
CA ASN B 1008 40.28 -27.56 35.91
C ASN B 1008 40.12 -26.57 34.76
N LYS B 1009 40.76 -26.84 33.62
CA LYS B 1009 40.59 -25.96 32.48
C LYS B 1009 39.14 -25.95 32.00
N PHE B 1010 38.50 -27.12 31.98
CA PHE B 1010 37.08 -27.19 31.60
C PHE B 1010 36.22 -26.37 32.56
N ASN B 1011 36.45 -26.53 33.87
CA ASN B 1011 35.67 -25.80 34.87
C ASN B 1011 35.89 -24.30 34.73
N GLN B 1012 37.12 -23.88 34.44
CA GLN B 1012 37.37 -22.46 34.22
C GLN B 1012 36.60 -21.93 33.02
N ALA B 1013 36.55 -22.72 31.94
CA ALA B 1013 35.81 -22.27 30.75
C ALA B 1013 34.31 -22.18 31.02
N LEU B 1014 33.76 -23.12 31.78
CA LEU B 1014 32.34 -23.07 32.08
C LEU B 1014 31.99 -21.88 32.96
N GLY B 1015 32.86 -21.57 33.93
CA GLY B 1015 32.56 -20.53 34.89
C GLY B 1015 32.52 -19.13 34.33
N ALA B 1016 33.14 -18.93 33.17
CA ALA B 1016 33.25 -17.57 32.58
C ALA B 1016 32.05 -17.23 31.68
N MET B 1017 31.23 -18.21 31.33
CA MET B 1017 29.99 -17.89 30.56
C MET B 1017 29.11 -16.97 31.41
N GLN B 1018 29.09 -17.19 32.73
CA GLN B 1018 28.23 -16.38 33.64
C GLN B 1018 28.42 -14.89 33.33
N THR B 1019 29.64 -14.39 33.49
CA THR B 1019 29.92 -12.97 33.19
C THR B 1019 30.04 -12.40 31.78
N GLY B 1020 29.83 -13.23 30.76
CA GLY B 1020 29.84 -12.71 29.37
C GLY B 1020 28.75 -12.00 28.57
N PHE B 1021 27.47 -12.14 28.95
CA PHE B 1021 26.33 -11.53 28.20
C PHE B 1021 26.50 -10.01 28.16
N THR B 1022 26.83 -9.42 27.00
CA THR B 1022 27.14 -7.99 26.99
C THR B 1022 26.88 -7.43 25.60
N THR B 1023 27.16 -6.13 25.45
CA THR B 1023 26.95 -5.47 24.16
C THR B 1023 27.92 -5.99 23.10
N THR B 1024 29.13 -6.38 23.50
CA THR B 1024 30.14 -6.80 22.54
C THR B 1024 29.74 -8.08 21.80
N ASN B 1025 29.16 -9.04 22.50
CA ASN B 1025 28.95 -10.37 21.93
C ASN B 1025 27.80 -10.38 20.93
N LEU B 1026 28.04 -11.01 19.78
CA LEU B 1026 27.08 -11.02 18.69
C LEU B 1026 25.82 -11.81 19.03
N ALA B 1027 25.96 -12.93 19.76
CA ALA B 1027 24.79 -13.78 20.04
C ALA B 1027 23.79 -13.07 20.95
N PHE B 1028 24.28 -12.42 22.01
CA PHE B 1028 23.41 -11.67 22.91
C PHE B 1028 22.74 -10.51 22.18
N ASN B 1029 23.48 -9.84 21.29
CA ASN B 1029 22.90 -8.82 20.44
C ASN B 1029 21.76 -9.37 19.60
N LYS B 1030 21.93 -10.59 19.08
CA LYS B 1030 20.86 -11.22 18.31
C LYS B 1030 19.63 -11.48 19.17
N VAL B 1031 19.84 -11.89 20.43
CA VAL B 1031 18.71 -12.08 21.35
C VAL B 1031 17.90 -10.78 21.48
N GLN B 1032 18.61 -9.68 21.77
CA GLN B 1032 17.94 -8.40 21.94
C GLN B 1032 17.23 -7.96 20.65
N ASP B 1033 17.84 -8.23 19.50
CA ASP B 1033 17.20 -7.90 18.23
C ASP B 1033 15.90 -8.67 18.01
N ALA B 1034 15.86 -9.95 18.38
CA ALA B 1034 14.61 -10.70 18.24
C ALA B 1034 13.50 -10.07 19.10
N VAL B 1035 13.84 -9.76 20.35
CA VAL B 1035 12.88 -9.09 21.22
C VAL B 1035 12.40 -7.78 20.60
N ASN B 1036 13.33 -6.98 20.06
CA ASN B 1036 12.98 -5.67 19.52
C ASN B 1036 12.10 -5.77 18.27
N ALA B 1037 12.34 -6.78 17.42
CA ALA B 1037 11.47 -6.96 16.27
C ALA B 1037 10.03 -7.25 16.73
N ASN B 1038 9.88 -8.08 17.76
CA ASN B 1038 8.54 -8.33 18.29
C ASN B 1038 7.88 -7.04 18.76
N ALA B 1039 8.62 -6.22 19.52
CA ALA B 1039 8.03 -4.98 20.05
C ALA B 1039 7.68 -3.99 18.94
N MET B 1040 8.54 -3.89 17.92
CA MET B 1040 8.32 -2.92 16.86
C MET B 1040 7.08 -3.26 16.04
N ALA B 1041 6.80 -4.54 15.82
CA ALA B 1041 5.57 -4.90 15.12
C ALA B 1041 4.35 -4.29 15.80
N LEU B 1042 4.22 -4.50 17.12
CA LEU B 1042 3.07 -3.95 17.86
C LEU B 1042 3.05 -2.43 17.82
N SER B 1043 4.21 -1.79 18.01
CA SER B 1043 4.21 -0.34 18.06
C SER B 1043 3.78 0.26 16.72
N LYS B 1044 4.23 -0.32 15.62
CA LYS B 1044 3.78 0.15 14.30
C LYS B 1044 2.29 -0.08 14.10
N LEU B 1045 1.77 -1.21 14.63
CA LEU B 1045 0.33 -1.44 14.55
C LEU B 1045 -0.45 -0.36 15.29
N ALA B 1046 -0.01 0.01 16.49
CA ALA B 1046 -0.77 1.00 17.26
C ALA B 1046 -0.62 2.41 16.70
N ALA B 1047 0.54 2.74 16.14
CA ALA B 1047 0.79 4.10 15.67
C ALA B 1047 -0.06 4.45 14.46
N GLU B 1048 -0.43 3.47 13.65
CA GLU B 1048 -1.17 3.75 12.42
C GLU B 1048 -2.56 4.31 12.68
N LEU B 1049 -3.13 4.07 13.87
CA LEU B 1049 -4.42 4.63 14.25
C LEU B 1049 -4.37 6.15 14.46
N SER B 1050 -3.18 6.75 14.49
CA SER B 1050 -3.09 8.21 14.58
C SER B 1050 -2.87 8.86 13.22
N ASN B 1051 -2.89 8.10 12.12
CA ASN B 1051 -2.76 8.64 10.78
C ASN B 1051 -4.10 9.24 10.31
N THR B 1052 -4.11 10.50 9.91
CA THR B 1052 -5.34 11.11 9.41
C THR B 1052 -5.67 10.65 7.99
N PHE B 1053 -4.70 10.19 7.23
CA PHE B 1053 -4.87 9.86 5.82
C PHE B 1053 -5.48 11.03 5.04
N GLY B 1054 -5.19 12.25 5.47
CA GLY B 1054 -5.74 13.43 4.83
C GLY B 1054 -7.12 13.84 5.26
N ALA B 1055 -7.71 13.19 6.26
CA ALA B 1055 -8.98 13.64 6.84
C ALA B 1055 -8.72 14.76 7.86
N ILE B 1056 -9.80 15.39 8.32
CA ILE B 1056 -9.65 16.48 9.28
C ILE B 1056 -9.17 16.00 10.64
N SER B 1057 -9.31 14.71 10.95
CA SER B 1057 -8.87 14.15 12.22
C SER B 1057 -8.67 12.65 12.05
N SER B 1058 -7.86 12.09 12.94
CA SER B 1058 -7.77 10.64 13.05
C SER B 1058 -8.79 10.05 14.02
N SER B 1059 -9.60 10.88 14.68
CA SER B 1059 -10.60 10.41 15.62
C SER B 1059 -12.00 10.48 14.98
N ILE B 1060 -12.73 9.37 15.04
CA ILE B 1060 -14.08 9.31 14.48
C ILE B 1060 -15.05 10.18 15.29
N SER B 1061 -14.83 10.27 16.60
CA SER B 1061 -15.69 11.10 17.44
C SER B 1061 -15.61 12.57 17.05
N ASP B 1062 -14.40 13.06 16.77
CA ASP B 1062 -14.22 14.44 16.28
C ASP B 1062 -14.92 14.65 14.94
N ILE B 1063 -14.78 13.70 14.01
CA ILE B 1063 -15.39 13.84 12.70
C ILE B 1063 -16.91 13.92 12.83
N LEU B 1064 -17.50 13.05 13.66
CA LEU B 1064 -18.94 13.09 13.88
C LEU B 1064 -19.37 14.40 14.55
N ALA B 1065 -18.53 14.95 15.43
CA ALA B 1065 -18.88 16.20 16.10
C ALA B 1065 -18.80 17.41 15.18
N ARG B 1066 -17.89 17.43 14.21
CA ARG B 1066 -17.63 18.67 13.47
C ARG B 1066 -18.30 18.76 12.10
N LEU B 1067 -18.71 17.66 11.48
CA LEU B 1067 -19.24 17.69 10.12
C LEU B 1067 -20.63 17.08 10.05
N ASP B 1068 -21.27 17.22 8.91
CA ASP B 1068 -22.61 16.71 8.62
C ASP B 1068 -22.62 15.93 7.30
N PRO B 1069 -23.58 15.02 7.12
CA PRO B 1069 -23.69 14.34 5.84
C PRO B 1069 -23.98 15.33 4.72
N PRO B 1070 -23.51 15.04 3.50
CA PRO B 1070 -22.69 13.88 3.12
C PRO B 1070 -21.18 14.04 3.36
N GLU B 1071 -20.69 15.22 3.77
CA GLU B 1071 -19.25 15.40 3.94
C GLU B 1071 -18.68 14.49 5.03
N GLN B 1072 -19.50 14.17 6.02
CA GLN B 1072 -19.10 13.33 7.14
C GLN B 1072 -18.66 11.94 6.67
N GLU B 1073 -19.46 11.31 5.80
CA GLU B 1073 -19.18 9.95 5.36
C GLU B 1073 -17.95 9.87 4.47
N ALA B 1074 -17.68 10.90 3.67
CA ALA B 1074 -16.46 10.90 2.87
C ALA B 1074 -15.22 10.91 3.75
N GLN B 1075 -15.24 11.72 4.80
CA GLN B 1075 -14.12 11.77 5.73
C GLN B 1075 -13.92 10.42 6.41
N ILE B 1076 -15.00 9.78 6.87
CA ILE B 1076 -14.83 8.48 7.51
C ILE B 1076 -14.31 7.44 6.52
N ASP B 1077 -14.74 7.54 5.26
CA ASP B 1077 -14.29 6.59 4.25
C ASP B 1077 -12.79 6.67 4.03
N ARG B 1078 -12.22 7.88 4.11
CA ARG B 1078 -10.76 8.00 4.04
C ARG B 1078 -10.07 7.14 5.12
N LEU B 1079 -10.53 7.24 6.36
CA LEU B 1079 -9.96 6.43 7.44
C LEU B 1079 -10.16 4.93 7.20
N ILE B 1080 -11.35 4.54 6.73
CA ILE B 1080 -11.61 3.11 6.48
C ILE B 1080 -10.61 2.56 5.47
N ASN B 1081 -10.47 3.23 4.33
CA ASN B 1081 -9.58 2.74 3.28
C ASN B 1081 -8.13 2.70 3.75
N GLY B 1082 -7.68 3.78 4.42
CA GLY B 1082 -6.31 3.79 4.91
C GLY B 1082 -6.02 2.66 5.88
N ARG B 1083 -6.90 2.45 6.84
CA ARG B 1083 -6.66 1.43 7.86
C ARG B 1083 -6.71 0.02 7.27
N LEU B 1084 -7.58 -0.22 6.29
CA LEU B 1084 -7.59 -1.54 5.65
C LEU B 1084 -6.30 -1.82 4.88
N THR B 1085 -5.80 -0.82 4.13
CA THR B 1085 -4.53 -1.02 3.42
C THR B 1085 -3.39 -1.29 4.39
N SER B 1086 -3.37 -0.55 5.51
CA SER B 1086 -2.34 -0.75 6.52
C SER B 1086 -2.40 -2.15 7.15
N LEU B 1087 -3.60 -2.66 7.41
CA LEU B 1087 -3.73 -4.02 7.95
C LEU B 1087 -3.24 -5.06 6.94
N ASN B 1088 -3.54 -4.86 5.65
CA ASN B 1088 -2.99 -5.76 4.62
C ASN B 1088 -1.46 -5.81 4.68
N ALA B 1089 -0.83 -4.65 4.84
CA ALA B 1089 0.64 -4.64 4.95
C ALA B 1089 1.11 -5.39 6.20
N PHE B 1090 0.44 -5.18 7.34
CA PHE B 1090 0.82 -5.87 8.57
C PHE B 1090 0.74 -7.39 8.41
N VAL B 1091 -0.32 -7.86 7.76
CA VAL B 1091 -0.53 -9.30 7.55
C VAL B 1091 0.57 -9.88 6.67
N ALA B 1092 0.94 -9.16 5.60
CA ALA B 1092 2.02 -9.65 4.74
C ALA B 1092 3.33 -9.78 5.51
N GLN B 1093 3.65 -8.76 6.32
CA GLN B 1093 4.88 -8.82 7.10
C GLN B 1093 4.88 -10.00 8.07
N GLN B 1094 3.75 -10.25 8.73
CA GLN B 1094 3.70 -11.36 9.69
C GLN B 1094 3.85 -12.70 9.00
N LEU B 1095 3.26 -12.86 7.81
CA LEU B 1095 3.46 -14.09 7.06
C LEU B 1095 4.96 -14.32 6.79
N VAL B 1096 5.64 -13.27 6.33
CA VAL B 1096 7.06 -13.41 6.02
C VAL B 1096 7.86 -13.83 7.25
N ARG B 1097 7.63 -13.13 8.37
CA ARG B 1097 8.37 -13.44 9.60
C ARG B 1097 8.10 -14.86 10.08
N THR B 1098 6.85 -15.34 9.98
CA THR B 1098 6.53 -16.69 10.42
C THR B 1098 7.26 -17.74 9.59
N GLU B 1099 7.30 -17.55 8.28
CA GLU B 1099 8.04 -18.50 7.43
C GLU B 1099 9.52 -18.53 7.79
N ALA B 1100 10.12 -17.35 8.00
CA ALA B 1100 11.52 -17.29 8.36
C ALA B 1100 11.79 -18.01 9.68
N ALA B 1101 10.91 -17.83 10.67
CA ALA B 1101 11.10 -18.48 11.97
C ALA B 1101 11.00 -19.99 11.86
N ALA B 1102 10.10 -20.50 11.02
CA ALA B 1102 10.03 -21.95 10.83
C ALA B 1102 11.33 -22.50 10.22
N ARG B 1103 11.89 -21.80 9.23
CA ARG B 1103 13.20 -22.21 8.71
C ARG B 1103 14.27 -22.21 9.79
N SER B 1104 14.30 -21.16 10.62
CA SER B 1104 15.28 -21.08 11.68
C SER B 1104 15.11 -22.21 12.71
N ALA B 1105 13.87 -22.62 12.97
CA ALA B 1105 13.64 -23.74 13.88
C ALA B 1105 14.20 -25.04 13.31
N GLN B 1106 14.06 -25.24 12.00
CA GLN B 1106 14.70 -26.41 11.38
C GLN B 1106 16.22 -26.37 11.58
N LEU B 1107 16.84 -25.18 11.39
CA LEU B 1107 18.28 -25.06 11.64
C LEU B 1107 18.63 -25.39 13.10
N ALA B 1108 17.80 -24.95 14.05
CA ALA B 1108 18.05 -25.30 15.45
C ALA B 1108 18.00 -26.80 15.68
N GLN B 1109 17.03 -27.49 15.08
CA GLN B 1109 16.97 -28.93 15.21
C GLN B 1109 18.24 -29.60 14.65
N ASP B 1110 18.72 -29.12 13.51
CA ASP B 1110 19.95 -29.66 12.94
C ASP B 1110 21.14 -29.45 13.88
N LYS B 1111 21.25 -28.25 14.47
CA LYS B 1111 22.34 -27.96 15.39
C LYS B 1111 22.29 -28.85 16.63
N VAL B 1112 21.10 -29.06 17.18
CA VAL B 1112 20.95 -29.96 18.32
C VAL B 1112 21.46 -31.34 17.97
N ASN B 1113 20.99 -31.88 16.83
CA ASN B 1113 21.35 -33.24 16.44
C ASN B 1113 22.85 -33.39 16.17
N GLU B 1114 23.47 -32.38 15.55
CA GLU B 1114 24.87 -32.50 15.15
C GLU B 1114 25.86 -32.13 16.26
N CYS B 1115 25.57 -31.09 17.06
CA CYS B 1115 26.54 -30.59 18.04
C CYS B 1115 26.23 -31.00 19.48
N VAL B 1116 24.96 -31.18 19.85
CA VAL B 1116 24.65 -31.46 21.26
C VAL B 1116 24.55 -32.95 21.52
N LYS B 1117 23.87 -33.69 20.65
CA LYS B 1117 23.66 -35.12 20.82
C LYS B 1117 24.78 -35.96 20.20
N SER B 1118 25.77 -35.35 19.56
CA SER B 1118 26.97 -36.04 19.14
C SER B 1118 28.14 -35.07 19.07
N GLN B 1119 29.32 -35.60 18.77
CA GLN B 1119 30.51 -34.80 18.56
C GLN B 1119 30.69 -34.58 17.07
N SER B 1120 30.98 -33.34 16.69
CA SER B 1120 31.02 -32.97 15.28
C SER B 1120 32.45 -33.04 14.72
N LYS B 1121 32.57 -33.60 13.51
CA LYS B 1121 33.80 -33.59 12.74
C LYS B 1121 33.84 -32.48 11.69
N ARG B 1122 32.80 -31.66 11.59
CA ARG B 1122 32.72 -30.62 10.57
C ARG B 1122 33.44 -29.36 11.03
N ASN B 1123 34.35 -28.86 10.22
CA ASN B 1123 35.07 -27.65 10.55
C ASN B 1123 34.11 -26.46 10.53
N GLY B 1124 34.01 -25.76 11.65
CA GLY B 1124 33.31 -24.50 11.72
C GLY B 1124 31.83 -24.56 12.00
N PHE B 1125 31.21 -25.74 11.96
CA PHE B 1125 29.77 -25.83 12.17
C PHE B 1125 29.35 -25.76 13.64
N CYS B 1126 30.18 -26.27 14.56
CA CYS B 1126 29.82 -26.34 15.97
C CYS B 1126 30.82 -25.58 16.82
N GLY B 1127 31.02 -24.31 16.49
CA GLY B 1127 31.99 -23.47 17.22
C GLY B 1127 33.27 -23.30 16.43
N THR B 1128 34.37 -22.98 17.12
CA THR B 1128 35.67 -22.76 16.46
C THR B 1128 36.68 -23.67 17.12
N GLY B 1129 37.74 -24.03 16.39
CA GLY B 1129 38.70 -25.02 16.93
C GLY B 1129 38.12 -26.41 16.80
N THR B 1130 38.67 -27.38 17.53
CA THR B 1130 38.20 -28.77 17.42
C THR B 1130 37.05 -28.98 18.39
N HIS B 1131 35.86 -29.33 17.90
CA HIS B 1131 34.66 -29.47 18.74
C HIS B 1131 34.79 -30.63 19.72
N ILE B 1132 34.45 -30.38 20.97
CA ILE B 1132 34.43 -31.41 22.01
C ILE B 1132 32.99 -31.75 22.42
N VAL B 1133 32.23 -30.75 22.87
CA VAL B 1133 30.87 -30.96 23.40
C VAL B 1133 30.14 -29.62 23.37
N SER B 1134 28.80 -29.67 23.30
CA SER B 1134 27.96 -28.48 23.28
C SER B 1134 26.79 -28.62 24.24
N PHE B 1135 26.33 -27.51 24.79
CA PHE B 1135 25.13 -27.45 25.62
C PHE B 1135 24.14 -26.44 25.05
N ALA B 1136 22.86 -26.69 25.29
CA ALA B 1136 21.78 -25.83 24.82
C ALA B 1136 20.87 -25.43 25.98
N ILE B 1137 20.53 -24.13 26.05
CA ILE B 1137 19.63 -23.59 27.06
C ILE B 1137 18.52 -22.81 26.38
N ASN B 1138 17.46 -22.53 27.14
CA ASN B 1138 16.38 -21.69 26.66
C ASN B 1138 16.78 -20.22 26.67
N ALA B 1139 16.22 -19.46 25.74
CA ALA B 1139 16.39 -18.02 25.64
C ALA B 1139 15.09 -17.43 25.11
N PRO B 1140 14.90 -16.11 25.26
CA PRO B 1140 13.74 -15.47 24.63
C PRO B 1140 13.64 -15.76 23.15
N ASN B 1141 12.53 -16.37 22.71
CA ASN B 1141 12.19 -16.65 21.32
C ASN B 1141 13.04 -17.73 20.66
N GLY B 1142 13.86 -18.48 21.39
CA GLY B 1142 14.67 -19.53 20.78
C GLY B 1142 15.61 -20.34 21.66
N LEU B 1143 16.75 -20.76 21.10
CA LEU B 1143 17.73 -21.58 21.81
C LEU B 1143 19.09 -20.88 21.80
N TYR B 1144 19.84 -21.07 22.88
CA TYR B 1144 21.16 -20.47 23.07
C TYR B 1144 22.17 -21.59 23.31
N PHE B 1145 23.21 -21.65 22.46
CA PHE B 1145 24.18 -22.75 22.47
C PHE B 1145 25.51 -22.29 23.03
N PHE B 1146 26.18 -23.16 23.78
CA PHE B 1146 27.57 -22.98 24.18
C PHE B 1146 28.39 -24.11 23.56
N HIS B 1147 29.23 -23.78 22.59
CA HIS B 1147 30.07 -24.75 21.89
C HIS B 1147 31.45 -24.76 22.54
N VAL B 1148 31.83 -25.87 23.16
CA VAL B 1148 33.12 -25.99 23.83
C VAL B 1148 34.14 -26.61 22.88
N GLY B 1149 35.23 -25.91 22.63
CA GLY B 1149 36.23 -26.34 21.67
C GLY B 1149 37.62 -26.47 22.27
N TYR B 1150 38.42 -27.33 21.67
CA TYR B 1150 39.81 -27.52 22.05
C TYR B 1150 40.67 -26.53 21.28
N GLN B 1151 41.34 -25.64 22.00
CA GLN B 1151 42.05 -24.51 21.38
C GLN B 1151 43.51 -24.48 21.84
N PRO B 1152 44.46 -24.75 20.95
CA PRO B 1152 45.87 -24.70 21.34
C PRO B 1152 46.34 -23.29 21.64
N THR B 1153 47.33 -23.18 22.53
CA THR B 1153 47.89 -21.89 22.91
C THR B 1153 49.35 -21.71 22.50
N SER B 1154 50.16 -22.77 22.55
CA SER B 1154 51.54 -22.71 22.07
C SER B 1154 51.84 -23.95 21.22
N HIS B 1155 52.78 -23.80 20.28
CA HIS B 1155 53.12 -24.84 19.33
C HIS B 1155 54.63 -25.07 19.34
N VAL B 1156 55.03 -26.22 18.80
CA VAL B 1156 56.42 -26.51 18.46
C VAL B 1156 56.48 -26.87 16.98
N ASN B 1157 57.53 -26.43 16.30
CA ASN B 1157 57.80 -26.83 14.93
C ASN B 1157 58.52 -28.17 14.95
N ALA B 1158 57.84 -29.24 14.56
CA ALA B 1158 58.40 -30.57 14.62
C ALA B 1158 58.76 -31.05 13.22
N THR B 1159 59.86 -31.80 13.14
CA THR B 1159 60.33 -32.41 11.90
C THR B 1159 59.68 -33.78 11.72
N ALA B 1160 58.99 -33.97 10.60
CA ALA B 1160 58.15 -35.14 10.40
C ALA B 1160 58.56 -35.91 9.14
N ALA B 1161 58.09 -37.14 9.05
CA ALA B 1161 58.31 -38.01 7.90
C ALA B 1161 56.97 -38.43 7.30
N TYR B 1162 56.89 -38.48 5.97
CA TYR B 1162 55.69 -38.99 5.31
C TYR B 1162 55.45 -40.46 5.63
N GLY B 1163 56.52 -41.21 5.88
CA GLY B 1163 56.43 -42.64 6.15
C GLY B 1163 57.83 -43.18 6.36
N LEU B 1164 57.90 -44.48 6.67
CA LEU B 1164 59.15 -45.15 6.99
C LEU B 1164 59.22 -46.50 6.31
N CYS B 1165 60.38 -46.84 5.74
CA CYS B 1165 60.59 -48.12 5.06
C CYS B 1165 61.92 -48.73 5.51
N ASN B 1166 62.01 -50.06 5.40
CA ASN B 1166 63.28 -50.74 5.59
C ASN B 1166 63.94 -50.98 4.23
N THR B 1167 65.03 -51.74 4.22
CA THR B 1167 65.80 -51.97 3.00
C THR B 1167 65.81 -53.45 2.61
N GLU B 1168 64.77 -54.19 2.97
CA GLU B 1168 64.67 -55.57 2.53
C GLU B 1168 64.50 -55.61 1.01
N ASN B 1169 64.77 -56.78 0.43
CA ASN B 1169 64.74 -56.89 -1.03
C ASN B 1169 63.35 -56.53 -1.57
N PRO B 1170 62.25 -57.08 -1.08
CA PRO B 1170 60.98 -56.37 -1.19
C PRO B 1170 60.76 -55.51 0.04
N PRO B 1171 60.68 -54.19 -0.12
CA PRO B 1171 60.62 -53.31 1.06
C PRO B 1171 59.30 -53.43 1.81
N LYS B 1172 59.36 -53.13 3.10
CA LYS B 1172 58.21 -53.04 3.98
C LYS B 1172 58.09 -51.60 4.49
N CYS B 1173 56.89 -51.02 4.42
CA CYS B 1173 56.70 -49.60 4.70
C CYS B 1173 55.50 -49.35 5.61
N ILE B 1174 55.62 -48.33 6.47
CA ILE B 1174 54.59 -48.02 7.45
C ILE B 1174 54.26 -46.52 7.41
N ALA B 1175 53.05 -46.20 7.86
CA ALA B 1175 52.54 -44.84 7.95
C ALA B 1175 51.80 -44.69 9.27
N PRO B 1176 51.77 -43.48 9.84
CA PRO B 1176 51.13 -43.31 11.15
C PRO B 1176 49.61 -43.38 11.06
N ILE B 1177 49.01 -43.70 12.20
CA ILE B 1177 47.55 -43.73 12.33
C ILE B 1177 47.14 -42.60 13.28
N GLY B 1178 46.42 -41.61 12.75
CA GLY B 1178 45.92 -40.51 13.55
C GLY B 1178 46.98 -39.65 14.23
N GLY B 1179 48.13 -39.45 13.58
CA GLY B 1179 49.22 -38.72 14.17
C GLY B 1179 50.37 -38.50 13.22
N TYR B 1180 51.58 -38.38 13.74
CA TYR B 1180 52.76 -38.09 12.92
C TYR B 1180 53.96 -38.90 13.39
N PHE B 1181 54.85 -39.23 12.46
CA PHE B 1181 56.17 -39.76 12.77
C PHE B 1181 57.14 -38.58 12.89
N VAL B 1182 57.70 -38.37 14.07
CA VAL B 1182 58.50 -37.18 14.32
C VAL B 1182 59.78 -37.54 15.05
N LEU B 1183 60.73 -36.60 15.00
CA LEU B 1183 61.98 -36.75 15.76
C LEU B 1183 61.76 -36.08 17.12
N ASN B 1184 62.45 -36.53 18.17
CA ASN B 1184 62.21 -35.98 19.53
C ASN B 1184 63.10 -34.76 19.74
N GLN B 1185 62.83 -33.69 19.00
CA GLN B 1185 63.58 -32.42 19.14
C GLN B 1185 62.58 -31.25 19.06
N THR B 1186 62.92 -30.10 19.65
CA THR B 1186 62.06 -28.90 19.51
C THR B 1186 62.84 -27.91 18.67
N THR B 1187 63.63 -28.40 17.72
CA THR B 1187 64.48 -27.53 16.90
C THR B 1187 64.47 -28.01 15.46
N SER B 1193 71.36 -38.58 7.92
CA SER B 1193 72.00 -39.58 8.76
C SER B 1193 70.97 -40.50 9.42
N GLU B 1194 71.43 -41.36 10.32
CA GLU B 1194 70.54 -42.22 11.06
C GLU B 1194 69.87 -41.43 12.19
N GLN B 1195 68.54 -41.50 12.23
CA GLN B 1195 67.74 -40.73 13.18
C GLN B 1195 66.76 -41.64 13.89
N GLN B 1196 66.44 -41.30 15.14
CA GLN B 1196 65.51 -42.08 15.95
C GLN B 1196 64.10 -41.49 15.82
N TRP B 1197 63.22 -42.19 15.11
CA TRP B 1197 61.87 -41.71 14.83
C TRP B 1197 60.89 -42.16 15.90
N TYR B 1198 59.94 -41.27 16.25
CA TYR B 1198 58.91 -41.54 17.24
C TYR B 1198 57.52 -41.25 16.66
N TYR B 1199 56.50 -41.53 17.45
CA TYR B 1199 55.12 -41.22 17.11
C TYR B 1199 54.55 -40.21 18.10
N THR B 1200 53.70 -39.32 17.61
CA THR B 1200 52.93 -38.43 18.47
C THR B 1200 51.51 -38.31 17.94
N GLY B 1201 50.57 -38.08 18.85
CA GLY B 1201 49.22 -37.73 18.44
C GLY B 1201 49.17 -36.34 17.84
N SER B 1202 48.24 -36.14 16.90
CA SER B 1202 48.25 -34.90 16.14
C SER B 1202 47.81 -33.68 16.94
N SER B 1203 47.22 -33.83 18.12
CA SER B 1203 46.74 -32.66 18.86
C SER B 1203 47.59 -32.26 20.05
N PHE B 1204 48.65 -33.00 20.37
CA PHE B 1204 49.49 -32.66 21.51
C PHE B 1204 50.83 -33.37 21.35
N PHE B 1205 51.92 -32.60 21.38
CA PHE B 1205 53.25 -33.14 21.14
C PHE B 1205 53.71 -33.95 22.36
N HIS B 1206 53.88 -35.25 22.16
CA HIS B 1206 54.37 -36.16 23.18
C HIS B 1206 54.94 -37.40 22.51
N PRO B 1207 56.21 -37.38 22.13
CA PRO B 1207 56.79 -38.51 21.40
C PRO B 1207 56.71 -39.82 22.18
N GLU B 1208 56.33 -40.88 21.48
CA GLU B 1208 56.16 -42.23 22.02
C GLU B 1208 56.74 -43.23 21.04
N PRO B 1209 57.11 -44.42 21.51
CA PRO B 1209 57.65 -45.44 20.61
C PRO B 1209 56.66 -45.85 19.52
N ILE B 1210 57.21 -46.16 18.35
CA ILE B 1210 56.41 -46.59 17.20
C ILE B 1210 56.11 -48.08 17.34
N THR B 1211 54.84 -48.45 17.38
CA THR B 1211 54.40 -49.83 17.53
C THR B 1211 53.29 -50.12 16.53
N GLU B 1212 52.80 -51.36 16.56
CA GLU B 1212 51.68 -51.73 15.70
C GLU B 1212 50.37 -51.11 16.14
N VAL B 1213 50.31 -50.53 17.33
CA VAL B 1213 49.11 -49.82 17.77
C VAL B 1213 48.94 -48.51 16.99
N ASN B 1214 50.05 -47.80 16.72
CA ASN B 1214 49.95 -46.48 16.11
C ASN B 1214 50.47 -46.43 14.67
N SER B 1215 50.61 -47.56 13.99
CA SER B 1215 51.12 -47.57 12.64
C SER B 1215 50.44 -48.66 11.81
N LYS B 1216 50.49 -48.50 10.50
CA LYS B 1216 49.89 -49.44 9.56
C LYS B 1216 50.79 -49.62 8.34
N TYR B 1217 50.65 -50.76 7.68
CA TYR B 1217 51.43 -51.07 6.49
C TYR B 1217 50.80 -50.44 5.24
N VAL B 1218 51.63 -49.89 4.36
CA VAL B 1218 51.20 -49.20 3.16
C VAL B 1218 52.13 -49.57 2.01
N SER B 1219 51.73 -49.19 0.80
CA SER B 1219 52.54 -49.36 -0.39
C SER B 1219 53.72 -48.39 -0.38
N MET B 1220 54.77 -48.77 -1.11
CA MET B 1220 56.01 -48.00 -1.13
C MET B 1220 55.82 -46.64 -1.79
N ASP B 1221 56.57 -45.66 -1.31
CA ASP B 1221 56.55 -44.29 -1.82
C ASP B 1221 57.97 -43.74 -1.76
N VAL B 1222 58.37 -43.04 -2.82
CA VAL B 1222 59.73 -42.50 -2.87
C VAL B 1222 59.95 -41.38 -1.86
N LYS B 1223 58.88 -40.80 -1.32
CA LYS B 1223 59.05 -39.78 -0.28
C LYS B 1223 59.42 -40.35 1.08
N PHE B 1224 59.25 -41.65 1.30
CA PHE B 1224 59.47 -42.24 2.62
C PHE B 1224 60.95 -42.32 2.96
N GLU B 1225 61.26 -42.15 4.24
CA GLU B 1225 62.62 -42.34 4.73
C GLU B 1225 63.04 -43.80 4.62
N ASN B 1226 64.28 -43.99 4.14
CA ASN B 1226 64.88 -45.35 4.05
C ASN B 1226 65.72 -45.53 5.31
N LEU B 1227 65.41 -46.52 6.12
CA LEU B 1227 66.05 -46.72 7.42
C LEU B 1227 67.02 -47.89 7.37
N THR B 1228 68.23 -47.68 7.90
CA THR B 1228 69.21 -48.75 8.06
C THR B 1228 69.37 -49.20 9.50
N ASN B 1229 69.47 -48.26 10.45
CA ASN B 1229 69.65 -48.59 11.85
C ASN B 1229 68.48 -48.04 12.67
N LYS B 1230 68.30 -48.64 13.85
CA LYS B 1230 67.26 -48.22 14.79
C LYS B 1230 65.86 -48.37 14.19
N LEU B 1231 65.63 -49.52 13.56
CA LEU B 1231 64.32 -49.82 13.00
C LEU B 1231 63.30 -49.98 14.12
N PRO B 1232 62.12 -49.39 13.98
CA PRO B 1232 61.02 -49.72 14.89
C PRO B 1232 60.55 -51.15 14.68
N PRO B 1233 59.96 -51.76 15.70
CA PRO B 1233 59.63 -53.20 15.65
C PRO B 1233 58.78 -53.61 14.48
N PRO B 1234 57.82 -52.78 14.01
CA PRO B 1234 57.05 -53.21 12.83
C PRO B 1234 57.88 -53.42 11.58
N LEU B 1235 59.09 -52.87 11.50
CA LEU B 1235 59.92 -52.96 10.32
C LEU B 1235 61.00 -54.04 10.44
N LEU B 1236 61.02 -54.78 11.54
CA LEU B 1236 62.11 -55.72 11.80
C LEU B 1236 61.88 -57.03 11.07
N SER B 1237 62.89 -57.47 10.31
CA SER B 1237 62.76 -58.70 9.54
C SER B 1237 62.85 -59.93 10.41
N ASN B 1238 63.55 -59.85 11.53
CA ASN B 1238 63.70 -60.97 12.45
C ASN B 1238 62.38 -61.30 13.15
N SER C 34 -14.34 42.59 -44.94
CA SER C 34 -13.50 41.41 -45.26
C SER C 34 -12.12 41.87 -45.76
N VAL C 35 -11.20 40.92 -45.94
CA VAL C 35 -9.85 41.26 -46.48
C VAL C 35 -9.97 41.46 -47.99
N ASP C 36 -9.05 42.22 -48.60
CA ASP C 36 -9.09 42.34 -50.08
C ASP C 36 -8.51 41.07 -50.69
N MET C 37 -9.19 40.46 -51.67
CA MET C 37 -8.63 39.27 -52.37
C MET C 37 -8.03 39.69 -53.71
N GLY C 38 -7.95 41.00 -53.97
CA GLY C 38 -7.35 41.50 -55.22
C GLY C 38 -8.37 41.87 -56.27
N THR C 39 -7.96 41.95 -57.54
CA THR C 39 -8.84 42.37 -58.63
C THR C 39 -9.75 41.23 -59.07
N THR C 40 -11.05 41.52 -59.19
CA THR C 40 -12.03 40.54 -59.60
C THR C 40 -11.78 40.07 -61.04
N GLY C 41 -12.01 38.78 -61.28
CA GLY C 41 -11.74 38.21 -62.58
C GLY C 41 -12.79 38.59 -63.62
N SER C 42 -12.37 38.61 -64.87
CA SER C 42 -13.26 38.86 -66.00
C SER C 42 -12.76 38.09 -67.21
N GLY C 43 -13.69 37.74 -68.10
CA GLY C 43 -13.34 36.96 -69.27
C GLY C 43 -13.88 35.56 -69.20
N ASN C 44 -13.16 34.60 -69.78
CA ASN C 44 -13.62 33.22 -69.86
C ASN C 44 -12.60 32.29 -69.23
N CYS C 45 -13.07 31.12 -68.80
CA CYS C 45 -12.21 30.06 -68.32
C CYS C 45 -11.69 29.23 -69.52
N ILE C 46 -10.56 28.58 -69.31
CA ILE C 46 -9.96 27.71 -70.31
C ILE C 46 -10.57 26.31 -70.21
N GLU C 47 -10.84 25.70 -71.35
CA GLU C 47 -11.42 24.37 -71.40
C GLU C 47 -10.45 23.31 -70.86
N SER C 48 -10.99 22.30 -70.19
CA SER C 48 -10.23 21.16 -69.72
C SER C 48 -10.80 19.87 -70.31
N GLN C 49 -9.92 18.97 -70.72
CA GLN C 49 -10.30 17.64 -71.17
C GLN C 49 -10.10 16.67 -70.01
N VAL C 50 -11.19 16.06 -69.56
CA VAL C 50 -11.17 15.16 -68.42
C VAL C 50 -11.08 13.73 -68.94
N GLN C 51 -9.98 13.06 -68.60
CA GLN C 51 -9.62 11.77 -69.18
C GLN C 51 -8.91 10.91 -68.15
N PRO C 52 -9.67 10.38 -67.19
CA PRO C 52 -9.03 9.60 -66.11
C PRO C 52 -8.32 8.34 -66.59
N ASP C 53 -8.74 7.77 -67.72
CA ASP C 53 -8.13 6.52 -68.18
C ASP C 53 -6.66 6.69 -68.55
N PHE C 54 -6.22 7.92 -68.82
CA PHE C 54 -4.81 8.18 -69.06
C PHE C 54 -4.01 8.44 -67.80
N PHE C 55 -4.66 8.60 -66.64
CA PHE C 55 -3.96 8.92 -65.41
C PHE C 55 -3.91 7.73 -64.46
N GLU C 56 -5.07 7.16 -64.12
CA GLU C 56 -5.13 5.96 -63.28
C GLU C 56 -5.08 4.75 -64.20
N THR C 57 -3.86 4.37 -64.57
CA THR C 57 -3.60 3.26 -65.49
C THR C 57 -2.51 2.37 -64.91
N ALA C 58 -2.50 1.11 -65.37
CA ALA C 58 -1.52 0.14 -64.85
C ALA C 58 -0.09 0.56 -65.18
N ARG C 59 0.11 1.27 -66.29
CA ARG C 59 1.44 1.75 -66.65
C ARG C 59 1.89 2.95 -65.83
N ASN C 60 0.99 3.62 -65.12
CA ASN C 60 1.35 4.79 -64.32
C ASN C 60 1.24 4.53 -62.82
N THR C 61 1.34 3.29 -62.39
CA THR C 61 1.28 2.94 -60.99
C THR C 61 2.68 2.81 -60.43
N TRP C 62 3.01 3.66 -59.46
CA TRP C 62 4.34 3.70 -58.85
C TRP C 62 4.20 3.69 -57.33
N PRO C 63 3.91 2.53 -56.75
CA PRO C 63 3.55 2.48 -55.33
C PRO C 63 4.71 2.83 -54.40
N LEU C 64 4.38 3.59 -53.36
CA LEU C 64 5.30 3.87 -52.26
C LEU C 64 4.54 3.75 -50.96
N SER C 65 5.03 2.90 -50.05
CA SER C 65 4.35 2.64 -48.80
C SER C 65 5.04 3.39 -47.66
N ILE C 66 4.35 3.48 -46.53
CA ILE C 66 4.90 4.15 -45.36
C ILE C 66 5.97 3.26 -44.73
N ASP C 67 7.18 3.79 -44.60
CA ASP C 67 8.31 3.07 -44.03
C ASP C 67 8.62 3.63 -42.66
N THR C 68 8.15 2.96 -41.61
CA THR C 68 8.39 3.42 -40.24
C THR C 68 9.85 3.33 -39.84
N SER C 69 10.65 2.48 -40.49
CA SER C 69 12.06 2.40 -40.15
C SER C 69 12.80 3.67 -40.51
N LYS C 70 12.25 4.49 -41.40
CA LYS C 70 12.76 5.83 -41.64
C LYS C 70 11.89 6.93 -41.01
N ALA C 71 10.86 6.55 -40.26
CA ALA C 71 9.93 7.49 -39.62
C ALA C 71 9.26 8.39 -40.66
N GLU C 72 8.79 7.79 -41.74
CA GLU C 72 8.14 8.55 -42.81
C GLU C 72 6.76 9.02 -42.37
N GLY C 73 6.47 10.29 -42.61
CA GLY C 73 5.17 10.83 -42.28
C GLY C 73 4.92 11.11 -40.81
N VAL C 74 5.96 11.34 -40.02
CA VAL C 74 5.81 11.53 -38.59
C VAL C 74 5.91 13.02 -38.26
N ILE C 75 4.93 13.54 -37.55
CA ILE C 75 4.93 14.91 -37.07
C ILE C 75 5.73 14.99 -35.78
N TYR C 76 6.62 15.99 -35.67
CA TYR C 76 7.45 16.26 -34.49
C TYR C 76 6.62 16.94 -33.39
N PRO C 77 6.81 16.56 -32.13
CA PRO C 77 6.04 17.17 -31.03
C PRO C 77 6.28 18.66 -30.87
N ASN C 78 5.25 19.37 -30.39
CA ASN C 78 5.29 20.82 -30.29
C ASN C 78 5.94 21.30 -29.00
N GLY C 79 6.74 22.36 -29.10
CA GLY C 79 7.25 23.09 -27.95
C GLY C 79 8.40 22.44 -27.20
N LYS C 80 9.05 21.41 -27.73
CA LYS C 80 10.10 20.72 -27.01
C LYS C 80 10.92 19.88 -27.98
N SER C 81 12.03 19.35 -27.48
CA SER C 81 12.79 18.33 -28.19
C SER C 81 13.41 17.37 -27.18
N TYR C 82 13.84 16.22 -27.68
CA TYR C 82 14.48 15.19 -26.87
C TYR C 82 15.80 14.81 -27.55
N SER C 83 16.78 14.40 -26.75
CA SER C 83 18.10 14.09 -27.28
C SER C 83 18.53 12.68 -26.88
N ASN C 84 18.81 11.85 -27.89
CA ASN C 84 19.46 10.54 -27.69
C ASN C 84 18.68 9.63 -26.75
N ILE C 85 17.37 9.51 -26.98
CA ILE C 85 16.51 8.62 -26.18
C ILE C 85 15.45 8.01 -27.07
N THR C 86 14.76 7.02 -26.51
CA THR C 86 13.64 6.32 -27.13
C THR C 86 12.43 6.44 -26.21
N LEU C 87 11.25 6.72 -26.78
CA LEU C 87 10.06 6.81 -25.95
C LEU C 87 8.81 6.63 -26.79
N THR C 88 7.72 6.29 -26.11
CA THR C 88 6.40 6.16 -26.73
C THR C 88 5.65 7.48 -26.64
N TYR C 89 4.81 7.72 -27.64
CA TYR C 89 4.12 9.00 -27.78
C TYR C 89 2.77 8.75 -28.43
N THR C 90 1.72 9.31 -27.86
CA THR C 90 0.37 9.17 -28.39
C THR C 90 0.04 10.41 -29.21
N GLY C 91 -0.33 10.21 -30.47
CA GLY C 91 -0.67 11.32 -31.35
C GLY C 91 -1.42 10.93 -32.60
N LEU C 92 -1.17 11.64 -33.70
CA LEU C 92 -1.75 11.32 -35.00
C LEU C 92 -0.65 10.88 -35.95
N TYR C 93 -0.74 9.63 -36.41
CA TYR C 93 0.30 9.01 -37.21
C TYR C 93 -0.31 8.20 -38.34
N PRO C 94 0.40 8.03 -39.44
CA PRO C 94 -0.04 7.09 -40.48
C PRO C 94 0.14 5.65 -40.01
N LYS C 95 -0.56 4.73 -40.67
CA LYS C 95 -0.37 3.31 -40.40
C LYS C 95 0.82 2.76 -41.16
N ALA C 96 1.54 1.84 -40.52
CA ALA C 96 2.72 1.24 -41.12
C ALA C 96 2.36 0.51 -42.41
N ASN C 97 3.22 0.65 -43.41
CA ASN C 97 3.09 0.01 -44.73
C ASN C 97 1.87 0.49 -45.51
N ASP C 98 1.29 1.63 -45.15
CA ASP C 98 0.14 2.17 -45.87
C ASP C 98 0.53 2.63 -47.27
N LEU C 99 -0.25 2.24 -48.27
CA LEU C 99 0.04 2.67 -49.64
C LEU C 99 -0.53 4.06 -49.94
N GLY C 100 -1.58 4.48 -49.24
CA GLY C 100 -2.11 5.81 -49.52
C GLY C 100 -2.77 5.90 -50.87
N LYS C 101 -2.65 7.07 -51.51
CA LYS C 101 -3.33 7.34 -52.76
C LYS C 101 -2.46 8.23 -53.64
N GLN C 102 -2.26 7.81 -54.89
CA GLN C 102 -1.39 8.50 -55.83
C GLN C 102 -2.16 9.52 -56.67
N TYR C 103 -1.50 10.63 -56.99
CA TYR C 103 -2.04 11.68 -57.87
C TYR C 103 -0.95 12.16 -58.81
N VAL C 104 -1.31 12.44 -60.06
CA VAL C 104 -0.33 12.91 -61.04
C VAL C 104 -0.94 14.03 -61.88
N PHE C 105 -0.14 15.06 -62.15
CA PHE C 105 -0.54 16.18 -63.00
C PHE C 105 0.18 16.10 -64.35
N SER C 106 -0.39 16.77 -65.35
CA SER C 106 0.09 16.67 -66.72
C SER C 106 0.17 18.05 -67.38
N ASP C 107 1.00 18.14 -68.41
CA ASP C 107 0.98 19.27 -69.32
C ASP C 107 -0.33 19.31 -70.10
N GLY C 108 -0.70 20.51 -70.55
CA GLY C 108 -1.83 20.64 -71.44
C GLY C 108 -1.46 20.35 -72.89
N HIS C 109 -2.48 20.30 -73.74
CA HIS C 109 -2.28 20.04 -75.15
C HIS C 109 -1.49 21.16 -75.80
N SER C 110 -0.60 20.80 -76.71
CA SER C 110 0.25 21.79 -77.36
C SER C 110 0.69 21.30 -78.74
N SER C 111 0.90 22.25 -79.63
CA SER C 111 1.44 22.05 -80.97
C SER C 111 2.39 23.20 -81.24
N PRO C 112 3.34 23.04 -82.19
CA PRO C 112 4.34 24.09 -82.40
C PRO C 112 3.72 25.47 -82.64
N GLY C 113 3.91 26.37 -81.68
CA GLY C 113 3.39 27.73 -81.76
C GLY C 113 2.00 27.94 -81.18
N THR C 114 1.31 26.89 -80.74
CA THR C 114 -0.07 27.04 -80.29
C THR C 114 -0.28 26.31 -78.97
N LEU C 115 -1.13 26.90 -78.12
CA LEU C 115 -1.53 26.31 -76.85
C LEU C 115 -3.01 25.98 -76.89
N SER C 116 -3.35 24.77 -76.45
CA SER C 116 -4.72 24.29 -76.58
C SER C 116 -5.27 23.84 -75.22
N ARG C 117 -6.34 23.05 -75.23
CA ARG C 117 -7.04 22.63 -74.02
C ARG C 117 -6.13 22.07 -72.94
N LEU C 118 -6.56 22.16 -71.69
CA LEU C 118 -5.88 21.56 -70.57
C LEU C 118 -6.24 20.07 -70.47
N PHE C 119 -5.34 19.30 -69.85
CA PHE C 119 -5.47 17.85 -69.77
C PHE C 119 -5.38 17.44 -68.31
N VAL C 120 -6.45 16.83 -67.78
CA VAL C 120 -6.53 16.48 -66.36
C VAL C 120 -7.29 15.17 -66.15
N SER C 121 -7.09 14.61 -64.95
CA SER C 121 -7.89 13.50 -64.44
C SER C 121 -9.21 14.06 -63.89
N ASN C 122 -9.99 13.25 -63.17
CA ASN C 122 -11.26 13.71 -62.60
C ASN C 122 -11.17 13.95 -61.08
N TYR C 123 -10.04 14.47 -60.60
CA TYR C 123 -9.88 14.73 -59.17
C TYR C 123 -10.85 15.81 -58.67
N SER C 124 -11.19 16.79 -59.52
CA SER C 124 -12.02 17.92 -59.11
C SER C 124 -13.42 17.51 -58.69
N ARG C 125 -13.90 16.33 -59.09
CA ARG C 125 -15.24 15.89 -58.70
C ARG C 125 -15.23 14.83 -57.61
N GLN C 126 -14.08 14.49 -57.05
CA GLN C 126 -13.98 13.54 -55.95
C GLN C 126 -13.95 14.27 -54.62
N VAL C 127 -14.72 13.79 -53.65
CA VAL C 127 -14.79 14.37 -52.31
C VAL C 127 -14.37 13.31 -51.30
N GLU C 128 -13.34 13.60 -50.51
CA GLU C 128 -12.76 12.69 -49.51
C GLU C 128 -13.11 13.13 -48.08
N PRO C 129 -13.33 12.17 -47.18
CA PRO C 129 -13.53 12.53 -45.76
C PRO C 129 -12.23 12.97 -45.11
N PHE C 130 -12.31 14.07 -44.36
CA PHE C 130 -11.12 14.62 -43.70
C PHE C 130 -10.70 13.76 -42.51
N ASP C 131 -11.67 13.30 -41.71
CA ASP C 131 -11.43 12.44 -40.52
C ASP C 131 -10.46 13.15 -39.61
N SER C 132 -9.25 12.63 -39.36
CA SER C 132 -8.28 13.26 -38.49
C SER C 132 -7.18 14.04 -39.22
N GLY C 133 -7.28 14.22 -40.53
CA GLY C 133 -6.25 14.93 -41.29
C GLY C 133 -5.41 13.97 -42.12
N PHE C 134 -4.36 14.51 -42.74
CA PHE C 134 -3.55 13.72 -43.65
C PHE C 134 -2.16 14.31 -43.78
N VAL C 135 -1.25 13.52 -44.38
CA VAL C 135 0.09 13.94 -44.76
C VAL C 135 0.33 13.63 -46.23
N VAL C 136 1.23 14.38 -46.86
CA VAL C 136 1.45 14.35 -48.29
C VAL C 136 2.94 14.23 -48.60
N ARG C 137 3.30 13.24 -49.41
CA ARG C 137 4.68 13.07 -49.89
C ARG C 137 4.79 13.73 -51.26
N ILE C 138 5.74 14.65 -51.40
CA ILE C 138 5.84 15.54 -52.55
C ILE C 138 7.18 15.37 -53.23
N GLY C 139 7.15 15.20 -54.56
CA GLY C 139 8.35 15.20 -55.39
C GLY C 139 9.33 14.06 -55.16
N ALA C 140 8.83 12.86 -54.93
CA ALA C 140 9.70 11.75 -54.59
C ALA C 140 10.50 11.23 -55.78
N ALA C 141 9.99 11.40 -57.00
CA ALA C 141 10.62 10.85 -58.19
C ALA C 141 11.41 11.88 -58.99
N ALA C 142 11.62 13.08 -58.45
CA ALA C 142 12.38 14.09 -59.16
C ALA C 142 13.80 13.59 -59.43
N ASN C 143 14.31 13.93 -60.62
CA ASN C 143 15.67 13.54 -61.10
C ASN C 143 15.63 12.21 -61.86
N LYS C 144 14.47 11.55 -61.96
CA LYS C 144 14.34 10.32 -62.73
C LYS C 144 13.67 10.65 -64.06
N THR C 145 13.97 9.87 -65.08
CA THR C 145 13.29 10.04 -66.36
C THR C 145 11.89 9.44 -66.27
N GLY C 146 10.92 10.12 -66.88
CA GLY C 146 9.53 9.70 -66.74
C GLY C 146 8.67 10.10 -67.91
N THR C 147 7.44 9.58 -67.89
CA THR C 147 6.49 9.81 -68.95
C THR C 147 5.87 11.20 -68.88
N THR C 148 5.58 11.76 -70.04
CA THR C 148 4.73 12.94 -70.17
C THR C 148 3.34 12.41 -70.52
N ILE C 149 2.49 12.30 -69.50
CA ILE C 149 1.17 11.67 -69.58
C ILE C 149 0.42 12.00 -70.87
N ILE C 150 0.52 13.25 -71.33
CA ILE C 150 -0.13 13.66 -72.58
C ILE C 150 0.34 12.85 -73.78
N SER C 151 1.58 12.34 -73.73
CA SER C 151 2.14 11.57 -74.85
C SER C 151 2.78 10.31 -74.29
N GLN C 152 2.16 9.16 -74.57
CA GLN C 152 2.58 7.90 -73.95
C GLN C 152 3.98 7.46 -74.38
N SER C 153 4.53 8.04 -75.45
CA SER C 153 5.87 7.66 -75.89
C SER C 153 6.95 8.61 -75.40
N THR C 154 6.64 9.89 -75.22
CA THR C 154 7.65 10.87 -74.87
C THR C 154 8.12 10.69 -73.43
N ASN C 155 9.42 10.89 -73.21
CA ASN C 155 10.04 10.74 -71.89
C ASN C 155 10.87 11.96 -71.56
N ARG C 156 10.83 12.37 -70.30
CA ARG C 156 11.48 13.58 -69.82
C ARG C 156 11.99 13.32 -68.40
N PRO C 157 12.99 14.08 -67.96
CA PRO C 157 13.36 14.05 -66.54
C PRO C 157 12.29 14.72 -65.68
N ILE C 158 12.01 14.12 -64.54
CA ILE C 158 10.86 14.48 -63.73
C ILE C 158 11.16 15.72 -62.90
N LYS C 159 10.16 16.60 -62.77
CA LYS C 159 10.25 17.81 -61.97
C LYS C 159 9.21 17.78 -60.85
N LYS C 160 9.56 18.39 -59.72
CA LYS C 160 8.65 18.46 -58.57
C LYS C 160 7.52 19.45 -58.84
N ILE C 161 6.31 19.09 -58.39
CA ILE C 161 5.15 19.98 -58.47
C ILE C 161 4.35 19.87 -57.18
N TYR C 162 3.82 21.04 -56.70
CA TYR C 162 3.06 21.09 -55.45
C TYR C 162 1.57 20.87 -55.69
N PRO C 163 0.88 20.26 -54.74
CA PRO C 163 -0.57 20.10 -54.86
C PRO C 163 -1.33 21.36 -54.41
N ALA C 164 -2.64 21.33 -54.63
CA ALA C 164 -3.55 22.39 -54.20
C ALA C 164 -4.82 21.75 -53.66
N PHE C 165 -5.42 22.36 -52.64
CA PHE C 165 -6.54 21.75 -51.94
C PHE C 165 -7.69 22.72 -51.72
N MET C 166 -8.90 22.16 -51.65
CA MET C 166 -10.09 22.82 -51.12
C MET C 166 -10.63 21.98 -49.95
N LEU C 167 -10.96 22.64 -48.85
CA LEU C 167 -11.45 21.96 -47.65
C LEU C 167 -12.64 22.71 -47.08
N GLY C 168 -13.67 21.98 -46.64
CA GLY C 168 -14.89 22.64 -46.23
C GLY C 168 -15.80 21.82 -45.35
N HIS C 169 -16.98 22.38 -45.08
CA HIS C 169 -17.91 21.75 -44.11
C HIS C 169 -19.15 21.14 -44.77
N SER C 170 -19.48 21.52 -46.01
CA SER C 170 -20.62 20.90 -46.68
C SER C 170 -20.44 21.03 -48.19
N VAL C 171 -20.92 20.02 -48.92
CA VAL C 171 -20.68 19.93 -50.35
C VAL C 171 -21.99 19.66 -51.09
N GLY C 172 -22.01 20.04 -52.37
CA GLY C 172 -23.16 19.84 -53.24
C GLY C 172 -22.72 19.70 -54.67
N ASN C 173 -23.70 19.78 -55.58
CA ASN C 173 -23.44 19.75 -57.01
C ASN C 173 -23.20 21.14 -57.57
N TYR C 174 -22.31 21.22 -58.56
CA TYR C 174 -22.24 22.41 -59.39
C TYR C 174 -23.56 22.52 -60.16
N THR C 175 -24.21 23.69 -60.07
CA THR C 175 -25.64 23.76 -60.32
C THR C 175 -26.04 23.43 -61.75
N PRO C 176 -25.40 23.97 -62.80
CA PRO C 176 -25.90 23.65 -64.16
C PRO C 176 -25.69 22.19 -64.56
N THR C 177 -24.49 21.64 -64.33
CA THR C 177 -24.11 20.36 -64.92
C THR C 177 -24.40 19.16 -64.01
N ASN C 178 -24.83 19.38 -62.77
CA ASN C 178 -24.99 18.32 -61.78
C ASN C 178 -23.72 17.47 -61.63
N ILE C 179 -22.57 18.13 -61.68
CA ILE C 179 -21.28 17.49 -61.42
C ILE C 179 -20.93 17.71 -59.95
N THR C 180 -20.51 16.65 -59.26
CA THR C 180 -20.23 16.73 -57.83
C THR C 180 -18.94 17.51 -57.56
N GLY C 181 -18.73 17.86 -56.30
CA GLY C 181 -17.53 18.53 -55.84
C GLY C 181 -17.64 20.00 -55.48
N ARG C 182 -18.84 20.56 -55.39
CA ARG C 182 -18.99 21.96 -55.04
C ARG C 182 -18.96 22.18 -53.53
N TYR C 183 -18.25 23.21 -53.09
CA TYR C 183 -18.08 23.51 -51.67
C TYR C 183 -18.92 24.73 -51.29
N LEU C 184 -19.81 24.54 -50.30
CA LEU C 184 -20.78 25.59 -49.92
C LEU C 184 -20.36 26.33 -48.65
N ASN C 185 -20.79 27.60 -48.50
CA ASN C 185 -20.47 28.39 -47.28
C ASN C 185 -18.98 28.75 -47.32
N HIS C 186 -18.38 29.09 -46.17
CA HIS C 186 -16.93 29.40 -46.14
C HIS C 186 -16.11 28.15 -46.51
N THR C 187 -15.11 28.33 -47.36
CA THR C 187 -14.28 27.20 -47.82
C THR C 187 -12.81 27.55 -47.59
N LEU C 188 -12.02 26.63 -47.04
CA LEU C 188 -10.56 26.87 -46.91
C LEU C 188 -9.85 26.47 -48.20
N VAL C 189 -9.08 27.37 -48.80
CA VAL C 189 -8.34 27.10 -50.03
C VAL C 189 -6.85 27.21 -49.73
N ILE C 190 -6.08 26.22 -50.15
CA ILE C 190 -4.62 26.25 -50.08
C ILE C 190 -4.09 26.08 -51.51
N LEU C 191 -3.31 27.06 -51.97
CA LEU C 191 -2.99 27.20 -53.38
C LEU C 191 -1.55 27.64 -53.60
N PRO C 192 -0.70 26.79 -54.19
CA PRO C 192 0.69 27.18 -54.48
C PRO C 192 0.76 28.17 -55.62
N ASP C 193 1.85 28.94 -55.68
CA ASP C 193 1.98 29.97 -56.70
C ASP C 193 3.44 30.38 -56.84
N GLY C 194 3.67 31.30 -57.79
CA GLY C 194 4.99 31.86 -58.00
C GLY C 194 6.02 30.86 -58.46
N CYS C 195 5.61 29.88 -59.28
CA CYS C 195 6.51 28.87 -59.82
C CYS C 195 7.18 28.10 -58.68
N GLY C 196 6.43 27.84 -57.62
CA GLY C 196 6.94 27.12 -56.48
C GLY C 196 7.66 27.94 -55.43
N THR C 197 7.38 29.24 -55.34
CA THR C 197 8.04 30.09 -54.36
C THR C 197 7.08 30.70 -53.35
N LEU C 198 5.81 30.29 -53.36
CA LEU C 198 4.80 30.90 -52.52
C LEU C 198 3.62 29.96 -52.42
N VAL C 199 2.89 30.03 -51.32
CA VAL C 199 1.61 29.33 -51.19
C VAL C 199 0.63 30.26 -50.49
N HIS C 200 -0.59 30.34 -51.03
CA HIS C 200 -1.69 31.10 -50.44
C HIS C 200 -2.53 30.23 -49.51
N ALA C 201 -3.19 30.87 -48.54
CA ALA C 201 -4.14 30.15 -47.65
C ALA C 201 -5.24 31.15 -47.25
N PHE C 202 -6.46 30.98 -47.77
CA PHE C 202 -7.56 31.96 -47.51
C PHE C 202 -8.87 31.23 -47.22
N TYR C 203 -9.79 31.90 -46.50
CA TYR C 203 -11.09 31.28 -46.08
C TYR C 203 -12.24 32.16 -46.55
N CYS C 204 -12.85 31.86 -47.69
CA CYS C 204 -13.90 32.74 -48.27
C CYS C 204 -15.04 31.92 -48.90
N ILE C 205 -16.21 32.54 -49.13
CA ILE C 205 -17.32 31.87 -49.86
C ILE C 205 -16.99 31.85 -51.36
N LEU C 206 -17.26 30.75 -52.06
CA LEU C 206 -16.89 30.61 -53.50
C LEU C 206 -18.14 30.82 -54.37
N GLN C 207 -18.22 31.92 -55.12
CA GLN C 207 -19.42 32.21 -55.87
C GLN C 207 -19.16 31.92 -57.35
N PRO C 208 -19.81 30.92 -57.94
CA PRO C 208 -19.50 30.54 -59.32
C PRO C 208 -19.80 31.65 -60.32
N ARG C 209 -18.96 31.73 -61.34
CA ARG C 209 -19.17 32.62 -62.48
C ARG C 209 -19.83 31.85 -63.61
N THR C 210 -20.55 32.58 -64.46
CA THR C 210 -21.38 31.99 -65.51
C THR C 210 -20.74 32.01 -66.88
N GLN C 211 -19.53 32.56 -67.02
CA GLN C 211 -18.89 32.63 -68.33
C GLN C 211 -18.43 31.25 -68.78
N ALA C 212 -18.00 31.18 -70.04
CA ALA C 212 -17.73 29.88 -70.67
C ALA C 212 -16.67 29.08 -69.92
N TYR C 213 -16.97 27.81 -69.67
CA TYR C 213 -16.14 26.82 -69.00
C TYR C 213 -15.95 27.11 -67.51
N CYS C 214 -16.65 28.10 -66.97
CA CYS C 214 -16.49 28.45 -65.56
C CYS C 214 -17.52 27.68 -64.73
N ALA C 215 -17.41 27.78 -63.41
CA ALA C 215 -18.10 26.85 -62.53
C ALA C 215 -19.62 26.93 -62.64
N GLY C 216 -20.16 28.08 -63.00
CA GLY C 216 -21.58 28.23 -63.20
C GLY C 216 -22.09 28.06 -64.62
N ALA C 217 -21.26 27.60 -65.55
CA ALA C 217 -21.63 27.47 -66.94
C ALA C 217 -22.05 26.05 -67.27
N SER C 218 -22.62 25.89 -68.46
CA SER C 218 -23.06 24.57 -68.93
C SER C 218 -21.93 23.76 -69.55
N THR C 219 -20.79 24.38 -69.83
CA THR C 219 -19.64 23.71 -70.39
C THR C 219 -18.57 23.37 -69.36
N PHE C 220 -18.86 23.56 -68.07
CA PHE C 220 -17.86 23.32 -67.04
C PHE C 220 -17.59 21.83 -66.91
N THR C 221 -16.32 21.46 -66.82
CA THR C 221 -15.95 20.07 -66.54
C THR C 221 -15.16 19.90 -65.26
N SER C 222 -14.26 20.82 -64.92
CA SER C 222 -13.47 20.67 -63.70
C SER C 222 -12.82 22.00 -63.33
N VAL C 223 -12.53 22.15 -62.03
CA VAL C 223 -11.80 23.31 -61.54
C VAL C 223 -10.33 23.01 -61.71
N THR C 224 -9.72 23.59 -62.75
CA THR C 224 -8.34 23.31 -63.13
C THR C 224 -7.57 24.62 -63.15
N VAL C 225 -6.54 24.74 -62.33
CA VAL C 225 -5.70 25.94 -62.31
C VAL C 225 -4.49 25.70 -63.19
N TRP C 226 -4.03 26.76 -63.85
CA TRP C 226 -2.97 26.67 -64.83
C TRP C 226 -2.03 27.85 -64.69
N ASP C 227 -0.80 27.65 -65.15
CA ASP C 227 0.16 28.74 -65.31
C ASP C 227 0.85 28.57 -66.65
N THR C 228 1.39 29.67 -67.17
CA THR C 228 2.05 29.67 -68.47
C THR C 228 3.53 29.96 -68.27
N PRO C 229 4.39 28.94 -68.26
CA PRO C 229 5.79 29.16 -67.88
C PRO C 229 6.55 30.10 -68.80
N ALA C 230 6.08 30.29 -70.03
CA ALA C 230 6.76 31.22 -70.94
C ALA C 230 6.69 32.66 -70.42
N SER C 231 5.55 33.04 -69.85
CA SER C 231 5.37 34.39 -69.32
C SER C 231 5.37 34.46 -67.80
N ASP C 232 5.14 33.36 -67.09
CA ASP C 232 5.13 33.37 -65.63
C ASP C 232 6.48 32.97 -65.04
N CYS C 233 7.08 31.88 -65.51
CA CYS C 233 8.32 31.36 -64.95
C CYS C 233 9.52 31.61 -65.86
N ALA C 234 9.51 32.73 -66.59
CA ALA C 234 10.59 33.00 -67.53
C ALA C 234 11.88 33.33 -66.81
N ASN C 235 11.79 34.14 -65.75
CA ASN C 235 12.97 34.66 -65.07
C ASN C 235 12.79 34.54 -63.57
N SER C 236 13.84 34.06 -62.89
CA SER C 236 13.79 33.88 -61.44
C SER C 236 13.60 35.18 -60.69
N GLN C 237 13.83 36.32 -61.35
CA GLN C 237 13.63 37.63 -60.72
C GLN C 237 12.26 38.21 -61.00
N SER C 238 11.46 37.57 -61.86
CA SER C 238 10.15 38.09 -62.23
C SER C 238 9.13 36.96 -62.25
N TYR C 239 9.18 36.08 -61.25
CA TYR C 239 8.18 35.04 -61.11
C TYR C 239 6.83 35.68 -60.83
N ASN C 240 5.80 35.25 -61.54
CA ASN C 240 4.45 35.77 -61.31
C ASN C 240 3.87 35.09 -60.07
N ARG C 241 3.68 35.87 -59.02
CA ARG C 241 3.21 35.35 -57.73
C ARG C 241 1.70 35.18 -57.64
N LEU C 242 0.96 35.59 -58.67
CA LEU C 242 -0.50 35.61 -58.62
C LEU C 242 -1.16 34.79 -59.73
N ALA C 243 -0.39 34.06 -60.53
CA ALA C 243 -0.95 33.40 -61.71
C ALA C 243 -2.00 32.35 -61.34
N ASN C 244 -1.67 31.47 -60.38
CA ASN C 244 -2.63 30.45 -59.97
C ASN C 244 -3.86 31.09 -59.33
N LEU C 245 -3.67 32.13 -58.52
CA LEU C 245 -4.80 32.83 -57.92
C LEU C 245 -5.66 33.50 -58.97
N ASN C 246 -5.03 34.10 -59.99
CA ASN C 246 -5.80 34.66 -61.10
C ASN C 246 -6.62 33.61 -61.80
N ALA C 247 -6.04 32.42 -62.02
CA ALA C 247 -6.80 31.35 -62.66
C ALA C 247 -7.98 30.88 -61.80
N PHE C 248 -7.77 30.77 -60.49
CA PHE C 248 -8.86 30.37 -59.59
C PHE C 248 -10.02 31.37 -59.62
N LYS C 249 -9.70 32.66 -59.70
CA LYS C 249 -10.72 33.72 -59.72
C LYS C 249 -11.58 33.71 -60.97
N LEU C 250 -11.16 33.04 -62.04
CA LEU C 250 -12.02 32.90 -63.21
C LEU C 250 -13.15 31.91 -62.95
N TYR C 251 -12.91 30.88 -62.14
CA TYR C 251 -13.98 29.95 -61.82
C TYR C 251 -14.96 30.56 -60.82
N PHE C 252 -14.47 31.34 -59.85
CA PHE C 252 -15.33 31.85 -58.78
C PHE C 252 -15.04 33.31 -58.46
N ASP C 253 -16.05 34.01 -57.95
CA ASP C 253 -15.87 35.28 -57.27
C ASP C 253 -15.73 35.02 -55.76
N LEU C 254 -14.67 35.58 -55.17
CA LEU C 254 -14.36 35.34 -53.73
C LEU C 254 -15.12 36.36 -52.87
N ILE C 255 -15.97 35.89 -51.95
CA ILE C 255 -16.83 36.85 -51.20
C ILE C 255 -16.65 36.75 -49.68
N ASN C 256 -16.65 37.88 -48.97
CA ASN C 256 -16.64 37.88 -47.49
C ASN C 256 -15.48 37.02 -46.94
N CYS C 257 -14.27 37.20 -47.47
CA CYS C 257 -13.11 36.41 -46.97
C CYS C 257 -12.76 36.82 -45.53
N THR C 258 -12.43 35.85 -44.68
CA THR C 258 -12.15 36.16 -43.26
C THR C 258 -10.67 36.44 -43.08
N PHE C 259 -9.81 35.79 -43.87
CA PHE C 259 -8.34 36.02 -43.74
C PHE C 259 -7.59 35.66 -45.02
N ARG C 260 -6.37 36.19 -45.17
CA ARG C 260 -5.55 35.92 -46.37
C ARG C 260 -4.07 35.89 -45.95
N TYR C 261 -3.43 34.73 -46.01
CA TYR C 261 -2.03 34.57 -45.64
C TYR C 261 -1.26 34.04 -46.85
N ASN C 262 0.06 34.16 -46.75
CA ASN C 262 0.98 33.62 -47.78
C ASN C 262 2.29 33.24 -47.09
N TYR C 263 3.02 32.25 -47.60
CA TYR C 263 4.27 31.80 -47.04
C TYR C 263 5.28 31.63 -48.16
N THR C 264 6.52 32.10 -47.93
CA THR C 264 7.56 32.05 -48.94
C THR C 264 8.32 30.72 -48.90
N ILE C 265 8.64 30.20 -50.07
CA ILE C 265 9.26 28.89 -50.24
C ILE C 265 10.55 29.05 -51.02
N THR C 266 11.61 28.36 -50.58
CA THR C 266 12.85 28.29 -51.32
C THR C 266 12.77 27.24 -52.44
N GLU C 267 13.04 27.65 -53.66
CA GLU C 267 12.92 26.78 -54.82
C GLU C 267 14.08 25.80 -54.90
N ASP C 268 13.76 24.51 -55.02
CA ASP C 268 14.76 23.46 -55.24
C ASP C 268 14.03 22.21 -55.73
N GLU C 269 14.74 21.08 -55.76
CA GLU C 269 14.19 19.82 -56.23
C GLU C 269 14.27 18.72 -55.18
N ASN C 270 14.25 19.08 -53.90
CA ASN C 270 14.31 18.10 -52.83
C ASN C 270 12.91 17.54 -52.53
N ALA C 271 12.86 16.26 -52.19
CA ALA C 271 11.62 15.66 -51.72
C ALA C 271 11.18 16.33 -50.41
N GLU C 272 9.87 16.41 -50.20
CA GLU C 272 9.27 17.18 -49.12
C GLU C 272 8.08 16.44 -48.52
N TRP C 273 7.67 16.86 -47.32
CA TRP C 273 6.45 16.39 -46.67
C TRP C 273 5.61 17.58 -46.19
N PHE C 274 4.29 17.44 -46.29
CA PHE C 274 3.33 18.45 -45.84
C PHE C 274 2.21 17.77 -45.08
N GLY C 275 1.66 18.46 -44.08
CA GLY C 275 0.61 17.88 -43.26
C GLY C 275 -0.38 18.90 -42.74
N ILE C 276 -1.58 18.43 -42.40
CA ILE C 276 -2.66 19.29 -41.92
C ILE C 276 -3.53 18.50 -40.94
N THR C 277 -3.89 19.16 -39.83
CA THR C 277 -4.79 18.63 -38.80
C THR C 277 -5.71 19.77 -38.34
N GLN C 278 -6.67 19.45 -37.46
CA GLN C 278 -7.56 20.43 -36.87
C GLN C 278 -7.93 20.02 -35.44
N ASP C 279 -7.99 20.99 -34.52
CA ASP C 279 -8.51 20.73 -33.18
C ASP C 279 -9.20 21.99 -32.68
N THR C 280 -9.42 22.09 -31.36
CA THR C 280 -10.14 23.22 -30.79
C THR C 280 -9.48 24.56 -31.13
N GLN C 281 -8.16 24.59 -31.23
CA GLN C 281 -7.44 25.84 -31.46
C GLN C 281 -7.32 26.20 -32.94
N GLY C 282 -7.91 25.44 -33.85
CA GLY C 282 -7.90 25.76 -35.27
C GLY C 282 -7.28 24.70 -36.16
N VAL C 283 -6.92 25.08 -37.38
CA VAL C 283 -6.28 24.20 -38.36
C VAL C 283 -4.77 24.41 -38.29
N HIS C 284 -4.02 23.33 -38.14
CA HIS C 284 -2.56 23.37 -38.05
C HIS C 284 -1.91 22.84 -39.34
N LEU C 285 -0.86 23.51 -39.81
CA LEU C 285 -0.09 23.12 -40.99
C LEU C 285 1.35 22.76 -40.63
N TYR C 286 1.88 21.70 -41.22
CA TYR C 286 3.22 21.21 -40.90
C TYR C 286 4.04 21.01 -42.18
N SER C 287 5.36 21.07 -42.04
CA SER C 287 6.23 20.94 -43.21
C SER C 287 7.64 20.51 -42.78
N SER C 288 8.26 19.66 -43.60
CA SER C 288 9.65 19.29 -43.38
C SER C 288 10.64 20.36 -43.81
N ARG C 289 10.18 21.41 -44.50
CA ARG C 289 11.04 22.53 -44.86
C ARG C 289 11.32 23.48 -43.70
N LYS C 290 10.59 23.36 -42.60
CA LYS C 290 10.66 24.34 -41.53
C LYS C 290 12.04 24.40 -40.88
N GLU C 291 12.64 23.25 -40.60
CA GLU C 291 13.94 23.21 -39.92
C GLU C 291 15.07 22.70 -40.81
N ASN C 292 14.90 21.55 -41.46
CA ASN C 292 15.99 20.91 -42.22
C ASN C 292 15.35 20.07 -43.32
N VAL C 293 15.34 20.60 -44.54
CA VAL C 293 14.69 19.89 -45.64
C VAL C 293 15.40 18.58 -46.01
N PHE C 294 16.64 18.37 -45.56
CA PHE C 294 17.30 17.10 -45.83
C PHE C 294 16.92 16.01 -44.83
N ARG C 295 16.10 16.31 -43.82
CA ARG C 295 15.45 15.34 -42.96
C ARG C 295 13.95 15.40 -43.23
N ASN C 296 13.24 14.30 -42.93
CA ASN C 296 11.83 14.22 -43.29
C ASN C 296 10.86 14.48 -42.13
N ASN C 297 11.35 14.93 -40.97
CA ASN C 297 10.45 15.28 -39.86
C ASN C 297 9.65 16.54 -40.22
N MET C 298 8.34 16.52 -39.97
CA MET C 298 7.50 17.69 -40.20
C MET C 298 7.36 18.53 -38.94
N PHE C 299 7.44 19.85 -39.09
CA PHE C 299 7.35 20.79 -37.97
C PHE C 299 6.20 21.78 -38.22
N HIS C 300 5.52 22.15 -37.14
CA HIS C 300 4.43 23.13 -37.21
C HIS C 300 4.93 24.48 -37.69
N PHE C 301 4.21 25.08 -38.65
CA PHE C 301 4.58 26.42 -39.13
C PHE C 301 3.43 27.42 -39.22
N ALA C 302 2.17 27.03 -39.01
CA ALA C 302 1.07 27.98 -39.03
C ALA C 302 -0.16 27.38 -38.37
N THR C 303 -1.00 28.26 -37.82
CA THR C 303 -2.32 27.92 -37.30
C THR C 303 -3.36 28.86 -37.92
N LEU C 304 -4.43 28.30 -38.44
CA LEU C 304 -5.44 29.08 -39.13
C LEU C 304 -6.73 29.13 -38.33
N PRO C 305 -7.36 30.30 -38.19
CA PRO C 305 -8.60 30.43 -37.38
C PRO C 305 -9.83 29.92 -38.12
N VAL C 306 -9.90 28.60 -38.26
CA VAL C 306 -11.04 27.88 -38.84
C VAL C 306 -11.52 26.93 -37.76
N TYR C 307 -12.66 27.23 -37.14
CA TYR C 307 -13.11 26.55 -35.95
C TYR C 307 -14.29 25.60 -36.15
N GLN C 308 -15.10 25.80 -37.18
CA GLN C 308 -16.08 24.78 -37.55
C GLN C 308 -15.38 23.55 -38.11
N LYS C 309 -15.90 22.37 -37.76
CA LYS C 309 -15.21 21.13 -38.08
C LYS C 309 -15.12 20.91 -39.59
N ILE C 310 -13.93 20.56 -40.06
CA ILE C 310 -13.71 20.22 -41.47
C ILE C 310 -14.10 18.78 -41.69
N LEU C 311 -14.94 18.54 -42.69
CA LEU C 311 -15.44 17.19 -42.98
C LEU C 311 -14.98 16.65 -44.33
N TYR C 312 -14.70 17.51 -45.29
CA TYR C 312 -14.44 17.11 -46.67
C TYR C 312 -13.23 17.86 -47.23
N TYR C 313 -12.51 17.20 -48.14
CA TYR C 313 -11.48 17.86 -48.93
C TYR C 313 -11.43 17.26 -50.32
N THR C 314 -10.90 18.03 -51.26
CA THR C 314 -10.80 17.70 -52.67
C THR C 314 -9.48 18.24 -53.21
N VAL C 315 -8.79 17.45 -54.03
CA VAL C 315 -7.59 17.91 -54.71
C VAL C 315 -7.99 18.77 -55.90
N ILE C 316 -7.38 19.94 -56.04
CA ILE C 316 -7.60 20.82 -57.19
C ILE C 316 -6.56 20.47 -58.24
N PRO C 317 -6.94 19.88 -59.38
CA PRO C 317 -5.95 19.51 -60.39
C PRO C 317 -5.26 20.72 -61.00
N ARG C 318 -3.99 20.53 -61.35
CA ARG C 318 -3.19 21.53 -62.04
C ARG C 318 -2.83 20.99 -63.43
N SER C 319 -2.70 21.91 -64.38
CA SER C 319 -2.30 21.55 -65.73
C SER C 319 -1.41 22.66 -66.27
N ILE C 320 -0.16 22.34 -66.57
CA ILE C 320 0.83 23.32 -66.96
C ILE C 320 0.77 23.53 -68.47
N ARG C 321 0.62 24.80 -68.88
CA ARG C 321 0.58 25.14 -70.31
C ARG C 321 1.99 25.37 -70.83
N SER C 322 2.75 24.30 -70.86
CA SER C 322 4.11 24.41 -71.38
C SER C 322 4.12 24.38 -72.91
N PRO C 323 5.04 25.12 -73.53
CA PRO C 323 5.13 25.12 -74.99
C PRO C 323 5.63 23.79 -75.53
N PHE C 324 5.28 23.53 -76.79
CA PHE C 324 5.58 22.23 -77.42
C PHE C 324 7.07 21.94 -77.44
N ASN C 325 7.90 22.98 -77.55
CA ASN C 325 9.35 22.76 -77.55
C ASN C 325 9.89 22.45 -76.17
N ASP C 326 9.23 22.93 -75.11
CA ASP C 326 9.68 22.73 -73.74
C ASP C 326 8.60 21.94 -72.99
N ARG C 327 8.62 20.63 -73.13
CA ARG C 327 7.65 19.76 -72.49
C ARG C 327 8.31 19.02 -71.33
N LYS C 328 7.54 18.78 -70.28
CA LYS C 328 8.08 18.29 -69.03
C LYS C 328 7.23 17.17 -68.47
N ALA C 329 7.82 16.40 -67.56
CA ALA C 329 7.12 15.39 -66.77
C ALA C 329 7.11 15.83 -65.31
N TRP C 330 6.00 15.58 -64.62
CA TRP C 330 5.80 16.07 -63.26
C TRP C 330 5.66 14.93 -62.27
N ALA C 331 6.36 15.07 -61.14
CA ALA C 331 6.35 14.04 -60.10
C ALA C 331 4.97 13.86 -59.50
N ALA C 332 4.56 12.62 -59.34
CA ALA C 332 3.35 12.29 -58.63
C ALA C 332 3.49 12.62 -57.14
N PHE C 333 2.37 12.83 -56.47
CA PHE C 333 2.38 12.98 -55.01
C PHE C 333 1.40 11.99 -54.39
N TYR C 334 1.58 11.77 -53.09
CA TYR C 334 0.89 10.70 -52.36
C TYR C 334 0.31 11.20 -51.05
N ILE C 335 -0.94 10.84 -50.78
CA ILE C 335 -1.68 11.27 -49.59
C ILE C 335 -1.92 10.07 -48.68
N TYR C 336 -1.57 10.21 -47.40
CA TYR C 336 -1.77 9.18 -46.40
C TYR C 336 -2.59 9.72 -45.24
N LYS C 337 -3.61 8.97 -44.82
CA LYS C 337 -4.47 9.42 -43.74
C LYS C 337 -3.80 9.26 -42.37
N LEU C 338 -4.15 10.14 -41.44
CA LEU C 338 -3.67 10.10 -40.07
C LEU C 338 -4.66 9.37 -39.17
N HIS C 339 -4.13 8.69 -38.15
CA HIS C 339 -4.96 8.03 -37.16
C HIS C 339 -4.44 8.31 -35.76
N PRO C 340 -5.33 8.32 -34.77
CA PRO C 340 -4.87 8.42 -33.38
C PRO C 340 -4.26 7.11 -32.90
N LEU C 341 -2.94 7.10 -32.70
CA LEU C 341 -2.19 5.88 -32.44
C LEU C 341 -1.07 6.15 -31.43
N THR C 342 -0.49 5.07 -30.93
CA THR C 342 0.71 5.14 -30.10
C THR C 342 1.91 4.70 -30.93
N TYR C 343 2.97 5.50 -30.88
CA TYR C 343 4.19 5.24 -31.63
C TYR C 343 5.39 5.17 -30.69
N LEU C 344 6.37 4.36 -31.05
CA LEU C 344 7.68 4.36 -30.41
C LEU C 344 8.63 5.20 -31.25
N LEU C 345 9.25 6.21 -30.63
CA LEU C 345 10.08 7.18 -31.34
C LEU C 345 11.52 7.10 -30.82
N ASN C 346 12.48 7.10 -31.74
CA ASN C 346 13.90 7.16 -31.42
C ASN C 346 14.48 8.51 -31.84
N PHE C 347 15.10 9.21 -30.90
CA PHE C 347 15.69 10.53 -31.15
C PHE C 347 17.21 10.41 -31.16
N ASP C 348 17.85 11.07 -32.12
CA ASP C 348 19.31 11.04 -32.13
C ASP C 348 19.83 12.18 -31.24
N VAL C 349 21.15 12.37 -31.23
CA VAL C 349 21.75 13.38 -30.35
C VAL C 349 21.34 14.78 -30.77
N GLU C 350 21.27 15.04 -32.08
CA GLU C 350 20.88 16.34 -32.58
C GLU C 350 19.40 16.65 -32.37
N GLY C 351 18.59 15.64 -32.03
CA GLY C 351 17.17 15.83 -31.74
C GLY C 351 16.20 15.35 -32.80
N TYR C 352 16.65 14.91 -33.97
CA TYR C 352 15.75 14.43 -35.00
C TYR C 352 15.23 13.02 -34.70
N ILE C 353 14.05 12.73 -35.22
CA ILE C 353 13.48 11.38 -35.16
C ILE C 353 14.01 10.59 -36.35
N THR C 354 14.73 9.51 -36.07
CA THR C 354 15.36 8.70 -37.11
C THR C 354 14.60 7.42 -37.43
N LYS C 355 13.84 6.87 -36.49
CA LYS C 355 13.09 5.65 -36.75
C LYS C 355 11.94 5.55 -35.77
N ALA C 356 10.97 4.70 -36.10
CA ALA C 356 9.75 4.60 -35.32
C ALA C 356 9.17 3.20 -35.44
N VAL C 357 8.30 2.86 -34.49
CA VAL C 357 7.54 1.61 -34.52
C VAL C 357 6.06 1.92 -34.29
N ASP C 358 5.20 1.38 -35.15
CA ASP C 358 3.76 1.44 -35.01
C ASP C 358 3.30 0.33 -34.07
N CYS C 359 2.90 0.71 -32.85
CA CYS C 359 2.73 -0.25 -31.76
C CYS C 359 1.64 -1.29 -32.07
N GLY C 360 0.57 -0.88 -32.72
CA GLY C 360 -0.54 -1.75 -33.02
C GLY C 360 -0.45 -2.53 -34.32
N TYR C 361 0.72 -2.57 -34.96
CA TYR C 361 0.86 -3.26 -36.24
C TYR C 361 0.87 -4.78 -36.08
N ASP C 362 1.70 -5.31 -35.18
CA ASP C 362 1.73 -6.75 -34.91
C ASP C 362 2.23 -6.98 -33.49
N ASP C 363 2.35 -8.26 -33.11
CA ASP C 363 2.69 -8.60 -31.73
C ASP C 363 4.12 -8.19 -31.37
N LEU C 364 5.05 -8.31 -32.31
CA LEU C 364 6.43 -7.89 -32.05
C LEU C 364 6.50 -6.38 -31.79
N ALA C 365 5.77 -5.58 -32.56
CA ALA C 365 5.73 -4.14 -32.35
C ALA C 365 5.19 -3.80 -30.96
N GLN C 366 4.18 -4.52 -30.51
CA GLN C 366 3.67 -4.35 -29.15
C GLN C 366 4.71 -4.70 -28.10
N LEU C 367 5.46 -5.78 -28.29
CA LEU C 367 6.53 -6.12 -27.34
C LEU C 367 7.56 -5.01 -27.27
N GLN C 368 7.98 -4.48 -28.41
CA GLN C 368 8.97 -3.41 -28.45
C GLN C 368 8.44 -2.16 -27.74
N CYS C 369 7.17 -1.82 -27.94
CA CYS C 369 6.60 -0.65 -27.28
C CYS C 369 6.49 -0.86 -25.77
N SER C 370 6.17 -2.08 -25.35
CA SER C 370 6.12 -2.37 -23.92
C SER C 370 7.48 -2.18 -23.26
N TYR C 371 8.54 -2.59 -23.94
CA TYR C 371 9.87 -2.42 -23.35
C TYR C 371 10.47 -1.05 -23.64
N GLN C 372 9.77 -0.18 -24.38
CA GLN C 372 10.28 1.12 -24.81
C GLN C 372 11.67 0.99 -25.42
N SER C 373 11.85 -0.02 -26.26
CA SER C 373 13.16 -0.31 -26.82
C SER C 373 13.02 -0.91 -28.21
N PHE C 374 13.96 -0.57 -29.08
CA PHE C 374 14.05 -1.24 -30.37
C PHE C 374 14.83 -2.55 -30.29
N ASP C 375 15.55 -2.81 -29.19
CA ASP C 375 16.36 -4.02 -29.04
C ASP C 375 15.82 -4.82 -27.86
N VAL C 376 15.25 -5.98 -28.14
CA VAL C 376 14.68 -6.88 -27.14
C VAL C 376 15.52 -8.15 -27.11
N GLU C 377 15.63 -8.75 -25.93
CA GLU C 377 16.36 -10.00 -25.76
C GLU C 377 15.53 -11.18 -26.27
N THR C 378 16.22 -12.25 -26.65
CA THR C 378 15.56 -13.50 -27.02
C THR C 378 14.74 -14.02 -25.83
N GLY C 379 13.51 -14.42 -26.08
CA GLY C 379 12.67 -14.90 -25.01
C GLY C 379 11.25 -15.19 -25.46
N VAL C 380 10.44 -15.56 -24.46
CA VAL C 380 9.01 -15.84 -24.63
C VAL C 380 8.27 -14.88 -23.70
N TYR C 381 7.46 -14.00 -24.27
CA TYR C 381 6.85 -12.89 -23.53
C TYR C 381 5.34 -12.92 -23.66
N SER C 382 4.65 -12.47 -22.62
CA SER C 382 3.20 -12.27 -22.63
C SER C 382 2.89 -10.84 -23.03
N VAL C 383 1.98 -10.66 -23.98
CA VAL C 383 1.66 -9.32 -24.47
C VAL C 383 0.18 -9.06 -24.31
N SER C 384 -0.25 -7.86 -24.71
CA SER C 384 -1.64 -7.46 -24.56
C SER C 384 -2.58 -8.41 -25.28
N SER C 385 -3.65 -8.79 -24.60
CA SER C 385 -4.62 -9.73 -25.13
C SER C 385 -5.36 -9.14 -26.33
N PHE C 386 -5.98 -10.02 -27.11
CA PHE C 386 -6.77 -9.60 -28.25
C PHE C 386 -7.97 -8.77 -27.78
N GLU C 387 -8.19 -7.62 -28.41
CA GLU C 387 -9.19 -6.67 -27.93
C GLU C 387 -10.60 -7.24 -28.11
N ALA C 388 -11.40 -7.16 -27.06
CA ALA C 388 -12.81 -7.56 -27.11
C ALA C 388 -13.67 -6.32 -26.89
N SER C 389 -14.35 -5.89 -27.95
CA SER C 389 -15.25 -4.76 -27.88
C SER C 389 -16.66 -5.21 -28.26
N PRO C 390 -17.69 -4.54 -27.75
CA PRO C 390 -19.06 -5.00 -28.01
C PRO C 390 -19.36 -5.07 -29.49
N ARG C 391 -20.07 -6.12 -29.90
CA ARG C 391 -20.38 -6.37 -31.30
C ARG C 391 -21.88 -6.51 -31.55
N GLY C 392 -22.70 -5.98 -30.67
CA GLY C 392 -24.14 -6.08 -30.84
C GLY C 392 -24.84 -5.56 -29.61
N GLU C 393 -26.17 -5.62 -29.66
CA GLU C 393 -27.02 -5.14 -28.58
C GLU C 393 -28.13 -6.14 -28.30
N PHE C 394 -28.42 -6.33 -27.02
CA PHE C 394 -29.47 -7.23 -26.54
C PHE C 394 -30.42 -6.40 -25.68
N ILE C 395 -31.63 -6.17 -26.18
CA ILE C 395 -32.59 -5.26 -25.55
C ILE C 395 -33.92 -5.99 -25.34
N GLU C 396 -34.38 -6.01 -24.09
CA GLU C 396 -35.71 -6.60 -23.79
C GLU C 396 -36.40 -5.62 -22.84
N GLN C 397 -37.63 -5.22 -23.14
CA GLN C 397 -38.37 -4.35 -22.18
C GLN C 397 -39.85 -4.75 -22.15
N ALA C 398 -40.49 -4.55 -21.01
CA ALA C 398 -41.94 -4.86 -20.90
C ALA C 398 -42.75 -3.61 -21.22
N THR C 399 -43.97 -3.79 -21.72
CA THR C 399 -44.87 -2.68 -22.02
C THR C 399 -45.51 -2.20 -20.73
N THR C 400 -45.27 -0.93 -20.38
CA THR C 400 -45.68 -0.39 -19.10
C THR C 400 -46.58 0.82 -19.31
N GLN C 401 -47.30 1.17 -18.26
CA GLN C 401 -48.11 2.37 -18.25
C GLN C 401 -47.23 3.59 -18.04
N GLU C 402 -47.85 4.76 -18.09
CA GLU C 402 -47.18 6.03 -17.89
C GLU C 402 -47.31 6.46 -16.43
N CYS C 403 -46.22 6.97 -15.86
CA CYS C 403 -46.26 7.46 -14.49
C CYS C 403 -47.23 8.63 -14.37
N ASP C 404 -47.90 8.72 -13.21
CA ASP C 404 -48.96 9.71 -12.98
C ASP C 404 -48.39 10.91 -12.23
N PHE C 405 -48.13 12.00 -12.96
CA PHE C 405 -47.67 13.24 -12.37
C PHE C 405 -48.79 14.26 -12.21
N THR C 406 -50.04 13.91 -12.54
CA THR C 406 -51.13 14.89 -12.44
C THR C 406 -51.31 15.51 -11.06
N PRO C 407 -51.16 14.78 -9.93
CA PRO C 407 -51.28 15.46 -8.63
C PRO C 407 -50.29 16.61 -8.45
N MET C 408 -49.11 16.53 -9.05
CA MET C 408 -48.13 17.59 -8.92
C MET C 408 -48.43 18.77 -9.84
N LEU C 409 -49.09 18.55 -10.98
CA LEU C 409 -49.32 19.59 -11.98
C LEU C 409 -50.67 20.28 -11.86
N THR C 410 -51.51 19.90 -10.89
CA THR C 410 -52.80 20.52 -10.68
C THR C 410 -52.98 20.87 -9.21
N GLY C 411 -53.66 21.97 -8.94
CA GLY C 411 -53.93 22.37 -7.57
C GLY C 411 -52.84 23.23 -6.96
N THR C 412 -52.88 23.34 -5.63
CA THR C 412 -51.98 24.20 -4.88
C THR C 412 -50.91 23.37 -4.17
N PRO C 413 -49.62 23.61 -4.41
CA PRO C 413 -48.59 22.85 -3.68
C PRO C 413 -48.60 23.21 -2.21
N PRO C 414 -48.31 22.26 -1.33
CA PRO C 414 -48.47 22.45 0.12
C PRO C 414 -47.32 23.26 0.72
N PRO C 415 -47.48 23.74 1.96
CA PRO C 415 -46.33 24.29 2.69
C PRO C 415 -45.29 23.21 3.01
N ILE C 416 -44.08 23.67 3.30
CA ILE C 416 -42.92 22.76 3.39
C ILE C 416 -43.11 21.72 4.48
N TYR C 417 -43.65 22.12 5.65
CA TYR C 417 -43.82 21.17 6.76
C TYR C 417 -44.88 20.12 6.46
N ASN C 418 -45.75 20.35 5.49
CA ASN C 418 -46.74 19.38 5.06
C ASN C 418 -46.46 18.87 3.64
N PHE C 419 -45.19 18.60 3.33
CA PHE C 419 -44.79 18.31 1.95
C PHE C 419 -45.48 17.05 1.41
N LYS C 420 -45.70 17.02 0.10
CA LYS C 420 -46.29 15.86 -0.57
C LYS C 420 -45.23 14.96 -1.19
N ARG C 421 -45.41 13.64 -1.08
CA ARG C 421 -44.48 12.66 -1.60
C ARG C 421 -45.15 11.79 -2.66
N LEU C 422 -44.45 11.56 -3.77
CA LEU C 422 -44.87 10.65 -4.83
C LEU C 422 -43.80 9.59 -5.05
N VAL C 423 -44.22 8.34 -5.28
CA VAL C 423 -43.32 7.20 -5.51
C VAL C 423 -43.73 6.52 -6.81
N PHE C 424 -42.76 6.23 -7.68
CA PHE C 424 -43.05 5.58 -8.96
C PHE C 424 -42.24 4.30 -9.13
N THR C 425 -42.89 3.27 -9.68
CA THR C 425 -42.29 2.00 -10.05
C THR C 425 -42.99 1.46 -11.30
N ASN C 426 -42.23 0.72 -12.11
CA ASN C 426 -42.77 -0.03 -13.26
C ASN C 426 -43.63 0.87 -14.18
N CYS C 427 -43.03 1.95 -14.66
CA CYS C 427 -43.72 2.92 -15.52
C CYS C 427 -42.70 3.73 -16.30
N ASN C 428 -43.16 4.38 -17.37
CA ASN C 428 -42.37 5.32 -18.14
C ASN C 428 -42.94 6.73 -17.96
N TYR C 429 -42.09 7.75 -18.15
CA TYR C 429 -42.54 9.13 -18.05
C TYR C 429 -41.80 10.01 -19.04
N ASN C 430 -42.48 11.08 -19.48
CA ASN C 430 -41.92 12.03 -20.48
C ASN C 430 -41.20 13.15 -19.74
N LEU C 431 -39.89 13.00 -19.58
CA LEU C 431 -39.08 13.99 -18.87
C LEU C 431 -39.00 15.31 -19.63
N THR C 432 -38.88 15.27 -20.96
CA THR C 432 -38.74 16.49 -21.73
C THR C 432 -39.94 17.41 -21.52
N LYS C 433 -41.14 16.84 -21.50
CA LYS C 433 -42.32 17.65 -21.26
C LYS C 433 -42.30 18.27 -19.86
N LEU C 434 -41.95 17.48 -18.84
CA LEU C 434 -41.98 17.99 -17.47
C LEU C 434 -41.01 19.15 -17.28
N LEU C 435 -39.80 19.05 -17.82
CA LEU C 435 -38.81 20.11 -17.66
C LEU C 435 -39.26 21.42 -18.30
N SER C 436 -39.97 21.34 -19.42
CA SER C 436 -40.42 22.54 -20.11
C SER C 436 -41.54 23.28 -19.39
N LEU C 437 -42.12 22.70 -18.34
CA LEU C 437 -43.13 23.39 -17.55
C LEU C 437 -42.55 24.31 -16.47
N PHE C 438 -41.24 24.26 -16.21
CA PHE C 438 -40.64 24.98 -15.10
C PHE C 438 -39.38 25.71 -15.53
N GLN C 439 -39.08 26.81 -14.85
CA GLN C 439 -37.84 27.56 -15.07
C GLN C 439 -36.91 27.33 -13.87
N VAL C 440 -35.95 26.41 -14.05
CA VAL C 440 -35.06 25.99 -12.98
C VAL C 440 -34.13 27.14 -12.62
N SER C 441 -33.96 27.39 -11.32
CA SER C 441 -33.01 28.39 -10.86
C SER C 441 -31.75 27.78 -10.24
N GLU C 442 -31.80 26.58 -9.68
CA GLU C 442 -30.61 25.91 -9.19
C GLU C 442 -30.84 24.41 -9.05
N PHE C 443 -29.74 23.65 -9.12
CA PHE C 443 -29.79 22.25 -8.75
C PHE C 443 -28.47 21.83 -8.12
N SER C 444 -28.56 20.88 -7.19
CA SER C 444 -27.42 20.26 -6.53
C SER C 444 -27.69 18.77 -6.40
N CYS C 445 -26.79 17.93 -6.91
CA CYS C 445 -27.02 16.49 -6.90
C CYS C 445 -25.90 15.78 -6.14
N HIS C 446 -26.19 14.53 -5.76
CA HIS C 446 -25.29 13.72 -4.92
C HIS C 446 -25.27 12.29 -5.48
N GLN C 447 -24.12 11.89 -6.01
CA GLN C 447 -23.86 10.56 -6.56
C GLN C 447 -24.68 10.26 -7.81
N VAL C 448 -25.22 11.27 -8.48
CA VAL C 448 -25.94 11.11 -9.74
C VAL C 448 -25.97 12.46 -10.43
N SER C 449 -26.26 12.47 -11.71
CA SER C 449 -26.40 13.75 -12.42
C SER C 449 -27.74 13.79 -13.17
N PRO C 450 -28.29 14.99 -13.36
CA PRO C 450 -29.58 15.08 -14.07
C PRO C 450 -29.54 14.50 -15.49
N SER C 451 -28.44 14.65 -16.23
CA SER C 451 -28.40 14.05 -17.55
C SER C 451 -28.41 12.51 -17.50
N SER C 452 -27.87 11.91 -16.44
CA SER C 452 -27.96 10.46 -16.33
C SER C 452 -29.38 10.01 -16.00
N LEU C 453 -30.08 10.77 -15.15
CA LEU C 453 -31.50 10.51 -14.93
C LEU C 453 -32.31 10.61 -16.23
N ALA C 454 -31.89 11.47 -17.16
CA ALA C 454 -32.59 11.59 -18.43
C ALA C 454 -32.33 10.45 -19.40
N THR C 455 -31.19 9.74 -19.26
CA THR C 455 -30.78 8.75 -20.25
C THR C 455 -30.68 7.32 -19.71
N GLY C 456 -31.04 7.07 -18.45
CA GLY C 456 -30.97 5.73 -17.90
C GLY C 456 -32.18 5.42 -17.04
N CYS C 457 -32.27 4.17 -16.62
CA CYS C 457 -33.39 3.65 -15.83
C CYS C 457 -32.96 3.34 -14.40
N TYR C 458 -33.94 3.20 -13.51
CA TYR C 458 -33.71 2.98 -12.09
C TYR C 458 -34.86 2.15 -11.51
N SER C 459 -34.61 1.53 -10.36
CA SER C 459 -35.61 0.68 -9.71
C SER C 459 -36.82 1.47 -9.22
N SER C 460 -36.60 2.69 -8.71
CA SER C 460 -37.71 3.52 -8.23
C SER C 460 -37.28 4.99 -8.20
N LEU C 461 -38.29 5.85 -8.13
CA LEU C 461 -38.13 7.30 -8.20
C LEU C 461 -39.05 7.95 -7.18
N THR C 462 -38.50 8.71 -6.24
CA THR C 462 -39.25 9.38 -5.19
C THR C 462 -39.09 10.88 -5.30
N VAL C 463 -40.20 11.62 -5.23
CA VAL C 463 -40.19 13.07 -5.35
C VAL C 463 -40.97 13.68 -4.19
N ASP C 464 -40.31 14.48 -3.37
CA ASP C 464 -40.99 15.33 -2.38
C ASP C 464 -41.02 16.76 -2.91
N TYR C 465 -42.17 17.44 -2.78
CA TYR C 465 -42.29 18.80 -3.31
C TYR C 465 -43.19 19.70 -2.46
N PHE C 466 -42.92 21.00 -2.53
CA PHE C 466 -43.61 21.99 -1.70
C PHE C 466 -43.35 23.40 -2.27
N ALA C 467 -44.21 24.33 -1.88
CA ALA C 467 -44.00 25.75 -2.23
C ALA C 467 -42.86 26.32 -1.38
N TYR C 468 -41.96 27.08 -2.02
CA TYR C 468 -40.79 27.55 -1.30
C TYR C 468 -40.18 28.76 -2.01
N SER C 469 -39.88 29.80 -1.24
CA SER C 469 -39.31 31.01 -1.82
C SER C 469 -37.83 30.78 -2.17
N THR C 470 -37.46 31.11 -3.41
CA THR C 470 -36.10 30.83 -3.87
C THR C 470 -35.05 31.63 -3.09
N ASP C 471 -35.41 32.80 -2.54
CA ASP C 471 -34.45 33.57 -1.76
C ASP C 471 -34.10 32.93 -0.41
N MET C 472 -34.79 31.87 0.01
CA MET C 472 -34.43 31.11 1.20
C MET C 472 -33.60 29.86 0.88
N SER C 473 -33.00 29.82 -0.31
CA SER C 473 -32.30 28.63 -0.80
C SER C 473 -31.25 28.12 0.18
N SER C 474 -30.45 29.01 0.77
CA SER C 474 -29.34 28.56 1.61
C SER C 474 -29.83 27.77 2.83
N TYR C 475 -31.04 28.04 3.31
CA TYR C 475 -31.58 27.33 4.47
C TYR C 475 -31.88 25.86 4.19
N LEU C 476 -31.90 25.43 2.93
CA LEU C 476 -32.05 24.01 2.58
C LEU C 476 -30.72 23.29 2.37
N GLN C 477 -29.57 23.97 2.51
CA GLN C 477 -28.29 23.32 2.28
C GLN C 477 -27.94 22.36 3.41
N PRO C 478 -27.20 21.30 3.12
CA PRO C 478 -26.75 20.40 4.19
C PRO C 478 -25.88 21.14 5.18
N GLY C 479 -26.07 20.82 6.46
CA GLY C 479 -25.36 21.47 7.53
C GLY C 479 -25.86 22.85 7.91
N SER C 480 -26.96 23.32 7.32
CA SER C 480 -27.56 24.59 7.72
C SER C 480 -27.99 24.54 9.19
N ALA C 481 -27.88 25.66 9.88
CA ALA C 481 -28.21 25.71 11.30
C ALA C 481 -29.60 26.29 11.59
N GLY C 482 -30.38 26.66 10.58
CA GLY C 482 -31.60 27.40 10.80
C GLY C 482 -32.81 26.54 11.13
N GLU C 483 -33.96 27.21 11.19
CA GLU C 483 -35.23 26.57 11.54
C GLU C 483 -35.76 25.63 10.46
N ILE C 484 -35.39 25.84 9.19
CA ILE C 484 -35.93 25.01 8.11
C ILE C 484 -35.52 23.55 8.29
N VAL C 485 -34.23 23.31 8.49
CA VAL C 485 -33.75 21.95 8.69
C VAL C 485 -34.22 21.37 10.03
N GLN C 486 -34.32 22.21 11.07
CA GLN C 486 -34.67 21.69 12.39
C GLN C 486 -36.14 21.26 12.48
N PHE C 487 -37.06 22.03 11.89
CA PHE C 487 -38.47 21.81 12.17
C PHE C 487 -39.34 21.58 10.92
N ASN C 488 -38.79 21.61 9.71
CA ASN C 488 -39.62 21.52 8.51
C ASN C 488 -39.24 20.39 7.55
N TYR C 489 -37.99 20.34 7.05
CA TYR C 489 -37.56 19.30 6.12
C TYR C 489 -36.05 19.15 6.20
N LYS C 490 -35.59 17.92 6.34
CA LYS C 490 -34.17 17.58 6.36
C LYS C 490 -33.89 16.55 5.28
N GLN C 491 -33.02 16.89 4.34
CA GLN C 491 -32.74 16.03 3.20
C GLN C 491 -31.93 14.80 3.63
N ASP C 492 -32.36 13.60 3.21
CA ASP C 492 -31.65 12.35 3.44
C ASP C 492 -30.64 12.08 2.33
N PHE C 493 -29.45 11.63 2.71
CA PHE C 493 -28.38 11.37 1.74
C PHE C 493 -28.02 9.88 1.64
N SER C 494 -28.93 8.99 2.06
CA SER C 494 -28.63 7.56 2.03
C SER C 494 -28.70 6.97 0.63
N ASN C 495 -29.47 7.57 -0.28
CA ASN C 495 -29.59 7.18 -1.67
C ASN C 495 -29.14 8.34 -2.57
N PRO C 496 -28.81 8.07 -3.84
CA PRO C 496 -28.50 9.18 -4.75
C PRO C 496 -29.68 10.14 -4.86
N THR C 497 -29.39 11.44 -4.81
CA THR C 497 -30.43 12.42 -4.59
C THR C 497 -30.06 13.75 -5.22
N CYS C 498 -31.07 14.54 -5.61
CA CYS C 498 -30.86 15.87 -6.16
C CYS C 498 -31.92 16.85 -5.68
N ARG C 499 -31.51 18.07 -5.41
CA ARG C 499 -32.35 19.15 -4.87
C ARG C 499 -32.50 20.23 -5.94
N VAL C 500 -33.73 20.53 -6.34
CA VAL C 500 -34.03 21.43 -7.45
C VAL C 500 -34.98 22.54 -6.98
N LEU C 501 -34.66 23.79 -7.31
CA LEU C 501 -35.54 24.93 -7.08
C LEU C 501 -35.98 25.51 -8.43
N ALA C 502 -37.25 25.91 -8.52
CA ALA C 502 -37.79 26.35 -9.81
C ALA C 502 -38.94 27.31 -9.62
N THR C 503 -39.25 28.04 -10.70
CA THR C 503 -40.34 28.99 -10.79
C THR C 503 -41.40 28.48 -11.75
N VAL C 504 -42.67 28.69 -11.42
CA VAL C 504 -43.79 28.27 -12.25
C VAL C 504 -44.20 29.44 -13.14
N PRO C 505 -44.04 29.34 -14.46
CA PRO C 505 -44.43 30.46 -15.33
C PRO C 505 -45.92 30.75 -15.26
N GLN C 506 -46.26 32.03 -15.42
CA GLN C 506 -47.61 32.50 -15.11
C GLN C 506 -48.67 31.82 -15.98
N ASN C 507 -48.41 31.67 -17.26
CA ASN C 507 -49.43 31.17 -18.18
C ASN C 507 -49.34 29.68 -18.45
N LEU C 508 -48.23 29.04 -18.11
CA LEU C 508 -47.90 27.74 -18.69
C LEU C 508 -48.74 26.61 -18.09
N THR C 509 -48.95 26.60 -16.78
CA THR C 509 -49.42 25.41 -16.09
C THR C 509 -50.81 25.61 -15.51
N THR C 510 -51.32 24.56 -14.86
CA THR C 510 -52.57 24.59 -14.10
C THR C 510 -52.37 24.57 -12.59
N ILE C 511 -51.16 24.86 -12.12
CA ILE C 511 -50.89 24.98 -10.69
C ILE C 511 -51.43 26.32 -10.18
N THR C 512 -52.08 26.31 -9.02
CA THR C 512 -52.64 27.51 -8.43
C THR C 512 -51.82 27.96 -7.23
N LYS C 513 -51.77 29.27 -7.03
CA LYS C 513 -50.99 29.93 -5.99
C LYS C 513 -51.68 29.83 -4.64
N PRO C 514 -50.94 29.54 -3.57
CA PRO C 514 -51.45 29.80 -2.22
C PRO C 514 -51.37 31.28 -1.90
N SER C 515 -52.09 31.66 -0.85
CA SER C 515 -52.03 33.05 -0.39
C SER C 515 -50.66 33.41 0.17
N ASN C 516 -50.08 32.55 1.00
CA ASN C 516 -48.83 32.84 1.69
C ASN C 516 -47.84 31.69 1.55
N TYR C 517 -46.55 32.02 1.64
CA TYR C 517 -45.55 31.05 2.01
C TYR C 517 -45.57 30.88 3.53
N ALA C 518 -45.17 29.71 4.02
CA ALA C 518 -45.23 29.45 5.46
C ALA C 518 -44.20 28.42 5.88
N TYR C 519 -43.72 28.54 7.12
CA TYR C 519 -42.85 27.55 7.75
C TYR C 519 -42.91 27.68 9.27
N LEU C 520 -42.50 26.61 9.95
CA LEU C 520 -42.52 26.52 11.40
C LEU C 520 -41.20 27.05 12.00
N THR C 521 -41.31 27.83 13.06
CA THR C 521 -40.12 28.36 13.73
C THR C 521 -39.71 27.55 14.95
N GLU C 522 -40.59 26.73 15.52
CA GLU C 522 -40.23 25.88 16.65
C GLU C 522 -41.25 24.77 16.82
N CYS C 523 -40.83 23.71 17.50
CA CYS C 523 -41.71 22.61 17.86
C CYS C 523 -41.14 21.97 19.12
N TYR C 524 -41.88 22.05 20.23
CA TYR C 524 -41.34 21.58 21.50
C TYR C 524 -42.41 20.98 22.38
N LYS C 525 -41.98 20.09 23.26
CA LYS C 525 -42.78 19.57 24.36
C LYS C 525 -42.48 20.37 25.62
N THR C 526 -43.52 20.78 26.32
CA THR C 526 -43.34 21.53 27.56
C THR C 526 -42.95 20.59 28.69
N LYS C 531 -38.27 24.05 27.84
CA LYS C 531 -38.60 23.60 26.51
C LYS C 531 -37.78 22.38 26.12
N ASN C 532 -38.43 21.40 25.52
CA ASN C 532 -37.78 20.19 25.01
C ASN C 532 -38.03 20.12 23.50
N TYR C 533 -37.07 20.59 22.71
CA TYR C 533 -37.26 20.71 21.27
C TYR C 533 -37.27 19.35 20.59
N LEU C 534 -38.11 19.21 19.58
CA LEU C 534 -38.24 17.98 18.80
C LEU C 534 -37.83 18.27 17.36
N TYR C 535 -36.77 17.62 16.90
CA TYR C 535 -36.19 17.89 15.59
C TYR C 535 -36.59 16.82 14.57
N ASN C 536 -36.71 17.25 13.31
CA ASN C 536 -37.05 16.34 12.22
C ASN C 536 -35.97 15.27 12.03
N ALA C 537 -36.41 14.04 11.78
CA ALA C 537 -35.53 13.02 11.25
C ALA C 537 -35.26 13.27 9.75
N PRO C 538 -34.14 12.76 9.22
CA PRO C 538 -33.86 12.93 7.79
C PRO C 538 -34.93 12.24 6.95
N GLY C 539 -35.60 13.01 6.10
CA GLY C 539 -36.67 12.50 5.26
C GLY C 539 -38.02 12.39 5.92
N GLY C 540 -38.15 12.73 7.20
CA GLY C 540 -39.38 12.53 7.94
C GLY C 540 -40.21 13.80 8.07
N TYR C 541 -41.35 13.65 8.73
CA TYR C 541 -42.25 14.76 9.03
C TYR C 541 -42.03 15.27 10.45
N THR C 542 -42.32 16.55 10.67
CA THR C 542 -42.25 17.09 12.02
C THR C 542 -43.26 16.40 12.93
N PRO C 543 -42.90 16.13 14.19
CA PRO C 543 -43.89 15.60 15.14
C PRO C 543 -45.06 16.55 15.39
N CYS C 544 -44.90 17.84 15.11
CA CYS C 544 -45.95 18.82 15.29
C CYS C 544 -46.94 18.89 14.11
N LEU C 545 -46.97 17.90 13.21
CA LEU C 545 -47.71 18.06 11.96
C LEU C 545 -49.19 18.28 12.20
N SER C 546 -49.79 17.48 13.11
CA SER C 546 -51.23 17.61 13.38
C SER C 546 -51.56 18.98 13.95
N LEU C 547 -50.78 19.46 14.92
CA LEU C 547 -51.03 20.78 15.51
C LEU C 547 -50.97 21.87 14.45
N ALA C 548 -49.99 21.80 13.55
CA ALA C 548 -49.79 22.84 12.53
C ALA C 548 -50.94 22.92 11.54
N SER C 549 -51.72 21.84 11.37
CA SER C 549 -52.86 21.84 10.45
C SER C 549 -54.01 22.74 10.91
N ARG C 550 -53.98 23.27 12.13
CA ARG C 550 -55.00 24.26 12.51
C ARG C 550 -54.88 25.55 11.73
N GLY C 551 -53.79 25.76 10.99
CA GLY C 551 -53.60 26.94 10.16
C GLY C 551 -52.95 28.07 10.92
N PHE C 552 -52.29 28.95 10.16
CA PHE C 552 -51.63 30.12 10.73
C PHE C 552 -52.20 31.37 10.05
N SER C 553 -52.73 32.29 10.86
CA SER C 553 -53.34 33.51 10.34
C SER C 553 -52.44 34.73 10.46
N THR C 554 -51.46 34.72 11.37
CA THR C 554 -50.56 35.85 11.55
C THR C 554 -49.16 35.32 11.81
N LYS C 555 -48.17 36.20 11.62
CA LYS C 555 -46.79 35.83 11.94
C LYS C 555 -46.63 35.53 13.43
N TYR C 556 -45.88 34.47 13.72
CA TYR C 556 -45.58 34.02 15.09
C TYR C 556 -46.85 33.69 15.88
N GLN C 557 -47.83 33.09 15.23
CA GLN C 557 -48.99 32.53 15.90
C GLN C 557 -48.66 31.12 16.38
N SER C 558 -49.05 30.81 17.62
CA SER C 558 -48.76 29.53 18.24
C SER C 558 -50.04 28.70 18.42
N HIS C 559 -49.87 27.38 18.42
CA HIS C 559 -50.91 26.44 18.77
C HIS C 559 -50.34 25.41 19.75
N SER C 560 -51.18 24.95 20.66
CA SER C 560 -50.78 23.96 21.65
C SER C 560 -51.92 22.96 21.85
N ASP C 561 -51.57 21.76 22.29
CA ASP C 561 -52.55 20.76 22.69
C ASP C 561 -52.36 20.29 24.13
N GLY C 562 -51.54 21.00 24.90
CA GLY C 562 -51.25 20.61 26.27
C GLY C 562 -49.88 20.01 26.44
N GLU C 563 -49.45 19.22 25.46
CA GLU C 563 -48.13 18.61 25.48
C GLU C 563 -47.20 19.18 24.43
N LEU C 564 -47.66 19.27 23.18
CA LEU C 564 -46.89 19.85 22.09
C LEU C 564 -47.28 21.30 21.87
N THR C 565 -46.30 22.11 21.48
CA THR C 565 -46.49 23.49 21.07
C THR C 565 -45.66 23.77 19.82
N THR C 566 -46.25 24.48 18.85
CA THR C 566 -45.54 24.89 17.66
C THR C 566 -45.91 26.32 17.29
N THR C 567 -45.01 26.99 16.56
CA THR C 567 -45.17 28.38 16.13
C THR C 567 -44.91 28.49 14.64
N GLY C 568 -45.65 29.36 13.96
CA GLY C 568 -45.57 29.50 12.52
C GLY C 568 -45.27 30.92 12.08
N TYR C 569 -44.73 31.04 10.86
CA TYR C 569 -44.40 32.31 10.23
C TYR C 569 -44.97 32.28 8.81
N ILE C 570 -45.62 33.37 8.40
CA ILE C 570 -46.26 33.46 7.08
C ILE C 570 -45.88 34.78 6.43
N TYR C 571 -45.78 34.79 5.10
CA TYR C 571 -45.56 36.02 4.34
C TYR C 571 -46.13 35.84 2.94
N PRO C 572 -46.55 36.93 2.29
CA PRO C 572 -47.32 36.81 1.06
C PRO C 572 -46.50 36.34 -0.13
N VAL C 573 -47.19 35.68 -1.06
CA VAL C 573 -46.59 35.29 -2.35
C VAL C 573 -46.60 36.49 -3.28
N THR C 574 -45.45 36.82 -3.84
CA THR C 574 -45.32 37.95 -4.77
C THR C 574 -44.69 37.48 -6.06
N GLY C 575 -45.35 37.79 -7.18
CA GLY C 575 -44.88 37.30 -8.47
C GLY C 575 -45.27 35.86 -8.74
N ASN C 576 -44.52 35.23 -9.63
CA ASN C 576 -44.74 33.84 -9.96
C ASN C 576 -44.47 32.94 -8.75
N LEU C 577 -45.22 31.85 -8.65
CA LEU C 577 -44.98 30.88 -7.58
C LEU C 577 -43.63 30.18 -7.75
N GLN C 578 -42.97 29.90 -6.64
CA GLN C 578 -41.69 29.20 -6.63
C GLN C 578 -41.78 27.94 -5.77
N MET C 579 -41.12 26.87 -6.21
CA MET C 579 -41.22 25.56 -5.56
C MET C 579 -39.85 24.91 -5.38
N ALA C 580 -39.82 23.86 -4.56
CA ALA C 580 -38.66 23.01 -4.36
C ALA C 580 -39.04 21.55 -4.61
N PHE C 581 -38.10 20.79 -5.16
CA PHE C 581 -38.28 19.37 -5.43
C PHE C 581 -37.06 18.60 -4.91
N ILE C 582 -37.29 17.56 -4.12
CA ILE C 582 -36.24 16.69 -3.60
C ILE C 582 -36.43 15.31 -4.23
N ILE C 583 -35.50 14.91 -5.08
CA ILE C 583 -35.62 13.73 -5.92
C ILE C 583 -34.60 12.70 -5.47
N SER C 584 -35.02 11.43 -5.35
CA SER C 584 -34.10 10.34 -5.05
C SER C 584 -34.44 9.09 -5.86
N VAL C 585 -33.42 8.29 -6.19
CA VAL C 585 -33.59 7.07 -6.97
C VAL C 585 -32.93 5.88 -6.28
N GLN C 586 -33.32 4.70 -6.71
CA GLN C 586 -32.74 3.44 -6.25
C GLN C 586 -32.37 2.58 -7.46
N TYR C 587 -31.31 1.78 -7.31
CA TYR C 587 -30.84 0.91 -8.38
C TYR C 587 -30.89 -0.55 -7.91
N GLY C 588 -31.42 -1.41 -8.77
CA GLY C 588 -31.42 -2.85 -8.54
C GLY C 588 -32.20 -3.35 -7.33
N THR C 589 -33.39 -2.83 -7.09
CA THR C 589 -34.24 -3.31 -6.01
C THR C 589 -35.60 -3.80 -6.52
N ASP C 590 -35.75 -3.99 -7.82
CA ASP C 590 -37.01 -4.42 -8.41
C ASP C 590 -36.73 -5.18 -9.69
N THR C 591 -37.67 -6.05 -10.08
CA THR C 591 -37.51 -6.79 -11.33
C THR C 591 -37.89 -5.97 -12.55
N ASN C 592 -38.60 -4.86 -12.36
CA ASN C 592 -38.92 -3.90 -13.40
C ASN C 592 -38.27 -2.56 -13.06
N SER C 593 -38.39 -1.59 -13.95
CA SER C 593 -37.70 -0.31 -13.82
C SER C 593 -38.65 0.85 -14.11
N VAL C 594 -38.17 2.05 -13.81
CA VAL C 594 -38.76 3.33 -14.23
C VAL C 594 -37.84 3.91 -15.29
N CYS C 595 -38.39 4.32 -16.43
CA CYS C 595 -37.55 4.81 -17.52
C CYS C 595 -38.08 6.10 -18.11
N PRO C 596 -37.23 7.10 -18.35
CA PRO C 596 -37.65 8.24 -19.18
C PRO C 596 -37.92 7.78 -20.61
N MET C 597 -38.93 8.39 -21.24
CA MET C 597 -39.35 7.96 -22.56
C MET C 597 -38.23 8.08 -23.60
N GLN C 598 -37.35 9.08 -23.46
CA GLN C 598 -36.28 9.28 -24.41
C GLN C 598 -35.25 8.15 -24.41
N ALA C 599 -35.21 7.33 -23.37
CA ALA C 599 -34.23 6.25 -23.29
C ALA C 599 -34.73 4.92 -23.84
N LEU C 600 -35.97 4.84 -24.28
CA LEU C 600 -36.54 3.58 -24.76
C LEU C 600 -36.03 3.26 -26.17
N ARG C 601 -35.81 1.97 -26.43
CA ARG C 601 -35.34 1.48 -27.72
C ARG C 601 -36.09 0.21 -28.08
N ASN C 602 -36.04 -0.15 -29.36
CA ASN C 602 -36.68 -1.36 -29.86
C ASN C 602 -35.99 -2.61 -29.33
N ASP C 603 -36.78 -3.65 -29.05
CA ASP C 603 -36.25 -4.92 -28.61
C ASP C 603 -35.42 -5.59 -29.70
N THR C 604 -34.42 -6.38 -29.29
CA THR C 604 -33.60 -7.20 -30.18
C THR C 604 -33.41 -8.56 -29.56
N SER C 605 -33.07 -9.54 -30.38
CA SER C 605 -32.89 -10.91 -29.91
C SER C 605 -31.42 -11.22 -29.69
N ILE C 606 -31.17 -12.23 -28.87
CA ILE C 606 -29.82 -12.73 -28.57
C ILE C 606 -29.51 -14.03 -29.29
N GLU C 607 -30.46 -14.58 -30.05
CA GLU C 607 -30.29 -15.91 -30.63
C GLU C 607 -29.12 -15.98 -31.58
N ASP C 608 -28.90 -14.93 -32.39
CA ASP C 608 -27.80 -14.90 -33.33
C ASP C 608 -26.58 -14.15 -32.80
N LYS C 609 -26.50 -13.91 -31.49
CA LYS C 609 -25.41 -13.15 -30.90
C LYS C 609 -24.82 -13.87 -29.69
N LEU C 610 -24.92 -15.19 -29.64
CA LEU C 610 -24.42 -15.95 -28.51
C LEU C 610 -22.90 -16.07 -28.56
N ASP C 611 -22.29 -16.14 -27.37
CA ASP C 611 -20.86 -16.33 -27.17
C ASP C 611 -20.01 -15.16 -27.67
N VAL C 612 -20.58 -13.99 -27.88
CA VAL C 612 -19.80 -12.80 -28.24
C VAL C 612 -20.20 -11.65 -27.31
N CYS C 613 -19.27 -10.70 -27.16
CA CYS C 613 -19.47 -9.56 -26.26
C CYS C 613 -20.47 -8.59 -26.89
N VAL C 614 -21.52 -8.25 -26.15
CA VAL C 614 -22.55 -7.31 -26.58
C VAL C 614 -22.87 -6.35 -25.43
N GLU C 615 -23.42 -5.20 -25.78
CA GLU C 615 -24.05 -4.32 -24.81
C GLU C 615 -25.50 -4.75 -24.61
N TYR C 616 -25.96 -4.75 -23.37
CA TYR C 616 -27.31 -5.22 -23.10
C TYR C 616 -28.08 -4.22 -22.24
N SER C 617 -29.40 -4.26 -22.40
CA SER C 617 -30.34 -3.47 -21.60
C SER C 617 -31.56 -4.37 -21.39
N LEU C 618 -31.68 -4.93 -20.20
CA LEU C 618 -32.70 -5.92 -19.89
C LEU C 618 -33.59 -5.36 -18.78
N HIS C 619 -34.80 -4.92 -19.16
CA HIS C 619 -35.78 -4.32 -18.25
C HIS C 619 -35.15 -3.20 -17.41
N GLY C 620 -34.27 -2.42 -18.04
CA GLY C 620 -33.60 -1.33 -17.37
C GLY C 620 -32.23 -1.63 -16.78
N ILE C 621 -31.83 -2.89 -16.68
CA ILE C 621 -30.50 -3.28 -16.19
C ILE C 621 -29.53 -3.35 -17.36
N THR C 622 -28.48 -2.53 -17.35
CA THR C 622 -27.58 -2.42 -18.49
C THR C 622 -26.18 -2.91 -18.12
N GLY C 623 -25.41 -3.24 -19.16
CA GLY C 623 -24.04 -3.70 -18.98
C GLY C 623 -23.45 -4.24 -20.28
N ARG C 624 -22.27 -4.82 -20.16
CA ARG C 624 -21.61 -5.58 -21.21
C ARG C 624 -21.43 -7.02 -20.76
N GLY C 625 -21.54 -7.96 -21.70
CA GLY C 625 -21.37 -9.34 -21.32
C GLY C 625 -21.52 -10.29 -22.49
N VAL C 626 -21.27 -11.57 -22.19
CA VAL C 626 -21.34 -12.67 -23.15
C VAL C 626 -22.37 -13.67 -22.67
N PHE C 627 -23.28 -14.07 -23.55
CA PHE C 627 -24.45 -14.87 -23.19
C PHE C 627 -24.35 -16.28 -23.78
N HIS C 628 -24.80 -17.27 -23.02
CA HIS C 628 -24.77 -18.67 -23.44
C HIS C 628 -26.01 -19.39 -22.91
N ASN C 629 -26.60 -20.25 -23.74
CA ASN C 629 -27.80 -20.98 -23.35
C ASN C 629 -27.47 -22.07 -22.33
N CYS C 630 -28.27 -22.16 -21.26
CA CYS C 630 -27.92 -22.96 -20.09
C CYS C 630 -29.18 -23.60 -19.51
N THR C 631 -28.97 -24.62 -18.68
CA THR C 631 -30.06 -25.17 -17.88
C THR C 631 -30.52 -24.17 -16.82
N SER C 632 -31.84 -24.06 -16.64
CA SER C 632 -32.42 -23.05 -15.78
C SER C 632 -32.10 -23.29 -14.31
N VAL C 633 -31.63 -22.24 -13.63
CA VAL C 633 -31.41 -22.24 -12.19
C VAL C 633 -31.97 -20.93 -11.61
N GLY C 634 -32.24 -20.95 -10.31
CA GLY C 634 -32.82 -19.79 -9.64
C GLY C 634 -34.31 -19.62 -9.91
N LEU C 635 -34.88 -18.59 -9.30
CA LEU C 635 -36.31 -18.32 -9.44
C LEU C 635 -36.58 -17.49 -10.70
N ARG C 636 -37.37 -18.06 -11.61
CA ARG C 636 -37.64 -17.40 -12.88
C ARG C 636 -38.38 -16.08 -12.69
N ASN C 637 -39.31 -16.04 -11.74
CA ASN C 637 -40.09 -14.82 -11.51
C ASN C 637 -39.26 -13.69 -10.91
N GLN C 638 -38.08 -13.96 -10.36
CA GLN C 638 -37.17 -12.90 -9.93
C GLN C 638 -36.30 -12.36 -11.07
N ARG C 639 -36.20 -13.10 -12.18
CA ARG C 639 -35.68 -12.69 -13.48
C ARG C 639 -34.16 -12.49 -13.57
N PHE C 640 -33.48 -12.25 -12.47
CA PHE C 640 -32.05 -11.99 -12.48
C PHE C 640 -31.38 -12.90 -11.47
N VAL C 641 -30.27 -13.52 -11.87
CA VAL C 641 -29.49 -14.37 -10.97
C VAL C 641 -28.14 -13.69 -10.74
N TYR C 642 -27.73 -13.60 -9.47
CA TYR C 642 -26.49 -12.94 -9.08
C TYR C 642 -25.58 -13.90 -8.30
N ASP C 643 -24.29 -13.55 -8.20
CA ASP C 643 -23.33 -14.32 -7.44
C ASP C 643 -23.04 -13.62 -6.10
N THR C 644 -22.02 -14.11 -5.38
CA THR C 644 -21.74 -13.60 -4.03
C THR C 644 -21.16 -12.19 -4.03
N PHE C 645 -20.59 -11.74 -5.14
CA PHE C 645 -20.09 -10.39 -5.27
C PHE C 645 -21.11 -9.42 -5.86
N ASP C 646 -22.36 -9.85 -5.98
CA ASP C 646 -23.43 -9.03 -6.55
C ASP C 646 -23.14 -8.66 -8.00
N ASN C 647 -22.55 -9.58 -8.74
CA ASN C 647 -22.41 -9.48 -10.19
C ASN C 647 -23.47 -10.35 -10.86
N LEU C 648 -24.07 -9.84 -11.94
CA LEU C 648 -25.06 -10.60 -12.68
C LEU C 648 -24.43 -11.81 -13.35
N VAL C 649 -25.04 -13.00 -13.16
CA VAL C 649 -24.54 -14.22 -13.75
C VAL C 649 -25.60 -15.00 -14.52
N GLY C 650 -26.85 -14.57 -14.52
CA GLY C 650 -27.88 -15.28 -15.23
C GLY C 650 -29.11 -14.42 -15.46
N TYR C 651 -29.87 -14.79 -16.48
CA TYR C 651 -31.05 -14.01 -16.87
C TYR C 651 -32.12 -14.93 -17.44
N HIS C 652 -33.35 -14.80 -16.95
CA HIS C 652 -34.52 -15.52 -17.46
C HIS C 652 -35.22 -14.63 -18.49
N SER C 653 -35.23 -15.06 -19.75
CA SER C 653 -35.81 -14.27 -20.83
C SER C 653 -37.30 -14.53 -20.98
N TYR C 654 -38.01 -13.57 -21.56
CA TYR C 654 -39.43 -13.79 -21.82
C TYR C 654 -39.68 -14.74 -22.98
N ASN C 655 -38.64 -15.19 -23.68
CA ASN C 655 -38.78 -16.27 -24.65
C ASN C 655 -38.86 -17.64 -23.99
N GLY C 656 -38.61 -17.73 -22.68
CA GLY C 656 -38.66 -18.98 -21.96
C GLY C 656 -37.33 -19.63 -21.67
N ASN C 657 -36.23 -19.14 -22.22
CA ASN C 657 -34.92 -19.72 -22.03
C ASN C 657 -34.17 -19.01 -20.92
N TYR C 658 -33.16 -19.69 -20.38
CA TYR C 658 -32.25 -19.15 -19.38
C TYR C 658 -30.88 -18.99 -20.00
N TYR C 659 -30.23 -17.86 -19.74
CA TYR C 659 -28.91 -17.57 -20.30
C TYR C 659 -27.91 -17.35 -19.18
N CYS C 660 -26.78 -18.03 -19.26
CA CYS C 660 -25.64 -17.70 -18.43
C CYS C 660 -25.00 -16.41 -18.94
N VAL C 661 -24.55 -15.56 -18.02
CA VAL C 661 -23.95 -14.28 -18.37
C VAL C 661 -22.54 -14.23 -17.80
N ARG C 662 -21.60 -13.76 -18.61
CA ARG C 662 -20.21 -13.62 -18.23
C ARG C 662 -19.70 -12.28 -18.74
N PRO C 663 -18.74 -11.67 -18.04
CA PRO C 663 -18.12 -10.45 -18.57
C PRO C 663 -17.32 -10.75 -19.83
N CYS C 664 -17.04 -9.70 -20.59
CA CYS C 664 -16.33 -9.87 -21.85
C CYS C 664 -14.89 -10.32 -21.59
N VAL C 665 -14.45 -11.32 -22.36
CA VAL C 665 -13.19 -12.00 -22.10
C VAL C 665 -12.20 -11.69 -23.23
N SER C 666 -10.93 -11.92 -22.93
CA SER C 666 -9.85 -11.69 -23.90
C SER C 666 -8.90 -12.88 -23.89
N VAL C 667 -8.47 -13.32 -25.07
CA VAL C 667 -7.59 -14.47 -25.17
C VAL C 667 -6.16 -14.08 -24.85
N PRO C 668 -5.40 -14.96 -24.19
CA PRO C 668 -3.99 -14.68 -23.94
C PRO C 668 -3.17 -14.72 -25.22
N VAL C 669 -2.10 -13.95 -25.26
CA VAL C 669 -1.17 -13.94 -26.39
C VAL C 669 0.25 -13.98 -25.86
N SER C 670 1.09 -14.83 -26.45
CA SER C 670 2.50 -14.89 -26.12
C SER C 670 3.33 -14.81 -27.39
N VAL C 671 4.49 -14.15 -27.30
CA VAL C 671 5.34 -13.88 -28.45
C VAL C 671 6.70 -14.53 -28.23
N ILE C 672 7.13 -15.34 -29.19
CA ILE C 672 8.42 -16.01 -29.19
C ILE C 672 9.34 -15.25 -30.12
N TYR C 673 10.42 -14.70 -29.59
CA TYR C 673 11.30 -13.82 -30.35
C TYR C 673 12.74 -14.31 -30.29
N ASP C 674 13.38 -14.41 -31.45
CA ASP C 674 14.79 -14.74 -31.56
C ASP C 674 15.54 -13.52 -32.06
N LYS C 675 16.46 -13.02 -31.23
CA LYS C 675 17.18 -11.80 -31.60
C LYS C 675 18.16 -12.04 -32.75
N VAL C 676 18.80 -13.21 -32.79
CA VAL C 676 19.86 -13.45 -33.77
C VAL C 676 19.32 -13.38 -35.19
N SER C 677 18.20 -14.05 -35.44
CA SER C 677 17.56 -14.01 -36.75
C SER C 677 16.54 -12.89 -36.90
N ASN C 678 16.19 -12.20 -35.81
CA ASN C 678 15.18 -11.14 -35.83
C ASN C 678 13.84 -11.62 -36.39
N SER C 679 13.39 -12.79 -35.95
CA SER C 679 12.11 -13.34 -36.38
C SER C 679 11.26 -13.68 -35.15
N HIS C 680 9.96 -13.85 -35.38
CA HIS C 680 9.07 -14.09 -34.26
C HIS C 680 7.91 -15.00 -34.66
N ALA C 681 7.27 -15.57 -33.65
CA ALA C 681 6.08 -16.39 -33.80
C ALA C 681 5.17 -16.15 -32.61
N THR C 682 3.96 -16.70 -32.65
CA THR C 682 2.95 -16.42 -31.63
C THR C 682 2.32 -17.72 -31.14
N LEU C 683 1.92 -17.73 -29.87
CA LEU C 683 1.19 -18.85 -29.27
C LEU C 683 0.00 -18.31 -28.52
N PHE C 684 -1.20 -18.76 -28.88
CA PHE C 684 -2.42 -18.48 -28.12
C PHE C 684 -2.63 -19.61 -27.11
N GLY C 685 -2.21 -19.38 -25.88
CA GLY C 685 -2.30 -20.42 -24.86
C GLY C 685 -3.75 -20.69 -24.48
N SER C 686 -4.06 -21.98 -24.31
CA SER C 686 -5.36 -22.49 -23.89
C SER C 686 -6.46 -22.30 -24.92
N VAL C 687 -6.13 -21.98 -26.16
CA VAL C 687 -7.12 -21.73 -27.21
C VAL C 687 -6.99 -22.82 -28.27
N ALA C 688 -8.13 -23.41 -28.65
CA ALA C 688 -8.15 -24.27 -29.82
C ALA C 688 -8.04 -23.44 -31.09
N CYS C 689 -7.43 -24.04 -32.12
CA CYS C 689 -7.08 -23.28 -33.31
C CYS C 689 -8.29 -22.69 -34.03
N SER C 690 -9.47 -23.30 -33.87
CA SER C 690 -10.66 -22.81 -34.57
C SER C 690 -11.09 -21.43 -34.08
N HIS C 691 -11.16 -21.24 -32.77
CA HIS C 691 -11.61 -19.95 -32.24
C HIS C 691 -10.68 -18.83 -32.67
N VAL C 692 -9.36 -19.06 -32.59
CA VAL C 692 -8.42 -18.03 -33.03
C VAL C 692 -8.56 -17.80 -34.53
N THR C 693 -8.81 -18.85 -35.30
CA THR C 693 -9.05 -18.67 -36.72
C THR C 693 -10.24 -17.75 -36.98
N THR C 694 -11.29 -17.90 -36.17
CA THR C 694 -12.47 -17.04 -36.33
C THR C 694 -12.21 -15.63 -35.79
N MET C 695 -11.59 -15.52 -34.61
CA MET C 695 -11.44 -14.21 -33.98
C MET C 695 -10.60 -13.27 -34.83
N MET C 696 -9.70 -13.80 -35.66
CA MET C 696 -8.89 -12.93 -36.50
C MET C 696 -9.74 -12.17 -37.50
N SER C 697 -10.81 -12.81 -38.01
CA SER C 697 -11.72 -12.13 -38.92
C SER C 697 -12.47 -10.99 -38.25
N GLN C 698 -12.64 -11.04 -36.93
CA GLN C 698 -13.34 -9.99 -36.20
C GLN C 698 -12.49 -8.75 -36.05
N ARG C 701 -3.19 -6.32 -36.51
CA ARG C 701 -3.51 -6.02 -37.89
C ARG C 701 -2.96 -7.10 -38.82
N MET C 702 -1.71 -7.51 -38.58
CA MET C 702 -1.10 -8.58 -39.35
C MET C 702 -1.67 -9.94 -38.98
N THR C 703 -1.93 -10.19 -37.70
CA THR C 703 -2.52 -11.45 -37.29
C THR C 703 -3.92 -11.63 -37.85
N LYS C 704 -4.70 -10.55 -37.87
CA LYS C 704 -6.07 -10.64 -38.38
C LYS C 704 -6.09 -10.99 -39.87
N THR C 712 3.05 -18.64 -43.23
CA THR C 712 2.74 -19.47 -44.38
C THR C 712 2.19 -20.86 -43.98
N PRO C 713 2.77 -21.51 -42.97
CA PRO C 713 2.10 -22.67 -42.39
C PRO C 713 0.83 -22.27 -41.66
N GLY C 714 -0.13 -23.18 -41.62
CA GLY C 714 -1.38 -22.94 -40.95
C GLY C 714 -1.20 -22.97 -39.44
N PRO C 715 -2.25 -22.64 -38.70
CA PRO C 715 -2.21 -22.79 -37.25
C PRO C 715 -2.06 -24.25 -36.85
N LEU C 716 -1.32 -24.47 -35.77
CA LEU C 716 -0.97 -25.81 -35.31
C LEU C 716 -1.40 -25.96 -33.86
N GLN C 717 -2.02 -27.11 -33.54
CA GLN C 717 -2.47 -27.37 -32.18
C GLN C 717 -1.37 -28.09 -31.41
N THR C 718 -1.02 -27.55 -30.25
CA THR C 718 -0.08 -28.17 -29.32
C THR C 718 -0.79 -28.41 -27.99
N VAL C 719 -0.07 -29.06 -27.06
CA VAL C 719 -0.62 -29.30 -25.72
C VAL C 719 -0.67 -28.05 -24.87
N VAL C 720 -0.17 -26.91 -25.37
CA VAL C 720 -0.21 -25.65 -24.65
C VAL C 720 -0.99 -24.56 -25.42
N GLY C 721 -1.67 -24.93 -26.50
CA GLY C 721 -2.50 -23.99 -27.23
C GLY C 721 -2.22 -24.01 -28.71
N CYS C 722 -2.77 -23.03 -29.42
CA CYS C 722 -2.66 -22.94 -30.86
C CYS C 722 -1.46 -22.07 -31.24
N ALA C 723 -0.62 -22.58 -32.13
CA ALA C 723 0.63 -21.94 -32.49
C ALA C 723 0.61 -21.45 -33.93
N MET C 724 1.12 -20.24 -34.16
CA MET C 724 1.24 -19.67 -35.49
C MET C 724 2.70 -19.41 -35.83
N GLY C 725 3.07 -19.70 -37.08
CA GLY C 725 4.42 -19.54 -37.53
C GLY C 725 5.34 -20.70 -37.19
N PHE C 726 4.75 -21.87 -36.99
CA PHE C 726 5.57 -23.03 -36.54
C PHE C 726 5.32 -24.22 -37.43
N ILE C 727 6.36 -25.02 -37.67
CA ILE C 727 6.17 -26.30 -38.42
C ILE C 727 6.35 -27.44 -37.41
N ASN C 728 5.44 -28.43 -37.42
CA ASN C 728 5.66 -29.59 -36.51
C ASN C 728 6.90 -30.34 -36.93
N THR C 729 7.87 -30.45 -36.02
CA THR C 729 9.06 -31.23 -36.31
C THR C 729 9.05 -32.40 -35.37
N SER C 730 9.14 -33.62 -35.87
CA SER C 730 9.26 -34.79 -34.95
C SER C 730 10.59 -34.65 -34.20
N MET C 731 11.23 -33.49 -34.30
CA MET C 731 12.57 -33.26 -33.68
C MET C 731 12.58 -33.53 -32.17
N VAL C 732 13.77 -33.80 -31.65
CA VAL C 732 14.03 -34.13 -30.24
C VAL C 732 15.31 -33.43 -29.81
N VAL C 733 15.28 -32.79 -28.64
CA VAL C 733 16.44 -32.09 -28.09
C VAL C 733 16.57 -32.41 -26.61
N ASP C 734 17.76 -32.15 -26.08
CA ASP C 734 18.03 -32.26 -24.65
C ASP C 734 18.33 -30.91 -24.01
N GLU C 735 18.28 -29.83 -24.78
CA GLU C 735 18.44 -28.47 -24.27
C GLU C 735 17.88 -27.50 -25.30
N CYS C 736 17.40 -26.35 -24.83
CA CYS C 736 16.86 -25.36 -25.75
C CYS C 736 16.72 -24.00 -25.06
N GLN C 737 16.63 -22.97 -25.90
CA GLN C 737 16.62 -21.57 -25.47
C GLN C 737 15.21 -21.05 -25.18
N LEU C 738 14.20 -21.57 -25.88
CA LEU C 738 12.85 -20.99 -25.86
C LEU C 738 11.84 -22.06 -25.46
N PRO C 739 11.75 -22.36 -24.16
CA PRO C 739 10.74 -23.33 -23.71
C PRO C 739 9.33 -22.77 -23.82
N LEU C 740 8.38 -23.65 -24.10
CA LEU C 740 6.99 -23.28 -24.17
C LEU C 740 6.13 -23.95 -23.11
N GLY C 741 6.71 -24.77 -22.23
CA GLY C 741 5.95 -25.49 -21.23
C GLY C 741 5.54 -26.87 -21.69
N GLN C 742 5.33 -27.75 -20.72
CA GLN C 742 4.91 -29.14 -20.93
C GLN C 742 5.87 -29.90 -21.85
N SER C 743 7.18 -29.68 -21.64
CA SER C 743 8.28 -30.34 -22.36
C SER C 743 8.31 -30.00 -23.86
N LEU C 744 7.87 -28.81 -24.24
CA LEU C 744 7.98 -28.32 -25.62
C LEU C 744 8.95 -27.16 -25.66
N CYS C 745 9.67 -27.01 -26.77
CA CYS C 745 10.36 -25.76 -27.00
C CYS C 745 10.46 -25.45 -28.49
N ALA C 746 10.79 -24.20 -28.77
CA ALA C 746 10.81 -23.66 -30.13
C ALA C 746 12.25 -23.58 -30.63
N ILE C 747 12.47 -24.05 -31.84
CA ILE C 747 13.78 -23.98 -32.50
C ILE C 747 13.77 -22.79 -33.45
N PRO C 748 14.59 -21.77 -33.24
CA PRO C 748 14.57 -20.62 -34.13
C PRO C 748 15.15 -20.98 -35.49
N PRO C 749 14.75 -20.26 -36.54
CA PRO C 749 15.35 -20.51 -37.85
C PRO C 749 16.81 -20.09 -37.89
N ASN C 750 17.63 -20.94 -38.44
CA ASN C 750 19.02 -20.57 -38.69
C ASN C 750 19.06 -19.55 -39.82
N PRO C 751 19.65 -18.37 -39.61
CA PRO C 751 19.62 -17.28 -40.60
C PRO C 751 20.64 -17.47 -41.73
N VAL C 765 10.50 -19.47 -40.43
CA VAL C 765 9.56 -20.26 -39.65
C VAL C 765 10.26 -20.94 -38.47
N PHE C 766 9.52 -21.17 -37.39
CA PHE C 766 10.05 -21.82 -36.21
C PHE C 766 9.72 -23.31 -36.24
N GLN C 767 10.48 -24.08 -35.49
CA GLN C 767 10.24 -25.50 -35.35
C GLN C 767 9.85 -25.82 -33.92
N ILE C 768 8.93 -26.76 -33.75
CA ILE C 768 8.52 -27.24 -32.44
C ILE C 768 9.17 -28.60 -32.19
N ALA C 769 9.84 -28.73 -31.05
CA ALA C 769 10.51 -29.96 -30.66
C ALA C 769 10.15 -30.29 -29.21
N THR C 770 10.46 -31.52 -28.80
CA THR C 770 10.24 -31.97 -27.44
C THR C 770 11.56 -32.14 -26.70
N LEU C 771 11.48 -32.11 -25.37
CA LEU C 771 12.63 -32.30 -24.50
C LEU C 771 12.61 -33.72 -23.94
N ASN C 772 13.67 -34.48 -24.20
CA ASN C 772 13.80 -35.87 -23.70
C ASN C 772 15.22 -36.09 -23.16
N PHE C 773 15.38 -36.44 -21.88
CA PHE C 773 16.69 -36.68 -21.27
C PHE C 773 16.93 -38.18 -21.13
N THR C 774 18.17 -38.60 -21.33
CA THR C 774 18.55 -40.01 -21.31
C THR C 774 19.61 -40.27 -20.24
N SER C 775 19.51 -41.44 -19.62
CA SER C 775 20.53 -41.87 -18.66
C SER C 775 21.85 -42.15 -19.37
N PRO C 776 22.98 -41.83 -18.74
CA PRO C 776 24.26 -42.04 -19.43
C PRO C 776 24.69 -43.50 -19.52
N LEU C 777 24.50 -44.28 -18.46
CA LEU C 777 24.97 -45.66 -18.45
C LEU C 777 23.99 -46.56 -17.71
N THR C 778 23.55 -47.62 -18.37
CA THR C 778 22.67 -48.62 -17.77
C THR C 778 23.41 -49.95 -17.76
N LEU C 779 23.50 -50.56 -16.57
CA LEU C 779 24.33 -51.74 -16.36
C LEU C 779 23.47 -52.84 -15.74
N ALA C 780 23.34 -53.95 -16.45
CA ALA C 780 22.56 -55.08 -15.95
C ALA C 780 23.43 -55.99 -15.08
N PRO C 781 22.91 -56.46 -13.95
CA PRO C 781 23.67 -57.43 -13.14
C PRO C 781 23.77 -58.80 -13.81
N ILE C 782 24.81 -59.54 -13.43
CA ILE C 782 25.12 -60.85 -13.99
C ILE C 782 24.51 -61.94 -13.11
N ASN C 783 24.11 -63.05 -13.75
CA ASN C 783 23.50 -64.15 -13.01
C ASN C 783 24.52 -65.00 -12.27
N SER C 784 25.79 -64.93 -12.64
CA SER C 784 26.82 -65.77 -12.02
C SER C 784 27.12 -65.30 -10.59
N THR C 785 28.07 -65.97 -9.96
CA THR C 785 28.59 -65.50 -8.69
C THR C 785 29.38 -64.21 -8.90
N GLY C 786 29.45 -63.39 -7.85
CA GLY C 786 30.07 -62.09 -7.97
C GLY C 786 29.14 -61.07 -8.58
N PHE C 787 29.75 -60.03 -9.15
CA PHE C 787 29.01 -58.92 -9.72
C PHE C 787 29.89 -58.24 -10.75
N VAL C 788 29.27 -57.42 -11.60
CA VAL C 788 29.99 -56.62 -12.58
C VAL C 788 30.06 -55.18 -12.09
N VAL C 789 31.21 -54.53 -12.30
CA VAL C 789 31.36 -53.13 -11.91
C VAL C 789 32.11 -52.39 -13.03
N ALA C 790 31.60 -51.21 -13.37
CA ALA C 790 32.25 -50.33 -14.33
C ALA C 790 33.31 -49.50 -13.61
N VAL C 791 34.57 -49.68 -13.98
CA VAL C 791 35.70 -49.02 -13.34
C VAL C 791 36.38 -48.14 -14.38
N PRO C 792 36.70 -46.88 -14.05
CA PRO C 792 37.25 -45.97 -15.06
C PRO C 792 38.62 -46.42 -15.59
N THR C 793 38.83 -46.15 -16.89
CA THR C 793 40.12 -46.33 -17.53
C THR C 793 40.76 -45.03 -18.00
N ASN C 794 40.02 -43.95 -18.02
CA ASN C 794 40.59 -42.63 -18.39
C ASN C 794 39.79 -41.56 -17.65
N PHE C 795 40.33 -40.37 -17.52
CA PHE C 795 39.66 -39.36 -16.72
C PHE C 795 40.10 -37.97 -17.14
N THR C 796 39.31 -36.99 -16.71
CA THR C 796 39.62 -35.58 -16.87
C THR C 796 39.24 -34.87 -15.57
N PHE C 797 39.68 -33.64 -15.43
CA PHE C 797 39.25 -32.81 -14.30
C PHE C 797 38.12 -31.90 -14.77
N GLY C 798 36.98 -31.98 -14.10
CA GLY C 798 35.85 -31.12 -14.39
C GLY C 798 35.77 -29.97 -13.41
N VAL C 799 35.24 -28.84 -13.87
CA VAL C 799 35.07 -27.65 -13.04
C VAL C 799 33.60 -27.28 -13.02
N THR C 800 33.04 -27.18 -11.82
CA THR C 800 31.69 -26.68 -11.60
C THR C 800 31.82 -25.29 -10.97
N GLN C 801 31.06 -24.33 -11.49
CA GLN C 801 31.11 -22.94 -11.01
C GLN C 801 29.82 -22.60 -10.29
N GLU C 802 29.94 -21.82 -9.21
CA GLU C 802 28.83 -21.51 -8.33
C GLU C 802 29.03 -20.13 -7.71
N TYR C 803 27.98 -19.32 -7.72
CA TYR C 803 28.00 -17.98 -7.16
C TYR C 803 27.10 -17.92 -5.94
N ILE C 804 27.58 -17.30 -4.87
CA ILE C 804 26.83 -17.16 -3.63
C ILE C 804 26.88 -15.70 -3.19
N GLU C 805 25.72 -15.09 -3.07
CA GLU C 805 25.61 -13.70 -2.65
C GLU C 805 25.91 -13.55 -1.15
N THR C 806 26.53 -12.43 -0.80
CA THR C 806 26.82 -12.12 0.60
C THR C 806 26.30 -10.75 1.07
N THR C 807 25.98 -9.82 0.17
CA THR C 807 25.46 -8.52 0.58
C THR C 807 24.47 -8.00 -0.44
N ILE C 808 23.76 -6.94 -0.05
CA ILE C 808 23.06 -6.07 -0.97
C ILE C 808 23.66 -4.68 -0.84
N GLN C 809 23.26 -3.79 -1.74
CA GLN C 809 23.67 -2.39 -1.69
C GLN C 809 22.90 -1.66 -0.60
N LYS C 810 23.61 -0.91 0.25
CA LYS C 810 23.00 -0.25 1.39
C LYS C 810 22.48 1.14 1.01
N ILE C 811 21.24 1.41 1.36
CA ILE C 811 20.56 2.65 0.99
C ILE C 811 20.00 3.33 2.23
N THR C 812 20.22 4.64 2.34
CA THR C 812 19.56 5.47 3.34
C THR C 812 18.73 6.53 2.63
N VAL C 813 17.62 6.92 3.25
CA VAL C 813 16.65 7.84 2.66
C VAL C 813 16.43 9.00 3.61
N ASP C 814 16.52 10.22 3.09
CA ASP C 814 16.11 11.42 3.82
C ASP C 814 14.62 11.64 3.53
N CYS C 815 13.76 11.20 4.45
CA CYS C 815 12.32 11.14 4.18
C CYS C 815 11.75 12.50 3.81
N LYS C 816 12.11 13.55 4.55
CA LYS C 816 11.54 14.88 4.32
C LYS C 816 11.92 15.41 2.94
N GLN C 817 13.18 15.24 2.53
CA GLN C 817 13.60 15.67 1.21
C GLN C 817 12.91 14.86 0.12
N TYR C 818 12.74 13.56 0.33
CA TYR C 818 12.07 12.72 -0.67
C TYR C 818 10.62 13.15 -0.86
N VAL C 819 9.91 13.42 0.24
CA VAL C 819 8.48 13.72 0.17
C VAL C 819 8.23 15.16 -0.30
N CYS C 820 8.93 16.13 0.26
CA CYS C 820 8.59 17.53 0.01
C CYS C 820 9.55 18.27 -0.92
N ASN C 821 10.64 17.64 -1.35
CA ASN C 821 11.58 18.18 -2.35
C ASN C 821 12.04 19.61 -2.03
N GLY C 822 12.06 19.98 -0.76
CA GLY C 822 12.57 21.28 -0.35
C GLY C 822 11.65 22.47 -0.45
N PHE C 823 10.33 22.27 -0.49
CA PHE C 823 9.37 23.36 -0.56
C PHE C 823 8.76 23.59 0.82
N LYS C 824 8.83 24.83 1.31
CA LYS C 824 8.42 25.12 2.70
C LYS C 824 6.95 24.80 2.94
N LYS C 825 6.08 25.11 1.98
CA LYS C 825 4.66 24.86 2.15
C LYS C 825 4.37 23.38 2.36
N CYS C 826 5.00 22.51 1.56
CA CYS C 826 4.84 21.07 1.76
C CYS C 826 5.36 20.63 3.12
N GLU C 827 6.52 21.15 3.52
CA GLU C 827 7.11 20.75 4.80
C GLU C 827 6.23 21.13 5.97
N GLU C 828 5.55 22.28 5.89
CA GLU C 828 4.62 22.67 6.95
C GLU C 828 3.47 21.66 7.07
N LEU C 829 2.99 21.13 5.94
CA LEU C 829 1.94 20.13 5.99
C LEU C 829 2.46 18.79 6.53
N LEU C 830 3.71 18.46 6.21
CA LEU C 830 4.29 17.18 6.62
C LEU C 830 4.48 17.06 8.12
N THR C 831 4.56 18.18 8.86
CA THR C 831 4.83 18.10 10.30
C THR C 831 3.75 17.33 11.04
N GLU C 832 2.53 17.27 10.50
CA GLU C 832 1.48 16.41 11.05
C GLU C 832 1.72 14.94 10.78
N TYR C 833 2.72 14.59 9.97
CA TYR C 833 3.14 13.21 9.75
C TYR C 833 4.55 12.96 10.29
N GLY C 834 4.96 13.70 11.31
CA GLY C 834 6.35 13.69 11.75
C GLY C 834 6.83 12.34 12.25
N GLN C 835 5.95 11.58 12.90
CA GLN C 835 6.39 10.30 13.46
C GLN C 835 6.78 9.30 12.37
N PHE C 836 6.08 9.32 11.23
CA PHE C 836 6.26 8.26 10.25
C PHE C 836 7.61 8.36 9.52
N CYS C 837 8.06 9.57 9.20
CA CYS C 837 9.37 9.74 8.57
C CYS C 837 10.51 9.21 9.45
N SER C 838 10.46 9.52 10.75
CA SER C 838 11.51 9.04 11.65
C SER C 838 11.53 7.52 11.71
N LYS C 839 10.35 6.90 11.74
CA LYS C 839 10.30 5.44 11.75
C LYS C 839 10.94 4.86 10.49
N ILE C 840 10.68 5.48 9.34
CA ILE C 840 11.30 5.01 8.09
C ILE C 840 12.83 5.07 8.18
N ASN C 841 13.35 6.22 8.63
CA ASN C 841 14.80 6.39 8.76
C ASN C 841 15.39 5.35 9.71
N GLN C 842 14.75 5.14 10.86
CA GLN C 842 15.29 4.21 11.85
C GLN C 842 15.26 2.77 11.37
N ALA C 843 14.21 2.37 10.65
CA ALA C 843 14.18 1.02 10.08
C ALA C 843 15.35 0.80 9.13
N LEU C 844 15.58 1.75 8.21
CA LEU C 844 16.71 1.58 7.29
C LEU C 844 18.04 1.51 8.04
N HIS C 845 18.20 2.33 9.08
CA HIS C 845 19.44 2.31 9.86
C HIS C 845 19.66 0.95 10.52
N GLY C 846 18.60 0.36 11.07
CA GLY C 846 18.73 -0.95 11.67
C GLY C 846 19.15 -2.01 10.68
N ALA C 847 18.52 -2.01 9.49
CA ALA C 847 18.87 -3.01 8.48
C ALA C 847 20.34 -2.90 8.06
N ASN C 848 20.82 -1.69 7.81
CA ASN C 848 22.22 -1.52 7.42
C ASN C 848 23.16 -1.99 8.53
N LEU C 849 22.81 -1.70 9.78
CA LEU C 849 23.61 -2.17 10.90
C LEU C 849 23.70 -3.70 10.94
N ARG C 850 22.58 -4.39 10.71
CA ARG C 850 22.59 -5.84 10.74
C ARG C 850 23.47 -6.42 9.63
N GLN C 851 23.41 -5.83 8.43
CA GLN C 851 24.30 -6.30 7.36
C GLN C 851 25.77 -6.09 7.71
N ASP C 852 26.11 -4.96 8.34
CA ASP C 852 27.50 -4.74 8.72
C ASP C 852 27.99 -5.82 9.69
N GLU C 853 27.15 -6.19 10.66
CA GLU C 853 27.52 -7.27 11.58
C GLU C 853 27.71 -8.60 10.84
N SER C 854 26.80 -8.93 9.92
CA SER C 854 26.92 -10.18 9.19
C SER C 854 28.20 -10.24 8.35
N ILE C 855 28.55 -9.15 7.66
CA ILE C 855 29.76 -9.17 6.85
C ILE C 855 31.01 -9.20 7.72
N ALA C 856 30.99 -8.54 8.88
CA ALA C 856 32.13 -8.65 9.80
C ALA C 856 32.33 -10.08 10.26
N ASN C 857 31.23 -10.80 10.52
CA ASN C 857 31.36 -12.18 11.00
C ASN C 857 32.04 -13.07 9.96
N LEU C 858 31.71 -12.89 8.69
CA LEU C 858 32.30 -13.71 7.62
C LEU C 858 33.81 -13.47 7.47
N PHE C 859 34.25 -12.22 7.55
CA PHE C 859 35.65 -11.88 7.33
C PHE C 859 36.55 -12.19 8.51
N SER C 860 35.98 -12.48 9.68
CA SER C 860 36.77 -12.53 10.90
C SER C 860 37.75 -13.70 10.93
N SER C 861 37.53 -14.74 10.13
CA SER C 861 38.39 -15.91 10.15
C SER C 861 39.81 -15.63 9.67
N ILE C 862 40.05 -14.49 9.01
CA ILE C 862 41.41 -14.11 8.64
C ILE C 862 42.32 -14.11 9.86
N LYS C 863 41.79 -13.70 11.00
CA LYS C 863 42.60 -13.59 12.20
C LYS C 863 42.90 -14.93 12.86
N THR C 864 42.23 -16.02 12.47
CA THR C 864 42.45 -17.30 13.12
C THR C 864 42.86 -18.42 12.16
N GLN C 865 43.22 -18.12 10.92
CA GLN C 865 43.51 -19.13 9.91
C GLN C 865 45.01 -19.19 9.66
N ASN C 866 45.63 -20.32 9.98
CA ASN C 866 47.02 -20.55 9.64
C ASN C 866 47.17 -20.67 8.13
N THR C 867 48.24 -20.11 7.59
CA THR C 867 48.49 -20.16 6.15
C THR C 867 49.93 -20.58 5.88
N GLN C 868 50.13 -21.12 4.67
CA GLN C 868 51.43 -21.47 4.14
C GLN C 868 51.66 -20.69 2.86
N PRO C 869 52.81 -20.02 2.70
CA PRO C 869 53.05 -19.27 1.47
C PRO C 869 53.16 -20.18 0.26
N LEU C 870 52.59 -19.76 -0.85
CA LEU C 870 52.73 -20.48 -2.10
C LEU C 870 53.88 -19.91 -2.91
N GLN C 871 54.22 -20.59 -4.00
CA GLN C 871 55.21 -20.12 -4.94
C GLN C 871 54.53 -19.42 -6.11
N ALA C 872 55.23 -18.45 -6.69
CA ALA C 872 54.70 -17.72 -7.83
C ALA C 872 54.75 -18.59 -9.07
N GLY C 873 53.61 -18.81 -9.69
CA GLY C 873 53.54 -19.59 -10.93
C GLY C 873 53.36 -21.09 -10.65
N LEU C 874 54.42 -21.85 -10.85
CA LEU C 874 54.35 -23.31 -10.77
C LEU C 874 54.63 -23.81 -9.36
N ASN C 875 53.75 -24.65 -8.86
CA ASN C 875 53.92 -25.34 -7.59
C ASN C 875 54.03 -26.83 -7.91
N GLY C 876 55.24 -27.36 -7.88
CA GLY C 876 55.49 -28.61 -8.57
C GLY C 876 55.28 -28.37 -10.06
N ASP C 877 54.47 -29.22 -10.70
CA ASP C 877 54.09 -28.98 -12.08
C ASP C 877 52.74 -28.29 -12.21
N PHE C 878 52.12 -27.88 -11.11
CA PHE C 878 50.80 -27.26 -11.13
C PHE C 878 50.93 -25.75 -11.29
N ASN C 879 50.22 -25.19 -12.26
CA ASN C 879 50.31 -23.77 -12.61
C ASN C 879 49.15 -23.03 -11.96
N LEU C 880 49.44 -22.26 -10.91
CA LEU C 880 48.42 -21.53 -10.17
C LEU C 880 48.40 -20.04 -10.49
N THR C 881 48.95 -19.65 -11.65
CA THR C 881 49.16 -18.23 -11.94
C THR C 881 47.85 -17.45 -11.97
N MET C 882 46.80 -18.01 -12.57
CA MET C 882 45.56 -17.27 -12.76
C MET C 882 44.92 -16.87 -11.42
N LEU C 883 45.12 -17.66 -10.37
CA LEU C 883 44.49 -17.42 -9.08
C LEU C 883 45.30 -16.53 -8.15
N GLN C 884 46.49 -16.11 -8.53
CA GLN C 884 47.35 -15.36 -7.63
C GLN C 884 47.39 -13.89 -8.02
N ILE C 885 47.63 -13.04 -7.03
CA ILE C 885 47.76 -11.60 -7.23
C ILE C 885 49.14 -11.31 -7.79
N PRO C 886 49.23 -10.70 -8.97
CA PRO C 886 50.54 -10.43 -9.57
C PRO C 886 51.35 -9.48 -8.69
N GLN C 887 52.67 -9.65 -8.73
CA GLN C 887 53.58 -8.83 -7.95
C GLN C 887 54.23 -7.79 -8.85
N GLY C 891 55.55 0.52 -7.68
CA GLY C 891 54.17 1.03 -7.86
C GLY C 891 53.23 0.50 -6.80
N GLU C 892 51.96 0.93 -6.84
CA GLU C 892 50.96 0.46 -5.85
C GLU C 892 50.63 -1.02 -6.12
N ARG C 893 50.46 -1.81 -5.06
CA ARG C 893 50.17 -3.22 -5.19
C ARG C 893 48.77 -3.44 -5.76
N LYS C 894 48.63 -4.52 -6.52
CA LYS C 894 47.34 -4.87 -7.09
C LYS C 894 46.47 -5.58 -6.06
N TYR C 895 45.17 -5.62 -6.32
CA TYR C 895 44.24 -6.24 -5.38
C TYR C 895 43.31 -7.24 -6.07
N ARG C 896 43.64 -7.67 -7.28
CA ARG C 896 42.81 -8.62 -7.99
C ARG C 896 43.69 -9.60 -8.76
N SER C 897 43.33 -10.87 -8.71
CA SER C 897 43.99 -11.86 -9.54
C SER C 897 43.52 -11.72 -10.99
N ALA C 898 44.18 -12.46 -11.88
CA ALA C 898 43.85 -12.37 -13.30
C ALA C 898 42.42 -12.83 -13.57
N ILE C 899 42.01 -13.92 -12.94
CA ILE C 899 40.66 -14.45 -13.19
C ILE C 899 39.61 -13.51 -12.60
N GLU C 900 39.90 -12.90 -11.44
CA GLU C 900 39.00 -11.89 -10.88
C GLU C 900 38.87 -10.70 -11.81
N ASP C 901 39.99 -10.29 -12.43
CA ASP C 901 39.94 -9.22 -13.41
C ASP C 901 39.04 -9.59 -14.59
N LEU C 902 39.17 -10.82 -15.08
CA LEU C 902 38.35 -11.23 -16.23
C LEU C 902 36.87 -11.24 -15.87
N LEU C 903 36.53 -11.68 -14.66
CA LEU C 903 35.13 -11.72 -14.25
C LEU C 903 34.55 -10.30 -14.10
N PHE C 904 35.27 -9.41 -13.43
CA PHE C 904 34.77 -8.06 -13.21
C PHE C 904 34.62 -7.28 -14.51
N ASN C 905 35.46 -7.56 -15.51
CA ASN C 905 35.41 -6.84 -16.77
C ASN C 905 34.18 -7.20 -17.60
N LYS C 906 33.50 -8.30 -17.32
CA LYS C 906 32.33 -8.71 -18.07
C LYS C 906 31.02 -8.25 -17.44
N VAL C 907 31.08 -7.49 -16.35
CA VAL C 907 29.90 -7.04 -15.62
C VAL C 907 29.87 -5.51 -15.65
N THR C 908 28.72 -4.95 -16.02
CA THR C 908 28.56 -3.50 -16.06
C THR C 908 27.97 -3.03 -14.73
N ILE C 909 28.76 -2.30 -13.95
CA ILE C 909 28.37 -1.80 -12.65
C ILE C 909 28.63 -0.30 -12.60
N ALA C 910 27.62 0.46 -12.19
CA ALA C 910 27.77 1.90 -12.06
C ALA C 910 28.67 2.26 -10.87
N ASP C 911 29.41 3.34 -11.02
CA ASP C 911 30.30 3.83 -9.97
C ASP C 911 29.53 4.68 -8.98
N PRO C 912 29.45 4.30 -7.70
CA PRO C 912 28.69 5.11 -6.74
C PRO C 912 29.40 6.40 -6.32
N GLY C 913 30.69 6.53 -6.57
CA GLY C 913 31.44 7.72 -6.24
C GLY C 913 31.52 8.06 -4.76
N TYR C 914 32.11 7.18 -3.94
CA TYR C 914 32.12 7.39 -2.49
C TYR C 914 32.94 8.61 -2.09
N MET C 915 34.04 8.86 -2.79
CA MET C 915 34.97 9.91 -2.38
C MET C 915 34.45 11.30 -2.72
N GLN C 916 34.16 11.55 -4.00
CA GLN C 916 33.81 12.89 -4.45
C GLN C 916 32.73 12.88 -5.53
N GLY C 917 31.80 11.92 -5.49
CA GLY C 917 30.80 11.82 -6.53
C GLY C 917 29.86 13.01 -6.66
N TYR C 918 29.68 13.78 -5.58
CA TYR C 918 28.79 14.94 -5.64
C TYR C 918 29.32 15.99 -6.62
N ASP C 919 30.62 16.29 -6.55
CA ASP C 919 31.21 17.26 -7.48
C ASP C 919 31.23 16.72 -8.90
N GLU C 920 31.50 15.43 -9.07
CA GLU C 920 31.48 14.84 -10.40
C GLU C 920 30.10 14.97 -11.03
N CYS C 921 29.04 14.74 -10.25
CA CYS C 921 27.70 14.94 -10.78
C CYS C 921 27.40 16.43 -11.01
N MET C 922 27.99 17.32 -10.22
CA MET C 922 27.88 18.75 -10.49
C MET C 922 28.40 19.08 -11.87
N GLN C 923 29.45 18.39 -12.31
CA GLN C 923 29.92 18.58 -13.67
C GLN C 923 28.97 17.92 -14.66
N GLN C 924 27.75 18.47 -14.78
CA GLN C 924 26.70 17.79 -15.51
C GLN C 924 27.08 17.59 -16.97
N GLY C 925 26.52 16.54 -17.55
CA GLY C 925 26.62 16.31 -18.97
C GLY C 925 25.50 15.40 -19.43
N ASP C 931 23.21 8.22 -14.08
CA ASP C 931 21.82 8.66 -13.91
C ASP C 931 21.30 8.27 -12.53
N LEU C 932 21.17 6.97 -12.28
CA LEU C 932 20.73 6.52 -10.97
C LEU C 932 21.70 6.94 -9.88
N ILE C 933 22.99 7.00 -10.20
CA ILE C 933 23.99 7.48 -9.25
C ILE C 933 23.82 8.98 -9.01
N CYS C 934 23.66 9.77 -10.07
CA CYS C 934 23.48 11.20 -9.89
C CYS C 934 22.10 11.56 -9.33
N ALA C 935 21.12 10.66 -9.46
CA ALA C 935 19.80 10.90 -8.88
C ALA C 935 19.79 10.83 -7.36
N GLN C 936 20.87 10.37 -6.72
CA GLN C 936 20.94 10.38 -5.26
C GLN C 936 20.63 11.77 -4.71
N TYR C 937 21.28 12.79 -5.26
CA TYR C 937 21.24 14.14 -4.71
C TYR C 937 20.00 14.92 -5.09
N VAL C 938 19.25 14.44 -6.09
CA VAL C 938 17.98 15.05 -6.43
C VAL C 938 16.85 14.46 -5.59
N ALA C 939 16.73 13.14 -5.59
CA ALA C 939 15.60 12.49 -4.94
C ALA C 939 15.74 12.43 -3.43
N GLY C 940 16.96 12.46 -2.90
CA GLY C 940 17.15 12.44 -1.46
C GLY C 940 17.39 11.06 -0.86
N TYR C 941 18.11 10.20 -1.57
CA TYR C 941 18.59 8.96 -1.01
C TYR C 941 20.09 8.87 -1.26
N LYS C 942 20.78 8.02 -0.50
CA LYS C 942 22.22 7.94 -0.52
C LYS C 942 22.69 6.50 -0.49
N VAL C 943 23.61 6.15 -1.38
CA VAL C 943 24.26 4.83 -1.36
C VAL C 943 25.44 4.91 -0.40
N LEU C 944 25.42 4.10 0.59
CA LEU C 944 26.49 4.07 1.58
C LEU C 944 27.59 3.10 1.18
N PRO C 945 28.85 3.41 1.48
CA PRO C 945 29.95 2.53 1.08
C PRO C 945 29.97 1.26 1.90
N PRO C 946 30.50 0.17 1.35
CA PRO C 946 30.62 -1.08 2.12
C PRO C 946 31.69 -1.01 3.20
N LEU C 947 31.56 -1.93 4.16
CA LEU C 947 32.36 -1.90 5.38
C LEU C 947 33.86 -2.03 5.10
N TYR C 948 34.24 -2.88 4.14
CA TYR C 948 35.64 -3.14 3.83
C TYR C 948 35.97 -2.73 2.40
N ASP C 949 37.19 -2.26 2.19
CA ASP C 949 37.64 -1.85 0.87
C ASP C 949 38.17 -3.06 0.10
N PRO C 950 38.44 -2.93 -1.20
CA PRO C 950 38.87 -4.10 -1.99
C PRO C 950 40.18 -4.75 -1.53
N TYR C 951 41.06 -4.01 -0.85
CA TYR C 951 42.30 -4.61 -0.37
C TYR C 951 42.05 -5.59 0.76
N MET C 952 41.02 -5.36 1.58
CA MET C 952 40.62 -6.34 2.59
C MET C 952 40.00 -7.59 1.95
N GLU C 953 39.22 -7.42 0.88
CA GLU C 953 38.67 -8.56 0.17
C GLU C 953 39.78 -9.41 -0.45
N ALA C 954 40.80 -8.77 -1.02
CA ALA C 954 41.95 -9.50 -1.53
C ALA C 954 42.71 -10.21 -0.41
N ALA C 955 42.81 -9.57 0.76
CA ALA C 955 43.40 -10.25 1.91
C ALA C 955 42.62 -11.53 2.26
N TYR C 956 41.29 -11.45 2.23
CA TYR C 956 40.46 -12.62 2.54
C TYR C 956 40.68 -13.74 1.53
N THR C 957 40.62 -13.43 0.24
CA THR C 957 40.78 -14.48 -0.76
C THR C 957 42.21 -15.01 -0.83
N SER C 958 43.20 -14.22 -0.40
CA SER C 958 44.56 -14.77 -0.26
C SER C 958 44.69 -15.65 0.97
N SER C 959 43.96 -15.34 2.05
CA SER C 959 43.91 -16.24 3.19
C SER C 959 43.31 -17.59 2.78
N LEU C 960 42.27 -17.57 1.94
CA LEU C 960 41.69 -18.84 1.48
C LEU C 960 42.69 -19.65 0.66
N LEU C 961 43.42 -19.00 -0.26
CA LEU C 961 44.36 -19.72 -1.11
C LEU C 961 45.52 -20.31 -0.32
N GLY C 962 45.87 -19.71 0.82
CA GLY C 962 46.93 -20.21 1.67
C GLY C 962 46.52 -21.26 2.67
N SER C 963 45.25 -21.64 2.72
CA SER C 963 44.76 -22.65 3.64
C SER C 963 44.39 -23.97 2.95
N ILE C 964 44.71 -24.12 1.66
CA ILE C 964 44.35 -25.34 0.95
C ILE C 964 45.32 -26.48 1.28
N ALA C 965 46.61 -26.26 1.10
CA ALA C 965 47.59 -27.33 1.29
C ALA C 965 47.68 -27.75 2.76
N GLY C 966 47.92 -29.03 2.99
CA GLY C 966 47.96 -29.57 4.34
C GLY C 966 47.81 -31.07 4.33
N ALA C 967 47.68 -31.62 5.55
CA ALA C 967 47.61 -33.05 5.79
C ALA C 967 46.20 -33.61 5.49
N SER C 968 46.10 -34.94 5.49
CA SER C 968 44.84 -35.58 5.14
C SER C 968 44.45 -36.68 6.12
N TRP C 969 45.43 -37.34 6.73
CA TRP C 969 45.18 -38.55 7.52
C TRP C 969 44.93 -38.27 9.00
N THR C 970 44.92 -37.01 9.43
CA THR C 970 44.89 -36.71 10.85
C THR C 970 43.46 -36.44 11.32
N ALA C 971 43.23 -36.71 12.62
CA ALA C 971 41.87 -36.66 13.15
C ALA C 971 41.43 -35.22 13.42
N GLY C 972 42.09 -34.54 14.34
CA GLY C 972 41.61 -33.26 14.81
C GLY C 972 41.77 -32.11 13.83
N LEU C 973 41.81 -30.89 14.35
CA LEU C 973 42.03 -29.70 13.53
C LEU C 973 43.05 -28.76 14.18
N SER C 974 43.82 -29.26 15.13
CA SER C 974 44.68 -28.44 15.98
C SER C 974 46.08 -28.24 15.42
N SER C 975 46.57 -29.10 14.54
CA SER C 975 47.91 -29.01 14.00
C SER C 975 47.90 -28.43 12.59
N PHE C 976 49.07 -27.94 12.16
CA PHE C 976 49.20 -27.33 10.84
C PHE C 976 50.49 -27.83 10.19
N ALA C 977 50.35 -28.63 9.15
CA ALA C 977 51.48 -29.22 8.45
C ALA C 977 51.74 -28.43 7.18
N ALA C 978 53.00 -28.11 6.92
CA ALA C 978 53.38 -27.31 5.76
C ALA C 978 53.78 -28.23 4.59
N ILE C 979 52.79 -28.94 4.08
CA ILE C 979 52.97 -29.85 2.96
C ILE C 979 52.71 -29.08 1.66
N PRO C 980 53.63 -29.12 0.70
CA PRO C 980 53.46 -28.34 -0.54
C PRO C 980 52.21 -28.76 -1.31
N PHE C 981 51.76 -27.85 -2.19
CA PHE C 981 50.48 -27.99 -2.86
C PHE C 981 50.41 -29.29 -3.67
N ALA C 982 51.45 -29.61 -4.43
CA ALA C 982 51.43 -30.79 -5.29
C ALA C 982 51.26 -32.09 -4.48
N GLN C 983 52.02 -32.22 -3.39
CA GLN C 983 51.91 -33.39 -2.51
C GLN C 983 50.51 -33.50 -1.91
N SER C 984 49.91 -32.37 -1.52
CA SER C 984 48.55 -32.38 -1.00
C SER C 984 47.57 -32.89 -2.05
N ILE C 985 47.71 -32.44 -3.30
CA ILE C 985 46.83 -32.92 -4.37
C ILE C 985 46.98 -34.43 -4.53
N PHE C 986 48.21 -34.94 -4.51
CA PHE C 986 48.39 -36.37 -4.69
C PHE C 986 47.85 -37.16 -3.51
N TYR C 987 47.86 -36.59 -2.30
CA TYR C 987 47.22 -37.26 -1.17
C TYR C 987 45.69 -37.29 -1.35
N ARG C 988 45.13 -36.21 -1.87
CA ARG C 988 43.68 -36.18 -2.09
C ARG C 988 43.26 -37.19 -3.15
N LEU C 989 44.05 -37.35 -4.21
CA LEU C 989 43.73 -38.34 -5.24
C LEU C 989 43.81 -39.76 -4.70
N ASN C 990 44.82 -40.06 -3.89
CA ASN C 990 44.96 -41.41 -3.32
C ASN C 990 43.79 -41.78 -2.44
N GLY C 991 43.17 -40.81 -1.78
CA GLY C 991 42.07 -41.06 -0.89
C GLY C 991 40.73 -41.34 -1.55
N VAL C 992 40.57 -41.04 -2.84
CA VAL C 992 39.32 -41.34 -3.52
C VAL C 992 39.44 -42.59 -4.40
N GLY C 993 40.51 -43.34 -4.26
CA GLY C 993 40.61 -44.65 -4.85
C GLY C 993 41.57 -44.83 -6.00
N ILE C 994 42.59 -43.98 -6.12
CA ILE C 994 43.63 -44.15 -7.14
C ILE C 994 44.91 -44.54 -6.42
N THR C 995 45.40 -45.75 -6.70
CA THR C 995 46.49 -46.33 -5.94
C THR C 995 47.83 -45.64 -6.23
N GLN C 996 48.78 -45.86 -5.33
CA GLN C 996 50.06 -45.16 -5.39
C GLN C 996 50.83 -45.47 -6.67
N GLN C 997 50.77 -46.71 -7.15
CA GLN C 997 51.49 -47.07 -8.37
C GLN C 997 50.98 -46.28 -9.57
N VAL C 998 49.65 -46.16 -9.69
CA VAL C 998 49.05 -45.37 -10.77
C VAL C 998 49.49 -43.92 -10.70
N LEU C 999 49.48 -43.34 -9.49
CA LEU C 999 49.86 -41.95 -9.33
C LEU C 999 51.33 -41.72 -9.69
N SER C 1000 52.21 -42.64 -9.30
CA SER C 1000 53.63 -42.47 -9.65
C SER C 1000 53.84 -42.62 -11.16
N GLU C 1001 53.06 -43.46 -11.83
CA GLU C 1001 53.23 -43.62 -13.27
C GLU C 1001 52.63 -42.46 -14.09
N ASN C 1002 51.77 -41.62 -13.51
CA ASN C 1002 51.01 -40.65 -14.28
C ASN C 1002 51.13 -39.24 -13.73
N GLN C 1003 52.27 -38.90 -13.12
CA GLN C 1003 52.44 -37.61 -12.46
C GLN C 1003 52.26 -36.45 -13.44
N LYS C 1004 53.03 -36.46 -14.53
CA LYS C 1004 53.01 -35.34 -15.46
C LYS C 1004 51.68 -35.25 -16.20
N ILE C 1005 51.11 -36.40 -16.55
CA ILE C 1005 49.80 -36.42 -17.20
C ILE C 1005 48.75 -35.76 -16.30
N ILE C 1006 48.76 -36.09 -15.01
CA ILE C 1006 47.79 -35.53 -14.09
C ILE C 1006 47.97 -34.02 -13.98
N ALA C 1007 49.21 -33.57 -13.85
CA ALA C 1007 49.46 -32.13 -13.78
C ALA C 1007 48.99 -31.41 -15.05
N ASN C 1008 49.24 -32.01 -16.23
CA ASN C 1008 48.81 -31.37 -17.48
C ASN C 1008 47.29 -31.29 -17.58
N LYS C 1009 46.59 -32.36 -17.18
CA LYS C 1009 45.13 -32.31 -17.19
C LYS C 1009 44.60 -31.24 -16.24
N PHE C 1010 45.21 -31.14 -15.05
CA PHE C 1010 44.82 -30.09 -14.11
C PHE C 1010 45.03 -28.70 -14.69
N ASN C 1011 46.20 -28.48 -15.30
CA ASN C 1011 46.50 -27.18 -15.89
C ASN C 1011 45.53 -26.86 -17.03
N GLN C 1012 45.17 -27.85 -17.82
CA GLN C 1012 44.19 -27.62 -18.88
C GLN C 1012 42.84 -27.21 -18.30
N ALA C 1013 42.43 -27.85 -17.21
CA ALA C 1013 41.14 -27.50 -16.61
C ALA C 1013 41.16 -26.09 -16.03
N LEU C 1014 42.28 -25.68 -15.42
CA LEU C 1014 42.36 -24.34 -14.85
C LEU C 1014 42.33 -23.28 -15.95
N GLY C 1015 43.01 -23.55 -17.06
CA GLY C 1015 43.16 -22.55 -18.11
C GLY C 1015 41.88 -22.21 -18.84
N ALA C 1016 40.88 -23.09 -18.76
CA ALA C 1016 39.62 -22.90 -19.52
C ALA C 1016 38.59 -22.08 -18.74
N MET C 1017 38.80 -21.87 -17.45
CA MET C 1017 37.88 -20.98 -16.67
C MET C 1017 37.95 -19.57 -17.30
N GLN C 1018 39.14 -19.15 -17.73
CA GLN C 1018 39.32 -17.78 -18.30
C GLN C 1018 38.22 -17.51 -19.32
N THR C 1019 38.16 -18.31 -20.39
CA THR C 1019 37.11 -18.14 -21.41
C THR C 1019 35.66 -18.53 -21.23
N GLY C 1020 35.29 -19.04 -20.06
CA GLY C 1020 33.87 -19.36 -19.79
C GLY C 1020 32.72 -18.46 -19.38
N PHE C 1021 32.99 -17.29 -18.79
CA PHE C 1021 31.92 -16.37 -18.29
C PHE C 1021 31.02 -15.96 -19.46
N THR C 1022 29.76 -16.45 -19.52
CA THR C 1022 28.96 -16.19 -20.71
C THR C 1022 27.48 -16.27 -20.34
N THR C 1023 26.62 -16.08 -21.34
CA THR C 1023 25.18 -16.13 -21.12
C THR C 1023 24.72 -17.54 -20.74
N THR C 1024 25.38 -18.57 -21.27
CA THR C 1024 24.94 -19.94 -21.04
C THR C 1024 25.06 -20.34 -19.58
N ASN C 1025 26.14 -19.95 -18.90
CA ASN C 1025 26.43 -20.47 -17.57
C ASN C 1025 25.53 -19.86 -16.51
N LEU C 1026 24.99 -20.73 -15.64
CA LEU C 1026 24.03 -20.31 -14.64
C LEU C 1026 24.65 -19.40 -13.58
N ALA C 1027 25.89 -19.67 -13.18
CA ALA C 1027 26.52 -18.89 -12.11
C ALA C 1027 26.74 -17.43 -12.52
N PHE C 1028 27.26 -17.22 -13.73
CA PHE C 1028 27.47 -15.87 -14.25
C PHE C 1028 26.13 -15.14 -14.39
N ASN C 1029 25.10 -15.84 -14.85
CA ASN C 1029 23.77 -15.28 -14.90
C ASN C 1029 23.30 -14.83 -13.52
N LYS C 1030 23.61 -15.61 -12.48
CA LYS C 1030 23.26 -15.22 -11.13
C LYS C 1030 24.00 -13.95 -10.70
N VAL C 1031 25.27 -13.82 -11.09
CA VAL C 1031 26.01 -12.58 -10.80
C VAL C 1031 25.28 -11.37 -11.39
N GLN C 1032 24.93 -11.46 -12.68
CA GLN C 1032 24.27 -10.35 -13.34
C GLN C 1032 22.91 -10.06 -12.70
N ASP C 1033 22.19 -11.10 -12.28
CA ASP C 1033 20.91 -10.90 -11.60
C ASP C 1033 21.06 -10.15 -10.27
N ALA C 1034 22.10 -10.46 -9.50
CA ALA C 1034 22.32 -9.71 -8.25
C ALA C 1034 22.54 -8.23 -8.53
N VAL C 1035 23.40 -7.94 -9.52
CA VAL C 1035 23.62 -6.55 -9.91
C VAL C 1035 22.30 -5.89 -10.32
N ASN C 1036 21.49 -6.59 -11.12
CA ASN C 1036 20.25 -5.99 -11.64
C ASN C 1036 19.23 -5.75 -10.54
N ALA C 1037 19.15 -6.63 -9.54
CA ALA C 1037 18.25 -6.37 -8.42
C ALA C 1037 18.65 -5.10 -7.69
N ASN C 1038 19.96 -4.89 -7.49
CA ASN C 1038 20.41 -3.65 -6.87
C ASN C 1038 19.98 -2.44 -7.68
N ALA C 1039 20.17 -2.48 -9.00
CA ALA C 1039 19.82 -1.32 -9.83
C ALA C 1039 18.31 -1.07 -9.86
N MET C 1040 17.51 -2.14 -9.90
CA MET C 1040 16.07 -1.99 -9.99
C MET C 1040 15.49 -1.35 -8.73
N ALA C 1041 16.04 -1.67 -7.56
CA ALA C 1041 15.57 -1.01 -6.34
C ALA C 1041 15.65 0.51 -6.46
N LEU C 1042 16.82 1.02 -6.87
CA LEU C 1042 16.99 2.48 -7.01
C LEU C 1042 16.07 3.05 -8.08
N SER C 1043 15.96 2.37 -9.23
CA SER C 1043 15.14 2.92 -10.30
C SER C 1043 13.68 3.02 -9.89
N LYS C 1044 13.17 2.02 -9.19
CA LYS C 1044 11.79 2.09 -8.69
C LYS C 1044 11.63 3.20 -7.66
N LEU C 1045 12.66 3.42 -6.83
CA LEU C 1045 12.60 4.53 -5.88
C LEU C 1045 12.50 5.87 -6.60
N ALA C 1046 13.28 6.07 -7.65
CA ALA C 1046 13.26 7.37 -8.33
C ALA C 1046 12.00 7.56 -9.18
N ALA C 1047 11.46 6.49 -9.75
CA ALA C 1047 10.31 6.61 -10.64
C ALA C 1047 9.04 7.02 -9.89
N GLU C 1048 8.93 6.67 -8.61
CA GLU C 1048 7.71 6.96 -7.86
C GLU C 1048 7.47 8.45 -7.67
N LEU C 1049 8.51 9.28 -7.77
CA LEU C 1049 8.36 10.72 -7.69
C LEU C 1049 7.66 11.32 -8.89
N SER C 1050 7.44 10.55 -9.96
CA SER C 1050 6.66 11.04 -11.09
C SER C 1050 5.20 10.59 -11.06
N ASN C 1051 4.77 9.92 -9.98
CA ASN C 1051 3.38 9.52 -9.82
C ASN C 1051 2.53 10.71 -9.35
N THR C 1052 1.46 11.04 -10.07
CA THR C 1052 0.59 12.13 -9.64
C THR C 1052 -0.32 11.73 -8.48
N PHE C 1053 -0.57 10.44 -8.29
CA PHE C 1053 -1.52 9.95 -7.31
C PHE C 1053 -2.89 10.63 -7.48
N GLY C 1054 -3.24 10.98 -8.71
CA GLY C 1054 -4.49 11.65 -8.99
C GLY C 1054 -4.51 13.15 -8.77
N ALA C 1055 -3.38 13.77 -8.46
CA ALA C 1055 -3.30 15.23 -8.40
C ALA C 1055 -3.10 15.80 -9.81
N ILE C 1056 -3.20 17.13 -9.92
CA ILE C 1056 -3.05 17.76 -11.24
C ILE C 1056 -1.63 17.67 -11.76
N SER C 1057 -0.65 17.42 -10.90
CA SER C 1057 0.74 17.30 -11.32
C SER C 1057 1.52 16.51 -10.27
N SER C 1058 2.63 15.94 -10.69
CA SER C 1058 3.58 15.37 -9.73
C SER C 1058 4.61 16.38 -9.23
N SER C 1059 4.58 17.62 -9.73
CA SER C 1059 5.52 18.65 -9.30
C SER C 1059 4.83 19.62 -8.35
N ILE C 1060 5.45 19.86 -7.20
CA ILE C 1060 4.91 20.78 -6.20
C ILE C 1060 4.97 22.23 -6.70
N SER C 1061 5.99 22.56 -7.49
CA SER C 1061 6.11 23.91 -8.04
C SER C 1061 4.94 24.24 -8.96
N ASP C 1062 4.54 23.29 -9.81
CA ASP C 1062 3.36 23.47 -10.66
C ASP C 1062 2.09 23.65 -9.84
N ILE C 1063 1.92 22.84 -8.79
CA ILE C 1063 0.72 22.93 -7.97
C ILE C 1063 0.63 24.30 -7.30
N LEU C 1064 1.75 24.78 -6.76
CA LEU C 1064 1.77 26.12 -6.15
C LEU C 1064 1.50 27.21 -7.19
N ALA C 1065 1.97 27.01 -8.42
CA ALA C 1065 1.75 28.02 -9.46
C ALA C 1065 0.30 28.07 -9.94
N ARG C 1066 -0.41 26.94 -9.98
CA ARG C 1066 -1.70 26.92 -10.67
C ARG C 1066 -2.93 27.01 -9.75
N LEU C 1067 -2.81 26.73 -8.46
CA LEU C 1067 -3.98 26.69 -7.58
C LEU C 1067 -3.80 27.63 -6.38
N ASP C 1068 -4.87 27.80 -5.63
CA ASP C 1068 -4.93 28.64 -4.44
C ASP C 1068 -5.53 27.88 -3.27
N PRO C 1069 -5.24 28.30 -2.03
CA PRO C 1069 -5.88 27.67 -0.88
C PRO C 1069 -7.39 27.87 -0.92
N PRO C 1070 -8.16 26.91 -0.40
CA PRO C 1070 -7.71 25.65 0.20
C PRO C 1070 -7.48 24.51 -0.81
N GLU C 1071 -7.79 24.67 -2.10
CA GLU C 1071 -7.62 23.57 -3.05
C GLU C 1071 -6.16 23.16 -3.19
N GLN C 1072 -5.25 24.10 -3.00
CA GLN C 1072 -3.82 23.86 -3.11
C GLN C 1072 -3.35 22.79 -2.12
N GLU C 1073 -3.75 22.92 -0.86
CA GLU C 1073 -3.28 22.02 0.20
C GLU C 1073 -3.84 20.62 0.03
N ALA C 1074 -5.06 20.47 -0.49
CA ALA C 1074 -5.59 19.14 -0.73
C ALA C 1074 -4.77 18.40 -1.79
N GLN C 1075 -4.40 19.11 -2.86
CA GLN C 1075 -3.57 18.52 -3.90
C GLN C 1075 -2.23 18.09 -3.34
N ILE C 1076 -1.58 18.94 -2.55
CA ILE C 1076 -0.28 18.55 -1.98
C ILE C 1076 -0.43 17.36 -1.04
N ASP C 1077 -1.54 17.30 -0.31
CA ASP C 1077 -1.76 16.19 0.61
C ASP C 1077 -1.85 14.86 -0.12
N ARG C 1078 -2.43 14.85 -1.31
CA ARG C 1078 -2.42 13.63 -2.12
C ARG C 1078 -0.99 13.11 -2.36
N LEU C 1079 -0.08 14.01 -2.77
CA LEU C 1079 1.31 13.62 -2.98
C LEU C 1079 1.97 13.14 -1.68
N ILE C 1080 1.72 13.84 -0.57
CA ILE C 1080 2.32 13.44 0.71
C ILE C 1080 1.93 12.00 1.06
N ASN C 1081 0.62 11.72 1.05
CA ASN C 1081 0.15 10.39 1.43
C ASN C 1081 0.69 9.32 0.49
N GLY C 1082 0.64 9.57 -0.83
CA GLY C 1082 1.15 8.59 -1.78
C GLY C 1082 2.62 8.27 -1.56
N ARG C 1083 3.44 9.31 -1.39
CA ARG C 1083 4.88 9.10 -1.25
C ARG C 1083 5.22 8.40 0.06
N LEU C 1084 4.50 8.69 1.14
CA LEU C 1084 4.75 7.97 2.39
C LEU C 1084 4.40 6.49 2.29
N THR C 1085 3.27 6.16 1.66
CA THR C 1085 2.94 4.74 1.48
C THR C 1085 3.98 4.03 0.62
N SER C 1086 4.45 4.70 -0.43
CA SER C 1086 5.48 4.12 -1.29
C SER C 1086 6.79 3.87 -0.53
N LEU C 1087 7.20 4.81 0.33
CA LEU C 1087 8.41 4.61 1.13
C LEU C 1087 8.25 3.44 2.09
N ASN C 1088 7.06 3.30 2.71
CA ASN C 1088 6.81 2.12 3.54
C ASN C 1088 7.04 0.82 2.77
N ALA C 1089 6.54 0.76 1.53
CA ALA C 1089 6.76 -0.44 0.72
C ALA C 1089 8.26 -0.67 0.44
N PHE C 1090 8.98 0.40 0.11
CA PHE C 1090 10.41 0.27 -0.17
C PHE C 1090 11.17 -0.28 1.05
N VAL C 1091 10.82 0.21 2.24
CA VAL C 1091 11.47 -0.22 3.47
C VAL C 1091 11.20 -1.70 3.74
N ALA C 1092 9.96 -2.14 3.53
CA ALA C 1092 9.65 -3.56 3.73
C ALA C 1092 10.47 -4.44 2.79
N GLN C 1093 10.55 -4.04 1.52
CA GLN C 1093 11.33 -4.83 0.56
C GLN C 1093 12.80 -4.91 0.97
N GLN C 1094 13.39 -3.79 1.41
CA GLN C 1094 14.80 -3.80 1.79
C GLN C 1094 15.04 -4.68 3.01
N LEU C 1095 14.12 -4.68 3.98
CA LEU C 1095 14.25 -5.59 5.11
C LEU C 1095 14.31 -7.04 4.64
N VAL C 1096 13.39 -7.40 3.74
CA VAL C 1096 13.34 -8.79 3.26
C VAL C 1096 14.67 -9.16 2.57
N ARG C 1097 15.14 -8.30 1.67
CA ARG C 1097 16.38 -8.59 0.94
C ARG C 1097 17.57 -8.72 1.87
N THR C 1098 17.64 -7.87 2.91
CA THR C 1098 18.77 -7.93 3.85
C THR C 1098 18.78 -9.25 4.61
N GLU C 1099 17.61 -9.70 5.08
CA GLU C 1099 17.55 -10.98 5.77
C GLU C 1099 17.99 -12.13 4.86
N ALA C 1100 17.53 -12.13 3.61
CA ALA C 1100 17.92 -13.17 2.67
C ALA C 1100 19.44 -13.17 2.44
N ALA C 1101 20.04 -12.00 2.30
CA ALA C 1101 21.48 -11.92 2.07
C ALA C 1101 22.27 -12.44 3.27
N ALA C 1102 21.81 -12.17 4.49
CA ALA C 1102 22.50 -12.71 5.66
C ALA C 1102 22.45 -14.25 5.67
N ARG C 1103 21.30 -14.83 5.34
CA ARG C 1103 21.23 -16.29 5.21
C ARG C 1103 22.20 -16.81 4.14
N SER C 1104 22.26 -16.14 2.99
CA SER C 1104 23.16 -16.56 1.93
C SER C 1104 24.63 -16.45 2.37
N ALA C 1105 24.96 -15.46 3.18
CA ALA C 1105 26.33 -15.34 3.68
C ALA C 1105 26.68 -16.51 4.59
N GLN C 1106 25.74 -16.94 5.42
CA GLN C 1106 25.98 -18.15 6.21
C GLN C 1106 26.26 -19.35 5.31
N LEU C 1107 25.48 -19.51 4.23
CA LEU C 1107 25.73 -20.60 3.29
C LEU C 1107 27.13 -20.50 2.67
N ALA C 1108 27.57 -19.27 2.35
CA ALA C 1108 28.92 -19.10 1.80
C ALA C 1108 29.98 -19.53 2.81
N GLN C 1109 29.80 -19.19 4.08
CA GLN C 1109 30.75 -19.61 5.10
C GLN C 1109 30.81 -21.15 5.18
N ASP C 1110 29.65 -21.80 5.13
CA ASP C 1110 29.63 -23.26 5.14
C ASP C 1110 30.37 -23.85 3.95
N LYS C 1111 30.16 -23.28 2.75
CA LYS C 1111 30.83 -23.77 1.55
C LYS C 1111 32.35 -23.59 1.64
N VAL C 1112 32.80 -22.45 2.15
CA VAL C 1112 34.23 -22.24 2.35
C VAL C 1112 34.80 -23.32 3.26
N ASN C 1113 34.16 -23.54 4.41
CA ASN C 1113 34.67 -24.49 5.39
C ASN C 1113 34.67 -25.93 4.86
N GLU C 1114 33.64 -26.32 4.09
CA GLU C 1114 33.52 -27.70 3.64
C GLU C 1114 34.30 -27.99 2.35
N CYS C 1115 34.30 -27.08 1.37
CA CYS C 1115 34.89 -27.35 0.06
C CYS C 1115 36.26 -26.71 -0.16
N VAL C 1116 36.56 -25.56 0.45
CA VAL C 1116 37.82 -24.87 0.17
C VAL C 1116 38.89 -25.25 1.17
N LYS C 1117 38.56 -25.26 2.46
CA LYS C 1117 39.51 -25.56 3.52
C LYS C 1117 39.62 -27.04 3.84
N SER C 1118 38.83 -27.90 3.18
CA SER C 1118 39.00 -29.34 3.28
C SER C 1118 38.49 -29.99 2.00
N GLN C 1119 38.68 -31.31 1.91
CA GLN C 1119 38.14 -32.10 0.81
C GLN C 1119 36.83 -32.73 1.25
N SER C 1120 35.82 -32.66 0.40
CA SER C 1120 34.47 -33.08 0.76
C SER C 1120 34.20 -34.52 0.33
N LYS C 1121 33.57 -35.27 1.23
CA LYS C 1121 33.06 -36.60 0.95
C LYS C 1121 31.57 -36.61 0.62
N ARG C 1122 30.91 -35.46 0.61
CA ARG C 1122 29.47 -35.38 0.37
C ARG C 1122 29.18 -35.35 -1.12
N ASN C 1123 28.30 -36.24 -1.56
CA ASN C 1123 27.93 -36.28 -2.96
C ASN C 1123 27.13 -35.03 -3.31
N GLY C 1124 27.61 -34.28 -4.30
CA GLY C 1124 26.87 -33.19 -4.88
C GLY C 1124 27.00 -31.85 -4.20
N PHE C 1125 27.59 -31.77 -3.02
CA PHE C 1125 27.68 -30.50 -2.31
C PHE C 1125 28.78 -29.58 -2.83
N CYS C 1126 29.90 -30.13 -3.32
CA CYS C 1126 31.05 -29.32 -3.73
C CYS C 1126 31.38 -29.59 -5.19
N GLY C 1127 30.38 -29.41 -6.05
CA GLY C 1127 30.58 -29.65 -7.50
C GLY C 1127 29.97 -30.97 -7.91
N THR C 1128 30.44 -31.53 -9.02
CA THR C 1128 29.89 -32.81 -9.55
C THR C 1128 31.04 -33.77 -9.72
N GLY C 1129 30.77 -35.07 -9.65
CA GLY C 1129 31.88 -36.05 -9.69
C GLY C 1129 32.53 -36.13 -8.32
N THR C 1130 33.73 -36.69 -8.25
CA THR C 1130 34.42 -36.84 -6.95
C THR C 1130 35.22 -35.59 -6.66
N HIS C 1131 34.91 -34.89 -5.57
CA HIS C 1131 35.55 -33.61 -5.25
C HIS C 1131 37.04 -33.78 -4.92
N ILE C 1132 37.87 -32.94 -5.52
CA ILE C 1132 39.31 -32.92 -5.24
C ILE C 1132 39.71 -31.67 -4.45
N VAL C 1133 39.41 -30.49 -4.98
CA VAL C 1133 39.83 -29.22 -4.39
C VAL C 1133 38.95 -28.10 -4.96
N SER C 1134 38.81 -27.00 -4.21
CA SER C 1134 38.02 -25.86 -4.63
C SER C 1134 38.77 -24.55 -4.36
N PHE C 1135 38.51 -23.54 -5.18
CA PHE C 1135 39.04 -22.20 -4.99
C PHE C 1135 37.90 -21.19 -4.95
N ALA C 1136 38.12 -20.10 -4.22
CA ALA C 1136 37.13 -19.03 -4.07
C ALA C 1136 37.75 -17.67 -4.44
N ILE C 1137 37.02 -16.88 -5.22
CA ILE C 1137 37.43 -15.54 -5.62
C ILE C 1137 36.32 -14.56 -5.29
N ASN C 1138 36.67 -13.27 -5.30
CA ASN C 1138 35.69 -12.21 -5.13
C ASN C 1138 34.88 -12.00 -6.41
N ALA C 1139 33.63 -11.58 -6.23
CA ALA C 1139 32.72 -11.24 -7.31
C ALA C 1139 31.83 -10.11 -6.83
N PRO C 1140 31.17 -9.40 -7.76
CA PRO C 1140 30.18 -8.39 -7.33
C PRO C 1140 29.14 -8.97 -6.38
N ASN C 1141 29.05 -8.41 -5.18
CA ASN C 1141 28.05 -8.73 -4.14
C ASN C 1141 28.22 -10.11 -3.49
N GLY C 1142 29.34 -10.81 -3.71
CA GLY C 1142 29.53 -12.12 -3.09
C GLY C 1142 30.81 -12.89 -3.39
N LEU C 1143 30.71 -14.23 -3.42
CA LEU C 1143 31.85 -15.11 -3.66
C LEU C 1143 31.55 -16.01 -4.85
N TYR C 1144 32.60 -16.32 -5.62
CA TYR C 1144 32.53 -17.16 -6.81
C TYR C 1144 33.46 -18.35 -6.63
N PHE C 1145 32.93 -19.56 -6.72
CA PHE C 1145 33.67 -20.80 -6.43
C PHE C 1145 33.96 -21.56 -7.72
N PHE C 1146 35.14 -22.17 -7.77
CA PHE C 1146 35.49 -23.15 -8.80
C PHE C 1146 35.73 -24.49 -8.13
N HIS C 1147 34.83 -25.44 -8.34
CA HIS C 1147 34.91 -26.78 -7.75
C HIS C 1147 35.56 -27.72 -8.76
N VAL C 1148 36.75 -28.23 -8.44
CA VAL C 1148 37.48 -29.13 -9.33
C VAL C 1148 37.17 -30.57 -8.96
N GLY C 1149 36.66 -31.34 -9.92
CA GLY C 1149 36.24 -32.70 -9.66
C GLY C 1149 36.92 -33.71 -10.57
N TYR C 1150 37.02 -34.94 -10.07
CA TYR C 1150 37.56 -36.06 -10.82
C TYR C 1150 36.44 -36.70 -11.63
N GLN C 1151 36.57 -36.68 -12.95
CA GLN C 1151 35.48 -37.09 -13.85
C GLN C 1151 35.96 -38.16 -14.82
N PRO C 1152 35.49 -39.40 -14.71
CA PRO C 1152 35.91 -40.44 -15.65
C PRO C 1152 35.37 -40.21 -17.05
N THR C 1153 36.12 -40.67 -18.05
CA THR C 1153 35.72 -40.54 -19.45
C THR C 1153 35.42 -41.87 -20.13
N SER C 1154 36.15 -42.93 -19.82
CA SER C 1154 35.86 -44.26 -20.33
C SER C 1154 35.93 -45.29 -19.20
N HIS C 1155 35.18 -46.38 -19.37
CA HIS C 1155 35.05 -47.41 -18.35
C HIS C 1155 35.34 -48.77 -18.94
N VAL C 1156 35.60 -49.75 -18.08
CA VAL C 1156 35.62 -51.16 -18.43
C VAL C 1156 34.65 -51.89 -17.51
N ASN C 1157 33.94 -52.88 -18.07
CA ASN C 1157 33.09 -53.76 -17.27
C ASN C 1157 33.97 -54.86 -16.69
N ALA C 1158 34.21 -54.81 -15.38
CA ALA C 1158 35.09 -55.77 -14.73
C ALA C 1158 34.28 -56.78 -13.93
N THR C 1159 34.75 -58.02 -13.91
CA THR C 1159 34.15 -59.10 -13.14
C THR C 1159 34.75 -59.12 -11.74
N ALA C 1160 33.90 -59.00 -10.72
CA ALA C 1160 34.34 -58.80 -9.35
C ALA C 1160 33.82 -59.90 -8.43
N ALA C 1161 34.42 -59.99 -7.25
CA ALA C 1161 34.01 -60.93 -6.20
C ALA C 1161 33.66 -60.15 -4.94
N TYR C 1162 32.61 -60.59 -4.24
CA TYR C 1162 32.26 -60.00 -2.95
C TYR C 1162 33.35 -60.23 -1.91
N GLY C 1163 34.09 -61.33 -2.03
CA GLY C 1163 35.14 -61.68 -1.08
C GLY C 1163 35.75 -63.00 -1.51
N LEU C 1164 36.77 -63.42 -0.76
CA LEU C 1164 37.53 -64.63 -1.06
C LEU C 1164 37.78 -65.43 0.20
N CYS C 1165 37.64 -66.75 0.11
CA CYS C 1165 37.85 -67.66 1.23
C CYS C 1165 38.70 -68.85 0.79
N ASN C 1166 39.40 -69.47 1.75
CA ASN C 1166 40.06 -70.74 1.49
C ASN C 1166 39.16 -71.88 1.96
N THR C 1167 39.70 -73.10 1.96
CA THR C 1167 38.93 -74.29 2.30
C THR C 1167 39.47 -74.99 3.53
N GLU C 1168 40.11 -74.24 4.44
CA GLU C 1168 40.54 -74.83 5.70
C GLU C 1168 39.34 -75.26 6.52
N ASN C 1169 39.57 -76.14 7.48
CA ASN C 1169 38.46 -76.69 8.27
C ASN C 1169 37.68 -75.58 8.96
N PRO C 1170 38.30 -74.65 9.70
CA PRO C 1170 37.67 -73.35 9.88
C PRO C 1170 38.14 -72.39 8.80
N PRO C 1171 37.24 -71.89 7.98
CA PRO C 1171 37.66 -71.08 6.82
C PRO C 1171 38.21 -69.73 7.23
N LYS C 1172 39.09 -69.19 6.39
CA LYS C 1172 39.63 -67.85 6.51
C LYS C 1172 39.19 -67.03 5.30
N CYS C 1173 38.68 -65.82 5.52
CA CYS C 1173 38.06 -65.02 4.47
C CYS C 1173 38.53 -63.58 4.48
N ILE C 1174 38.64 -62.98 3.30
CA ILE C 1174 39.16 -61.63 3.14
C ILE C 1174 38.23 -60.80 2.25
N ALA C 1175 38.28 -59.49 2.43
CA ALA C 1175 37.52 -58.52 1.67
C ALA C 1175 38.42 -57.35 1.33
N PRO C 1176 38.17 -56.66 0.21
CA PRO C 1176 39.06 -55.57 -0.20
C PRO C 1176 38.89 -54.34 0.67
N ILE C 1177 39.94 -53.52 0.69
CA ILE C 1177 39.93 -52.24 1.40
C ILE C 1177 39.99 -51.13 0.35
N GLY C 1178 38.92 -50.34 0.25
CA GLY C 1178 38.88 -49.21 -0.67
C GLY C 1178 39.03 -49.54 -2.13
N GLY C 1179 38.49 -50.68 -2.56
CA GLY C 1179 38.64 -51.13 -3.93
C GLY C 1179 37.85 -52.38 -4.23
N TYR C 1180 38.31 -53.18 -5.19
CA TYR C 1180 37.59 -54.37 -5.63
C TYR C 1180 38.57 -55.52 -5.87
N PHE C 1181 38.08 -56.75 -5.66
CA PHE C 1181 38.76 -57.95 -6.10
C PHE C 1181 38.26 -58.30 -7.50
N VAL C 1182 39.15 -58.27 -8.49
CA VAL C 1182 38.72 -58.41 -9.88
C VAL C 1182 39.64 -59.38 -10.61
N LEU C 1183 39.14 -59.85 -11.75
CA LEU C 1183 39.96 -60.70 -12.65
C LEU C 1183 40.64 -59.76 -13.65
N ASN C 1184 41.81 -60.13 -14.16
CA ASN C 1184 42.57 -59.22 -15.07
C ASN C 1184 42.11 -59.45 -16.50
N GLN C 1185 40.86 -59.10 -16.80
CA GLN C 1185 40.30 -59.22 -18.16
C GLN C 1185 39.46 -57.96 -18.46
N THR C 1186 39.29 -57.60 -19.73
CA THR C 1186 38.40 -56.48 -20.09
C THR C 1186 37.22 -57.07 -20.81
N THR C 1187 36.80 -58.28 -20.43
CA THR C 1187 35.71 -58.99 -21.12
C THR C 1187 34.84 -59.69 -20.09
N SER C 1193 35.58 -72.25 -12.51
CA SER C 1193 36.91 -72.86 -12.50
C SER C 1193 37.87 -72.08 -11.62
N GLU C 1194 39.14 -72.47 -11.65
CA GLU C 1194 40.17 -71.75 -10.92
C GLU C 1194 40.55 -70.47 -11.66
N GLN C 1195 40.50 -69.34 -10.95
CA GLN C 1195 40.73 -68.04 -11.54
C GLN C 1195 41.75 -67.27 -10.70
N GLN C 1196 42.53 -66.41 -11.37
CA GLN C 1196 43.55 -65.62 -10.70
C GLN C 1196 42.97 -64.24 -10.34
N TRP C 1197 42.73 -64.01 -9.06
CA TRP C 1197 42.09 -62.78 -8.58
C TRP C 1197 43.13 -61.72 -8.25
N TYR C 1198 42.81 -60.46 -8.56
CA TYR C 1198 43.66 -59.32 -8.30
C TYR C 1198 42.89 -58.23 -7.53
N TYR C 1199 43.60 -57.17 -7.17
CA TYR C 1199 43.02 -56.01 -6.52
C TYR C 1199 43.18 -54.79 -7.42
N THR C 1200 42.19 -53.91 -7.40
CA THR C 1200 42.29 -52.61 -8.04
C THR C 1200 41.65 -51.54 -7.15
N GLY C 1201 42.16 -50.32 -7.25
CA GLY C 1201 41.51 -49.19 -6.62
C GLY C 1201 40.20 -48.85 -7.32
N SER C 1202 39.24 -48.34 -6.56
CA SER C 1202 37.90 -48.16 -7.11
C SER C 1202 37.80 -47.04 -8.12
N SER C 1203 38.78 -46.16 -8.27
CA SER C 1203 38.64 -45.05 -9.19
C SER C 1203 39.45 -45.18 -10.48
N PHE C 1204 40.24 -46.24 -10.64
CA PHE C 1204 41.04 -46.42 -11.85
C PHE C 1204 41.45 -47.88 -11.95
N PHE C 1205 41.13 -48.51 -13.07
CA PHE C 1205 41.37 -49.94 -13.26
C PHE C 1205 42.86 -50.18 -13.48
N HIS C 1206 43.49 -50.87 -12.54
CA HIS C 1206 44.88 -51.26 -12.61
C HIS C 1206 45.12 -52.45 -11.69
N PRO C 1207 44.92 -53.68 -12.19
CA PRO C 1207 45.05 -54.85 -11.32
C PRO C 1207 46.43 -54.99 -10.70
N GLU C 1208 46.46 -55.31 -9.42
CA GLU C 1208 47.66 -55.46 -8.61
C GLU C 1208 47.51 -56.69 -7.74
N PRO C 1209 48.63 -57.27 -7.28
CA PRO C 1209 48.54 -58.45 -6.40
C PRO C 1209 47.81 -58.16 -5.10
N ILE C 1210 47.10 -59.17 -4.60
CA ILE C 1210 46.36 -59.07 -3.34
C ILE C 1210 47.31 -59.32 -2.18
N THR C 1211 47.43 -58.35 -1.29
CA THR C 1211 48.32 -58.44 -0.14
C THR C 1211 47.59 -57.96 1.11
N GLU C 1212 48.28 -57.99 2.24
CA GLU C 1212 47.71 -57.50 3.48
C GLU C 1212 47.58 -55.98 3.51
N VAL C 1213 48.19 -55.28 2.56
CA VAL C 1213 48.02 -53.83 2.47
C VAL C 1213 46.61 -53.49 1.96
N ASN C 1214 46.08 -54.26 1.01
CA ASN C 1214 44.81 -53.92 0.39
C ASN C 1214 43.66 -54.87 0.76
N SER C 1215 43.79 -55.66 1.81
CA SER C 1215 42.75 -56.60 2.19
C SER C 1215 42.66 -56.72 3.71
N LYS C 1216 41.51 -57.20 4.18
CA LYS C 1216 41.25 -57.38 5.60
C LYS C 1216 40.46 -58.65 5.83
N TYR C 1217 40.58 -59.20 7.04
CA TYR C 1217 39.87 -60.42 7.41
C TYR C 1217 38.45 -60.10 7.87
N VAL C 1218 37.50 -60.93 7.44
CA VAL C 1218 36.07 -60.75 7.73
C VAL C 1218 35.45 -62.10 8.04
N SER C 1219 34.22 -62.06 8.54
CA SER C 1219 33.43 -63.26 8.79
C SER C 1219 32.99 -63.90 7.48
N MET C 1220 32.72 -65.20 7.55
CA MET C 1220 32.38 -65.98 6.38
C MET C 1220 31.02 -65.56 5.81
N ASP C 1221 30.91 -65.66 4.48
CA ASP C 1221 29.69 -65.33 3.74
C ASP C 1221 29.55 -66.31 2.59
N VAL C 1222 28.32 -66.78 2.36
CA VAL C 1222 28.09 -67.76 1.30
C VAL C 1222 28.27 -67.16 -0.08
N LYS C 1223 28.28 -65.83 -0.22
CA LYS C 1223 28.53 -65.22 -1.51
C LYS C 1223 30.00 -65.24 -1.92
N PHE C 1224 30.91 -65.51 -0.99
CA PHE C 1224 32.34 -65.42 -1.29
C PHE C 1224 32.80 -66.59 -2.17
N GLU C 1225 33.77 -66.32 -3.03
CA GLU C 1225 34.39 -67.37 -3.82
C GLU C 1225 35.19 -68.31 -2.94
N ASN C 1226 35.03 -69.62 -3.21
CA ASN C 1226 35.82 -70.66 -2.49
C ASN C 1226 37.02 -70.98 -3.38
N LEU C 1227 38.22 -70.80 -2.89
CA LEU C 1227 39.44 -70.94 -3.68
C LEU C 1227 40.18 -72.21 -3.31
N THR C 1228 40.59 -72.97 -4.32
CA THR C 1228 41.44 -74.15 -4.13
C THR C 1228 42.88 -73.92 -4.56
N ASN C 1229 43.11 -73.31 -5.72
CA ASN C 1229 44.44 -73.07 -6.23
C ASN C 1229 44.67 -71.57 -6.40
N LYS C 1230 45.95 -71.19 -6.43
CA LYS C 1230 46.37 -69.81 -6.63
C LYS C 1230 45.84 -68.90 -5.53
N LEU C 1231 45.98 -69.36 -4.29
CA LEU C 1231 45.59 -68.56 -3.14
C LEU C 1231 46.49 -67.33 -3.01
N PRO C 1232 45.93 -66.15 -2.76
CA PRO C 1232 46.74 -65.01 -2.39
C PRO C 1232 47.37 -65.21 -1.02
N PRO C 1233 48.49 -64.56 -0.76
CA PRO C 1233 49.27 -64.84 0.47
C PRO C 1233 48.48 -64.69 1.76
N PRO C 1234 47.53 -63.75 1.88
CA PRO C 1234 46.75 -63.67 3.12
C PRO C 1234 45.95 -64.92 3.43
N LEU C 1235 45.69 -65.77 2.45
CA LEU C 1235 44.86 -66.95 2.64
C LEU C 1235 45.69 -68.23 2.80
N LEU C 1236 47.01 -68.12 2.82
CA LEU C 1236 47.87 -69.29 2.81
C LEU C 1236 48.02 -69.86 4.22
N SER C 1237 47.76 -71.16 4.36
CA SER C 1237 47.84 -71.79 5.68
C SER C 1237 49.28 -72.00 6.12
N ASN C 1238 50.20 -72.15 5.17
CA ASN C 1238 51.61 -72.36 5.48
C ASN C 1238 52.24 -71.10 6.07
#